data_7FS3
#
_entry.id   7FS3
#
_cell.length_a   209.686
_cell.length_b   113.230
_cell.length_c   189.296
_cell.angle_alpha   90.000
_cell.angle_beta   91.710
_cell.angle_gamma   90.000
#
_symmetry.space_group_name_H-M   'C 1 2 1'
#
loop_
_entity.id
_entity.type
_entity.pdbx_description
1 polymer 'Pyruvate kinase PKLR'
2 non-polymer 1,6-di-O-phosphono-beta-D-fructofuranose
3 non-polymer 'OXALATE ION'
4 non-polymer 'MAGNESIUM ION'
5 non-polymer 'POTASSIUM ION'
6 non-polymer "N-{[4-(3,4-dihydroxybenzene-1-sulfonyl)phenyl]methyl}-4,4',5-trihydroxy[1,1'-biphenyl]-2-sulfonamide"
7 water water
#
_entity_poly.entity_id   1
_entity_poly.type   'polypeptide(L)'
_entity_poly.pdbx_seq_one_letter_code
;GSMEGPAGYLRRADVAQLTQELGTAFFQQQQLPAAMADTFLEHLCLLDIDSEPVAARSTSIIATIGPASRSVERLKEMIK
AGMNIARLNFSHGSHEYHAESIANVREAVESFAGSPLSYRPVAIALDTKGPGSGPGLSEQDVRDLRFGVEHGVDIVFASF
VRKASDVAAVRAALGPEGHGIKIISKIENHEGVKRFDEILEVSDGIMVARGDLGIEIPAEKVFLAQKMMIGRCNLAGKPV
VCATQMLESMITKPRPTRAETSDVANAVLDGADCIMLSGETAKGNFPVEAVKMQHAIAREAEAAVYHRQLFEELRRAAPL
SRDPTEVTAIGAVEAAFKCCAAAIIVLTTTGRSAQLLSRYRPRAAVIAVTRSAQAARQVHLCRGVFPLLYREPPEAIWAD
DVDRRVQFGIESGKLRGFLRVGDLVIVVTGWRPGSGYTNIMRVLSIS
;
_entity_poly.pdbx_strand_id   A,B,C,D,E,F,G,H
#
# COMPACT_ATOMS: atom_id res chain seq x y z
N ALA A 25 -7.10 19.70 -27.41
CA ALA A 25 -8.32 19.15 -27.97
C ALA A 25 -8.06 18.51 -29.32
N PHE A 26 -7.20 19.14 -30.14
CA PHE A 26 -6.84 18.64 -31.47
C PHE A 26 -6.22 17.25 -31.35
N PHE A 27 -5.29 17.08 -30.40
CA PHE A 27 -4.58 15.81 -30.22
C PHE A 27 -5.38 14.71 -29.52
N GLN A 28 -6.61 14.98 -29.08
CA GLN A 28 -7.46 13.95 -28.48
C GLN A 28 -8.43 13.35 -29.52
N GLN A 29 -8.72 14.09 -30.62
CA GLN A 29 -9.63 13.68 -31.69
C GLN A 29 -8.94 12.74 -32.69
N GLN A 30 -9.74 12.17 -33.62
CA GLN A 30 -9.33 11.28 -34.71
C GLN A 30 -8.31 10.22 -34.31
N GLN A 31 -8.46 9.64 -33.11
CA GLN A 31 -7.57 8.60 -32.57
C GLN A 31 -6.10 8.99 -32.58
N LEU A 32 -5.80 10.30 -32.43
CA LEU A 32 -4.41 10.75 -32.45
C LEU A 32 -3.56 10.15 -31.30
N PRO A 33 -4.06 9.91 -30.06
CA PRO A 33 -3.22 9.22 -29.06
C PRO A 33 -2.80 7.82 -29.54
N ALA A 34 -3.73 7.07 -30.17
CA ALA A 34 -3.41 5.74 -30.71
C ALA A 34 -2.47 5.83 -31.94
N ALA A 35 -2.55 6.93 -32.69
CA ALA A 35 -1.70 7.14 -33.86
C ALA A 35 -0.24 7.36 -33.45
N MET A 36 0.01 7.97 -32.27
CA MET A 36 1.39 8.23 -31.82
C MET A 36 2.03 7.04 -31.09
N ALA A 37 1.35 5.90 -30.96
CA ALA A 37 1.89 4.75 -30.23
C ALA A 37 3.13 4.12 -30.89
N ASP A 38 4.05 3.59 -30.07
CA ASP A 38 5.29 2.99 -30.53
C ASP A 38 5.16 1.54 -31.02
N THR A 39 4.09 0.84 -30.62
CA THR A 39 3.85 -0.53 -31.05
C THR A 39 2.38 -0.67 -31.49
N PHE A 40 2.07 -1.70 -32.29
CA PHE A 40 0.69 -1.96 -32.69
C PHE A 40 -0.15 -2.33 -31.46
N LEU A 41 0.43 -3.08 -30.51
CA LEU A 41 -0.28 -3.44 -29.27
C LEU A 41 -0.69 -2.18 -28.50
N GLU A 42 0.25 -1.22 -28.32
CA GLU A 42 -0.07 0.03 -27.63
C GLU A 42 -1.10 0.84 -28.41
N HIS A 43 -1.03 0.82 -29.76
CA HIS A 43 -2.00 1.46 -30.64
C HIS A 43 -3.42 0.93 -30.33
N LEU A 44 -3.59 -0.41 -30.25
CA LEU A 44 -4.88 -1.00 -29.94
C LEU A 44 -5.36 -0.58 -28.55
N CYS A 45 -4.46 -0.62 -27.54
CA CYS A 45 -4.79 -0.24 -26.16
C CYS A 45 -5.25 1.21 -26.03
N LEU A 46 -4.82 2.09 -26.95
CA LEU A 46 -5.16 3.52 -26.89
C LEU A 46 -6.38 3.93 -27.72
N LEU A 47 -7.00 2.98 -28.46
CA LEU A 47 -8.22 3.30 -29.23
C LEU A 47 -9.33 3.75 -28.27
N ASP A 48 -10.00 4.84 -28.62
CA ASP A 48 -10.94 5.49 -27.71
C ASP A 48 -12.28 5.77 -28.40
N ILE A 49 -13.36 5.21 -27.86
CA ILE A 49 -14.70 5.42 -28.42
C ILE A 49 -15.16 6.89 -28.29
N ASP A 50 -14.54 7.68 -27.41
CA ASP A 50 -14.89 9.10 -27.24
C ASP A 50 -14.06 10.02 -28.17
N SER A 51 -13.08 9.48 -28.92
CA SER A 51 -12.27 10.26 -29.83
C SER A 51 -13.01 10.34 -31.16
N GLU A 52 -13.58 11.52 -31.46
CA GLU A 52 -14.40 11.67 -32.64
C GLU A 52 -13.63 11.88 -33.94
N PRO A 53 -14.12 11.26 -35.03
CA PRO A 53 -13.45 11.44 -36.31
C PRO A 53 -13.61 12.88 -36.80
N VAL A 54 -12.57 13.42 -37.46
CA VAL A 54 -12.64 14.78 -37.96
C VAL A 54 -12.43 14.82 -39.49
N ALA A 55 -11.61 13.91 -40.04
CA ALA A 55 -11.34 13.89 -41.46
C ALA A 55 -12.56 13.46 -42.29
N ALA A 56 -12.61 13.87 -43.57
CA ALA A 56 -13.66 13.46 -44.47
C ALA A 56 -13.53 11.94 -44.72
N ARG A 57 -14.64 11.23 -44.89
CA ARG A 57 -14.63 9.79 -45.13
C ARG A 57 -13.90 9.49 -46.45
N SER A 58 -12.83 8.70 -46.39
CA SER A 58 -11.95 8.40 -47.51
C SER A 58 -12.28 7.15 -48.33
N THR A 59 -12.88 6.11 -47.72
CA THR A 59 -13.20 4.86 -48.42
C THR A 59 -14.51 5.05 -49.17
N SER A 60 -14.49 4.92 -50.50
CA SER A 60 -15.71 5.12 -51.29
C SER A 60 -16.73 4.04 -51.09
N ILE A 61 -18.00 4.39 -51.28
CA ILE A 61 -19.10 3.47 -51.16
C ILE A 61 -19.70 3.20 -52.53
N ILE A 62 -19.80 1.91 -52.88
CA ILE A 62 -20.43 1.48 -54.13
C ILE A 62 -21.81 0.94 -53.75
N ALA A 63 -22.88 1.48 -54.34
CA ALA A 63 -24.23 1.01 -54.05
C ALA A 63 -24.83 0.40 -55.32
N THR A 64 -25.41 -0.80 -55.21
CA THR A 64 -26.02 -1.45 -56.37
C THR A 64 -27.41 -0.88 -56.59
N ILE A 65 -27.71 -0.48 -57.84
CA ILE A 65 -28.99 0.11 -58.18
C ILE A 65 -30.01 -0.97 -58.56
N GLY A 66 -31.19 -0.88 -57.98
CA GLY A 66 -32.27 -1.81 -58.27
C GLY A 66 -33.61 -1.19 -57.97
N PRO A 67 -34.65 -2.03 -57.85
CA PRO A 67 -36.00 -1.47 -57.55
C PRO A 67 -36.08 -0.61 -56.29
N ALA A 68 -35.27 -0.90 -55.26
CA ALA A 68 -35.29 -0.10 -54.03
C ALA A 68 -34.54 1.22 -54.13
N SER A 69 -33.72 1.40 -55.17
CA SER A 69 -32.87 2.58 -55.26
C SER A 69 -32.81 3.18 -56.68
N ARG A 70 -33.83 2.93 -57.49
CA ARG A 70 -33.83 3.38 -58.89
C ARG A 70 -34.44 4.75 -59.14
N SER A 71 -35.39 5.19 -58.30
CA SER A 71 -36.03 6.48 -58.50
C SER A 71 -35.09 7.65 -58.26
N VAL A 72 -35.33 8.77 -58.95
CA VAL A 72 -34.51 9.96 -58.83
C VAL A 72 -34.52 10.49 -57.40
N GLU A 73 -35.68 10.48 -56.75
CA GLU A 73 -35.80 10.96 -55.39
C GLU A 73 -34.97 10.12 -54.40
N ARG A 74 -35.01 8.78 -54.57
CA ARG A 74 -34.26 7.86 -53.73
C ARG A 74 -32.76 8.05 -53.99
N LEU A 75 -32.36 8.19 -55.26
CA LEU A 75 -30.96 8.41 -55.64
C LEU A 75 -30.39 9.70 -55.07
N LYS A 76 -31.21 10.77 -54.96
CA LYS A 76 -30.74 12.03 -54.36
C LYS A 76 -30.39 11.80 -52.88
N GLU A 77 -31.23 11.02 -52.18
CA GLU A 77 -30.98 10.72 -50.77
C GLU A 77 -29.74 9.84 -50.62
N MET A 78 -29.50 8.92 -51.57
CA MET A 78 -28.34 8.04 -51.52
CA MET A 78 -28.34 8.04 -51.51
C MET A 78 -27.05 8.80 -51.76
N ILE A 79 -27.09 9.82 -52.65
CA ILE A 79 -25.92 10.66 -52.91
C ILE A 79 -25.63 11.47 -51.63
N LYS A 80 -26.68 12.03 -51.00
CA LYS A 80 -26.50 12.79 -49.76
C LYS A 80 -25.97 11.90 -48.62
N ALA A 81 -26.39 10.63 -48.58
CA ALA A 81 -25.94 9.69 -47.57
C ALA A 81 -24.46 9.27 -47.75
N GLY A 82 -23.93 9.38 -48.97
CA GLY A 82 -22.53 9.05 -49.20
C GLY A 82 -22.19 8.15 -50.38
N MET A 83 -23.18 7.75 -51.20
CA MET A 83 -22.89 6.90 -52.37
C MET A 83 -21.95 7.62 -53.34
N ASN A 84 -20.83 6.96 -53.72
CA ASN A 84 -19.85 7.56 -54.65
C ASN A 84 -19.87 6.88 -56.02
N ILE A 85 -20.23 5.59 -56.06
CA ILE A 85 -20.23 4.78 -57.27
C ILE A 85 -21.55 4.01 -57.33
N ALA A 86 -22.24 4.07 -58.47
CA ALA A 86 -23.49 3.33 -58.67
C ALA A 86 -23.19 2.09 -59.49
N ARG A 87 -23.52 0.91 -58.96
CA ARG A 87 -23.27 -0.35 -59.65
C ARG A 87 -24.53 -0.87 -60.36
N LEU A 88 -24.42 -1.20 -61.65
CA LEU A 88 -25.54 -1.78 -62.40
C LEU A 88 -25.20 -3.24 -62.59
N ASN A 89 -26.01 -4.11 -62.01
CA ASN A 89 -25.76 -5.55 -62.12
C ASN A 89 -26.42 -6.11 -63.37
N PHE A 90 -25.62 -6.40 -64.41
CA PHE A 90 -26.16 -6.91 -65.67
C PHE A 90 -26.53 -8.40 -65.63
N SER A 91 -26.47 -9.05 -64.45
CA SER A 91 -26.97 -10.42 -64.32
C SER A 91 -28.51 -10.43 -64.43
N HIS A 92 -29.18 -9.29 -64.15
CA HIS A 92 -30.63 -9.14 -64.22
C HIS A 92 -30.98 -7.83 -64.94
N GLY A 93 -32.16 -7.79 -65.54
CA GLY A 93 -32.63 -6.59 -66.21
C GLY A 93 -32.18 -6.44 -67.64
N SER A 94 -33.01 -5.78 -68.44
CA SER A 94 -32.76 -5.55 -69.86
C SER A 94 -31.87 -4.31 -70.05
N HIS A 95 -31.42 -4.07 -71.29
CA HIS A 95 -30.66 -2.87 -71.63
C HIS A 95 -31.52 -1.62 -71.39
N GLU A 96 -32.83 -1.69 -71.69
CA GLU A 96 -33.73 -0.57 -71.47
C GLU A 96 -33.84 -0.23 -69.99
N TYR A 97 -33.91 -1.25 -69.13
CA TYR A 97 -33.98 -1.06 -67.67
C TYR A 97 -32.71 -0.35 -67.17
N HIS A 98 -31.53 -0.83 -67.60
CA HIS A 98 -30.26 -0.26 -67.18
C HIS A 98 -30.04 1.15 -67.73
N ALA A 99 -30.52 1.44 -68.95
CA ALA A 99 -30.40 2.78 -69.52
C ALA A 99 -31.22 3.77 -68.70
N GLU A 100 -32.40 3.35 -68.21
CA GLU A 100 -33.23 4.20 -67.36
C GLU A 100 -32.55 4.42 -66.01
N SER A 101 -31.92 3.38 -65.45
CA SER A 101 -31.18 3.50 -64.17
C SER A 101 -30.07 4.55 -64.32
N ILE A 102 -29.30 4.49 -65.43
CA ILE A 102 -28.22 5.44 -65.73
C ILE A 102 -28.76 6.86 -65.82
N ALA A 103 -29.86 7.06 -66.57
CA ALA A 103 -30.47 8.37 -66.73
C ALA A 103 -30.91 8.93 -65.37
N ASN A 104 -31.51 8.08 -64.51
CA ASN A 104 -31.95 8.51 -63.18
C ASN A 104 -30.78 8.89 -62.28
N VAL A 105 -29.67 8.13 -62.33
CA VAL A 105 -28.47 8.46 -61.56
C VAL A 105 -27.92 9.82 -62.01
N ARG A 106 -27.76 10.01 -63.32
CA ARG A 106 -27.27 11.29 -63.85
C ARG A 106 -28.17 12.46 -63.52
N GLU A 107 -29.51 12.26 -63.53
CA GLU A 107 -30.44 13.33 -63.17
C GLU A 107 -30.29 13.68 -61.68
N ALA A 108 -30.15 12.66 -60.81
CA ALA A 108 -29.97 12.89 -59.39
C ALA A 108 -28.66 13.65 -59.11
N VAL A 109 -27.58 13.27 -59.82
CA VAL A 109 -26.28 13.92 -59.68
C VAL A 109 -26.32 15.40 -60.08
N GLU A 110 -26.90 15.72 -61.25
CA GLU A 110 -26.95 17.10 -61.72
C GLU A 110 -27.96 17.99 -60.97
N SER A 111 -28.85 17.40 -60.17
CA SER A 111 -29.78 18.20 -59.36
C SER A 111 -29.04 19.02 -58.27
N PHE A 112 -27.81 18.62 -57.90
CA PHE A 112 -26.98 19.34 -56.92
C PHE A 112 -25.98 20.31 -57.59
N ALA A 113 -25.88 20.29 -58.94
CA ALA A 113 -24.95 21.14 -59.70
C ALA A 113 -25.28 22.64 -59.66
N GLY A 114 -26.44 23.00 -59.16
CA GLY A 114 -26.83 24.39 -59.03
C GLY A 114 -25.93 25.09 -58.01
N SER A 115 -25.62 24.38 -56.91
CA SER A 115 -24.75 24.91 -55.89
C SER A 115 -23.50 24.04 -55.66
N PRO A 116 -22.56 23.96 -56.63
CA PRO A 116 -21.33 23.15 -56.40
C PRO A 116 -20.60 23.48 -55.10
N LEU A 117 -20.74 22.55 -54.17
CA LEU A 117 -20.35 22.43 -52.76
C LEU A 117 -21.05 21.10 -52.39
N SER A 118 -22.40 21.02 -52.59
CA SER A 118 -23.14 19.79 -52.47
C SER A 118 -23.00 18.94 -53.78
N TYR A 119 -22.47 19.52 -54.89
CA TYR A 119 -22.27 18.76 -56.12
C TYR A 119 -21.15 17.76 -55.92
N ARG A 120 -21.43 16.50 -56.20
CA ARG A 120 -20.44 15.45 -56.06
C ARG A 120 -20.53 14.55 -57.26
N PRO A 121 -19.41 14.32 -57.96
CA PRO A 121 -19.45 13.36 -59.07
C PRO A 121 -19.75 11.95 -58.54
N VAL A 122 -20.49 11.17 -59.33
CA VAL A 122 -20.83 9.80 -58.97
C VAL A 122 -20.47 8.94 -60.18
N ALA A 123 -19.60 7.93 -60.00
CA ALA A 123 -19.21 7.05 -61.09
C ALA A 123 -20.28 6.02 -61.40
N ILE A 124 -20.33 5.54 -62.64
CA ILE A 124 -21.27 4.50 -63.03
C ILE A 124 -20.48 3.27 -63.41
N ALA A 125 -20.75 2.16 -62.74
CA ALA A 125 -20.03 0.92 -62.96
C ALA A 125 -20.94 -0.18 -63.49
N LEU A 126 -20.49 -0.91 -64.53
CA LEU A 126 -21.26 -1.98 -65.11
C LEU A 126 -20.68 -3.30 -64.64
N ASP A 127 -21.48 -4.12 -63.96
CA ASP A 127 -21.02 -5.42 -63.46
C ASP A 127 -21.55 -6.49 -64.41
N THR A 128 -20.65 -7.21 -65.07
CA THR A 128 -21.04 -8.20 -66.07
C THR A 128 -21.69 -9.48 -65.52
N LYS A 129 -22.50 -10.13 -66.35
CA LYS A 129 -23.16 -11.39 -66.01
C LYS A 129 -22.11 -12.49 -65.81
N GLY A 130 -21.11 -12.52 -66.67
CA GLY A 130 -20.03 -13.50 -66.56
C GLY A 130 -20.01 -14.57 -67.63
N PRO A 131 -19.00 -15.43 -67.57
CA PRO A 131 -18.86 -16.47 -68.60
C PRO A 131 -19.82 -17.65 -68.48
N GLY A 132 -20.35 -17.88 -67.28
CA GLY A 132 -21.23 -19.02 -67.01
C GLY A 132 -20.47 -20.31 -67.16
N SER A 133 -21.00 -21.24 -67.95
CA SER A 133 -20.31 -22.51 -68.20
C SER A 133 -19.23 -22.43 -69.31
N GLY A 134 -19.16 -21.30 -70.01
CA GLY A 134 -18.20 -21.09 -71.10
C GLY A 134 -16.76 -20.96 -70.64
N GLY A 136 -14.43 -18.42 -71.52
CA GLY A 136 -14.06 -17.01 -71.66
C GLY A 136 -15.24 -16.08 -71.85
N LEU A 137 -15.02 -14.97 -72.57
CA LEU A 137 -16.03 -13.94 -72.77
C LEU A 137 -17.28 -14.42 -73.50
N SER A 138 -18.43 -14.37 -72.81
CA SER A 138 -19.72 -14.79 -73.36
C SER A 138 -20.27 -13.77 -74.37
N GLU A 139 -21.23 -14.21 -75.22
CA GLU A 139 -21.84 -13.32 -76.21
C GLU A 139 -22.68 -12.24 -75.56
N GLN A 140 -23.34 -12.55 -74.42
CA GLN A 140 -24.12 -11.54 -73.72
C GLN A 140 -23.19 -10.47 -73.15
N ASP A 141 -22.02 -10.87 -72.63
CA ASP A 141 -21.05 -9.91 -72.11
C ASP A 141 -20.53 -8.98 -73.20
N VAL A 142 -20.33 -9.48 -74.43
CA VAL A 142 -19.90 -8.63 -75.54
C VAL A 142 -20.94 -7.55 -75.82
N ARG A 143 -22.23 -7.92 -75.84
CA ARG A 143 -23.31 -6.97 -76.06
C ARG A 143 -23.46 -5.98 -74.89
N ASP A 144 -23.31 -6.46 -73.66
CA ASP A 144 -23.43 -5.59 -72.49
C ASP A 144 -22.27 -4.61 -72.40
N LEU A 145 -21.05 -5.05 -72.74
CA LEU A 145 -19.89 -4.16 -72.73
C LEU A 145 -20.02 -3.09 -73.83
N ARG A 146 -20.63 -3.45 -74.99
CA ARG A 146 -20.89 -2.48 -76.07
C ARG A 146 -21.88 -1.43 -75.56
N PHE A 147 -22.93 -1.87 -74.84
CA PHE A 147 -23.93 -0.98 -74.24
C PHE A 147 -23.22 -0.01 -73.27
N GLY A 148 -22.29 -0.53 -72.46
CA GLY A 148 -21.54 0.28 -71.50
C GLY A 148 -20.77 1.39 -72.15
N VAL A 149 -20.08 1.10 -73.25
CA VAL A 149 -19.33 2.10 -74.01
C VAL A 149 -20.27 3.14 -74.61
N GLU A 150 -21.38 2.68 -75.20
CA GLU A 150 -22.37 3.57 -75.81
C GLU A 150 -23.03 4.49 -74.80
N HIS A 151 -23.19 4.03 -73.54
CA HIS A 151 -23.80 4.85 -72.50
C HIS A 151 -22.79 5.58 -71.59
N GLY A 152 -21.51 5.52 -71.94
CA GLY A 152 -20.45 6.23 -71.22
C GLY A 152 -20.20 5.81 -69.80
N VAL A 153 -20.26 4.50 -69.50
CA VAL A 153 -19.96 4.02 -68.14
C VAL A 153 -18.48 4.28 -67.82
N ASP A 154 -18.17 4.46 -66.53
CA ASP A 154 -16.81 4.78 -66.11
C ASP A 154 -15.96 3.57 -65.79
N ILE A 155 -16.61 2.52 -65.28
CA ILE A 155 -15.93 1.33 -64.78
C ILE A 155 -16.67 0.08 -65.19
N VAL A 156 -15.93 -1.00 -65.39
CA VAL A 156 -16.49 -2.31 -65.61
C VAL A 156 -16.02 -3.22 -64.46
N PHE A 157 -16.94 -3.90 -63.78
CA PHE A 157 -16.60 -4.90 -62.77
C PHE A 157 -16.75 -6.21 -63.55
N ALA A 158 -15.63 -6.79 -63.99
CA ALA A 158 -15.66 -7.99 -64.81
C ALA A 158 -15.78 -9.27 -63.99
N SER A 159 -16.92 -9.97 -64.14
CA SER A 159 -17.19 -11.20 -63.38
C SER A 159 -16.33 -12.41 -63.75
N PHE A 160 -16.00 -13.22 -62.74
CA PHE A 160 -15.25 -14.46 -62.85
C PHE A 160 -13.98 -14.36 -63.68
N VAL A 161 -13.10 -13.40 -63.35
CA VAL A 161 -11.83 -13.28 -64.04
C VAL A 161 -10.93 -14.40 -63.50
N ARG A 162 -10.46 -15.30 -64.38
CA ARG A 162 -9.61 -16.45 -64.00
C ARG A 162 -8.16 -16.33 -64.47
N LYS A 163 -7.88 -15.47 -65.44
CA LYS A 163 -6.55 -15.33 -66.03
C LYS A 163 -6.42 -14.00 -66.78
N ALA A 164 -5.19 -13.61 -67.13
CA ALA A 164 -4.93 -12.35 -67.84
C ALA A 164 -5.65 -12.25 -69.18
N SER A 165 -5.81 -13.36 -69.91
CA SER A 165 -6.51 -13.33 -71.20
C SER A 165 -7.99 -12.95 -71.07
N ASP A 166 -8.60 -13.20 -69.88
CA ASP A 166 -9.98 -12.79 -69.64
C ASP A 166 -10.07 -11.26 -69.64
N VAL A 167 -9.08 -10.60 -69.03
CA VAL A 167 -9.05 -9.13 -68.97
C VAL A 167 -8.84 -8.57 -70.37
N ALA A 168 -7.94 -9.18 -71.16
CA ALA A 168 -7.66 -8.75 -72.53
C ALA A 168 -8.93 -8.85 -73.38
N ALA A 169 -9.74 -9.89 -73.18
CA ALA A 169 -10.99 -10.05 -73.91
C ALA A 169 -12.00 -8.96 -73.55
N VAL A 170 -12.08 -8.56 -72.27
CA VAL A 170 -12.97 -7.49 -71.84
C VAL A 170 -12.52 -6.18 -72.47
N ARG A 171 -11.21 -5.92 -72.45
CA ARG A 171 -10.62 -4.72 -73.03
C ARG A 171 -10.94 -4.64 -74.53
N ALA A 172 -10.81 -5.76 -75.26
CA ALA A 172 -11.10 -5.82 -76.70
C ALA A 172 -12.57 -5.57 -76.97
N ALA A 173 -13.47 -6.11 -76.14
CA ALA A 173 -14.91 -5.90 -76.31
C ALA A 173 -15.35 -4.45 -76.07
N LEU A 174 -14.55 -3.68 -75.31
CA LEU A 174 -14.84 -2.26 -75.09
C LEU A 174 -14.47 -1.40 -76.33
N GLY A 175 -13.64 -1.94 -77.23
CA GLY A 175 -13.24 -1.29 -78.48
C GLY A 175 -12.39 -0.06 -78.34
N PRO A 176 -12.18 0.66 -79.44
CA PRO A 176 -11.37 1.88 -79.39
C PRO A 176 -12.05 3.04 -78.65
N GLU A 177 -13.39 3.04 -78.56
CA GLU A 177 -14.10 4.11 -77.85
C GLU A 177 -14.11 3.90 -76.29
N GLY A 178 -13.72 2.72 -75.83
CA GLY A 178 -13.72 2.42 -74.40
C GLY A 178 -12.36 2.27 -73.77
N HIS A 179 -11.33 2.92 -74.35
CA HIS A 179 -9.95 2.84 -73.82
C HIS A 179 -9.84 3.42 -72.39
N GLY A 180 -10.60 4.48 -72.13
CA GLY A 180 -10.57 5.17 -70.85
C GLY A 180 -11.35 4.53 -69.71
N ILE A 181 -12.16 3.50 -70.01
CA ILE A 181 -12.94 2.80 -68.99
C ILE A 181 -12.04 1.94 -68.11
N LYS A 182 -12.22 2.00 -66.78
CA LYS A 182 -11.41 1.23 -65.84
C LYS A 182 -11.94 -0.19 -65.74
N ILE A 183 -11.06 -1.19 -65.78
CA ILE A 183 -11.47 -2.57 -65.64
C ILE A 183 -11.07 -3.09 -64.26
N ILE A 184 -12.07 -3.39 -63.44
CA ILE A 184 -11.86 -3.95 -62.10
C ILE A 184 -12.18 -5.43 -62.20
N SER A 185 -11.18 -6.30 -62.06
CA SER A 185 -11.40 -7.73 -62.19
C SER A 185 -11.97 -8.34 -60.93
N LYS A 186 -13.08 -9.09 -61.06
CA LYS A 186 -13.69 -9.75 -59.90
C LYS A 186 -13.07 -11.13 -59.72
N ILE A 187 -12.47 -11.38 -58.53
CA ILE A 187 -11.87 -12.65 -58.18
C ILE A 187 -12.92 -13.43 -57.41
N GLU A 188 -13.40 -14.52 -58.01
CA GLU A 188 -14.56 -15.27 -57.51
C GLU A 188 -14.34 -16.76 -57.35
N ASN A 189 -13.17 -17.28 -57.68
CA ASN A 189 -12.92 -18.72 -57.58
C ASN A 189 -11.45 -19.05 -57.29
N HIS A 190 -11.13 -20.34 -57.11
CA HIS A 190 -9.77 -20.77 -56.80
C HIS A 190 -8.75 -20.35 -57.86
N GLU A 191 -9.10 -20.52 -59.15
CA GLU A 191 -8.18 -20.14 -60.23
C GLU A 191 -7.83 -18.66 -60.21
N GLY A 192 -8.82 -17.80 -59.99
CA GLY A 192 -8.59 -16.37 -59.90
C GLY A 192 -7.64 -15.99 -58.77
N VAL A 193 -7.77 -16.69 -57.61
CA VAL A 193 -6.86 -16.45 -56.49
C VAL A 193 -5.43 -16.90 -56.83
N LYS A 194 -5.30 -18.09 -57.43
CA LYS A 194 -3.99 -18.63 -57.78
C LYS A 194 -3.28 -17.85 -58.86
N ARG A 195 -4.04 -17.34 -59.83
CA ARG A 195 -3.47 -16.52 -60.90
C ARG A 195 -3.62 -15.02 -60.65
N PHE A 196 -3.76 -14.63 -59.36
CA PHE A 196 -3.95 -13.25 -58.96
C PHE A 196 -2.91 -12.29 -59.53
N ASP A 197 -1.62 -12.59 -59.38
CA ASP A 197 -0.57 -11.67 -59.85
C ASP A 197 -0.69 -11.32 -61.33
N GLU A 198 -0.93 -12.32 -62.19
CA GLU A 198 -1.06 -12.06 -63.63
C GLU A 198 -2.33 -11.26 -63.95
N ILE A 199 -3.41 -11.45 -63.17
CA ILE A 199 -4.65 -10.72 -63.37
C ILE A 199 -4.47 -9.27 -62.94
N LEU A 200 -3.88 -9.03 -61.76
CA LEU A 200 -3.68 -7.68 -61.26
C LEU A 200 -2.79 -6.86 -62.21
N GLU A 201 -1.75 -7.48 -62.75
CA GLU A 201 -0.80 -6.82 -63.66
C GLU A 201 -1.50 -6.13 -64.84
N VAL A 202 -2.53 -6.77 -65.42
CA VAL A 202 -3.24 -6.21 -66.57
C VAL A 202 -4.56 -5.51 -66.23
N SER A 203 -4.98 -5.53 -64.96
CA SER A 203 -6.24 -4.89 -64.55
C SER A 203 -5.98 -3.51 -63.95
N ASP A 204 -7.00 -2.67 -63.91
CA ASP A 204 -6.88 -1.37 -63.22
C ASP A 204 -7.05 -1.56 -61.69
N GLY A 205 -7.72 -2.61 -61.28
CA GLY A 205 -7.97 -2.92 -59.88
C GLY A 205 -8.68 -4.25 -59.72
N ILE A 206 -9.07 -4.57 -58.48
CA ILE A 206 -9.66 -5.86 -58.16
C ILE A 206 -10.89 -5.72 -57.28
N MET A 207 -11.83 -6.66 -57.41
CA MET A 207 -12.94 -6.75 -56.49
C MET A 207 -12.86 -8.13 -55.85
N VAL A 208 -12.88 -8.18 -54.51
CA VAL A 208 -12.93 -9.43 -53.77
C VAL A 208 -14.43 -9.76 -53.74
N ALA A 209 -14.88 -10.60 -54.68
CA ALA A 209 -16.30 -10.93 -54.84
C ALA A 209 -16.62 -12.12 -53.95
N ARG A 210 -16.88 -11.82 -52.67
CA ARG A 210 -17.00 -12.84 -51.63
C ARG A 210 -18.18 -13.80 -51.75
N GLY A 211 -19.25 -13.41 -52.42
CA GLY A 211 -20.41 -14.28 -52.61
C GLY A 211 -20.05 -15.57 -53.31
N ASP A 212 -19.59 -15.48 -54.55
CA ASP A 212 -19.14 -16.65 -55.30
C ASP A 212 -17.87 -17.23 -54.73
N LEU A 213 -16.94 -16.38 -54.25
CA LEU A 213 -15.69 -16.89 -53.67
C LEU A 213 -15.97 -17.84 -52.48
N GLY A 214 -16.95 -17.48 -51.65
CA GLY A 214 -17.34 -18.26 -50.48
C GLY A 214 -18.06 -19.57 -50.75
N ILE A 215 -18.44 -19.81 -52.01
CA ILE A 215 -19.05 -21.06 -52.46
C ILE A 215 -18.04 -21.88 -53.31
N GLU A 216 -17.09 -21.19 -53.98
CA GLU A 216 -16.05 -21.80 -54.82
C GLU A 216 -14.90 -22.36 -53.99
N ILE A 217 -14.56 -21.68 -52.88
CA ILE A 217 -13.53 -22.15 -51.96
C ILE A 217 -14.20 -22.32 -50.57
N PRO A 218 -13.58 -23.06 -49.63
CA PRO A 218 -14.20 -23.20 -48.29
C PRO A 218 -14.49 -21.84 -47.66
N ALA A 219 -15.70 -21.68 -47.10
CA ALA A 219 -16.14 -20.41 -46.49
C ALA A 219 -15.14 -19.88 -45.47
N GLU A 220 -14.51 -20.78 -44.69
CA GLU A 220 -13.55 -20.41 -43.66
C GLU A 220 -12.23 -19.89 -44.20
N LYS A 221 -11.99 -19.95 -45.52
CA LYS A 221 -10.75 -19.47 -46.12
C LYS A 221 -10.92 -18.10 -46.81
N VAL A 222 -12.15 -17.60 -46.98
CA VAL A 222 -12.37 -16.33 -47.69
C VAL A 222 -11.60 -15.17 -47.07
N PHE A 223 -11.55 -15.06 -45.73
CA PHE A 223 -10.81 -13.96 -45.09
C PHE A 223 -9.32 -13.93 -45.50
N LEU A 224 -8.70 -15.12 -45.73
CA LEU A 224 -7.30 -15.20 -46.14
C LEU A 224 -7.14 -14.61 -47.53
N ALA A 225 -8.04 -14.99 -48.45
CA ALA A 225 -8.03 -14.49 -49.83
C ALA A 225 -8.28 -12.98 -49.84
N GLN A 226 -9.21 -12.49 -49.00
CA GLN A 226 -9.50 -11.06 -48.91
C GLN A 226 -8.28 -10.28 -48.45
N LYS A 227 -7.65 -10.70 -47.34
CA LYS A 227 -6.53 -9.99 -46.77
C LYS A 227 -5.32 -10.00 -47.68
N MET A 228 -5.09 -11.14 -48.36
CA MET A 228 -3.97 -11.27 -49.30
C MET A 228 -4.19 -10.32 -50.50
N MET A 229 -5.39 -10.35 -51.09
CA MET A 229 -5.66 -9.53 -52.27
C MET A 229 -5.61 -8.05 -51.97
N ILE A 230 -6.11 -7.65 -50.79
CA ILE A 230 -6.05 -6.25 -50.40
C ILE A 230 -4.58 -5.82 -50.21
N GLY A 231 -3.79 -6.66 -49.52
CA GLY A 231 -2.38 -6.38 -49.31
C GLY A 231 -1.61 -6.23 -50.63
N ARG A 232 -1.85 -7.15 -51.57
CA ARG A 232 -1.17 -7.08 -52.88
C ARG A 232 -1.62 -5.88 -53.71
N CYS A 233 -2.90 -5.50 -53.63
CA CYS A 233 -3.37 -4.29 -54.34
C CYS A 233 -2.76 -3.05 -53.72
N ASN A 234 -2.66 -3.00 -52.38
CA ASN A 234 -2.05 -1.86 -51.69
C ASN A 234 -0.56 -1.74 -52.09
N LEU A 235 0.13 -2.89 -52.19
CA LEU A 235 1.53 -2.94 -52.59
CA LEU A 235 1.54 -2.95 -52.60
C LEU A 235 1.68 -2.40 -54.03
N ALA A 236 0.77 -2.77 -54.91
CA ALA A 236 0.79 -2.33 -56.31
C ALA A 236 0.26 -0.89 -56.53
N GLY A 237 -0.39 -0.30 -55.53
CA GLY A 237 -0.98 1.01 -55.66
C GLY A 237 -2.20 1.02 -56.57
N LYS A 238 -2.94 -0.10 -56.63
CA LYS A 238 -4.13 -0.25 -57.48
C LYS A 238 -5.37 -0.44 -56.62
N PRO A 239 -6.51 0.15 -57.01
CA PRO A 239 -7.72 0.04 -56.18
C PRO A 239 -8.24 -1.37 -55.94
N VAL A 240 -8.74 -1.60 -54.72
CA VAL A 240 -9.33 -2.89 -54.36
C VAL A 240 -10.66 -2.65 -53.67
N VAL A 241 -11.67 -3.42 -54.06
CA VAL A 241 -13.03 -3.31 -53.53
C VAL A 241 -13.35 -4.55 -52.68
N CYS A 242 -13.93 -4.35 -51.48
CA CYS A 242 -14.43 -5.48 -50.71
C CYS A 242 -15.94 -5.52 -50.96
N ALA A 243 -16.47 -6.69 -51.29
CA ALA A 243 -17.87 -6.79 -51.65
C ALA A 243 -18.59 -7.99 -51.04
N THR A 244 -19.93 -7.86 -50.95
CA THR A 244 -20.97 -8.88 -50.70
C THR A 244 -21.20 -9.27 -49.25
N GLN A 245 -22.48 -9.13 -48.85
CA GLN A 245 -23.03 -9.46 -47.54
C GLN A 245 -22.42 -8.66 -46.39
N MET A 246 -21.86 -7.47 -46.69
CA MET A 246 -21.25 -6.63 -45.65
C MET A 246 -22.26 -6.19 -44.61
N LEU A 247 -23.48 -5.81 -45.04
CA LEU A 247 -24.55 -5.40 -44.12
C LEU A 247 -25.84 -6.17 -44.48
N GLU A 248 -25.71 -7.45 -44.84
CA GLU A 248 -26.79 -8.30 -45.33
C GLU A 248 -28.12 -8.21 -44.57
N SER A 249 -28.11 -8.27 -43.24
CA SER A 249 -29.33 -8.22 -42.44
C SER A 249 -30.15 -6.93 -42.65
N MET A 250 -29.49 -5.86 -43.10
CA MET A 250 -30.19 -4.59 -43.37
C MET A 250 -31.10 -4.63 -44.60
N ILE A 251 -31.17 -5.77 -45.31
CA ILE A 251 -32.12 -5.95 -46.40
C ILE A 251 -33.57 -5.90 -45.78
N THR A 252 -33.74 -6.43 -44.54
CA THR A 252 -35.03 -6.41 -43.86
C THR A 252 -35.02 -5.71 -42.50
N LYS A 253 -33.84 -5.42 -41.92
CA LYS A 253 -33.76 -4.78 -40.60
C LYS A 253 -33.16 -3.39 -40.64
N PRO A 254 -33.65 -2.46 -39.81
CA PRO A 254 -33.11 -1.08 -39.85
C PRO A 254 -31.69 -0.91 -39.30
N ARG A 255 -31.21 -1.90 -38.53
CA ARG A 255 -29.89 -1.85 -37.91
C ARG A 255 -29.15 -3.15 -38.23
N PRO A 256 -27.83 -3.08 -38.45
CA PRO A 256 -27.08 -4.30 -38.78
C PRO A 256 -26.68 -5.12 -37.56
N THR A 257 -26.15 -6.34 -37.80
CA THR A 257 -25.67 -7.18 -36.71
C THR A 257 -24.27 -6.69 -36.27
N ARG A 258 -23.78 -7.22 -35.13
CA ARG A 258 -22.46 -6.89 -34.64
C ARG A 258 -21.37 -7.42 -35.58
N ALA A 259 -21.61 -8.57 -36.25
CA ALA A 259 -20.63 -9.12 -37.20
C ALA A 259 -20.52 -8.24 -38.44
N GLU A 260 -21.64 -7.65 -38.87
CA GLU A 260 -21.69 -6.80 -40.04
C GLU A 260 -20.95 -5.49 -39.85
N THR A 261 -21.13 -4.81 -38.70
CA THR A 261 -20.37 -3.56 -38.45
C THR A 261 -18.86 -3.89 -38.36
N SER A 262 -18.53 -5.01 -37.71
CA SER A 262 -17.16 -5.50 -37.59
C SER A 262 -16.56 -5.74 -38.99
N ASP A 263 -17.32 -6.40 -39.88
CA ASP A 263 -16.85 -6.71 -41.23
C ASP A 263 -16.52 -5.45 -42.03
N VAL A 264 -17.39 -4.43 -41.97
CA VAL A 264 -17.13 -3.17 -42.67
C VAL A 264 -15.88 -2.51 -42.10
N ALA A 265 -15.77 -2.43 -40.75
CA ALA A 265 -14.60 -1.80 -40.14
C ALA A 265 -13.31 -2.52 -40.52
N ASN A 266 -13.32 -3.87 -40.49
CA ASN A 266 -12.14 -4.65 -40.80
C ASN A 266 -11.75 -4.60 -42.27
N ALA A 267 -12.73 -4.41 -43.20
CA ALA A 267 -12.38 -4.26 -44.62
C ALA A 267 -11.60 -2.95 -44.80
N VAL A 268 -12.02 -1.87 -44.10
CA VAL A 268 -11.33 -0.58 -44.17
C VAL A 268 -9.94 -0.70 -43.53
N LEU A 269 -9.86 -1.31 -42.34
CA LEU A 269 -8.56 -1.51 -41.67
C LEU A 269 -7.62 -2.38 -42.52
N ASP A 270 -8.14 -3.40 -43.22
CA ASP A 270 -7.34 -4.27 -44.10
C ASP A 270 -6.65 -3.46 -45.21
N GLY A 271 -7.33 -2.40 -45.69
CA GLY A 271 -6.79 -1.54 -46.73
C GLY A 271 -7.69 -1.36 -47.94
N ALA A 272 -8.97 -1.77 -47.86
CA ALA A 272 -9.87 -1.64 -49.02
C ALA A 272 -10.05 -0.18 -49.45
N ASP A 273 -9.95 0.09 -50.74
CA ASP A 273 -10.19 1.45 -51.25
C ASP A 273 -11.70 1.74 -51.30
N CYS A 274 -12.49 0.71 -51.62
CA CYS A 274 -13.95 0.82 -51.71
C CYS A 274 -14.61 -0.30 -50.95
N ILE A 275 -15.82 -0.04 -50.47
CA ILE A 275 -16.69 -1.04 -49.86
C ILE A 275 -18.02 -1.02 -50.63
N MET A 276 -18.72 -2.15 -50.66
CA MET A 276 -19.89 -2.29 -51.52
C MET A 276 -21.14 -2.76 -50.81
N LEU A 277 -22.30 -2.40 -51.39
CA LEU A 277 -23.63 -2.82 -50.98
C LEU A 277 -24.28 -3.42 -52.22
N SER A 278 -24.90 -4.60 -52.08
CA SER A 278 -25.56 -5.29 -53.18
C SER A 278 -27.09 -5.33 -52.91
N GLY A 279 -27.63 -6.44 -52.38
CA GLY A 279 -29.05 -6.53 -52.05
C GLY A 279 -29.49 -5.46 -51.07
N GLU A 280 -28.56 -5.00 -50.18
CA GLU A 280 -28.86 -3.96 -49.20
C GLU A 280 -29.41 -2.68 -49.85
N THR A 281 -28.93 -2.35 -51.05
CA THR A 281 -29.41 -1.15 -51.75
C THR A 281 -30.26 -1.48 -52.97
N ALA A 282 -30.05 -2.64 -53.61
CA ALA A 282 -30.80 -2.99 -54.82
C ALA A 282 -32.24 -3.36 -54.53
N LYS A 283 -32.50 -4.14 -53.46
CA LYS A 283 -33.86 -4.61 -53.19
C LYS A 283 -34.34 -4.48 -51.76
N GLY A 284 -33.47 -4.11 -50.84
CA GLY A 284 -33.83 -4.01 -49.43
C GLY A 284 -34.76 -2.89 -49.02
N ASN A 285 -35.23 -2.94 -47.79
CA ASN A 285 -36.15 -1.95 -47.25
C ASN A 285 -35.46 -0.72 -46.67
N PHE A 286 -34.12 -0.75 -46.52
CA PHE A 286 -33.39 0.37 -45.93
C PHE A 286 -32.13 0.75 -46.76
N PRO A 287 -32.26 1.04 -48.08
CA PRO A 287 -31.06 1.38 -48.87
C PRO A 287 -30.28 2.60 -48.40
N VAL A 288 -30.98 3.68 -48.03
CA VAL A 288 -30.31 4.91 -47.57
C VAL A 288 -29.61 4.67 -46.24
N GLU A 289 -30.26 3.95 -45.32
CA GLU A 289 -29.70 3.65 -44.01
C GLU A 289 -28.45 2.75 -44.14
N ALA A 290 -28.43 1.85 -45.13
CA ALA A 290 -27.27 0.98 -45.36
C ALA A 290 -26.07 1.81 -45.80
N VAL A 291 -26.30 2.82 -46.69
CA VAL A 291 -25.24 3.72 -47.13
C VAL A 291 -24.75 4.56 -45.94
N LYS A 292 -25.69 5.09 -45.13
CA LYS A 292 -25.33 5.87 -43.95
C LYS A 292 -24.50 5.06 -42.95
N MET A 293 -24.81 3.77 -42.79
CA MET A 293 -24.09 2.90 -41.87
C MET A 293 -22.66 2.67 -42.36
N GLN A 294 -22.48 2.40 -43.68
CA GLN A 294 -21.14 2.21 -44.21
C GLN A 294 -20.32 3.49 -44.06
N HIS A 295 -20.94 4.66 -44.28
CA HIS A 295 -20.25 5.94 -44.11
C HIS A 295 -19.77 6.11 -42.67
N ALA A 296 -20.66 5.87 -41.69
CA ALA A 296 -20.33 6.04 -40.27
C ALA A 296 -19.19 5.12 -39.82
N ILE A 297 -19.24 3.84 -40.20
CA ILE A 297 -18.21 2.88 -39.82
C ILE A 297 -16.89 3.21 -40.50
N ALA A 298 -16.92 3.50 -41.82
CA ALA A 298 -15.69 3.82 -42.56
C ALA A 298 -14.94 4.99 -41.94
N ARG A 299 -15.65 6.05 -41.54
CA ARG A 299 -15.00 7.22 -40.93
C ARG A 299 -14.30 6.85 -39.62
N GLU A 300 -14.95 6.04 -38.78
CA GLU A 300 -14.35 5.61 -37.52
C GLU A 300 -13.14 4.73 -37.78
N ALA A 301 -13.23 3.79 -38.75
CA ALA A 301 -12.13 2.87 -39.05
C ALA A 301 -10.93 3.57 -39.65
N GLU A 302 -11.17 4.60 -40.50
CA GLU A 302 -10.06 5.34 -41.09
C GLU A 302 -9.23 6.07 -40.05
N ALA A 303 -9.89 6.62 -39.01
CA ALA A 303 -9.16 7.28 -37.93
C ALA A 303 -8.34 6.29 -37.09
N ALA A 304 -8.77 5.02 -37.03
CA ALA A 304 -8.09 3.97 -36.28
C ALA A 304 -6.93 3.32 -37.04
N VAL A 305 -6.63 3.75 -38.28
CA VAL A 305 -5.51 3.21 -39.05
C VAL A 305 -4.20 3.62 -38.36
N TYR A 306 -3.28 2.67 -38.20
CA TYR A 306 -2.00 2.92 -37.52
C TYR A 306 -1.00 3.47 -38.55
N HIS A 307 -1.17 4.75 -38.95
CA HIS A 307 -0.33 5.39 -39.96
C HIS A 307 1.18 5.31 -39.69
N ARG A 308 1.60 5.31 -38.41
CA ARG A 308 3.02 5.24 -38.08
C ARG A 308 3.74 4.04 -38.75
N GLN A 309 3.19 2.83 -38.59
CA GLN A 309 3.80 1.66 -39.22
C GLN A 309 3.39 1.54 -40.69
N LEU A 310 2.13 1.87 -41.00
CA LEU A 310 1.63 1.75 -42.36
C LEU A 310 2.45 2.58 -43.35
N PHE A 311 2.65 3.88 -43.06
CA PHE A 311 3.40 4.75 -43.96
C PHE A 311 4.83 4.25 -44.12
N GLU A 312 5.47 3.83 -43.02
CA GLU A 312 6.82 3.30 -43.10
C GLU A 312 6.92 2.07 -44.00
N GLU A 313 5.95 1.15 -43.87
CA GLU A 313 5.97 -0.05 -44.70
C GLU A 313 5.67 0.25 -46.17
N LEU A 314 4.70 1.13 -46.45
CA LEU A 314 4.37 1.47 -47.83
C LEU A 314 5.52 2.21 -48.50
N ARG A 315 6.14 3.15 -47.78
CA ARG A 315 7.28 3.93 -48.25
C ARG A 315 8.49 3.04 -48.56
N ARG A 316 8.75 2.03 -47.71
CA ARG A 316 9.87 1.09 -47.87
C ARG A 316 9.63 0.10 -49.01
N ALA A 317 8.39 -0.39 -49.16
CA ALA A 317 8.07 -1.38 -50.17
C ALA A 317 7.91 -0.82 -51.57
N ALA A 318 7.50 0.45 -51.73
CA ALA A 318 7.32 1.02 -53.06
C ALA A 318 8.70 1.15 -53.72
N PRO A 319 8.87 0.60 -54.93
CA PRO A 319 10.20 0.59 -55.53
C PRO A 319 10.78 1.95 -55.80
N LEU A 320 12.11 2.04 -55.86
CA LEU A 320 12.79 3.26 -56.27
C LEU A 320 12.36 3.59 -57.71
N SER A 321 12.27 4.89 -58.02
CA SER A 321 11.78 5.28 -59.33
C SER A 321 12.41 6.53 -59.84
N ARG A 322 12.57 6.63 -61.15
CA ARG A 322 13.05 7.84 -61.81
CA ARG A 322 13.05 7.84 -61.79
C ARG A 322 11.89 8.58 -62.50
N ASP A 323 10.63 8.16 -62.27
CA ASP A 323 9.46 8.82 -62.84
C ASP A 323 9.18 10.04 -61.97
N PRO A 324 9.19 11.27 -62.53
CA PRO A 324 8.99 12.45 -61.67
C PRO A 324 7.66 12.51 -60.93
N THR A 325 6.58 11.91 -61.46
CA THR A 325 5.29 11.91 -60.74
C THR A 325 5.41 11.03 -59.48
N GLU A 326 6.04 9.87 -59.62
CA GLU A 326 6.26 8.97 -58.50
C GLU A 326 7.16 9.65 -57.45
N VAL A 327 8.21 10.33 -57.89
CA VAL A 327 9.15 11.00 -56.98
C VAL A 327 8.45 12.13 -56.25
N THR A 328 7.68 12.95 -56.99
CA THR A 328 6.97 14.06 -56.38
C THR A 328 5.92 13.55 -55.39
N ALA A 329 5.22 12.46 -55.72
CA ALA A 329 4.16 11.93 -54.86
C ALA A 329 4.69 11.53 -53.48
N ILE A 330 5.82 10.79 -53.42
CA ILE A 330 6.36 10.38 -52.13
C ILE A 330 6.90 11.59 -51.35
N GLY A 331 7.50 12.56 -52.04
CA GLY A 331 7.96 13.78 -51.38
C GLY A 331 6.81 14.57 -50.77
N ALA A 332 5.69 14.67 -51.50
CA ALA A 332 4.49 15.38 -51.06
C ALA A 332 3.84 14.70 -49.86
N VAL A 333 3.75 13.37 -49.86
CA VAL A 333 3.13 12.65 -48.74
C VAL A 333 4.01 12.76 -47.49
N GLU A 334 5.34 12.70 -47.67
CA GLU A 334 6.28 12.87 -46.54
C GLU A 334 6.11 14.30 -45.95
N ALA A 335 6.04 15.31 -46.83
CA ALA A 335 5.85 16.72 -46.42
C ALA A 335 4.52 16.89 -45.69
N ALA A 336 3.45 16.24 -46.18
CA ALA A 336 2.13 16.32 -45.54
C ALA A 336 2.16 15.78 -44.12
N PHE A 337 2.85 14.64 -43.91
CA PHE A 337 2.93 14.06 -42.57
C PHE A 337 3.74 14.95 -41.64
N LYS A 338 4.79 15.59 -42.14
CA LYS A 338 5.65 16.47 -41.33
C LYS A 338 4.90 17.67 -40.70
N CYS A 339 3.97 18.25 -41.44
CA CYS A 339 3.24 19.42 -40.96
C CYS A 339 1.80 19.17 -40.59
N CYS A 340 1.33 17.90 -40.58
CA CYS A 340 -0.08 17.57 -40.32
C CYS A 340 -0.95 18.31 -41.32
N ALA A 341 -0.54 18.33 -42.60
CA ALA A 341 -1.26 19.07 -43.64
C ALA A 341 -2.72 18.66 -43.70
N ALA A 342 -3.61 19.65 -43.83
CA ALA A 342 -5.04 19.35 -43.91
C ALA A 342 -5.37 18.68 -45.25
N ALA A 343 -4.61 18.98 -46.31
CA ALA A 343 -4.87 18.41 -47.61
C ALA A 343 -3.64 18.48 -48.52
N ILE A 344 -3.63 17.65 -49.55
CA ILE A 344 -2.68 17.71 -50.64
C ILE A 344 -3.58 18.04 -51.85
N ILE A 345 -3.41 19.23 -52.44
CA ILE A 345 -4.19 19.62 -53.61
C ILE A 345 -3.38 19.25 -54.83
N VAL A 346 -3.95 18.46 -55.73
CA VAL A 346 -3.23 18.02 -56.92
C VAL A 346 -4.02 18.29 -58.19
N LEU A 347 -3.33 18.76 -59.25
CA LEU A 347 -3.97 18.94 -60.55
C LEU A 347 -3.74 17.65 -61.32
N THR A 348 -4.80 17.10 -61.93
CA THR A 348 -4.68 15.85 -62.67
C THR A 348 -5.63 15.79 -63.85
N THR A 349 -5.15 15.21 -64.98
CA THR A 349 -5.94 15.07 -66.21
C THR A 349 -6.62 13.70 -66.22
N THR A 350 -5.85 12.64 -65.89
CA THR A 350 -6.33 11.27 -65.92
C THR A 350 -6.65 10.69 -64.53
N GLY A 351 -6.20 11.36 -63.48
CA GLY A 351 -6.32 10.86 -62.11
C GLY A 351 -5.02 10.25 -61.61
N ARG A 352 -4.05 9.94 -62.52
CA ARG A 352 -2.81 9.26 -62.13
C ARG A 352 -2.01 9.95 -61.02
N SER A 353 -1.82 11.28 -61.07
CA SER A 353 -1.06 11.97 -60.02
C SER A 353 -1.76 11.82 -58.65
N ALA A 354 -3.10 11.78 -58.62
CA ALA A 354 -3.84 11.61 -57.36
C ALA A 354 -3.71 10.14 -56.90
N GLN A 355 -3.76 9.18 -57.83
CA GLN A 355 -3.60 7.76 -57.49
C GLN A 355 -2.23 7.48 -56.86
N LEU A 356 -1.16 8.12 -57.36
CA LEU A 356 0.18 7.91 -56.81
C LEU A 356 0.35 8.53 -55.41
N LEU A 357 -0.45 9.56 -55.09
CA LEU A 357 -0.43 10.13 -53.75
C LEU A 357 -1.20 9.17 -52.81
N SER A 358 -2.39 8.70 -53.27
CA SER A 358 -3.29 7.78 -52.54
C SER A 358 -2.59 6.48 -52.10
N ARG A 359 -1.69 5.96 -52.93
CA ARG A 359 -1.01 4.70 -52.64
C ARG A 359 -0.20 4.71 -51.35
N TYR A 360 0.28 5.89 -50.89
CA TYR A 360 1.01 6.00 -49.62
C TYR A 360 0.11 6.21 -48.38
N ARG A 361 -1.21 6.18 -48.57
CA ARG A 361 -2.21 6.33 -47.52
C ARG A 361 -1.99 7.53 -46.60
N PRO A 362 -1.89 8.75 -47.17
CA PRO A 362 -1.74 9.93 -46.31
C PRO A 362 -2.97 10.14 -45.42
N ARG A 363 -2.78 10.74 -44.23
CA ARG A 363 -3.94 11.12 -43.40
C ARG A 363 -4.59 12.38 -44.07
N ALA A 364 -3.78 13.23 -44.74
CA ALA A 364 -4.26 14.41 -45.46
C ALA A 364 -5.15 14.01 -46.63
N ALA A 365 -6.28 14.73 -46.81
CA ALA A 365 -7.18 14.47 -47.93
C ALA A 365 -6.46 14.82 -49.25
N VAL A 366 -6.66 14.02 -50.29
CA VAL A 366 -6.07 14.32 -51.59
C VAL A 366 -7.18 15.00 -52.41
N ILE A 367 -7.11 16.31 -52.55
CA ILE A 367 -8.13 17.07 -53.29
C ILE A 367 -7.66 17.16 -54.73
N ALA A 368 -8.35 16.43 -55.63
CA ALA A 368 -7.93 16.35 -57.02
C ALA A 368 -8.74 17.30 -57.90
N VAL A 369 -8.08 18.33 -58.45
CA VAL A 369 -8.76 19.28 -59.35
C VAL A 369 -8.54 18.84 -60.80
N THR A 370 -9.63 18.61 -61.52
CA THR A 370 -9.53 18.13 -62.89
C THR A 370 -10.60 18.75 -63.79
N ARG A 371 -10.32 18.89 -65.09
CA ARG A 371 -11.33 19.31 -66.07
C ARG A 371 -12.07 18.08 -66.64
N SER A 372 -11.52 16.86 -66.46
CA SER A 372 -12.13 15.64 -67.00
C SER A 372 -13.24 15.15 -66.09
N ALA A 373 -14.50 15.20 -66.57
CA ALA A 373 -15.63 14.70 -65.80
C ALA A 373 -15.47 13.20 -65.53
N GLN A 374 -14.96 12.44 -66.51
CA GLN A 374 -14.75 11.01 -66.32
C GLN A 374 -13.67 10.72 -65.27
N ALA A 375 -12.54 11.46 -65.29
CA ALA A 375 -11.50 11.26 -64.28
C ALA A 375 -12.04 11.62 -62.88
N ALA A 376 -12.87 12.68 -62.79
CA ALA A 376 -13.48 13.06 -61.52
C ALA A 376 -14.35 11.92 -60.96
N ARG A 377 -15.07 11.20 -61.82
CA ARG A 377 -15.88 10.06 -61.40
C ARG A 377 -14.99 8.86 -61.03
N GLN A 378 -14.01 8.54 -61.87
CA GLN A 378 -13.15 7.37 -61.66
C GLN A 378 -12.24 7.44 -60.45
N VAL A 379 -11.77 8.63 -60.04
CA VAL A 379 -10.84 8.70 -58.88
C VAL A 379 -11.49 8.31 -57.56
N HIS A 380 -12.83 8.15 -57.52
CA HIS A 380 -13.51 7.61 -56.34
C HIS A 380 -13.00 6.16 -56.04
N LEU A 381 -12.38 5.47 -57.01
CA LEU A 381 -11.82 4.14 -56.79
C LEU A 381 -10.61 4.18 -55.83
N CYS A 382 -9.93 5.32 -55.69
CA CYS A 382 -8.71 5.46 -54.89
C CYS A 382 -9.00 6.07 -53.55
N ARG A 383 -8.65 5.35 -52.46
CA ARG A 383 -8.94 5.87 -51.12
C ARG A 383 -8.39 7.27 -50.87
N GLY A 384 -9.24 8.13 -50.32
CA GLY A 384 -8.84 9.46 -49.89
C GLY A 384 -8.68 10.51 -50.98
N VAL A 385 -9.17 10.21 -52.17
CA VAL A 385 -9.15 11.18 -53.27
C VAL A 385 -10.56 11.81 -53.37
N PHE A 386 -10.60 13.15 -53.26
CA PHE A 386 -11.84 13.93 -53.30
C PHE A 386 -11.83 14.76 -54.59
N PRO A 387 -12.59 14.32 -55.59
CA PRO A 387 -12.55 15.02 -56.89
C PRO A 387 -13.31 16.34 -56.94
N LEU A 388 -12.70 17.35 -57.58
CA LEU A 388 -13.35 18.64 -57.80
C LEU A 388 -13.32 18.87 -59.31
N LEU A 389 -14.50 18.95 -59.94
CA LEU A 389 -14.58 19.18 -61.37
C LEU A 389 -14.48 20.68 -61.68
N TYR A 390 -13.45 21.08 -62.43
CA TYR A 390 -13.22 22.47 -62.84
C TYR A 390 -13.82 22.61 -64.23
N ARG A 391 -14.69 23.61 -64.43
CA ARG A 391 -15.37 23.76 -65.72
C ARG A 391 -15.21 25.15 -66.35
N GLU A 392 -14.26 25.94 -65.89
CA GLU A 392 -14.06 27.30 -66.35
C GLU A 392 -13.19 27.41 -67.60
N PRO A 393 -13.40 28.48 -68.41
CA PRO A 393 -12.63 28.59 -69.65
C PRO A 393 -11.14 28.77 -69.41
N PRO A 394 -10.29 28.29 -70.33
CA PRO A 394 -8.85 28.41 -70.12
C PRO A 394 -8.34 29.86 -70.12
N GLU A 395 -7.43 30.17 -69.20
CA GLU A 395 -6.81 31.49 -69.19
C GLU A 395 -5.81 31.55 -70.36
N ALA A 396 -5.51 32.78 -70.83
CA ALA A 396 -4.57 32.94 -71.95
C ALA A 396 -3.17 32.43 -71.59
N ILE A 397 -2.72 32.72 -70.37
CA ILE A 397 -1.41 32.29 -69.90
C ILE A 397 -1.60 30.99 -69.10
N TRP A 398 -0.95 29.90 -69.53
CA TRP A 398 -1.09 28.60 -68.86
C TRP A 398 -0.79 28.65 -67.35
N ALA A 399 0.26 29.39 -66.93
CA ALA A 399 0.63 29.54 -65.52
C ALA A 399 -0.53 30.14 -64.70
N ASP A 400 -1.28 31.07 -65.29
CA ASP A 400 -2.42 31.67 -64.63
C ASP A 400 -3.58 30.65 -64.52
N ASP A 401 -3.76 29.81 -65.54
CA ASP A 401 -4.82 28.78 -65.51
C ASP A 401 -4.53 27.74 -64.40
N VAL A 402 -3.25 27.42 -64.20
CA VAL A 402 -2.83 26.49 -63.15
C VAL A 402 -3.14 27.12 -61.79
N ASP A 403 -2.74 28.42 -61.61
CA ASP A 403 -2.99 29.18 -60.38
CA ASP A 403 -2.99 29.14 -60.36
C ASP A 403 -4.47 29.25 -60.05
N ARG A 404 -5.31 29.46 -61.07
CA ARG A 404 -6.76 29.55 -60.85
C ARG A 404 -7.34 28.22 -60.35
N ARG A 405 -6.82 27.09 -60.87
CA ARG A 405 -7.26 25.77 -60.43
C ARG A 405 -6.80 25.47 -59.00
N VAL A 406 -5.59 25.89 -58.64
CA VAL A 406 -5.09 25.72 -57.28
C VAL A 406 -5.95 26.54 -56.31
N GLN A 407 -6.24 27.80 -56.69
CA GLN A 407 -7.10 28.65 -55.86
C GLN A 407 -8.50 28.08 -55.71
N PHE A 408 -9.03 27.48 -56.78
CA PHE A 408 -10.34 26.82 -56.73
C PHE A 408 -10.31 25.64 -55.74
N GLY A 409 -9.21 24.90 -55.72
CA GLY A 409 -9.04 23.79 -54.79
C GLY A 409 -9.04 24.28 -53.34
N ILE A 410 -8.34 25.40 -53.07
CA ILE A 410 -8.25 26.00 -51.74
C ILE A 410 -9.59 26.56 -51.28
N GLU A 411 -10.24 27.40 -52.12
CA GLU A 411 -11.52 28.01 -51.79
C GLU A 411 -12.59 26.95 -51.63
N SER A 412 -12.61 25.94 -52.50
CA SER A 412 -13.56 24.83 -52.33
C SER A 412 -13.26 24.06 -51.04
N GLY A 413 -11.98 23.86 -50.74
CA GLY A 413 -11.57 23.17 -49.53
C GLY A 413 -12.06 23.87 -48.28
N LYS A 414 -11.99 25.22 -48.27
CA LYS A 414 -12.46 26.03 -47.14
C LYS A 414 -13.97 25.94 -47.02
N LEU A 415 -14.69 26.11 -48.14
CA LEU A 415 -16.15 26.07 -48.15
C LEU A 415 -16.68 24.71 -47.73
N ARG A 416 -16.01 23.62 -48.15
CA ARG A 416 -16.46 22.27 -47.81
C ARG A 416 -16.03 21.77 -46.42
N GLY A 417 -15.21 22.53 -45.71
CA GLY A 417 -14.80 22.14 -44.36
C GLY A 417 -13.51 21.34 -44.27
N PHE A 418 -12.82 21.14 -45.40
CA PHE A 418 -11.52 20.45 -45.41
C PHE A 418 -10.43 21.33 -44.84
N LEU A 419 -10.50 22.64 -45.10
CA LEU A 419 -9.45 23.57 -44.77
C LEU A 419 -9.94 24.75 -43.94
N ARG A 420 -9.07 25.24 -43.08
CA ARG A 420 -9.34 26.41 -42.25
C ARG A 420 -8.13 27.34 -42.29
N VAL A 421 -8.32 28.61 -41.93
CA VAL A 421 -7.23 29.58 -41.85
C VAL A 421 -6.12 29.10 -40.92
N GLY A 422 -4.90 29.15 -41.40
CA GLY A 422 -3.76 28.71 -40.62
C GLY A 422 -3.33 27.29 -40.92
N ASP A 423 -4.16 26.51 -41.63
CA ASP A 423 -3.77 25.15 -42.03
C ASP A 423 -2.62 25.22 -43.06
N LEU A 424 -1.85 24.15 -43.15
CA LEU A 424 -0.84 24.04 -44.20
C LEU A 424 -1.40 23.05 -45.23
N VAL A 425 -1.15 23.31 -46.51
CA VAL A 425 -1.53 22.39 -47.57
C VAL A 425 -0.30 22.15 -48.43
N ILE A 426 -0.26 20.99 -49.05
CA ILE A 426 0.79 20.65 -49.99
C ILE A 426 0.15 20.75 -51.37
N VAL A 427 0.76 21.45 -52.33
CA VAL A 427 0.18 21.60 -53.66
C VAL A 427 1.07 20.90 -54.71
N VAL A 428 0.49 20.01 -55.50
CA VAL A 428 1.23 19.21 -56.47
C VAL A 428 0.80 19.58 -57.89
N THR A 429 1.72 20.09 -58.70
CA THR A 429 1.45 20.51 -60.08
C THR A 429 2.60 20.01 -61.03
N GLY A 430 2.53 20.35 -62.32
CA GLY A 430 3.53 19.98 -63.31
C GLY A 430 4.14 21.17 -64.04
N TRP A 431 5.16 20.92 -64.86
CA TRP A 431 5.89 22.00 -65.53
C TRP A 431 5.34 22.40 -66.91
N ARG A 432 4.45 21.60 -67.49
CA ARG A 432 3.85 21.89 -68.79
C ARG A 432 2.48 21.22 -68.90
N PRO A 433 1.61 21.68 -69.85
CA PRO A 433 0.28 21.06 -69.97
C PRO A 433 0.32 19.62 -70.44
N GLY A 434 -0.79 18.91 -70.24
CA GLY A 434 -0.91 17.53 -70.63
C GLY A 434 -0.52 16.57 -69.50
N SER A 435 -1.04 15.37 -69.57
CA SER A 435 -0.79 14.34 -68.57
C SER A 435 0.68 13.86 -68.57
N GLY A 436 1.18 13.45 -67.41
CA GLY A 436 2.51 12.87 -67.30
C GLY A 436 3.65 13.76 -66.89
N TYR A 437 3.39 15.06 -66.64
CA TYR A 437 4.46 16.00 -66.32
C TYR A 437 4.45 16.55 -64.90
N THR A 438 3.72 15.92 -63.95
CA THR A 438 3.75 16.36 -62.54
C THR A 438 5.21 16.27 -62.02
N ASN A 439 5.72 17.36 -61.45
CA ASN A 439 7.09 17.40 -60.94
C ASN A 439 7.32 18.45 -59.86
N ILE A 440 6.26 19.11 -59.36
CA ILE A 440 6.42 20.17 -58.39
C ILE A 440 5.57 19.98 -57.16
N MET A 441 6.17 20.23 -56.00
CA MET A 441 5.43 20.21 -54.75
CA MET A 441 5.49 20.17 -54.71
C MET A 441 5.71 21.53 -54.02
N ARG A 442 4.65 22.17 -53.55
CA ARG A 442 4.78 23.46 -52.85
C ARG A 442 4.08 23.42 -51.50
N VAL A 443 4.63 24.12 -50.51
CA VAL A 443 4.01 24.18 -49.19
C VAL A 443 3.32 25.53 -49.06
N LEU A 444 2.02 25.53 -48.82
CA LEU A 444 1.25 26.79 -48.74
C LEU A 444 0.48 26.92 -47.42
N SER A 445 0.44 28.11 -46.86
CA SER A 445 -0.32 28.39 -45.65
C SER A 445 -1.70 28.95 -46.08
N ILE A 446 -2.78 28.41 -45.53
CA ILE A 446 -4.13 28.87 -45.88
C ILE A 446 -4.47 30.20 -45.22
N SER A 447 -4.82 31.19 -46.04
CA SER A 447 -5.15 32.55 -45.60
C SER A 447 -4.19 33.10 -44.52
N ARG B 12 14.36 -7.62 -53.59
CA ARG B 12 14.86 -7.24 -54.91
C ARG B 12 13.87 -6.37 -55.67
N ALA B 13 12.55 -6.64 -55.55
CA ALA B 13 11.50 -5.87 -56.24
C ALA B 13 11.56 -4.37 -55.98
N ASP B 14 12.02 -3.96 -54.79
CA ASP B 14 12.13 -2.55 -54.44
C ASP B 14 13.24 -1.80 -55.20
N VAL B 15 14.22 -2.53 -55.74
CA VAL B 15 15.29 -1.90 -56.51
C VAL B 15 15.44 -2.46 -57.93
N ALA B 16 14.60 -3.43 -58.33
CA ALA B 16 14.76 -4.12 -59.60
C ALA B 16 14.68 -3.21 -60.83
N GLN B 17 13.64 -2.37 -60.95
CA GLN B 17 13.51 -1.52 -62.12
C GLN B 17 14.62 -0.50 -62.19
N LEU B 18 14.98 0.13 -61.06
CA LEU B 18 16.08 1.10 -61.06
C LEU B 18 17.44 0.44 -61.32
N THR B 19 17.62 -0.83 -60.89
CA THR B 19 18.86 -1.55 -61.18
C THR B 19 18.95 -1.80 -62.69
N GLN B 20 17.83 -2.13 -63.34
CA GLN B 20 17.80 -2.34 -64.79
C GLN B 20 18.12 -1.04 -65.55
N GLU B 21 17.58 0.10 -65.09
CA GLU B 21 17.79 1.39 -65.73
C GLU B 21 19.16 1.99 -65.51
N LEU B 22 19.65 2.00 -64.25
CA LEU B 22 20.95 2.59 -63.91
C LEU B 22 22.13 1.63 -64.06
N GLY B 23 21.87 0.34 -64.01
CA GLY B 23 22.88 -0.70 -64.18
C GLY B 23 23.37 -1.27 -62.87
N THR B 24 23.91 -2.50 -62.93
CA THR B 24 24.45 -3.15 -61.74
C THR B 24 25.72 -2.46 -61.27
N ALA B 25 26.52 -1.86 -62.16
CA ALA B 25 27.76 -1.20 -61.72
C ALA B 25 27.47 -0.04 -60.76
N PHE B 26 26.40 0.72 -61.05
CA PHE B 26 25.97 1.84 -60.20
C PHE B 26 25.64 1.34 -58.78
N PHE B 27 24.89 0.24 -58.68
CA PHE B 27 24.44 -0.31 -57.42
C PHE B 27 25.50 -1.10 -56.66
N GLN B 28 26.70 -1.30 -57.21
CA GLN B 28 27.80 -1.95 -56.50
C GLN B 28 28.71 -0.91 -55.80
N GLN B 29 28.70 0.35 -56.26
CA GLN B 29 29.51 1.43 -55.74
C GLN B 29 28.90 2.06 -54.48
N GLN B 30 29.66 2.95 -53.82
CA GLN B 30 29.30 3.76 -52.65
C GLN B 30 28.55 2.98 -51.57
N GLN B 31 28.96 1.72 -51.33
CA GLN B 31 28.34 0.85 -50.33
C GLN B 31 26.83 0.70 -50.50
N LEU B 32 26.34 0.79 -51.74
CA LEU B 32 24.89 0.66 -51.98
C LEU B 32 24.34 -0.72 -51.57
N PRO B 33 25.03 -1.87 -51.73
CA PRO B 33 24.49 -3.15 -51.21
C PRO B 33 24.27 -3.07 -49.69
N ALA B 34 25.22 -2.48 -48.94
CA ALA B 34 25.05 -2.34 -47.49
C ALA B 34 23.96 -1.32 -47.12
N ALA B 35 23.73 -0.33 -47.98
CA ALA B 35 22.70 0.68 -47.77
C ALA B 35 21.30 0.08 -47.90
N MET B 36 21.11 -0.93 -48.75
CA MET B 36 19.80 -1.54 -48.94
C MET B 36 19.48 -2.64 -47.91
N ALA B 37 20.37 -2.91 -46.93
CA ALA B 37 20.15 -3.98 -45.97
C ALA B 37 18.96 -3.73 -45.05
N ASP B 38 18.27 -4.81 -44.64
CA ASP B 38 17.10 -4.74 -43.80
C ASP B 38 17.40 -4.60 -42.31
N THR B 39 18.62 -4.95 -41.88
CA THR B 39 19.02 -4.81 -40.46
C THR B 39 20.43 -4.17 -40.38
N PHE B 40 20.79 -3.62 -39.22
CA PHE B 40 22.12 -3.04 -39.03
C PHE B 40 23.18 -4.15 -39.11
N LEU B 41 22.86 -5.35 -38.57
CA LEU B 41 23.79 -6.48 -38.65
C LEU B 41 24.09 -6.83 -40.12
N GLU B 42 23.04 -6.92 -40.97
CA GLU B 42 23.25 -7.22 -42.38
C GLU B 42 24.00 -6.08 -43.08
N HIS B 43 23.74 -4.83 -42.67
CA HIS B 43 24.44 -3.66 -43.19
C HIS B 43 25.96 -3.82 -42.97
N LEU B 44 26.36 -4.19 -41.74
CA LEU B 44 27.78 -4.41 -41.42
C LEU B 44 28.37 -5.52 -42.25
N CYS B 45 27.64 -6.66 -42.34
CA CYS B 45 28.08 -7.84 -43.10
C CYS B 45 28.29 -7.56 -44.58
N LEU B 46 27.59 -6.54 -45.13
CA LEU B 46 27.69 -6.22 -46.56
C LEU B 46 28.68 -5.11 -46.90
N LEU B 47 29.34 -4.50 -45.89
CA LEU B 47 30.35 -3.45 -46.17
C LEU B 47 31.49 -4.08 -46.99
N ASP B 48 31.88 -3.41 -48.07
CA ASP B 48 32.81 -3.97 -49.04
C ASP B 48 33.97 -3.02 -49.33
N ILE B 49 35.21 -3.48 -49.07
CA ILE B 49 36.40 -2.65 -49.36
C ILE B 49 36.59 -2.40 -50.88
N ASP B 50 35.96 -3.19 -51.75
CA ASP B 50 36.04 -2.99 -53.20
C ASP B 50 34.93 -2.06 -53.74
N SER B 51 34.00 -1.60 -52.88
CA SER B 51 32.93 -0.71 -53.29
C SER B 51 33.45 0.71 -53.15
N GLU B 52 33.76 1.35 -54.29
CA GLU B 52 34.38 2.66 -54.27
C GLU B 52 33.43 3.82 -54.04
N PRO B 53 33.90 4.84 -53.27
CA PRO B 53 33.05 6.01 -53.05
C PRO B 53 32.91 6.80 -54.36
N VAL B 54 31.75 7.41 -54.55
CA VAL B 54 31.48 8.20 -55.75
C VAL B 54 31.12 9.65 -55.40
N ALA B 55 30.38 9.85 -54.31
CA ALA B 55 29.94 11.18 -53.91
C ALA B 55 31.09 12.07 -53.44
N ALA B 56 30.89 13.39 -53.53
CA ALA B 56 31.89 14.34 -53.03
C ALA B 56 31.96 14.20 -51.51
N ARG B 57 33.14 14.43 -50.92
CA ARG B 57 33.31 14.32 -49.48
C ARG B 57 32.46 15.38 -48.77
N SER B 58 31.59 14.94 -47.87
CA SER B 58 30.61 15.81 -47.24
C SER B 58 30.99 16.37 -45.87
N THR B 59 31.84 15.68 -45.10
CA THR B 59 32.26 16.17 -43.79
C THR B 59 33.38 17.18 -43.98
N SER B 60 33.17 18.44 -43.53
CA SER B 60 34.21 19.47 -43.71
C SER B 60 35.43 19.24 -42.85
N ILE B 61 36.58 19.73 -43.34
CA ILE B 61 37.85 19.62 -42.63
C ILE B 61 38.26 20.99 -42.12
N ILE B 62 38.51 21.08 -40.81
CA ILE B 62 39.02 22.30 -40.19
C ILE B 62 40.51 22.08 -39.96
N ALA B 63 41.36 22.97 -40.48
CA ALA B 63 42.81 22.84 -40.27
C ALA B 63 43.29 24.03 -39.48
N THR B 64 44.10 23.79 -38.43
CA THR B 64 44.63 24.87 -37.61
C THR B 64 45.85 25.47 -38.31
N ILE B 65 45.87 26.79 -38.47
CA ILE B 65 46.97 27.48 -39.13
C ILE B 65 48.08 27.83 -38.13
N GLY B 66 49.29 27.51 -38.51
CA GLY B 66 50.48 27.80 -37.72
C GLY B 66 51.71 27.89 -38.59
N PRO B 67 52.90 27.81 -37.98
CA PRO B 67 54.13 27.90 -38.79
C PRO B 67 54.24 26.89 -39.93
N ALA B 68 53.69 25.67 -39.75
CA ALA B 68 53.76 24.65 -40.80
C ALA B 68 52.76 24.88 -41.94
N SER B 69 51.78 25.76 -41.76
CA SER B 69 50.71 25.93 -42.75
C SER B 69 50.32 27.38 -42.99
N ARG B 70 51.24 28.31 -42.79
CA ARG B 70 50.96 29.73 -42.89
C ARG B 70 51.30 30.38 -44.22
N SER B 71 52.28 29.84 -44.96
CA SER B 71 52.67 30.44 -46.22
C SER B 71 51.57 30.33 -47.27
N VAL B 72 51.51 31.29 -48.19
CA VAL B 72 50.50 31.29 -49.24
C VAL B 72 50.60 30.03 -50.11
N GLU B 73 51.83 29.61 -50.44
CA GLU B 73 52.05 28.42 -51.25
C GLU B 73 51.54 27.15 -50.54
N ARG B 74 51.80 27.02 -49.24
CA ARG B 74 51.35 25.88 -48.44
C ARG B 74 49.83 25.90 -48.32
N LEU B 75 49.24 27.09 -48.09
CA LEU B 75 47.79 27.23 -48.00
C LEU B 75 47.07 26.85 -49.29
N LYS B 76 47.68 27.12 -50.47
CA LYS B 76 47.07 26.71 -51.75
C LYS B 76 47.02 25.18 -51.82
N GLU B 77 48.07 24.49 -51.37
CA GLU B 77 48.09 23.04 -51.37
C GLU B 77 47.07 22.47 -50.37
N MET B 78 46.87 23.14 -49.23
CA MET B 78 45.90 22.69 -48.23
CA MET B 78 45.91 22.69 -48.24
C MET B 78 44.48 22.85 -48.73
N ILE B 79 44.20 23.92 -49.49
CA ILE B 79 42.87 24.13 -50.08
C ILE B 79 42.62 23.02 -51.10
N LYS B 80 43.63 22.74 -51.94
CA LYS B 80 43.51 21.68 -52.95
C LYS B 80 43.33 20.31 -52.31
N ALA B 81 43.98 20.06 -51.17
CA ALA B 81 43.86 18.80 -50.44
C ALA B 81 42.48 18.60 -49.77
N GLY B 82 41.75 19.69 -49.52
CA GLY B 82 40.42 19.61 -48.96
C GLY B 82 40.07 20.48 -47.77
N MET B 83 40.99 21.35 -47.30
CA MET B 83 40.70 22.24 -46.17
C MET B 83 39.50 23.15 -46.49
N ASN B 84 38.48 23.17 -45.62
CA ASN B 84 37.29 24.00 -45.83
C ASN B 84 37.22 25.16 -44.86
N ILE B 85 37.79 24.98 -43.64
CA ILE B 85 37.77 25.99 -42.59
C ILE B 85 39.18 26.13 -42.01
N ALA B 86 39.68 27.37 -41.90
CA ALA B 86 40.99 27.63 -41.33
C ALA B 86 40.79 28.11 -39.89
N ARG B 87 41.39 27.41 -38.93
CA ARG B 87 41.26 27.75 -37.51
C ARG B 87 42.49 28.54 -37.01
N LEU B 88 42.24 29.67 -36.36
CA LEU B 88 43.29 30.50 -35.78
C LEU B 88 43.18 30.31 -34.29
N ASN B 89 44.20 29.72 -33.69
CA ASN B 89 44.18 29.46 -32.25
C ASN B 89 44.74 30.66 -31.49
N PHE B 90 43.87 31.44 -30.87
CA PHE B 90 44.29 32.64 -30.14
C PHE B 90 44.91 32.35 -28.76
N SER B 91 45.13 31.07 -28.41
CA SER B 91 45.86 30.73 -27.19
C SER B 91 47.36 31.12 -27.36
N HIS B 92 47.85 31.21 -28.61
CA HIS B 92 49.24 31.57 -28.91
C HIS B 92 49.26 32.60 -30.05
N GLY B 93 50.32 33.40 -30.11
CA GLY B 93 50.48 34.39 -31.16
C GLY B 93 49.79 35.71 -30.92
N SER B 94 50.38 36.77 -31.46
CA SER B 94 49.86 38.13 -31.31
C SER B 94 48.77 38.43 -32.34
N HIS B 95 48.09 39.58 -32.21
CA HIS B 95 47.10 40.02 -33.19
C HIS B 95 47.77 40.23 -34.55
N GLU B 96 49.01 40.75 -34.57
CA GLU B 96 49.75 40.97 -35.82
C GLU B 96 50.03 39.64 -36.53
N TYR B 97 50.38 38.60 -35.76
CA TYR B 97 50.65 37.27 -36.32
C TYR B 97 49.36 36.70 -36.95
N HIS B 98 48.24 36.77 -36.22
CA HIS B 98 46.96 36.25 -36.71
C HIS B 98 46.42 37.04 -37.90
N ALA B 99 46.64 38.37 -37.94
CA ALA B 99 46.21 39.19 -39.08
C ALA B 99 46.96 38.76 -40.35
N GLU B 100 48.26 38.43 -40.22
CA GLU B 100 49.05 37.98 -41.35
C GLU B 100 48.60 36.59 -41.81
N SER B 101 48.24 35.71 -40.85
CA SER B 101 47.71 34.38 -41.19
C SER B 101 46.42 34.51 -42.00
N ILE B 102 45.50 35.41 -41.56
CA ILE B 102 44.23 35.70 -42.24
C ILE B 102 44.49 36.22 -43.66
N ALA B 103 45.41 37.18 -43.81
CA ALA B 103 45.76 37.74 -45.11
C ALA B 103 46.29 36.65 -46.05
N ASN B 104 47.14 35.76 -45.53
CA ASN B 104 47.70 34.67 -46.34
C ASN B 104 46.62 33.67 -46.77
N VAL B 105 45.68 33.34 -45.87
CA VAL B 105 44.56 32.44 -46.21
C VAL B 105 43.72 33.08 -47.33
N ARG B 106 43.34 34.36 -47.16
CA ARG B 106 42.55 35.05 -48.17
C ARG B 106 43.27 35.18 -49.51
N GLU B 107 44.60 35.38 -49.50
CA GLU B 107 45.35 35.44 -50.75
C GLU B 107 45.34 34.08 -51.44
N ALA B 108 45.53 33.00 -50.69
CA ALA B 108 45.50 31.66 -51.25
C ALA B 108 44.10 31.32 -51.80
N VAL B 109 43.04 31.65 -51.06
CA VAL B 109 41.65 31.38 -51.48
C VAL B 109 41.32 32.14 -52.75
N GLU B 110 41.65 33.44 -52.79
CA GLU B 110 41.35 34.28 -53.94
C GLU B 110 42.20 33.98 -55.15
N SER B 111 43.31 33.24 -55.02
CA SER B 111 44.10 32.84 -56.18
C SER B 111 43.32 31.91 -57.14
N PHE B 112 42.21 31.30 -56.67
CA PHE B 112 41.36 30.43 -57.48
C PHE B 112 40.05 31.15 -57.96
N ALA B 113 39.84 32.43 -57.58
CA ALA B 113 38.61 33.20 -57.91
C ALA B 113 38.46 33.59 -59.38
N GLY B 114 39.54 33.46 -60.14
CA GLY B 114 39.56 33.75 -61.58
C GLY B 114 38.63 32.84 -62.37
N SER B 115 38.27 31.70 -61.80
CA SER B 115 37.33 30.78 -62.42
C SER B 115 36.16 30.58 -61.48
N PRO B 116 35.13 31.43 -61.64
CA PRO B 116 33.94 31.32 -60.79
C PRO B 116 33.24 29.96 -60.73
N LEU B 117 33.35 29.16 -61.80
CA LEU B 117 32.70 27.85 -61.82
C LEU B 117 33.37 26.79 -60.93
N SER B 118 34.57 27.07 -60.41
CA SER B 118 35.28 26.13 -59.54
C SER B 118 35.74 26.70 -58.17
N TYR B 119 36.01 28.03 -58.02
CA TYR B 119 36.42 28.71 -56.76
C TYR B 119 35.87 28.03 -55.49
N ARG B 120 36.69 27.83 -54.46
CA ARG B 120 36.20 27.20 -53.22
C ARG B 120 36.27 28.13 -52.06
N PRO B 121 35.12 28.53 -51.50
CA PRO B 121 35.16 29.38 -50.30
C PRO B 121 35.80 28.64 -49.12
N VAL B 122 36.55 29.36 -48.28
CA VAL B 122 37.20 28.81 -47.08
C VAL B 122 36.82 29.70 -45.92
N ALA B 123 36.19 29.14 -44.88
CA ALA B 123 35.80 29.94 -43.72
C ALA B 123 36.99 30.22 -42.80
N ILE B 124 36.91 31.32 -42.04
CA ILE B 124 37.97 31.66 -41.09
C ILE B 124 37.36 31.62 -39.71
N ALA B 125 37.91 30.79 -38.83
CA ALA B 125 37.39 30.59 -37.50
C ALA B 125 38.40 31.05 -36.45
N LEU B 126 37.93 31.76 -35.44
CA LEU B 126 38.78 32.27 -34.37
C LEU B 126 38.49 31.42 -33.14
N ASP B 127 39.51 30.74 -32.62
CA ASP B 127 39.36 29.91 -31.43
C ASP B 127 39.92 30.69 -30.25
N THR B 128 39.08 31.00 -29.27
CA THR B 128 39.48 31.83 -28.13
C THR B 128 40.39 31.14 -27.13
N LYS B 129 41.18 31.95 -26.39
CA LYS B 129 42.09 31.47 -25.36
C LYS B 129 41.29 30.86 -24.21
N GLY B 130 40.18 31.48 -23.85
CA GLY B 130 39.33 30.96 -22.79
C GLY B 130 39.33 31.77 -21.50
N PRO B 131 38.50 31.32 -20.55
CA PRO B 131 38.38 32.06 -19.28
C PRO B 131 39.53 31.90 -18.29
N GLY B 132 40.30 30.82 -18.43
CA GLY B 132 41.38 30.51 -17.52
C GLY B 132 40.84 30.20 -16.14
N SER B 133 41.36 30.88 -15.11
CA SER B 133 40.87 30.70 -13.75
C SER B 133 39.61 31.54 -13.43
N GLY B 134 39.22 32.44 -14.33
CA GLY B 134 38.06 33.30 -14.13
C GLY B 134 36.72 32.60 -14.26
N PRO B 135 35.64 33.28 -13.86
CA PRO B 135 34.31 32.65 -13.93
C PRO B 135 33.58 32.78 -15.26
N GLY B 136 34.02 33.70 -16.10
CA GLY B 136 33.38 33.97 -17.39
C GLY B 136 34.31 34.60 -18.41
N LEU B 137 33.78 35.49 -19.27
CA LEU B 137 34.55 36.11 -20.35
C LEU B 137 35.75 36.95 -19.88
N SER B 138 36.96 36.50 -20.23
CA SER B 138 38.20 37.17 -19.88
C SER B 138 38.42 38.46 -20.68
N GLU B 139 39.30 39.37 -20.19
CA GLU B 139 39.60 40.61 -20.89
C GLU B 139 40.34 40.36 -22.20
N GLN B 140 41.21 39.33 -22.25
CA GLN B 140 41.90 38.99 -23.49
C GLN B 140 40.89 38.50 -24.54
N ASP B 141 39.89 37.71 -24.12
CA ASP B 141 38.87 37.24 -25.05
C ASP B 141 38.04 38.39 -25.61
N VAL B 142 37.76 39.43 -24.80
CA VAL B 142 37.02 40.60 -25.29
C VAL B 142 37.82 41.29 -26.41
N ARG B 143 39.14 41.46 -26.20
CA ARG B 143 40.00 42.07 -27.22
C ARG B 143 40.14 41.20 -28.47
N ASP B 144 40.25 39.88 -28.29
CA ASP B 144 40.39 38.96 -29.42
C ASP B 144 39.10 38.87 -30.22
N LEU B 145 37.93 38.90 -29.56
CA LEU B 145 36.65 38.87 -30.26
C LEU B 145 36.44 40.16 -31.05
N ARG B 146 36.91 41.32 -30.52
CA ARG B 146 36.83 42.59 -31.24
C ARG B 146 37.73 42.54 -32.48
N PHE B 147 38.92 41.91 -32.36
CA PHE B 147 39.82 41.71 -33.50
C PHE B 147 39.11 40.85 -34.57
N GLY B 148 38.43 39.80 -34.14
CA GLY B 148 37.69 38.91 -35.02
C GLY B 148 36.64 39.63 -35.85
N VAL B 149 35.85 40.49 -35.21
CA VAL B 149 34.83 41.28 -35.90
C VAL B 149 35.48 42.26 -36.88
N GLU B 150 36.56 42.95 -36.44
CA GLU B 150 37.26 43.90 -37.29
C GLU B 150 37.91 43.24 -38.51
N HIS B 151 38.34 41.97 -38.37
CA HIS B 151 38.95 41.25 -39.48
C HIS B 151 37.98 40.35 -40.25
N GLY B 152 36.68 40.43 -39.97
CA GLY B 152 35.65 39.71 -40.68
C GLY B 152 35.69 38.20 -40.59
N VAL B 153 35.99 37.66 -39.40
CA VAL B 153 35.99 36.19 -39.23
C VAL B 153 34.56 35.66 -39.36
N ASP B 154 34.41 34.41 -39.80
CA ASP B 154 33.10 33.82 -40.03
C ASP B 154 32.53 33.10 -38.83
N ILE B 155 33.42 32.50 -38.02
CA ILE B 155 33.06 31.65 -36.92
C ILE B 155 33.93 31.91 -35.71
N VAL B 156 33.37 31.74 -34.53
CA VAL B 156 34.12 31.78 -33.29
C VAL B 156 33.97 30.39 -32.63
N PHE B 157 35.09 29.77 -32.26
CA PHE B 157 35.09 28.53 -31.49
C PHE B 157 35.33 29.02 -30.06
N ALA B 158 34.28 29.09 -29.25
CA ALA B 158 34.40 29.63 -27.89
C ALA B 158 34.87 28.60 -26.88
N SER B 159 36.07 28.80 -26.33
CA SER B 159 36.67 27.86 -25.38
C SER B 159 36.00 27.80 -24.01
N PHE B 160 35.96 26.58 -23.45
CA PHE B 160 35.44 26.28 -22.12
C PHE B 160 34.06 26.88 -21.85
N VAL B 161 33.09 26.62 -22.73
CA VAL B 161 31.72 27.06 -22.51
C VAL B 161 31.11 26.13 -21.46
N ARG B 162 30.65 26.71 -20.35
CA ARG B 162 30.10 25.94 -19.24
C ARG B 162 28.61 26.15 -19.01
N LYS B 163 28.04 27.21 -19.57
CA LYS B 163 26.64 27.56 -19.37
C LYS B 163 26.16 28.55 -20.46
N ALA B 164 24.85 28.72 -20.57
CA ALA B 164 24.25 29.62 -21.57
C ALA B 164 24.74 31.07 -21.46
N SER B 165 24.99 31.56 -20.23
CA SER B 165 25.46 32.94 -20.05
C SER B 165 26.85 33.16 -20.65
N ASP B 166 27.67 32.09 -20.78
CA ASP B 166 28.98 32.20 -21.41
C ASP B 166 28.81 32.56 -22.89
N VAL B 167 27.85 31.93 -23.59
CA VAL B 167 27.69 32.22 -25.03
C VAL B 167 27.02 33.62 -25.19
N ALA B 168 26.16 34.03 -24.25
CA ALA B 168 25.58 35.39 -24.30
C ALA B 168 26.69 36.45 -24.18
N ALA B 169 27.69 36.20 -23.33
CA ALA B 169 28.82 37.11 -23.16
C ALA B 169 29.67 37.18 -24.43
N VAL B 170 29.86 36.04 -25.12
CA VAL B 170 30.62 36.01 -26.37
C VAL B 170 29.88 36.82 -27.43
N ARG B 171 28.55 36.62 -27.52
CA ARG B 171 27.69 37.32 -28.46
CA ARG B 171 27.70 37.33 -28.46
C ARG B 171 27.76 38.83 -28.23
N ALA B 172 27.71 39.26 -26.95
CA ALA B 172 27.78 40.69 -26.59
C ALA B 172 29.12 41.29 -26.96
N ALA B 173 30.22 40.55 -26.75
CA ALA B 173 31.57 41.01 -27.09
C ALA B 173 31.79 41.16 -28.60
N LEU B 174 31.00 40.46 -29.43
CA LEU B 174 31.07 40.60 -30.88
C LEU B 174 30.39 41.92 -31.36
N GLY B 175 29.58 42.54 -30.52
CA GLY B 175 28.94 43.82 -30.82
C GLY B 175 27.85 43.78 -31.87
N PRO B 176 27.35 44.96 -32.26
CA PRO B 176 26.29 45.00 -33.28
C PRO B 176 26.77 44.63 -34.69
N GLU B 177 28.08 44.78 -34.97
CA GLU B 177 28.62 44.43 -36.28
C GLU B 177 28.93 42.93 -36.45
N GLY B 178 28.91 42.16 -35.36
CA GLY B 178 29.22 40.73 -35.42
C GLY B 178 28.03 39.81 -35.23
N HIS B 179 26.81 40.29 -35.56
CA HIS B 179 25.58 39.51 -35.43
C HIS B 179 25.53 38.28 -36.35
N GLY B 180 26.22 38.35 -37.48
CA GLY B 180 26.23 37.26 -38.45
C GLY B 180 27.29 36.19 -38.19
N ILE B 181 28.20 36.41 -37.25
CA ILE B 181 29.25 35.44 -36.92
C ILE B 181 28.65 34.23 -36.19
N LYS B 182 29.02 33.00 -36.61
CA LYS B 182 28.50 31.79 -35.97
C LYS B 182 29.30 31.48 -34.69
N ILE B 183 28.60 31.18 -33.59
CA ILE B 183 29.27 30.82 -32.35
C ILE B 183 29.18 29.30 -32.13
N ILE B 184 30.31 28.63 -32.15
CA ILE B 184 30.42 27.19 -31.92
C ILE B 184 30.98 27.03 -30.53
N SER B 185 30.17 26.54 -29.60
CA SER B 185 30.60 26.38 -28.22
C SER B 185 31.47 25.13 -28.00
N LYS B 186 32.67 25.31 -27.41
CA LYS B 186 33.54 24.18 -27.13
C LYS B 186 33.20 23.58 -25.76
N ILE B 187 32.86 22.28 -25.74
CA ILE B 187 32.54 21.57 -24.51
C ILE B 187 33.83 20.86 -24.10
N GLU B 188 34.40 21.30 -22.97
CA GLU B 188 35.72 20.86 -22.53
C GLU B 188 35.80 20.35 -21.10
N ASN B 189 34.68 20.34 -20.37
CA ASN B 189 34.71 19.89 -18.96
C ASN B 189 33.38 19.28 -18.52
N HIS B 190 33.32 18.78 -17.28
CA HIS B 190 32.11 18.14 -16.75
C HIS B 190 30.91 19.05 -16.77
N GLU B 191 31.07 20.32 -16.35
CA GLU B 191 29.94 21.26 -16.33
C GLU B 191 29.36 21.50 -17.71
N GLY B 192 30.21 21.65 -18.73
CA GLY B 192 29.73 21.83 -20.10
C GLY B 192 28.91 20.65 -20.59
N VAL B 193 29.32 19.42 -20.22
CA VAL B 193 28.56 18.22 -20.60
C VAL B 193 27.20 18.19 -19.88
N LYS B 194 27.20 18.47 -18.57
CA LYS B 194 25.97 18.47 -17.78
C LYS B 194 24.98 19.56 -18.18
N ARG B 195 25.48 20.72 -18.56
CA ARG B 195 24.62 21.82 -19.01
C ARG B 195 24.55 21.92 -20.53
N PHE B 196 24.82 20.81 -21.24
CA PHE B 196 24.82 20.74 -22.69
C PHE B 196 23.55 21.29 -23.34
N ASP B 197 22.35 20.87 -22.88
CA ASP B 197 21.12 21.30 -23.51
C ASP B 197 20.93 22.82 -23.51
N GLU B 198 21.22 23.48 -22.38
CA GLU B 198 21.09 24.93 -22.32
C GLU B 198 22.12 25.64 -23.20
N ILE B 199 23.33 25.05 -23.33
CA ILE B 199 24.38 25.62 -24.16
C ILE B 199 24.02 25.49 -25.63
N LEU B 200 23.58 24.29 -26.07
CA LEU B 200 23.22 24.06 -27.45
C LEU B 200 22.09 24.97 -27.90
N GLU B 201 21.09 25.17 -27.03
CA GLU B 201 19.93 26.02 -27.33
C GLU B 201 20.31 27.43 -27.79
N VAL B 202 21.33 28.02 -27.18
CA VAL B 202 21.76 29.39 -27.54
C VAL B 202 22.98 29.46 -28.48
N SER B 203 23.59 28.31 -28.82
CA SER B 203 24.75 28.29 -29.69
C SER B 203 24.34 27.96 -31.13
N ASP B 204 25.20 28.30 -32.09
CA ASP B 204 24.96 27.89 -33.48
C ASP B 204 25.40 26.41 -33.71
N GLY B 205 26.29 25.92 -32.86
CA GLY B 205 26.80 24.55 -32.94
C GLY B 205 27.74 24.25 -31.80
N ILE B 206 28.36 23.06 -31.84
CA ILE B 206 29.20 22.60 -30.74
C ILE B 206 30.51 22.00 -31.25
N MET B 207 31.57 22.10 -30.45
CA MET B 207 32.81 21.40 -30.72
C MET B 207 33.06 20.47 -29.53
N VAL B 208 33.29 19.19 -29.81
CA VAL B 208 33.66 18.21 -28.79
C VAL B 208 35.19 18.39 -28.69
N ALA B 209 35.64 19.20 -27.73
CA ALA B 209 37.06 19.54 -27.59
C ALA B 209 37.70 18.49 -26.69
N ARG B 210 38.10 17.37 -27.31
CA ARG B 210 38.55 16.18 -26.61
C ARG B 210 39.85 16.30 -25.83
N GLY B 211 40.73 17.25 -26.18
CA GLY B 211 41.99 17.44 -25.46
C GLY B 211 41.75 17.77 -24.00
N ASP B 212 41.10 18.92 -23.74
CA ASP B 212 40.77 19.30 -22.38
C ASP B 212 39.71 18.39 -21.79
N LEU B 213 38.73 17.94 -22.59
CA LEU B 213 37.67 17.05 -22.07
C LEU B 213 38.29 15.75 -21.48
N GLY B 214 39.31 15.22 -22.15
CA GLY B 214 40.02 14.01 -21.75
C GLY B 214 40.89 14.12 -20.52
N ILE B 215 41.11 15.34 -20.04
CA ILE B 215 41.86 15.61 -18.80
C ILE B 215 40.87 16.05 -17.68
N GLU B 216 39.74 16.68 -18.05
CA GLU B 216 38.71 17.15 -17.12
C GLU B 216 37.81 16.03 -16.63
N ILE B 217 37.52 15.05 -17.51
CA ILE B 217 36.74 13.87 -17.14
C ILE B 217 37.62 12.63 -17.41
N PRO B 218 37.31 11.44 -16.83
CA PRO B 218 38.14 10.25 -17.12
C PRO B 218 38.28 9.99 -18.62
N ALA B 219 39.50 9.71 -19.08
CA ALA B 219 39.80 9.48 -20.49
C ALA B 219 38.90 8.42 -21.12
N GLU B 220 38.57 7.38 -20.36
CA GLU B 220 37.71 6.29 -20.81
C GLU B 220 36.24 6.67 -20.98
N LYS B 221 35.84 7.89 -20.57
CA LYS B 221 34.45 8.33 -20.72
C LYS B 221 34.27 9.32 -21.89
N VAL B 222 35.36 9.82 -22.50
CA VAL B 222 35.26 10.81 -23.59
C VAL B 222 34.40 10.32 -24.74
N PHE B 223 34.53 9.04 -25.15
CA PHE B 223 33.70 8.54 -26.26
C PHE B 223 32.20 8.65 -25.99
N LEU B 224 31.78 8.52 -24.71
CA LEU B 224 30.36 8.62 -24.34
C LEU B 224 29.89 10.06 -24.54
N ALA B 225 30.70 11.03 -24.10
CA ALA B 225 30.39 12.45 -24.24
C ALA B 225 30.35 12.81 -25.71
N GLN B 226 31.31 12.32 -26.50
CA GLN B 226 31.33 12.58 -27.94
C GLN B 226 30.08 12.06 -28.63
N LYS B 227 29.74 10.77 -28.43
CA LYS B 227 28.59 10.19 -29.10
C LYS B 227 27.28 10.83 -28.69
N MET B 228 27.14 11.20 -27.40
CA MET B 228 25.94 11.86 -26.89
C MET B 228 25.81 13.26 -27.52
N MET B 229 26.88 14.04 -27.52
CA MET B 229 26.83 15.40 -28.07
C MET B 229 26.57 15.42 -29.57
N ILE B 230 27.18 14.47 -30.31
CA ILE B 230 26.93 14.37 -31.74
C ILE B 230 25.46 13.99 -31.98
N GLY B 231 24.94 13.01 -31.23
CA GLY B 231 23.55 12.61 -31.35
C GLY B 231 22.58 13.76 -31.09
N ARG B 232 22.81 14.51 -30.00
CA ARG B 232 21.95 15.65 -29.66
C ARG B 232 22.04 16.77 -30.69
N CYS B 233 23.24 17.02 -31.25
CA CYS B 233 23.38 18.05 -32.30
C CYS B 233 22.67 17.61 -33.57
N ASN B 234 22.79 16.31 -33.92
CA ASN B 234 22.09 15.78 -35.10
C ASN B 234 20.57 15.91 -34.91
N LEU B 235 20.08 15.62 -33.70
CA LEU B 235 18.65 15.73 -33.38
C LEU B 235 18.19 17.19 -33.53
N ALA B 236 19.02 18.14 -33.07
CA ALA B 236 18.71 19.58 -33.16
C ALA B 236 18.96 20.19 -34.54
N GLY B 237 19.65 19.49 -35.43
CA GLY B 237 19.99 20.00 -36.75
C GLY B 237 21.02 21.13 -36.70
N LYS B 238 21.91 21.08 -35.70
CA LYS B 238 22.97 22.09 -35.55
C LYS B 238 24.33 21.45 -35.74
N PRO B 239 25.28 22.16 -36.36
CA PRO B 239 26.59 21.56 -36.61
C PRO B 239 27.38 21.13 -35.39
N VAL B 240 28.07 19.99 -35.52
CA VAL B 240 28.92 19.49 -34.44
C VAL B 240 30.30 19.13 -35.02
N VAL B 241 31.36 19.54 -34.32
CA VAL B 241 32.73 19.30 -34.74
C VAL B 241 33.39 18.29 -33.79
N CYS B 242 34.11 17.30 -34.35
CA CYS B 242 34.92 16.41 -33.52
C CYS B 242 36.35 16.91 -33.64
N ALA B 243 37.01 17.09 -32.49
CA ALA B 243 38.36 17.66 -32.50
C ALA B 243 39.35 16.92 -31.62
N THR B 244 40.66 17.10 -31.94
CA THR B 244 41.88 16.84 -31.17
C THR B 244 42.40 15.41 -31.15
N GLN B 245 43.67 15.28 -31.57
CA GLN B 245 44.44 14.05 -31.66
C GLN B 245 43.87 13.02 -32.64
N MET B 246 43.06 13.47 -33.61
CA MET B 246 42.48 12.53 -34.58
C MET B 246 43.52 11.81 -35.41
N LEU B 247 44.58 12.53 -35.83
CA LEU B 247 45.68 11.94 -36.61
C LEU B 247 47.02 12.36 -35.97
N GLU B 248 47.06 12.39 -34.62
CA GLU B 248 48.20 12.87 -33.85
C GLU B 248 49.58 12.41 -34.31
N SER B 249 49.75 11.10 -34.60
CA SER B 249 51.06 10.59 -35.00
C SER B 249 51.60 11.22 -36.29
N MET B 250 50.72 11.80 -37.13
CA MET B 250 51.15 12.46 -38.35
C MET B 250 51.85 13.82 -38.11
N ILE B 251 51.94 14.28 -36.85
CA ILE B 251 52.76 15.44 -36.51
C ILE B 251 54.23 15.12 -36.87
N THR B 252 54.63 13.83 -36.69
CA THR B 252 55.99 13.41 -36.98
C THR B 252 56.11 12.42 -38.13
N LYS B 253 55.11 11.54 -38.33
CA LYS B 253 55.19 10.49 -39.36
C LYS B 253 54.29 10.78 -40.55
N PRO B 254 54.66 10.28 -41.74
CA PRO B 254 53.83 10.53 -42.94
C PRO B 254 52.55 9.71 -43.02
N ARG B 255 52.43 8.64 -42.23
CA ARG B 255 51.26 7.76 -42.22
C ARG B 255 50.71 7.62 -40.79
N PRO B 256 49.38 7.57 -40.62
CA PRO B 256 48.82 7.50 -39.27
C PRO B 256 48.75 6.07 -38.72
N THR B 257 48.37 5.94 -37.43
CA THR B 257 48.22 4.62 -36.82
C THR B 257 46.84 4.03 -37.20
N ARG B 258 46.63 2.73 -36.90
CA ARG B 258 45.34 2.09 -37.16
C ARG B 258 44.25 2.69 -36.27
N ALA B 259 44.59 3.12 -35.04
CA ALA B 259 43.59 3.74 -34.15
C ALA B 259 43.14 5.10 -34.68
N GLU B 260 44.06 5.84 -35.31
CA GLU B 260 43.77 7.17 -35.84
C GLU B 260 42.85 7.13 -37.05
N THR B 261 43.09 6.21 -38.00
CA THR B 261 42.16 6.08 -39.14
C THR B 261 40.78 5.65 -38.64
N SER B 262 40.75 4.74 -37.66
CA SER B 262 39.51 4.26 -37.05
C SER B 262 38.76 5.45 -36.38
N ASP B 263 39.48 6.29 -35.64
CA ASP B 263 38.90 7.43 -34.95
C ASP B 263 38.22 8.40 -35.91
N VAL B 264 38.89 8.73 -37.02
CA VAL B 264 38.34 9.62 -38.03
C VAL B 264 37.07 8.99 -38.64
N ALA B 265 37.15 7.69 -39.03
CA ALA B 265 36.00 7.01 -39.63
C ALA B 265 34.81 6.98 -38.67
N ASN B 266 35.05 6.68 -37.39
CA ASN B 266 34.01 6.61 -36.38
C ASN B 266 33.41 7.96 -36.04
N ALA B 267 34.19 9.06 -36.12
CA ALA B 267 33.62 10.39 -35.87
C ALA B 267 32.61 10.72 -36.98
N VAL B 268 32.94 10.37 -38.24
CA VAL B 268 32.03 10.59 -39.35
C VAL B 268 30.78 9.70 -39.21
N LEU B 269 30.99 8.39 -38.90
CA LEU B 269 29.85 7.49 -38.70
C LEU B 269 28.96 7.95 -37.53
N ASP B 270 29.55 8.49 -36.45
CA ASP B 270 28.79 8.99 -35.30
C ASP B 270 27.81 10.09 -35.72
N GLY B 271 28.21 10.90 -36.71
CA GLY B 271 27.40 11.99 -37.21
C GLY B 271 28.06 13.36 -37.21
N ALA B 272 29.39 13.43 -37.01
CA ALA B 272 30.07 14.74 -36.98
C ALA B 272 29.92 15.49 -38.31
N ASP B 273 29.56 16.77 -38.25
CA ASP B 273 29.49 17.59 -39.46
C ASP B 273 30.89 18.00 -39.91
N CYS B 274 31.81 18.23 -38.96
CA CYS B 274 33.20 18.61 -39.24
C CYS B 274 34.15 17.77 -38.45
N ILE B 275 35.36 17.59 -38.98
CA ILE B 275 36.47 16.93 -38.28
C ILE B 275 37.65 17.94 -38.30
N MET B 276 38.51 17.87 -37.29
CA MET B 276 39.55 18.88 -37.12
C MET B 276 40.96 18.34 -37.02
N LEU B 277 41.93 19.19 -37.38
CA LEU B 277 43.36 18.95 -37.26
C LEU B 277 43.92 20.15 -36.47
N SER B 278 44.75 19.87 -35.47
CA SER B 278 45.34 20.89 -34.63
C SER B 278 46.86 20.91 -34.85
N GLY B 279 47.66 20.26 -34.00
CA GLY B 279 49.10 20.19 -34.17
C GLY B 279 49.51 19.56 -35.49
N GLU B 280 48.65 18.64 -36.02
CA GLU B 280 48.90 17.98 -37.31
C GLU B 280 49.11 18.98 -38.44
N THR B 281 48.41 20.12 -38.41
CA THR B 281 48.58 21.13 -39.46
C THR B 281 49.28 22.40 -38.98
N ALA B 282 49.16 22.73 -37.67
CA ALA B 282 49.78 23.96 -37.17
C ALA B 282 51.30 23.88 -37.11
N LYS B 283 51.84 22.75 -36.63
CA LYS B 283 53.29 22.64 -36.46
C LYS B 283 53.93 21.36 -36.97
N GLY B 284 53.11 20.42 -37.43
CA GLY B 284 53.58 19.12 -37.89
C GLY B 284 54.42 19.12 -39.16
N ASN B 285 55.09 17.99 -39.39
CA ASN B 285 55.93 17.74 -40.55
C ASN B 285 55.14 17.46 -41.81
N PHE B 286 53.84 17.07 -41.69
CA PHE B 286 53.05 16.67 -42.85
C PHE B 286 51.63 17.28 -42.87
N PRO B 287 51.50 18.63 -42.85
CA PRO B 287 50.15 19.24 -42.82
C PRO B 287 49.25 18.88 -43.99
N VAL B 288 49.78 18.90 -45.22
CA VAL B 288 48.99 18.60 -46.42
C VAL B 288 48.55 17.12 -46.42
N GLU B 289 49.46 16.22 -46.07
CA GLU B 289 49.16 14.79 -46.00
C GLU B 289 48.08 14.50 -44.94
N ALA B 290 48.07 15.25 -43.83
CA ALA B 290 47.06 15.06 -42.77
C ALA B 290 45.67 15.43 -43.31
N VAL B 291 45.58 16.54 -44.07
CA VAL B 291 44.32 16.96 -44.70
C VAL B 291 43.88 15.90 -45.70
N LYS B 292 44.82 15.40 -46.53
CA LYS B 292 44.50 14.38 -47.53
C LYS B 292 44.00 13.08 -46.88
N MET B 293 44.56 12.73 -45.71
CA MET B 293 44.16 11.50 -45.02
C MET B 293 42.75 11.65 -44.46
N GLN B 294 42.43 12.81 -43.85
CA GLN B 294 41.06 13.04 -43.36
C GLN B 294 40.06 13.01 -44.50
N HIS B 295 40.43 13.59 -45.65
CA HIS B 295 39.55 13.57 -46.84
C HIS B 295 39.25 12.13 -47.27
N ALA B 296 40.31 11.30 -47.42
CA ALA B 296 40.17 9.93 -47.88
C ALA B 296 39.29 9.07 -46.96
N ILE B 297 39.52 9.18 -45.64
CA ILE B 297 38.74 8.41 -44.67
C ILE B 297 37.29 8.88 -44.63
N ALA B 298 37.09 10.22 -44.59
CA ALA B 298 35.73 10.77 -44.51
C ALA B 298 34.87 10.29 -45.68
N ARG B 299 35.43 10.24 -46.89
CA ARG B 299 34.68 9.79 -48.06
C ARG B 299 34.24 8.34 -47.94
N GLU B 300 35.12 7.49 -47.45
CA GLU B 300 34.80 6.07 -47.27
C GLU B 300 33.71 5.93 -46.21
N ALA B 301 33.84 6.65 -45.09
CA ALA B 301 32.90 6.53 -43.98
C ALA B 301 31.52 7.06 -44.30
N GLU B 302 31.44 8.13 -45.09
CA GLU B 302 30.16 8.71 -45.50
C GLU B 302 29.34 7.72 -46.32
N ALA B 303 30.00 6.96 -47.20
CA ALA B 303 29.33 5.96 -48.00
C ALA B 303 28.82 4.79 -47.14
N ALA B 304 29.49 4.49 -46.01
CA ALA B 304 29.13 3.41 -45.10
C ALA B 304 28.04 3.76 -44.10
N VAL B 305 27.51 5.00 -44.14
CA VAL B 305 26.42 5.39 -43.25
C VAL B 305 25.16 4.55 -43.62
N TYR B 306 24.43 4.05 -42.63
CA TYR B 306 23.24 3.22 -42.85
C TYR B 306 22.03 4.15 -42.98
N HIS B 307 21.90 4.82 -44.13
CA HIS B 307 20.84 5.79 -44.37
C HIS B 307 19.42 5.26 -44.15
N ARG B 308 19.18 3.97 -44.42
CA ARG B 308 17.85 3.39 -44.24
C ARG B 308 17.30 3.61 -42.82
N GLN B 309 18.07 3.26 -41.78
CA GLN B 309 17.60 3.47 -40.41
C GLN B 309 17.81 4.92 -39.98
N LEU B 310 18.92 5.54 -40.39
CA LEU B 310 19.20 6.93 -40.01
C LEU B 310 18.07 7.89 -40.43
N PHE B 311 17.66 7.84 -41.70
CA PHE B 311 16.60 8.72 -42.20
C PHE B 311 15.28 8.46 -41.46
N GLU B 312 14.94 7.18 -41.22
CA GLU B 312 13.72 6.84 -40.50
C GLU B 312 13.74 7.41 -39.08
N GLU B 313 14.91 7.33 -38.41
CA GLU B 313 15.02 7.86 -37.05
C GLU B 313 15.03 9.38 -37.01
N LEU B 314 15.66 10.05 -37.97
CA LEU B 314 15.68 11.51 -38.00
C LEU B 314 14.25 12.04 -38.23
N ARG B 315 13.47 11.37 -39.07
CA ARG B 315 12.08 11.79 -39.30
C ARG B 315 11.22 11.57 -38.06
N ARG B 316 11.35 10.41 -37.44
CA ARG B 316 10.56 10.07 -36.27
C ARG B 316 10.89 10.97 -35.07
N ALA B 317 12.18 11.31 -34.89
CA ALA B 317 12.59 12.10 -33.74
C ALA B 317 12.35 13.59 -33.93
N ALA B 318 12.46 14.08 -35.18
CA ALA B 318 12.26 15.51 -35.45
C ALA B 318 10.82 15.86 -35.18
N PRO B 319 10.59 16.87 -34.34
CA PRO B 319 9.20 17.25 -34.05
C PRO B 319 8.46 17.73 -35.30
N LEU B 320 7.13 17.69 -35.25
CA LEU B 320 6.30 18.20 -36.34
C LEU B 320 6.59 19.68 -36.56
N SER B 321 6.51 20.13 -37.81
CA SER B 321 6.83 21.52 -38.09
C SER B 321 5.87 22.17 -39.01
N ARG B 322 5.56 23.42 -38.73
CA ARG B 322 4.72 24.22 -39.61
C ARG B 322 5.57 25.25 -40.39
N ASP B 323 6.91 25.16 -40.31
CA ASP B 323 7.77 26.07 -41.03
C ASP B 323 7.92 25.52 -42.46
N PRO B 324 7.53 26.28 -43.49
CA PRO B 324 7.62 25.75 -44.87
C PRO B 324 9.01 25.36 -45.33
N THR B 325 10.08 26.02 -44.83
CA THR B 325 11.44 25.64 -45.23
C THR B 325 11.74 24.21 -44.72
N GLU B 326 11.34 23.92 -43.47
CA GLU B 326 11.52 22.63 -42.83
C GLU B 326 10.71 21.55 -43.55
N VAL B 327 9.45 21.86 -43.89
CA VAL B 327 8.56 20.95 -44.58
C VAL B 327 9.08 20.64 -45.99
N THR B 328 9.54 21.66 -46.71
CA THR B 328 10.09 21.46 -48.05
C THR B 328 11.37 20.62 -47.99
N ALA B 329 12.22 20.88 -46.98
CA ALA B 329 13.48 20.14 -46.84
C ALA B 329 13.26 18.63 -46.70
N ILE B 330 12.33 18.20 -45.85
CA ILE B 330 12.08 16.77 -45.67
C ILE B 330 11.49 16.15 -46.93
N GLY B 331 10.62 16.89 -47.63
CA GLY B 331 10.04 16.40 -48.88
C GLY B 331 11.12 16.21 -49.93
N ALA B 332 12.06 17.15 -50.01
CA ALA B 332 13.16 17.12 -50.98
C ALA B 332 14.13 15.96 -50.71
N VAL B 333 14.45 15.72 -49.44
CA VAL B 333 15.36 14.64 -49.07
C VAL B 333 14.69 13.29 -49.39
N GLU B 334 13.39 13.15 -49.09
CA GLU B 334 12.63 11.94 -49.39
C GLU B 334 12.64 11.70 -50.91
N ALA B 335 12.40 12.76 -51.69
CA ALA B 335 12.39 12.68 -53.16
C ALA B 335 13.77 12.27 -53.69
N ALA B 336 14.85 12.84 -53.12
CA ALA B 336 16.21 12.50 -53.55
C ALA B 336 16.50 11.00 -53.30
N PHE B 337 16.07 10.45 -52.16
CA PHE B 337 16.27 9.01 -51.89
C PHE B 337 15.46 8.14 -52.86
N LYS B 338 14.24 8.56 -53.22
CA LYS B 338 13.36 7.79 -54.10
C LYS B 338 13.97 7.55 -55.49
N CYS B 339 14.71 8.52 -56.03
CA CYS B 339 15.29 8.40 -57.38
C CYS B 339 16.80 8.28 -57.40
N CYS B 340 17.46 8.16 -56.22
CA CYS B 340 18.94 8.15 -56.14
C CYS B 340 19.51 9.43 -56.79
N ALA B 341 18.89 10.59 -56.54
CA ALA B 341 19.30 11.87 -57.14
C ALA B 341 20.78 12.15 -56.86
N ALA B 342 21.51 12.68 -57.83
CA ALA B 342 22.93 13.00 -57.64
C ALA B 342 23.09 14.20 -56.69
N ALA B 343 22.13 15.13 -56.75
CA ALA B 343 22.23 16.35 -55.96
C ALA B 343 20.85 16.98 -55.69
N ILE B 344 20.81 17.84 -54.66
CA ILE B 344 19.70 18.70 -54.35
C ILE B 344 20.29 20.10 -54.50
N ILE B 345 19.78 20.88 -55.47
CA ILE B 345 20.27 22.25 -55.67
C ILE B 345 19.35 23.17 -54.90
N VAL B 346 19.90 24.02 -54.04
CA VAL B 346 19.09 24.92 -53.22
C VAL B 346 19.58 26.37 -53.31
N LEU B 347 18.64 27.33 -53.41
CA LEU B 347 19.01 28.75 -53.37
C LEU B 347 18.90 29.19 -51.93
N THR B 348 19.92 29.88 -51.41
CA THR B 348 19.90 30.33 -50.03
C THR B 348 20.62 31.67 -49.83
N THR B 349 20.08 32.51 -48.97
CA THR B 349 20.68 33.83 -48.67
C THR B 349 21.57 33.74 -47.44
N THR B 350 21.08 33.08 -46.37
CA THR B 350 21.79 32.93 -45.10
C THR B 350 22.44 31.55 -44.88
N GLY B 351 22.07 30.58 -45.71
CA GLY B 351 22.50 29.20 -45.57
C GLY B 351 21.46 28.32 -44.92
N ARG B 352 20.41 28.93 -44.30
CA ARG B 352 19.40 28.19 -43.54
C ARG B 352 18.69 27.08 -44.32
N SER B 353 18.26 27.34 -45.57
CA SER B 353 17.58 26.31 -46.36
C SER B 353 18.50 25.11 -46.62
N ALA B 354 19.81 25.36 -46.80
CA ALA B 354 20.77 24.27 -47.00
C ALA B 354 20.99 23.50 -45.68
N GLN B 355 21.03 24.22 -44.55
CA GLN B 355 21.19 23.58 -43.24
C GLN B 355 20.02 22.64 -42.93
N LEU B 356 18.79 23.04 -43.30
CA LEU B 356 17.62 22.20 -43.03
C LEU B 356 17.56 20.96 -43.93
N LEU B 357 18.19 21.01 -45.11
CA LEU B 357 18.30 19.83 -45.97
C LEU B 357 19.37 18.90 -45.35
N SER B 358 20.51 19.47 -44.95
CA SER B 358 21.63 18.75 -44.34
C SER B 358 21.22 17.96 -43.09
N ARG B 359 20.32 18.50 -42.24
CA ARG B 359 19.89 17.83 -41.00
C ARG B 359 19.25 16.45 -41.23
N TYR B 360 18.70 16.21 -42.44
CA TYR B 360 18.10 14.90 -42.74
C TYR B 360 19.09 13.91 -43.34
N ARG B 361 20.38 14.30 -43.43
CA ARG B 361 21.47 13.48 -43.92
C ARG B 361 21.20 12.80 -45.25
N PRO B 362 20.87 13.58 -46.30
CA PRO B 362 20.69 12.94 -47.62
C PRO B 362 22.02 12.36 -48.12
N ARG B 363 21.93 11.34 -48.94
CA ARG B 363 23.09 10.80 -49.64
C ARG B 363 23.46 11.79 -50.78
N ALA B 364 22.45 12.44 -51.39
CA ALA B 364 22.66 13.43 -52.45
C ALA B 364 23.40 14.66 -51.91
N ALA B 365 24.33 15.20 -52.70
CA ALA B 365 25.06 16.43 -52.35
C ALA B 365 24.07 17.59 -52.32
N VAL B 366 24.22 18.50 -51.36
CA VAL B 366 23.38 19.69 -51.30
C VAL B 366 24.22 20.83 -51.92
N ILE B 367 23.91 21.20 -53.16
CA ILE B 367 24.63 22.25 -53.85
C ILE B 367 23.91 23.58 -53.54
N ALA B 368 24.54 24.43 -52.74
CA ALA B 368 23.93 25.67 -52.27
C ALA B 368 24.40 26.87 -53.06
N VAL B 369 23.49 27.48 -53.84
CA VAL B 369 23.80 28.67 -54.63
C VAL B 369 23.44 29.92 -53.84
N THR B 370 24.44 30.78 -53.59
CA THR B 370 24.22 31.98 -52.79
C THR B 370 25.01 33.17 -53.34
N ARG B 371 24.49 34.40 -53.11
CA ARG B 371 25.24 35.62 -53.43
C ARG B 371 26.08 36.06 -52.21
N SER B 372 25.78 35.54 -51.00
CA SER B 372 26.50 35.93 -49.80
C SER B 372 27.83 35.19 -49.67
N ALA B 373 28.95 35.93 -49.76
CA ALA B 373 30.28 35.34 -49.58
C ALA B 373 30.43 34.75 -48.17
N GLN B 374 29.89 35.44 -47.13
CA GLN B 374 29.95 34.93 -45.77
C GLN B 374 29.11 33.67 -45.57
N ALA B 375 27.90 33.61 -46.15
CA ALA B 375 27.07 32.40 -46.05
C ALA B 375 27.76 31.24 -46.78
N ALA B 376 28.40 31.50 -47.93
CA ALA B 376 29.13 30.46 -48.67
C ALA B 376 30.25 29.87 -47.80
N ARG B 377 30.94 30.71 -47.01
CA ARG B 377 31.99 30.23 -46.10
C ARG B 377 31.39 29.46 -44.92
N GLN B 378 30.35 30.02 -44.29
CA GLN B 378 29.75 29.42 -43.10
C GLN B 378 29.04 28.09 -43.32
N VAL B 379 28.44 27.85 -44.52
CA VAL B 379 27.72 26.57 -44.73
C VAL B 379 28.63 25.35 -44.73
N HIS B 380 29.96 25.54 -44.77
CA HIS B 380 30.89 24.42 -44.61
C HIS B 380 30.69 23.74 -43.23
N LEU B 381 30.05 24.42 -42.26
CA LEU B 381 29.78 23.82 -40.97
C LEU B 381 28.77 22.65 -41.05
N CYS B 382 27.92 22.62 -42.09
CA CYS B 382 26.84 21.65 -42.28
C CYS B 382 27.23 20.54 -43.20
N ARG B 383 27.15 19.28 -42.72
CA ARG B 383 27.53 18.16 -43.57
C ARG B 383 26.83 18.10 -44.92
N GLY B 384 27.61 17.89 -45.97
CA GLY B 384 27.08 17.69 -47.30
C GLY B 384 26.62 18.92 -48.05
N VAL B 385 26.97 20.11 -47.55
CA VAL B 385 26.61 21.36 -48.27
C VAL B 385 27.85 21.85 -49.03
N PHE B 386 27.69 22.01 -50.35
CA PHE B 386 28.74 22.44 -51.27
C PHE B 386 28.39 23.83 -51.79
N PRO B 387 29.03 24.87 -51.23
CA PRO B 387 28.66 26.24 -51.58
C PRO B 387 29.17 26.70 -52.94
N LEU B 388 28.30 27.38 -53.70
CA LEU B 388 28.64 27.99 -54.99
C LEU B 388 28.34 29.48 -54.86
N LEU B 389 29.37 30.32 -54.95
CA LEU B 389 29.19 31.75 -54.84
C LEU B 389 28.81 32.33 -56.21
N TYR B 390 27.59 32.88 -56.31
CA TYR B 390 27.04 33.45 -57.53
C TYR B 390 27.40 34.94 -57.55
N ARG B 391 28.07 35.39 -58.61
CA ARG B 391 28.53 36.78 -58.68
C ARG B 391 27.78 37.68 -59.67
N GLU B 392 26.91 37.11 -60.51
CA GLU B 392 26.18 37.91 -61.52
C GLU B 392 25.15 38.88 -60.94
N PRO B 393 25.06 40.09 -61.54
CA PRO B 393 24.07 41.07 -61.07
C PRO B 393 22.64 40.61 -61.32
N PRO B 394 21.69 41.07 -60.49
CA PRO B 394 20.31 40.60 -60.63
C PRO B 394 19.62 40.90 -61.94
N GLU B 395 18.87 39.92 -62.45
CA GLU B 395 18.02 40.08 -63.64
C GLU B 395 16.86 40.99 -63.26
N ALA B 396 16.28 41.69 -64.26
CA ALA B 396 15.16 42.60 -64.02
C ALA B 396 13.94 41.84 -63.50
N ILE B 397 13.66 40.66 -64.07
CA ILE B 397 12.52 39.86 -63.63
C ILE B 397 13.04 38.84 -62.60
N TRP B 398 12.52 38.89 -61.37
CA TRP B 398 12.95 37.99 -60.29
C TRP B 398 12.90 36.50 -60.64
N ALA B 399 11.82 36.03 -61.31
CA ALA B 399 11.72 34.63 -61.72
C ALA B 399 12.85 34.21 -62.67
N ASP B 400 13.30 35.13 -63.53
CA ASP B 400 14.42 34.86 -64.43
C ASP B 400 15.74 34.77 -63.64
N ASP B 401 15.89 35.62 -62.61
CA ASP B 401 17.09 35.61 -61.78
C ASP B 401 17.20 34.28 -60.99
N VAL B 402 16.04 33.76 -60.53
CA VAL B 402 15.98 32.48 -59.82
C VAL B 402 16.39 31.38 -60.79
N ASP B 403 15.82 31.37 -62.00
CA ASP B 403 16.14 30.38 -63.03
C ASP B 403 17.60 30.40 -63.41
N ARG B 404 18.20 31.59 -63.50
CA ARG B 404 19.63 31.69 -63.85
C ARG B 404 20.50 31.08 -62.76
N ARG B 405 20.14 31.26 -61.50
CA ARG B 405 20.91 30.69 -60.39
C ARG B 405 20.77 29.17 -60.35
N VAL B 406 19.57 28.65 -60.65
CA VAL B 406 19.37 27.20 -60.72
C VAL B 406 20.21 26.63 -61.87
N GLN B 407 20.20 27.31 -63.03
CA GLN B 407 20.99 26.88 -64.18
C GLN B 407 22.49 26.94 -63.87
N PHE B 408 22.94 27.93 -63.07
CA PHE B 408 24.34 28.05 -62.63
C PHE B 408 24.72 26.83 -61.77
N GLY B 409 23.80 26.40 -60.90
CA GLY B 409 24.04 25.23 -60.06
C GLY B 409 24.17 23.96 -60.89
N ILE B 410 23.30 23.83 -61.92
CA ILE B 410 23.31 22.67 -62.83
C ILE B 410 24.57 22.65 -63.69
N GLU B 411 24.92 23.79 -64.31
CA GLU B 411 26.10 23.88 -65.18
C GLU B 411 27.37 23.73 -64.38
N SER B 412 27.45 24.41 -63.22
CA SER B 412 28.61 24.30 -62.31
C SER B 412 28.73 22.86 -61.84
N GLY B 413 27.61 22.22 -61.52
CA GLY B 413 27.58 20.82 -61.12
C GLY B 413 28.11 19.91 -62.20
N LYS B 414 27.67 20.13 -63.45
CA LYS B 414 28.13 19.35 -64.61
C LYS B 414 29.61 19.60 -64.92
N LEU B 415 30.13 20.80 -64.61
CA LEU B 415 31.52 21.17 -64.82
C LEU B 415 32.40 21.04 -63.55
N ARG B 416 31.87 20.40 -62.50
CA ARG B 416 32.61 20.16 -61.25
C ARG B 416 32.62 18.70 -60.79
N GLY B 417 32.02 17.79 -61.54
CA GLY B 417 32.02 16.38 -61.18
C GLY B 417 30.73 15.84 -60.58
N PHE B 418 29.75 16.72 -60.32
CA PHE B 418 28.49 16.28 -59.70
C PHE B 418 27.41 15.69 -60.62
N LEU B 419 27.14 16.30 -61.79
CA LEU B 419 26.01 15.90 -62.63
C LEU B 419 26.34 15.48 -64.07
N ARG B 420 25.46 14.64 -64.66
CA ARG B 420 25.57 14.13 -66.02
C ARG B 420 24.19 14.19 -66.72
N VAL B 421 24.17 14.17 -68.07
CA VAL B 421 22.91 14.17 -68.84
C VAL B 421 22.10 12.93 -68.49
N GLY B 422 20.82 13.10 -68.18
CA GLY B 422 19.97 11.99 -67.80
C GLY B 422 19.77 11.86 -66.29
N ASP B 423 20.64 12.50 -65.49
CA ASP B 423 20.51 12.47 -64.03
C ASP B 423 19.24 13.21 -63.59
N LEU B 424 18.72 12.86 -62.41
CA LEU B 424 17.62 13.59 -61.82
C LEU B 424 18.22 14.41 -60.69
N VAL B 425 17.71 15.63 -60.57
CA VAL B 425 18.14 16.55 -59.56
C VAL B 425 16.90 17.11 -58.86
N ILE B 426 16.99 17.34 -57.54
CA ILE B 426 15.88 17.95 -56.80
C ILE B 426 16.26 19.42 -56.66
N VAL B 427 15.34 20.35 -56.98
CA VAL B 427 15.63 21.77 -56.90
C VAL B 427 14.74 22.44 -55.86
N VAL B 428 15.33 23.15 -54.91
CA VAL B 428 14.61 23.77 -53.81
C VAL B 428 14.73 25.30 -53.91
N THR B 429 13.58 25.98 -54.03
CA THR B 429 13.51 27.44 -54.17
C THR B 429 12.37 28.01 -53.29
N GLY B 430 12.13 29.33 -53.35
CA GLY B 430 11.08 30.00 -52.59
C GLY B 430 10.14 30.82 -53.46
N TRP B 431 9.06 31.33 -52.86
CA TRP B 431 8.02 32.05 -53.61
C TRP B 431 8.24 33.58 -53.75
N ARG B 432 9.16 34.15 -53.00
CA ARG B 432 9.45 35.59 -53.08
C ARG B 432 10.90 35.88 -52.66
N PRO B 433 11.47 37.05 -53.03
CA PRO B 433 12.86 37.34 -52.61
C PRO B 433 13.04 37.53 -51.12
N GLY B 434 14.28 37.41 -50.67
CA GLY B 434 14.60 37.54 -49.25
C GLY B 434 14.62 36.20 -48.56
N SER B 435 15.34 36.13 -47.44
CA SER B 435 15.48 34.93 -46.64
C SER B 435 14.17 34.52 -45.96
N GLY B 436 13.97 33.21 -45.75
CA GLY B 436 12.82 32.70 -44.99
C GLY B 436 11.60 32.24 -45.76
N TYR B 437 11.64 32.28 -47.09
CA TYR B 437 10.47 31.94 -47.90
C TYR B 437 10.62 30.69 -48.78
N THR B 438 11.57 29.79 -48.46
CA THR B 438 11.70 28.54 -49.24
C THR B 438 10.42 27.70 -49.05
N ASN B 439 9.81 27.25 -50.15
CA ASN B 439 8.58 26.47 -50.07
C ASN B 439 8.33 25.58 -51.29
N ILE B 440 9.28 25.47 -52.22
CA ILE B 440 9.08 24.71 -53.44
C ILE B 440 10.16 23.67 -53.68
N MET B 441 9.74 22.49 -54.11
CA MET B 441 10.65 21.42 -54.47
CA MET B 441 10.61 21.37 -54.45
C MET B 441 10.24 20.94 -55.86
N ARG B 442 11.20 20.84 -56.77
CA ARG B 442 10.92 20.40 -58.13
C ARG B 442 11.85 19.24 -58.52
N VAL B 443 11.34 18.32 -59.32
CA VAL B 443 12.12 17.20 -59.82
C VAL B 443 12.50 17.57 -61.26
N LEU B 444 13.79 17.71 -61.55
CA LEU B 444 14.25 18.08 -62.89
CA LEU B 444 14.26 18.10 -62.88
C LEU B 444 15.20 17.06 -63.49
N SER B 445 15.06 16.82 -64.80
CA SER B 445 15.93 15.90 -65.52
C SER B 445 17.03 16.73 -66.19
N ILE B 446 18.29 16.35 -65.99
CA ILE B 446 19.43 17.08 -66.54
C ILE B 446 19.58 16.84 -68.06
N SER B 447 19.62 17.92 -68.83
CA SER B 447 19.81 17.85 -70.28
C SER B 447 21.22 18.31 -70.67
N GLU C 21 15.67 -32.41 -42.51
CA GLU C 21 15.26 -32.76 -41.16
C GLU C 21 13.74 -32.67 -40.98
N LEU C 22 13.11 -31.58 -41.46
CA LEU C 22 11.65 -31.43 -41.36
C LEU C 22 10.98 -31.51 -42.74
N GLY C 23 11.67 -31.04 -43.78
CA GLY C 23 11.15 -31.08 -45.14
C GLY C 23 10.53 -29.77 -45.60
N THR C 24 10.47 -29.58 -46.92
CA THR C 24 9.87 -28.39 -47.53
C THR C 24 8.35 -28.37 -47.33
N ALA C 25 7.70 -29.55 -47.27
CA ALA C 25 6.26 -29.63 -47.08
C ALA C 25 5.86 -29.02 -45.74
N PHE C 26 6.67 -29.25 -44.69
CA PHE C 26 6.42 -28.71 -43.35
C PHE C 26 6.36 -27.18 -43.39
N PHE C 27 7.31 -26.56 -44.10
CA PHE C 27 7.39 -25.10 -44.17
C PHE C 27 6.39 -24.43 -45.13
N GLN C 28 5.58 -25.21 -45.84
CA GLN C 28 4.54 -24.65 -46.71
C GLN C 28 3.16 -24.62 -45.99
N GLN C 29 2.97 -25.46 -44.96
CA GLN C 29 1.75 -25.58 -44.19
C GLN C 29 1.64 -24.48 -43.12
N GLN C 30 0.46 -24.40 -42.46
CA GLN C 30 0.13 -23.49 -41.36
C GLN C 30 0.61 -22.04 -41.57
N GLN C 31 0.50 -21.54 -42.80
CA GLN C 31 0.89 -20.18 -43.17
C GLN C 31 2.33 -19.85 -42.77
N LEU C 32 3.24 -20.86 -42.76
CA LEU C 32 4.62 -20.62 -42.37
C LEU C 32 5.33 -19.62 -43.31
N PRO C 33 5.12 -19.58 -44.65
CA PRO C 33 5.75 -18.51 -45.46
C PRO C 33 5.31 -17.11 -44.98
N ALA C 34 4.02 -16.90 -44.65
CA ALA C 34 3.55 -15.60 -44.14
C ALA C 34 4.08 -15.31 -42.72
N ALA C 35 4.35 -16.37 -41.94
CA ALA C 35 4.90 -16.23 -40.59
C ALA C 35 6.35 -15.73 -40.61
N MET C 36 7.13 -16.10 -41.64
CA MET C 36 8.53 -15.69 -41.73
C MET C 36 8.73 -14.30 -42.36
N ALA C 37 7.64 -13.60 -42.73
CA ALA C 37 7.77 -12.30 -43.39
C ALA C 37 8.39 -11.22 -42.51
N ASP C 38 9.15 -10.30 -43.12
CA ASP C 38 9.83 -9.22 -42.40
C ASP C 38 8.93 -8.02 -42.10
N THR C 39 7.80 -7.87 -42.79
CA THR C 39 6.88 -6.77 -42.57
C THR C 39 5.44 -7.29 -42.50
N PHE C 40 4.53 -6.52 -41.91
CA PHE C 40 3.13 -6.93 -41.86
C PHE C 40 2.54 -6.94 -43.28
N LEU C 41 2.95 -5.98 -44.13
CA LEU C 41 2.48 -5.93 -45.52
C LEU C 41 2.88 -7.22 -46.27
N GLU C 42 4.14 -7.67 -46.12
CA GLU C 42 4.59 -8.90 -46.77
C GLU C 42 3.87 -10.11 -46.17
N HIS C 43 3.59 -10.08 -44.84
CA HIS C 43 2.83 -11.14 -44.18
C HIS C 43 1.46 -11.31 -44.84
N LEU C 44 0.73 -10.17 -45.06
CA LEU C 44 -0.58 -10.23 -45.71
C LEU C 44 -0.47 -10.78 -47.12
N CYS C 45 0.52 -10.27 -47.89
CA CYS C 45 0.72 -10.69 -49.28
C CYS C 45 1.03 -12.17 -49.43
N LEU C 46 1.58 -12.81 -48.38
CA LEU C 46 1.95 -14.22 -48.43
C LEU C 46 0.89 -15.18 -47.89
N LEU C 47 -0.24 -14.68 -47.35
CA LEU C 47 -1.32 -15.56 -46.87
C LEU C 47 -1.82 -16.41 -48.02
N ASP C 48 -1.95 -17.71 -47.81
CA ASP C 48 -2.24 -18.66 -48.86
C ASP C 48 -3.41 -19.57 -48.51
N ILE C 49 -4.47 -19.56 -49.33
CA ILE C 49 -5.63 -20.41 -49.12
C ILE C 49 -5.32 -21.91 -49.27
N ASP C 50 -4.20 -22.26 -49.93
CA ASP C 50 -3.80 -23.66 -50.08
C ASP C 50 -2.90 -24.14 -48.93
N SER C 51 -2.47 -23.25 -48.01
CA SER C 51 -1.63 -23.62 -46.89
C SER C 51 -2.55 -24.11 -45.77
N GLU C 52 -2.57 -25.44 -45.54
CA GLU C 52 -3.48 -26.02 -44.59
C GLU C 52 -3.05 -25.93 -43.13
N PRO C 53 -4.02 -25.68 -42.23
CA PRO C 53 -3.68 -25.63 -40.80
C PRO C 53 -3.28 -27.03 -40.31
N VAL C 54 -2.33 -27.08 -39.39
CA VAL C 54 -1.87 -28.37 -38.86
C VAL C 54 -2.05 -28.46 -37.34
N ALA C 55 -1.90 -27.34 -36.63
CA ALA C 55 -2.02 -27.32 -35.19
C ALA C 55 -3.47 -27.52 -34.72
N ALA C 56 -3.64 -27.98 -33.49
CA ALA C 56 -4.96 -28.11 -32.88
C ALA C 56 -5.55 -26.69 -32.70
N ARG C 57 -6.87 -26.57 -32.81
CA ARG C 57 -7.55 -25.28 -32.64
C ARG C 57 -7.35 -24.77 -31.22
N SER C 58 -6.77 -23.56 -31.08
CA SER C 58 -6.40 -22.98 -29.79
C SER C 58 -7.44 -22.05 -29.14
N THR C 59 -8.28 -21.38 -29.91
CA THR C 59 -9.29 -20.45 -29.36
C THR C 59 -10.49 -21.28 -28.92
N SER C 60 -10.83 -21.23 -27.62
CA SER C 60 -11.95 -22.01 -27.13
C SER C 60 -13.30 -21.51 -27.62
N ILE C 61 -14.26 -22.44 -27.76
CA ILE C 61 -15.60 -22.12 -28.18
C ILE C 61 -16.56 -22.24 -26.99
N ILE C 62 -17.31 -21.17 -26.73
CA ILE C 62 -18.32 -21.14 -25.70
C ILE C 62 -19.66 -21.29 -26.41
N ALA C 63 -20.45 -22.31 -26.04
CA ALA C 63 -21.77 -22.48 -26.66
C ALA C 63 -22.84 -22.29 -25.59
N THR C 64 -23.88 -21.51 -25.90
CA THR C 64 -24.97 -21.29 -24.95
C THR C 64 -25.95 -22.45 -25.01
N ILE C 65 -26.26 -23.04 -23.86
CA ILE C 65 -27.18 -24.17 -23.79
C ILE C 65 -28.63 -23.70 -23.67
N GLY C 66 -29.49 -24.26 -24.50
CA GLY C 66 -30.91 -23.95 -24.49
C GLY C 66 -31.72 -25.08 -25.07
N PRO C 67 -32.98 -24.82 -25.45
CA PRO C 67 -33.82 -25.89 -26.03
C PRO C 67 -33.22 -26.62 -27.24
N ALA C 68 -32.45 -25.91 -28.09
CA ALA C 68 -31.83 -26.55 -29.26
C ALA C 68 -30.59 -27.37 -28.93
N SER C 69 -30.03 -27.26 -27.72
CA SER C 69 -28.76 -27.91 -27.40
C SER C 69 -28.73 -28.52 -26.01
N ARG C 70 -29.88 -28.87 -25.45
CA ARG C 70 -29.95 -29.35 -24.08
C ARG C 70 -29.90 -30.85 -23.87
N SER C 71 -30.38 -31.62 -24.85
CA SER C 71 -30.40 -33.08 -24.71
C SER C 71 -28.99 -33.65 -24.66
N VAL C 72 -28.83 -34.78 -23.96
CA VAL C 72 -27.54 -35.45 -23.82
C VAL C 72 -26.99 -35.83 -25.20
N GLU C 73 -27.85 -36.32 -26.10
CA GLU C 73 -27.39 -36.72 -27.43
C GLU C 73 -26.89 -35.52 -28.25
N ARG C 74 -27.59 -34.39 -28.17
CA ARG C 74 -27.18 -33.18 -28.87
C ARG C 74 -25.86 -32.63 -28.27
N LEU C 75 -25.74 -32.62 -26.92
CA LEU C 75 -24.52 -32.19 -26.26
C LEU C 75 -23.29 -33.06 -26.64
N LYS C 76 -23.47 -34.38 -26.84
CA LYS C 76 -22.36 -35.24 -27.28
C LYS C 76 -21.87 -34.78 -28.65
N GLU C 77 -22.79 -34.43 -29.56
CA GLU C 77 -22.41 -33.95 -30.88
C GLU C 77 -21.72 -32.57 -30.79
N MET C 78 -22.14 -31.72 -29.86
CA MET C 78 -21.53 -30.41 -29.68
CA MET C 78 -21.53 -30.40 -29.69
C MET C 78 -20.13 -30.51 -29.11
N ILE C 79 -19.89 -31.48 -28.22
CA ILE C 79 -18.57 -31.70 -27.66
C ILE C 79 -17.65 -32.21 -28.80
N LYS C 80 -18.15 -33.13 -29.63
CA LYS C 80 -17.39 -33.65 -30.77
C LYS C 80 -17.07 -32.57 -31.79
N ALA C 81 -18.00 -31.63 -31.99
CA ALA C 81 -17.82 -30.51 -32.91
C ALA C 81 -16.78 -29.47 -32.40
N GLY C 82 -16.54 -29.42 -31.10
CA GLY C 82 -15.55 -28.49 -30.54
C GLY C 82 -15.93 -27.63 -29.36
N MET C 83 -17.16 -27.75 -28.83
CA MET C 83 -17.56 -26.96 -27.65
C MET C 83 -16.62 -27.22 -26.46
N ASN C 84 -16.03 -26.15 -25.87
CA ASN C 84 -15.13 -26.30 -24.70
C ASN C 84 -15.76 -25.79 -23.41
N ILE C 85 -16.66 -24.80 -23.53
CA ILE C 85 -17.31 -24.16 -22.39
C ILE C 85 -18.81 -24.10 -22.67
N ALA C 86 -19.63 -24.54 -21.72
CA ALA C 86 -21.08 -24.48 -21.85
C ALA C 86 -21.58 -23.28 -21.05
N ARG C 87 -22.28 -22.36 -21.71
CA ARG C 87 -22.81 -21.16 -21.07
C ARG C 87 -24.30 -21.33 -20.70
N LEU C 88 -24.63 -21.04 -19.46
CA LEU C 88 -26.01 -21.09 -18.97
C LEU C 88 -26.44 -19.66 -18.80
N ASN C 89 -27.42 -19.23 -19.60
CA ASN C 89 -27.89 -17.85 -19.54
C ASN C 89 -29.01 -17.72 -18.50
N PHE C 90 -28.68 -17.16 -17.33
CA PHE C 90 -29.66 -17.03 -16.26
C PHE C 90 -30.66 -15.87 -16.46
N SER C 91 -30.63 -15.19 -17.62
CA SER C 91 -31.67 -14.21 -17.94
C SER C 91 -33.03 -14.92 -18.17
N HIS C 92 -33.01 -16.22 -18.50
CA HIS C 92 -34.22 -17.01 -18.73
C HIS C 92 -34.06 -18.37 -18.03
N GLY C 93 -35.18 -18.99 -17.69
CA GLY C 93 -35.17 -20.33 -17.11
C GLY C 93 -35.03 -20.37 -15.61
N SER C 94 -35.63 -21.38 -14.99
CA SER C 94 -35.60 -21.56 -13.55
C SER C 94 -34.30 -22.26 -13.10
N HIS C 95 -34.07 -22.32 -11.79
CA HIS C 95 -32.93 -23.04 -11.24
C HIS C 95 -33.04 -24.54 -11.59
N GLU C 96 -34.27 -25.09 -11.57
CA GLU C 96 -34.49 -26.49 -11.91
C GLU C 96 -34.10 -26.77 -13.37
N TYR C 97 -34.44 -25.86 -14.28
CA TYR C 97 -34.12 -25.98 -15.69
C TYR C 97 -32.59 -25.98 -15.88
N HIS C 98 -31.89 -25.02 -15.24
CA HIS C 98 -30.43 -24.92 -15.35
C HIS C 98 -29.71 -26.09 -14.68
N ALA C 99 -30.24 -26.62 -13.57
CA ALA C 99 -29.64 -27.79 -12.92
C ALA C 99 -29.69 -29.00 -13.84
N GLU C 100 -30.81 -29.15 -14.58
CA GLU C 100 -30.95 -30.25 -15.54
C GLU C 100 -29.99 -30.05 -16.73
N SER C 101 -29.81 -28.80 -17.20
CA SER C 101 -28.84 -28.52 -18.27
C SER C 101 -27.42 -28.92 -17.84
N ILE C 102 -27.04 -28.57 -16.58
CA ILE C 102 -25.73 -28.90 -16.01
C ILE C 102 -25.54 -30.41 -15.93
N ALA C 103 -26.57 -31.14 -15.44
CA ALA C 103 -26.51 -32.60 -15.34
C ALA C 103 -26.33 -33.21 -16.74
N ASN C 104 -27.04 -32.70 -17.75
CA ASN C 104 -26.93 -33.20 -19.13
C ASN C 104 -25.56 -32.96 -19.71
N VAL C 105 -24.95 -31.78 -19.45
CA VAL C 105 -23.58 -31.48 -19.91
C VAL C 105 -22.60 -32.47 -19.27
N ARG C 106 -22.67 -32.66 -17.94
CA ARG C 106 -21.77 -33.58 -17.26
C ARG C 106 -21.96 -35.03 -17.72
N GLU C 107 -23.20 -35.44 -17.99
CA GLU C 107 -23.44 -36.79 -18.51
C GLU C 107 -22.82 -36.95 -19.91
N ALA C 108 -22.98 -35.94 -20.77
CA ALA C 108 -22.41 -35.99 -22.12
C ALA C 108 -20.88 -36.02 -22.05
N VAL C 109 -20.27 -35.19 -21.20
CA VAL C 109 -18.81 -35.15 -21.04
C VAL C 109 -18.27 -36.49 -20.56
N GLU C 110 -18.90 -37.05 -19.51
CA GLU C 110 -18.44 -38.31 -18.93
C GLU C 110 -18.72 -39.54 -19.79
N SER C 111 -19.58 -39.42 -20.82
CA SER C 111 -19.81 -40.52 -21.75
C SER C 111 -18.55 -40.88 -22.56
N PHE C 112 -17.55 -39.98 -22.61
CA PHE C 112 -16.30 -40.19 -23.33
C PHE C 112 -15.14 -40.63 -22.42
N ALA C 113 -15.40 -40.88 -21.12
CA ALA C 113 -14.35 -41.25 -20.17
C ALA C 113 -13.64 -42.58 -20.48
N GLY C 114 -14.32 -43.47 -21.22
CA GLY C 114 -13.76 -44.77 -21.58
C GLY C 114 -12.61 -44.71 -22.57
N SER C 115 -12.46 -43.56 -23.27
CA SER C 115 -11.40 -43.39 -24.27
C SER C 115 -10.49 -42.19 -23.99
N PRO C 116 -9.20 -42.46 -23.71
CA PRO C 116 -8.24 -41.35 -23.47
C PRO C 116 -8.01 -40.43 -24.67
N LEU C 117 -8.41 -40.86 -25.88
CA LEU C 117 -8.28 -40.08 -27.10
C LEU C 117 -9.43 -39.07 -27.24
N SER C 118 -10.65 -39.48 -26.88
CA SER C 118 -11.82 -38.61 -27.04
C SER C 118 -12.23 -37.81 -25.80
N TYR C 119 -11.85 -38.25 -24.59
CA TYR C 119 -12.23 -37.53 -23.37
C TYR C 119 -11.70 -36.08 -23.33
N ARG C 120 -12.56 -35.13 -22.93
CA ARG C 120 -12.18 -33.73 -22.84
C ARG C 120 -12.98 -33.02 -21.77
N PRO C 121 -12.31 -32.27 -20.89
CA PRO C 121 -13.06 -31.48 -19.91
C PRO C 121 -13.89 -30.39 -20.60
N VAL C 122 -15.03 -30.02 -20.02
CA VAL C 122 -15.88 -28.97 -20.54
C VAL C 122 -16.23 -28.08 -19.34
N ALA C 123 -15.88 -26.78 -19.40
CA ALA C 123 -16.18 -25.88 -18.31
C ALA C 123 -17.66 -25.48 -18.31
N ILE C 124 -18.20 -25.14 -17.14
CA ILE C 124 -19.58 -24.68 -17.03
C ILE C 124 -19.55 -23.24 -16.57
N ALA C 125 -20.15 -22.35 -17.36
CA ALA C 125 -20.17 -20.93 -17.05
C ALA C 125 -21.60 -20.43 -16.81
N LEU C 126 -21.77 -19.62 -15.76
CA LEU C 126 -23.07 -19.06 -15.41
C LEU C 126 -23.08 -17.59 -15.81
N ASP C 127 -23.99 -17.20 -16.70
CA ASP C 127 -24.08 -15.82 -17.16
C ASP C 127 -25.25 -15.17 -16.41
N THR C 128 -24.97 -14.13 -15.62
CA THR C 128 -26.00 -13.52 -14.77
C THR C 128 -27.02 -12.65 -15.53
N LYS C 129 -28.21 -12.50 -14.93
CA LYS C 129 -29.28 -11.68 -15.49
C LYS C 129 -28.86 -10.21 -15.51
N GLY C 130 -28.23 -9.74 -14.44
CA GLY C 130 -27.74 -8.39 -14.38
C GLY C 130 -28.46 -7.49 -13.38
N PRO C 131 -27.97 -6.24 -13.25
CA PRO C 131 -28.57 -5.31 -12.27
C PRO C 131 -29.89 -4.69 -12.71
N GLY C 134 -31.18 -1.19 -11.26
CA GLY C 134 -30.88 -1.33 -9.85
C GLY C 134 -29.51 -0.82 -9.47
N PRO C 135 -29.37 -0.36 -8.21
CA PRO C 135 -28.11 0.27 -7.76
C PRO C 135 -26.99 -0.65 -7.26
N GLY C 136 -27.25 -1.93 -7.05
CA GLY C 136 -26.21 -2.87 -6.61
C GLY C 136 -26.38 -4.22 -7.27
N LEU C 137 -25.92 -5.30 -6.62
CA LEU C 137 -26.17 -6.65 -7.17
C LEU C 137 -27.67 -6.93 -6.93
N SER C 138 -28.40 -7.40 -7.94
CA SER C 138 -29.83 -7.70 -7.77
C SER C 138 -30.05 -8.91 -6.85
N GLU C 139 -31.27 -9.02 -6.26
CA GLU C 139 -31.62 -10.18 -5.42
C GLU C 139 -31.50 -11.47 -6.24
N GLN C 140 -31.97 -11.41 -7.49
CA GLN C 140 -31.92 -12.58 -8.34
C GLN C 140 -30.47 -13.00 -8.61
N ASP C 141 -29.57 -12.04 -8.84
CA ASP C 141 -28.15 -12.38 -9.06
C ASP C 141 -27.52 -13.01 -7.83
N VAL C 142 -27.87 -12.54 -6.61
CA VAL C 142 -27.33 -13.14 -5.39
C VAL C 142 -27.74 -14.62 -5.32
N ARG C 143 -29.01 -14.91 -5.62
CA ARG C 143 -29.51 -16.28 -5.58
C ARG C 143 -28.93 -17.14 -6.70
N ASP C 144 -28.75 -16.57 -7.90
CA ASP C 144 -28.20 -17.32 -9.01
C ASP C 144 -26.72 -17.62 -8.80
N LEU C 145 -25.96 -16.65 -8.26
CA LEU C 145 -24.55 -16.86 -7.94
C LEU C 145 -24.43 -17.96 -6.86
N ARG C 146 -25.34 -18.00 -5.86
CA ARG C 146 -25.37 -19.04 -4.82
C ARG C 146 -25.63 -20.41 -5.45
N PHE C 147 -26.57 -20.49 -6.40
CA PHE C 147 -26.87 -21.71 -7.14
C PHE C 147 -25.59 -22.19 -7.88
N GLY C 148 -24.86 -21.25 -8.48
CA GLY C 148 -23.61 -21.55 -9.18
C GLY C 148 -22.59 -22.22 -8.27
N VAL C 149 -22.40 -21.68 -7.06
CA VAL C 149 -21.46 -22.25 -6.09
C VAL C 149 -21.94 -23.66 -5.66
N GLU C 150 -23.25 -23.80 -5.38
CA GLU C 150 -23.81 -25.08 -4.96
C GLU C 150 -23.71 -26.15 -6.05
N HIS C 151 -23.77 -25.74 -7.31
CA HIS C 151 -23.67 -26.69 -8.43
C HIS C 151 -22.25 -26.82 -9.02
N GLY C 152 -21.27 -26.20 -8.39
CA GLY C 152 -19.87 -26.30 -8.80
C GLY C 152 -19.52 -25.73 -10.15
N VAL C 153 -20.11 -24.58 -10.52
CA VAL C 153 -19.77 -23.96 -11.80
C VAL C 153 -18.31 -23.46 -11.77
N ASP C 154 -17.69 -23.37 -12.95
CA ASP C 154 -16.29 -22.99 -13.04
C ASP C 154 -16.08 -21.50 -13.23
N ILE C 155 -17.02 -20.86 -13.92
CA ILE C 155 -16.89 -19.47 -14.34
C ILE C 155 -18.21 -18.73 -14.19
N VAL C 156 -18.12 -17.43 -13.91
CA VAL C 156 -19.27 -16.54 -13.91
C VAL C 156 -19.01 -15.47 -14.96
N PHE C 157 -19.96 -15.26 -15.87
CA PHE C 157 -19.91 -14.15 -16.83
C PHE C 157 -20.83 -13.12 -16.16
N ALA C 158 -20.24 -12.09 -15.54
CA ALA C 158 -21.03 -11.09 -14.79
C ALA C 158 -21.56 -9.99 -15.68
N SER C 159 -22.88 -9.91 -15.83
CA SER C 159 -23.50 -8.92 -16.69
C SER C 159 -23.41 -7.47 -16.20
N PHE C 160 -23.28 -6.55 -17.15
CA PHE C 160 -23.26 -5.10 -16.95
C PHE C 160 -22.31 -4.66 -15.84
N VAL C 161 -21.03 -5.06 -15.92
CA VAL C 161 -20.04 -4.61 -14.96
C VAL C 161 -19.65 -3.19 -15.35
N ARG C 162 -19.80 -2.23 -14.43
CA ARG C 162 -19.55 -0.83 -14.72
C ARG C 162 -18.40 -0.20 -13.96
N LYS C 163 -17.95 -0.86 -12.90
CA LYS C 163 -16.90 -0.36 -12.01
C LYS C 163 -16.34 -1.49 -11.16
N ALA C 164 -15.19 -1.26 -10.52
CA ALA C 164 -14.55 -2.28 -9.70
C ALA C 164 -15.43 -2.79 -8.54
N SER C 165 -16.27 -1.91 -7.96
CA SER C 165 -17.14 -2.35 -6.85
C SER C 165 -18.20 -3.36 -7.29
N ASP C 166 -18.56 -3.36 -8.59
CA ASP C 166 -19.50 -4.35 -9.13
C ASP C 166 -18.84 -5.74 -9.06
N VAL C 167 -17.54 -5.83 -9.39
CA VAL C 167 -16.81 -7.10 -9.33
C VAL C 167 -16.69 -7.56 -7.89
N ALA C 168 -16.39 -6.64 -6.96
CA ALA C 168 -16.28 -6.97 -5.53
C ALA C 168 -17.60 -7.55 -5.02
N ALA C 169 -18.75 -7.02 -5.49
CA ALA C 169 -20.06 -7.53 -5.07
C ALA C 169 -20.27 -8.96 -5.58
N VAL C 170 -19.84 -9.25 -6.82
CA VAL C 170 -19.98 -10.59 -7.38
C VAL C 170 -19.08 -11.56 -6.58
N ARG C 171 -17.83 -11.13 -6.29
CA ARG C 171 -16.85 -11.90 -5.53
C ARG C 171 -17.42 -12.24 -4.14
N ALA C 172 -18.06 -11.26 -3.47
CA ALA C 172 -18.66 -11.45 -2.14
C ALA C 172 -19.81 -12.45 -2.20
N ALA C 173 -20.59 -12.44 -3.29
CA ALA C 173 -21.70 -13.36 -3.48
C ALA C 173 -21.28 -14.81 -3.78
N LEU C 174 -19.99 -15.02 -4.12
CA LEU C 174 -19.51 -16.38 -4.34
C LEU C 174 -19.19 -17.11 -3.00
N GLY C 175 -19.73 -16.55 -1.88
CA GLY C 175 -19.82 -17.10 -0.53
C GLY C 175 -18.50 -17.56 -0.02
N PRO C 176 -18.50 -18.37 1.05
CA PRO C 176 -17.21 -18.89 1.52
C PRO C 176 -16.68 -20.04 0.65
N GLU C 177 -17.53 -20.74 -0.12
CA GLU C 177 -17.11 -21.92 -0.89
C GLU C 177 -16.63 -21.69 -2.35
N GLY C 178 -16.96 -20.57 -2.98
CA GLY C 178 -16.67 -20.36 -4.40
C GLY C 178 -15.61 -19.33 -4.77
N HIS C 179 -14.62 -19.12 -3.91
CA HIS C 179 -13.54 -18.18 -4.19
C HIS C 179 -12.66 -18.60 -5.38
N GLY C 180 -12.69 -19.88 -5.75
CA GLY C 180 -11.93 -20.36 -6.91
C GLY C 180 -12.62 -20.20 -8.25
N ILE C 181 -13.88 -19.73 -8.24
CA ILE C 181 -14.66 -19.52 -9.48
C ILE C 181 -14.11 -18.30 -10.21
N LYS C 182 -13.89 -18.40 -11.52
CA LYS C 182 -13.34 -17.28 -12.29
C LYS C 182 -14.44 -16.27 -12.59
N ILE C 183 -14.15 -14.99 -12.42
CA ILE C 183 -15.13 -13.94 -12.75
C ILE C 183 -14.69 -13.24 -14.02
N ILE C 184 -15.49 -13.39 -15.08
CA ILE C 184 -15.26 -12.75 -16.36
C ILE C 184 -16.28 -11.58 -16.43
N SER C 185 -15.79 -10.36 -16.35
CA SER C 185 -16.66 -9.18 -16.36
C SER C 185 -17.16 -8.84 -17.75
N LYS C 186 -18.50 -8.71 -17.91
CA LYS C 186 -19.06 -8.36 -19.20
C LYS C 186 -19.13 -6.84 -19.32
N ILE C 187 -18.47 -6.29 -20.35
CA ILE C 187 -18.47 -4.84 -20.63
C ILE C 187 -19.57 -4.63 -21.65
N GLU C 188 -20.64 -3.93 -21.23
CA GLU C 188 -21.84 -3.77 -22.03
C GLU C 188 -22.33 -2.34 -22.22
N ASN C 189 -21.63 -1.36 -21.65
CA ASN C 189 -22.07 0.02 -21.77
C ASN C 189 -20.90 1.02 -21.74
N HIS C 190 -21.19 2.33 -21.92
CA HIS C 190 -20.17 3.36 -21.94
C HIS C 190 -19.34 3.39 -20.67
N GLU C 191 -20.00 3.31 -19.49
CA GLU C 191 -19.27 3.37 -18.22
C GLU C 191 -18.27 2.22 -18.08
N GLY C 192 -18.67 1.01 -18.46
CA GLY C 192 -17.77 -0.14 -18.42
C GLY C 192 -16.54 0.04 -19.29
N VAL C 193 -16.72 0.66 -20.49
CA VAL C 193 -15.57 0.93 -21.37
C VAL C 193 -14.65 1.99 -20.76
N LYS C 194 -15.24 3.07 -20.22
CA LYS C 194 -14.44 4.15 -19.62
C LYS C 194 -13.72 3.73 -18.35
N ARG C 195 -14.33 2.87 -17.55
CA ARG C 195 -13.71 2.37 -16.33
C ARG C 195 -13.07 0.99 -16.54
N PHE C 196 -12.72 0.65 -17.80
CA PHE C 196 -12.14 -0.64 -18.14
C PHE C 196 -10.94 -1.03 -17.30
N ASP C 197 -9.93 -0.13 -17.15
CA ASP C 197 -8.72 -0.48 -16.42
C ASP C 197 -8.97 -0.93 -14.98
N GLU C 198 -9.85 -0.20 -14.25
CA GLU C 198 -10.14 -0.57 -12.87
C GLU C 198 -10.92 -1.90 -12.81
N ILE C 199 -11.76 -2.19 -13.82
CA ILE C 199 -12.54 -3.42 -13.86
C ILE C 199 -11.60 -4.61 -14.15
N LEU C 200 -10.73 -4.47 -15.15
CA LEU C 200 -9.80 -5.55 -15.51
C LEU C 200 -8.87 -5.90 -14.35
N GLU C 201 -8.38 -4.89 -13.62
CA GLU C 201 -7.46 -5.10 -12.49
C GLU C 201 -8.02 -6.10 -11.46
N VAL C 202 -9.33 -6.05 -11.17
CA VAL C 202 -9.94 -6.91 -10.16
C VAL C 202 -10.68 -8.14 -10.75
N SER C 203 -10.77 -8.25 -12.08
CA SER C 203 -11.46 -9.38 -12.71
C SER C 203 -10.46 -10.46 -13.16
N ASP C 204 -10.94 -11.68 -13.35
CA ASP C 204 -10.09 -12.73 -13.92
C ASP C 204 -9.98 -12.59 -15.47
N GLY C 205 -10.95 -11.91 -16.07
CA GLY C 205 -10.98 -11.69 -17.52
C GLY C 205 -12.16 -10.85 -17.93
N ILE C 206 -12.36 -10.70 -19.24
CA ILE C 206 -13.41 -9.81 -19.77
C ILE C 206 -14.20 -10.45 -20.89
N MET C 207 -15.48 -10.10 -21.01
CA MET C 207 -16.27 -10.48 -22.17
C MET C 207 -16.68 -9.16 -22.86
N VAL C 208 -16.41 -9.06 -24.17
CA VAL C 208 -16.87 -7.93 -24.98
C VAL C 208 -18.30 -8.34 -25.37
N ALA C 209 -19.29 -7.87 -24.59
CA ALA C 209 -20.69 -8.24 -24.78
C ALA C 209 -21.31 -7.29 -25.78
N ARG C 210 -21.12 -7.61 -27.08
CA ARG C 210 -21.46 -6.72 -28.17
C ARG C 210 -22.94 -6.41 -28.37
N GLY C 211 -23.84 -7.28 -27.94
CA GLY C 211 -25.28 -7.07 -28.07
C GLY C 211 -25.71 -5.80 -27.39
N ASP C 212 -25.57 -5.74 -26.06
CA ASP C 212 -25.90 -4.54 -25.30
C ASP C 212 -24.94 -3.41 -25.61
N LEU C 213 -23.64 -3.71 -25.82
CA LEU C 213 -22.68 -2.63 -26.11
C LEU C 213 -23.08 -1.84 -27.38
N GLY C 214 -23.58 -2.56 -28.38
CA GLY C 214 -24.00 -2.00 -29.66
C GLY C 214 -25.29 -1.19 -29.63
N ILE C 215 -26.01 -1.23 -28.50
CA ILE C 215 -27.22 -0.43 -28.27
C ILE C 215 -26.91 0.71 -27.27
N GLU C 216 -25.92 0.51 -26.38
CA GLU C 216 -25.52 1.49 -25.37
C GLU C 216 -24.60 2.57 -25.93
N ILE C 217 -23.75 2.19 -26.89
CA ILE C 217 -22.87 3.13 -27.59
C ILE C 217 -23.21 3.05 -29.09
N PRO C 218 -22.81 4.03 -29.93
CA PRO C 218 -23.12 3.94 -31.37
C PRO C 218 -22.58 2.64 -31.98
N ALA C 219 -23.41 1.98 -32.80
CA ALA C 219 -23.07 0.70 -33.41
C ALA C 219 -21.73 0.73 -34.15
N GLU C 220 -21.43 1.86 -34.82
CA GLU C 220 -20.19 2.05 -35.57
C GLU C 220 -18.94 2.17 -34.69
N LYS C 221 -19.08 2.25 -33.36
CA LYS C 221 -17.92 2.36 -32.46
C LYS C 221 -17.60 1.03 -31.76
N VAL C 222 -18.47 0.01 -31.85
CA VAL C 222 -18.24 -1.26 -31.15
C VAL C 222 -16.90 -1.90 -31.51
N PHE C 223 -16.49 -1.88 -32.79
CA PHE C 223 -15.20 -2.49 -33.17
C PHE C 223 -14.01 -1.84 -32.44
N LEU C 224 -14.08 -0.52 -32.14
CA LEU C 224 -13.01 0.17 -31.44
C LEU C 224 -12.93 -0.35 -30.00
N ALA C 225 -14.10 -0.50 -29.35
CA ALA C 225 -14.16 -1.00 -27.98
C ALA C 225 -13.65 -2.44 -27.94
N GLN C 226 -14.06 -3.26 -28.92
CA GLN C 226 -13.60 -4.65 -29.00
C GLN C 226 -12.08 -4.75 -29.14
N LYS C 227 -11.50 -4.01 -30.09
CA LYS C 227 -10.07 -4.10 -30.34
C LYS C 227 -9.23 -3.55 -29.19
N MET C 228 -9.73 -2.46 -28.55
CA MET C 228 -9.05 -1.89 -27.39
C MET C 228 -9.07 -2.88 -26.23
N MET C 229 -10.24 -3.46 -25.92
CA MET C 229 -10.36 -4.38 -24.78
C MET C 229 -9.57 -5.65 -24.99
N ILE C 230 -9.56 -6.18 -26.22
CA ILE C 230 -8.74 -7.36 -26.51
C ILE C 230 -7.25 -7.04 -26.35
N GLY C 231 -6.82 -5.88 -26.88
CA GLY C 231 -5.43 -5.46 -26.73
C GLY C 231 -5.00 -5.31 -25.28
N ARG C 232 -5.86 -4.66 -24.45
CA ARG C 232 -5.54 -4.47 -23.04
C ARG C 232 -5.53 -5.78 -22.27
N CYS C 233 -6.43 -6.71 -22.62
CA CYS C 233 -6.43 -8.03 -21.97
C CYS C 233 -5.20 -8.82 -22.36
N ASN C 234 -4.79 -8.75 -23.63
CA ASN C 234 -3.58 -9.44 -24.09
C ASN C 234 -2.35 -8.86 -23.36
N LEU C 235 -2.30 -7.53 -23.19
CA LEU C 235 -1.20 -6.88 -22.49
C LEU C 235 -1.15 -7.34 -21.03
N ALA C 236 -2.31 -7.47 -20.39
CA ALA C 236 -2.43 -7.91 -19.00
C ALA C 236 -2.27 -9.43 -18.80
N GLY C 237 -2.34 -10.20 -19.88
CA GLY C 237 -2.27 -11.66 -19.79
C GLY C 237 -3.51 -12.26 -19.17
N LYS C 238 -4.68 -11.63 -19.37
CA LYS C 238 -5.95 -12.13 -18.83
C LYS C 238 -6.90 -12.50 -19.98
N PRO C 239 -7.68 -13.58 -19.82
CA PRO C 239 -8.56 -14.02 -20.90
C PRO C 239 -9.62 -13.03 -21.34
N VAL C 240 -9.87 -12.97 -22.64
CA VAL C 240 -10.89 -12.08 -23.20
C VAL C 240 -11.77 -12.88 -24.17
N VAL C 241 -13.09 -12.67 -24.07
CA VAL C 241 -14.07 -13.39 -24.87
C VAL C 241 -14.72 -12.41 -25.84
N CYS C 242 -14.86 -12.79 -27.11
CA CYS C 242 -15.63 -11.99 -28.05
C CYS C 242 -16.99 -12.66 -28.14
N ALA C 243 -18.06 -11.87 -28.02
CA ALA C 243 -19.40 -12.47 -27.99
C ALA C 243 -20.42 -11.71 -28.79
N THR C 244 -21.49 -12.44 -29.19
CA THR C 244 -22.80 -12.01 -29.71
C THR C 244 -22.85 -11.69 -31.19
N GLN C 245 -23.77 -12.40 -31.87
CA GLN C 245 -24.11 -12.26 -33.29
C GLN C 245 -22.95 -12.64 -34.23
N MET C 246 -21.98 -13.45 -33.74
CA MET C 246 -20.85 -13.84 -34.57
C MET C 246 -21.28 -14.64 -35.79
N LEU C 247 -22.25 -15.55 -35.63
CA LEU C 247 -22.78 -16.35 -36.75
C LEU C 247 -24.33 -16.28 -36.73
N GLU C 248 -24.88 -15.09 -36.42
CA GLU C 248 -26.31 -14.86 -36.23
C GLU C 248 -27.24 -15.49 -37.26
N SER C 249 -26.94 -15.36 -38.57
CA SER C 249 -27.81 -15.90 -39.61
C SER C 249 -27.97 -17.43 -39.52
N MET C 250 -27.03 -18.12 -38.85
CA MET C 250 -27.11 -19.58 -38.69
C MET C 250 -28.19 -20.03 -37.70
N ILE C 251 -28.92 -19.09 -37.07
CA ILE C 251 -30.07 -19.44 -36.26
C ILE C 251 -31.15 -20.08 -37.18
N THR C 252 -31.27 -19.59 -38.45
CA THR C 252 -32.22 -20.16 -39.40
C THR C 252 -31.59 -20.71 -40.69
N LYS C 253 -30.31 -20.38 -40.97
CA LYS C 253 -29.68 -20.84 -42.21
C LYS C 253 -28.53 -21.82 -41.97
N PRO C 254 -28.34 -22.82 -42.85
CA PRO C 254 -27.27 -23.81 -42.63
C PRO C 254 -25.85 -23.29 -42.84
N ARG C 255 -25.70 -22.15 -43.53
CA ARG C 255 -24.39 -21.56 -43.80
C ARG C 255 -24.40 -20.07 -43.41
N PRO C 256 -23.28 -19.56 -42.89
CA PRO C 256 -23.25 -18.15 -42.46
C PRO C 256 -23.02 -17.16 -43.61
N THR C 257 -23.15 -15.86 -43.31
CA THR C 257 -22.86 -14.85 -44.31
C THR C 257 -21.34 -14.59 -44.40
N ARG C 258 -20.89 -13.85 -45.43
CA ARG C 258 -19.49 -13.51 -45.58
C ARG C 258 -19.02 -12.58 -44.45
N ALA C 259 -19.89 -11.73 -43.91
CA ALA C 259 -19.53 -10.85 -42.80
C ALA C 259 -19.33 -11.65 -41.50
N GLU C 260 -20.13 -12.69 -41.31
CA GLU C 260 -20.04 -13.54 -40.14
C GLU C 260 -18.75 -14.36 -40.09
N THR C 261 -18.34 -14.97 -41.22
CA THR C 261 -17.06 -15.71 -41.20
C THR C 261 -15.90 -14.74 -40.97
N SER C 262 -16.00 -13.54 -41.57
CA SER C 262 -15.00 -12.49 -41.40
C SER C 262 -14.92 -12.06 -39.93
N ASP C 263 -16.07 -11.88 -39.28
CA ASP C 263 -16.12 -11.47 -37.87
C ASP C 263 -15.43 -12.48 -36.96
N VAL C 264 -15.71 -13.78 -37.13
CA VAL C 264 -15.07 -14.82 -36.33
C VAL C 264 -13.55 -14.80 -36.57
N ALA C 265 -13.12 -14.76 -37.85
CA ALA C 265 -11.69 -14.73 -38.15
C ALA C 265 -10.98 -13.53 -37.54
N ASN C 266 -11.61 -12.33 -37.64
CA ASN C 266 -11.04 -11.11 -37.11
C ASN C 266 -11.03 -11.06 -35.59
N ALA C 267 -11.97 -11.72 -34.91
CA ALA C 267 -11.94 -11.77 -33.43
C ALA C 267 -10.71 -12.58 -33.00
N VAL C 268 -10.42 -13.69 -33.69
CA VAL C 268 -9.25 -14.52 -33.41
C VAL C 268 -7.97 -13.72 -33.71
N LEU C 269 -7.91 -13.07 -34.90
CA LEU C 269 -6.74 -12.27 -35.25
C LEU C 269 -6.52 -11.11 -34.26
N ASP C 270 -7.61 -10.48 -33.78
CA ASP C 270 -7.53 -9.40 -32.80
C ASP C 270 -6.81 -9.83 -31.52
N GLY C 271 -7.00 -11.10 -31.14
CA GLY C 271 -6.38 -11.69 -29.96
C GLY C 271 -7.35 -12.33 -28.97
N ALA C 272 -8.62 -12.56 -29.36
CA ALA C 272 -9.59 -13.15 -28.42
C ALA C 272 -9.16 -14.56 -27.98
N ASP C 273 -9.23 -14.82 -26.68
CA ASP C 273 -8.93 -16.16 -26.16
C ASP C 273 -10.09 -17.12 -26.42
N CYS C 274 -11.33 -16.61 -26.39
CA CYS C 274 -12.54 -17.39 -26.61
C CYS C 274 -13.45 -16.66 -27.56
N ILE C 275 -14.26 -17.44 -28.27
CA ILE C 275 -15.33 -16.92 -29.13
C ILE C 275 -16.63 -17.59 -28.66
N MET C 276 -17.76 -16.92 -28.87
CA MET C 276 -19.02 -17.40 -28.31
C MET C 276 -20.16 -17.53 -29.31
N LEU C 277 -21.10 -18.42 -28.99
CA LEU C 277 -22.35 -18.63 -29.71
C LEU C 277 -23.47 -18.48 -28.68
N SER C 278 -24.50 -17.70 -29.02
CA SER C 278 -25.64 -17.45 -28.14
C SER C 278 -26.90 -18.10 -28.74
N GLY C 279 -27.75 -17.34 -29.45
CA GLY C 279 -28.95 -17.88 -30.09
C GLY C 279 -28.62 -18.98 -31.09
N GLU C 280 -27.43 -18.90 -31.73
CA GLU C 280 -26.99 -19.91 -32.70
C GLU C 280 -27.01 -21.32 -32.12
N THR C 281 -26.70 -21.47 -30.81
CA THR C 281 -26.74 -22.79 -30.19
C THR C 281 -27.88 -22.97 -29.21
N ALA C 282 -28.37 -21.87 -28.60
CA ALA C 282 -29.44 -22.00 -27.61
C ALA C 282 -30.80 -22.31 -28.24
N LYS C 283 -31.13 -21.67 -29.36
CA LYS C 283 -32.46 -21.84 -29.95
C LYS C 283 -32.50 -22.08 -31.47
N GLY C 284 -31.37 -21.95 -32.14
CA GLY C 284 -31.32 -22.09 -33.58
C GLY C 284 -31.51 -23.48 -34.14
N ASN C 285 -31.73 -23.57 -35.45
CA ASN C 285 -31.93 -24.84 -36.13
C ASN C 285 -30.65 -25.58 -36.48
N PHE C 286 -29.47 -24.93 -36.32
CA PHE C 286 -28.21 -25.57 -36.68
C PHE C 286 -27.12 -25.41 -35.58
N PRO C 287 -27.38 -25.80 -34.32
CA PRO C 287 -26.37 -25.60 -33.26
C PRO C 287 -25.03 -26.30 -33.48
N VAL C 288 -25.03 -27.56 -33.92
CA VAL C 288 -23.80 -28.31 -34.16
C VAL C 288 -23.01 -27.71 -35.33
N GLU C 289 -23.71 -27.32 -36.40
CA GLU C 289 -23.06 -26.71 -37.57
C GLU C 289 -22.41 -25.35 -37.20
N ALA C 290 -23.04 -24.60 -36.28
CA ALA C 290 -22.49 -23.31 -35.84
C ALA C 290 -21.16 -23.54 -35.09
N VAL C 291 -21.12 -24.59 -34.24
CA VAL C 291 -19.89 -24.92 -33.51
C VAL C 291 -18.80 -25.35 -34.50
N LYS C 292 -19.19 -26.19 -35.48
CA LYS C 292 -18.25 -26.67 -36.51
C LYS C 292 -17.67 -25.52 -37.32
N MET C 293 -18.50 -24.51 -37.62
CA MET C 293 -18.06 -23.36 -38.40
C MET C 293 -17.06 -22.53 -37.60
N GLN C 294 -17.34 -22.28 -36.30
CA GLN C 294 -16.38 -21.53 -35.47
C GLN C 294 -15.05 -22.26 -35.36
N HIS C 295 -15.11 -23.59 -35.22
CA HIS C 295 -13.88 -24.41 -35.14
C HIS C 295 -13.04 -24.24 -36.42
N ALA C 296 -13.68 -24.41 -37.59
CA ALA C 296 -13.00 -24.32 -38.89
C ALA C 296 -12.35 -22.94 -39.12
N ILE C 297 -13.09 -21.86 -38.83
CA ILE C 297 -12.55 -20.51 -39.02
C ILE C 297 -11.43 -20.24 -38.04
N ALA C 298 -11.62 -20.58 -36.74
CA ALA C 298 -10.60 -20.32 -35.72
C ALA C 298 -9.26 -20.97 -36.09
N ARG C 299 -9.29 -22.22 -36.56
CA ARG C 299 -8.05 -22.91 -36.95
C ARG C 299 -7.31 -22.18 -38.08
N GLU C 300 -8.05 -21.71 -39.08
CA GLU C 300 -7.46 -20.97 -40.19
C GLU C 300 -6.86 -19.64 -39.71
N ALA C 301 -7.60 -18.92 -38.84
CA ALA C 301 -7.16 -17.62 -38.36
C ALA C 301 -5.95 -17.72 -37.44
N GLU C 302 -5.89 -18.78 -36.62
CA GLU C 302 -4.74 -18.96 -35.72
C GLU C 302 -3.44 -19.16 -36.48
N ALA C 303 -3.50 -19.86 -37.61
CA ALA C 303 -2.31 -20.05 -38.45
C ALA C 303 -1.86 -18.73 -39.11
N ALA C 304 -2.81 -17.81 -39.36
CA ALA C 304 -2.54 -16.52 -39.99
C ALA C 304 -2.05 -15.44 -39.02
N VAL C 305 -1.91 -15.75 -37.71
CA VAL C 305 -1.39 -14.79 -36.76
C VAL C 305 0.07 -14.46 -37.10
N TYR C 306 0.45 -13.18 -37.09
CA TYR C 306 1.81 -12.75 -37.42
C TYR C 306 2.65 -12.80 -36.16
N HIS C 307 3.03 -14.02 -35.73
CA HIS C 307 3.80 -14.24 -34.51
C HIS C 307 5.08 -13.44 -34.41
N ARG C 308 5.76 -13.20 -35.53
CA ARG C 308 7.03 -12.46 -35.52
C ARG C 308 6.91 -11.09 -34.83
N GLN C 309 5.93 -10.26 -35.22
CA GLN C 309 5.76 -8.96 -34.59
C GLN C 309 5.01 -9.08 -33.28
N LEU C 310 4.00 -9.97 -33.22
CA LEU C 310 3.21 -10.16 -31.99
C LEU C 310 4.11 -10.52 -30.79
N PHE C 311 4.98 -11.52 -30.94
CA PHE C 311 5.85 -11.94 -29.85
C PHE C 311 6.81 -10.81 -29.45
N GLU C 312 7.39 -10.09 -30.43
CA GLU C 312 8.27 -8.97 -30.13
C GLU C 312 7.55 -7.89 -29.32
N GLU C 313 6.29 -7.58 -29.70
CA GLU C 313 5.53 -6.56 -29.00
C GLU C 313 5.10 -7.00 -27.61
N LEU C 314 4.68 -8.27 -27.45
CA LEU C 314 4.25 -8.77 -26.14
C LEU C 314 5.46 -8.77 -25.18
N ARG C 315 6.63 -9.17 -25.69
CA ARG C 315 7.89 -9.18 -24.94
C ARG C 315 8.26 -7.76 -24.48
N ARG C 316 8.23 -6.79 -25.39
CA ARG C 316 8.60 -5.41 -25.14
C ARG C 316 7.62 -4.69 -24.20
N ALA C 317 6.32 -4.98 -24.34
CA ALA C 317 5.32 -4.31 -23.51
C ALA C 317 5.20 -4.90 -22.13
N ALA C 318 5.45 -6.21 -21.98
CA ALA C 318 5.34 -6.85 -20.66
C ALA C 318 6.46 -6.32 -19.79
N PRO C 319 6.13 -5.78 -18.61
CA PRO C 319 7.19 -5.23 -17.75
C PRO C 319 8.18 -6.30 -17.31
N LEU C 320 9.37 -5.87 -16.90
CA LEU C 320 10.38 -6.78 -16.37
C LEU C 320 9.84 -7.44 -15.11
N SER C 321 10.23 -8.69 -14.86
CA SER C 321 9.66 -9.42 -13.76
C SER C 321 10.69 -10.22 -13.01
N ARG C 322 10.54 -10.26 -11.70
CA ARG C 322 11.36 -11.09 -10.86
C ARG C 322 10.57 -12.35 -10.41
N ASP C 323 9.38 -12.60 -10.99
CA ASP C 323 8.60 -13.78 -10.66
C ASP C 323 9.14 -14.93 -11.52
N PRO C 324 9.65 -16.00 -10.91
CA PRO C 324 10.23 -17.08 -11.71
C PRO C 324 9.26 -17.74 -12.68
N THR C 325 7.95 -17.81 -12.37
CA THR C 325 6.99 -18.42 -13.30
C THR C 325 6.94 -17.59 -14.59
N GLU C 326 6.91 -16.25 -14.45
CA GLU C 326 6.88 -15.34 -15.59
CA GLU C 326 6.87 -15.33 -15.59
C GLU C 326 8.18 -15.41 -16.39
N VAL C 327 9.32 -15.47 -15.71
CA VAL C 327 10.62 -15.55 -16.36
C VAL C 327 10.75 -16.88 -17.14
N THR C 328 10.33 -17.99 -16.51
CA THR C 328 10.38 -19.32 -17.13
C THR C 328 9.46 -19.36 -18.35
N ALA C 329 8.25 -18.76 -18.22
CA ALA C 329 7.31 -18.77 -19.33
C ALA C 329 7.86 -18.12 -20.60
N ILE C 330 8.48 -16.93 -20.49
CA ILE C 330 9.00 -16.26 -21.69
C ILE C 330 10.19 -17.04 -22.28
N GLY C 331 11.03 -17.63 -21.43
CA GLY C 331 12.14 -18.46 -21.88
C GLY C 331 11.65 -19.68 -22.65
N ALA C 332 10.56 -20.31 -22.14
CA ALA C 332 9.97 -21.51 -22.76
C ALA C 332 9.34 -21.19 -24.11
N VAL C 333 8.65 -20.06 -24.22
CA VAL C 333 8.02 -19.66 -25.47
C VAL C 333 9.09 -19.33 -26.52
N GLU C 334 10.17 -18.63 -26.10
CA GLU C 334 11.30 -18.32 -26.98
CA GLU C 334 11.30 -18.32 -26.98
C GLU C 334 11.93 -19.62 -27.49
N ALA C 335 12.16 -20.59 -26.59
CA ALA C 335 12.73 -21.89 -26.92
C ALA C 335 11.83 -22.65 -27.90
N ALA C 336 10.50 -22.61 -27.67
CA ALA C 336 9.56 -23.29 -28.57
C ALA C 336 9.64 -22.71 -30.00
N PHE C 337 9.73 -21.38 -30.12
CA PHE C 337 9.84 -20.76 -31.45
C PHE C 337 11.17 -21.15 -32.15
N LYS C 338 12.26 -21.24 -31.38
CA LYS C 338 13.58 -21.59 -31.92
C LYS C 338 13.62 -22.95 -32.63
N CYS C 339 12.89 -23.94 -32.08
CA CYS C 339 12.93 -25.29 -32.65
C CYS C 339 11.63 -25.72 -33.32
N CYS C 340 10.64 -24.81 -33.47
CA CYS C 340 9.30 -25.16 -34.00
C CYS C 340 8.70 -26.30 -33.17
N ALA C 341 8.85 -26.23 -31.82
CA ALA C 341 8.41 -27.31 -30.91
C ALA C 341 6.97 -27.70 -31.15
N ALA C 342 6.70 -29.00 -31.10
CA ALA C 342 5.35 -29.53 -31.31
C ALA C 342 4.43 -29.13 -30.13
N ALA C 343 5.00 -28.97 -28.93
CA ALA C 343 4.21 -28.63 -27.73
C ALA C 343 5.12 -28.10 -26.61
N ILE C 344 4.49 -27.43 -25.63
CA ILE C 344 5.10 -27.03 -24.39
C ILE C 344 4.27 -27.77 -23.33
N ILE C 345 4.86 -28.73 -22.64
CA ILE C 345 4.17 -29.47 -21.59
C ILE C 345 4.44 -28.77 -20.29
N VAL C 346 3.39 -28.44 -19.54
CA VAL C 346 3.55 -27.72 -18.27
C VAL C 346 2.76 -28.39 -17.16
N LEU C 347 3.38 -28.52 -15.98
CA LEU C 347 2.69 -29.02 -14.80
C LEU C 347 2.09 -27.82 -14.08
N THR C 348 0.81 -27.90 -13.73
CA THR C 348 0.16 -26.77 -13.06
C THR C 348 -0.93 -27.24 -12.10
N THR C 349 -1.06 -26.63 -10.95
CA THR C 349 -2.13 -27.02 -10.01
C THR C 349 -3.32 -26.07 -10.13
N THR C 350 -3.05 -24.78 -10.27
CA THR C 350 -4.11 -23.76 -10.38
C THR C 350 -4.38 -23.33 -11.84
N GLY C 351 -3.48 -23.65 -12.76
CA GLY C 351 -3.58 -23.20 -14.15
C GLY C 351 -2.67 -22.02 -14.43
N ARG C 352 -2.13 -21.35 -13.38
CA ARG C 352 -1.35 -20.12 -13.54
C ARG C 352 -0.12 -20.27 -14.45
N SER C 353 0.68 -21.35 -14.29
CA SER C 353 1.86 -21.53 -15.15
C SER C 353 1.45 -21.65 -16.63
N ALA C 354 0.30 -22.30 -16.92
CA ALA C 354 -0.17 -22.43 -18.29
C ALA C 354 -0.66 -21.07 -18.81
N GLN C 355 -1.36 -20.30 -17.96
CA GLN C 355 -1.83 -18.97 -18.35
C GLN C 355 -0.65 -18.03 -18.69
N LEU C 356 0.45 -18.10 -17.95
CA LEU C 356 1.61 -17.25 -18.24
C LEU C 356 2.34 -17.65 -19.52
N LEU C 357 2.24 -18.93 -19.94
CA LEU C 357 2.81 -19.36 -21.22
C LEU C 357 1.87 -18.82 -22.34
N SER C 358 0.55 -18.99 -22.15
CA SER C 358 -0.47 -18.57 -23.10
C SER C 358 -0.39 -17.06 -23.43
N ARG C 359 -0.02 -16.22 -22.45
CA ARG C 359 0.03 -14.75 -22.65
C ARG C 359 1.05 -14.32 -23.72
N TYR C 360 2.08 -15.16 -23.97
CA TYR C 360 3.06 -14.86 -25.00
C TYR C 360 2.70 -15.39 -26.37
N ARG C 361 1.52 -15.99 -26.52
CA ARG C 361 0.96 -16.49 -27.75
C ARG C 361 1.91 -17.41 -28.55
N PRO C 362 2.38 -18.50 -27.92
CA PRO C 362 3.22 -19.44 -28.68
C PRO C 362 2.41 -20.12 -29.78
N ARG C 363 3.09 -20.51 -30.86
CA ARG C 363 2.45 -21.31 -31.90
C ARG C 363 2.29 -22.76 -31.35
N ALA C 364 3.24 -23.22 -30.52
CA ALA C 364 3.20 -24.56 -29.92
C ALA C 364 2.01 -24.66 -28.96
N ALA C 365 1.33 -25.82 -28.98
CA ALA C 365 0.24 -26.10 -28.05
C ALA C 365 0.79 -26.15 -26.62
N VAL C 366 0.05 -25.59 -25.66
CA VAL C 366 0.44 -25.66 -24.26
C VAL C 366 -0.36 -26.82 -23.64
N ILE C 367 0.30 -27.96 -23.38
CA ILE C 367 -0.34 -29.13 -22.80
C ILE C 367 -0.20 -29.04 -21.28
N ALA C 368 -1.32 -28.76 -20.61
CA ALA C 368 -1.28 -28.53 -19.17
C ALA C 368 -1.72 -29.74 -18.39
N VAL C 369 -0.79 -30.37 -17.66
CA VAL C 369 -1.07 -31.56 -16.87
C VAL C 369 -1.40 -31.12 -15.46
N THR C 370 -2.57 -31.48 -14.98
CA THR C 370 -3.01 -31.08 -13.63
C THR C 370 -3.81 -32.16 -12.93
N ARG C 371 -3.76 -32.18 -11.58
CA ARG C 371 -4.58 -33.06 -10.74
C ARG C 371 -5.92 -32.36 -10.37
N SER C 372 -6.06 -31.03 -10.65
CA SER C 372 -7.30 -30.30 -10.35
C SER C 372 -8.28 -30.36 -11.50
N ALA C 373 -9.44 -31.05 -11.30
CA ALA C 373 -10.48 -31.10 -12.34
C ALA C 373 -11.02 -29.69 -12.64
N GLN C 374 -11.14 -28.86 -11.62
CA GLN C 374 -11.59 -27.47 -11.80
C GLN C 374 -10.58 -26.66 -12.63
N ALA C 375 -9.27 -26.77 -12.36
CA ALA C 375 -8.26 -26.04 -13.14
C ALA C 375 -8.27 -26.53 -14.59
N ALA C 376 -8.45 -27.86 -14.79
CA ALA C 376 -8.53 -28.42 -16.15
C ALA C 376 -9.69 -27.81 -16.96
N ARG C 377 -10.85 -27.58 -16.31
CA ARG C 377 -11.98 -26.96 -17.01
C ARG C 377 -11.71 -25.45 -17.23
N GLN C 378 -11.21 -24.76 -16.20
CA GLN C 378 -10.99 -23.29 -16.27
C GLN C 378 -9.92 -22.85 -17.25
N VAL C 379 -8.86 -23.66 -17.48
CA VAL C 379 -7.81 -23.24 -18.43
C VAL C 379 -8.28 -23.16 -19.88
N HIS C 380 -9.51 -23.64 -20.21
CA HIS C 380 -10.06 -23.44 -21.54
C HIS C 380 -10.24 -21.91 -21.82
N LEU C 381 -10.23 -21.05 -20.76
CA LEU C 381 -10.35 -19.61 -20.97
C LEU C 381 -9.10 -19.02 -21.65
N CYS C 382 -7.94 -19.70 -21.56
CA CYS C 382 -6.66 -19.20 -22.07
C CYS C 382 -6.34 -19.81 -23.42
N ARG C 383 -6.11 -18.96 -24.43
CA ARG C 383 -5.80 -19.48 -25.77
C ARG C 383 -4.64 -20.47 -25.81
N GLY C 384 -4.87 -21.59 -26.47
CA GLY C 384 -3.83 -22.58 -26.73
C GLY C 384 -3.47 -23.51 -25.59
N VAL C 385 -4.30 -23.50 -24.52
CA VAL C 385 -4.05 -24.42 -23.40
C VAL C 385 -4.97 -25.64 -23.57
N PHE C 386 -4.37 -26.86 -23.58
CA PHE C 386 -5.05 -28.12 -23.75
C PHE C 386 -4.87 -28.90 -22.44
N PRO C 387 -5.92 -28.95 -21.61
CA PRO C 387 -5.75 -29.57 -20.30
C PRO C 387 -5.78 -31.09 -20.35
N LEU C 388 -5.02 -31.72 -19.45
CA LEU C 388 -4.99 -33.17 -19.29
C LEU C 388 -5.16 -33.43 -17.80
N LEU C 389 -6.27 -34.07 -17.43
CA LEU C 389 -6.52 -34.34 -16.02
C LEU C 389 -5.79 -35.63 -15.61
N TYR C 390 -4.91 -35.51 -14.62
CA TYR C 390 -4.09 -36.62 -14.12
C TYR C 390 -4.65 -37.12 -12.80
N ARG C 391 -4.90 -38.43 -12.70
CA ARG C 391 -5.53 -39.01 -11.52
C ARG C 391 -4.74 -40.14 -10.87
N GLU C 392 -3.48 -40.34 -11.24
CA GLU C 392 -2.66 -41.40 -10.62
C GLU C 392 -2.37 -41.02 -9.16
N PRO C 393 -2.28 -41.99 -8.25
CA PRO C 393 -1.91 -41.65 -6.85
C PRO C 393 -0.48 -41.10 -6.80
N PRO C 394 -0.21 -40.12 -5.92
CA PRO C 394 1.13 -39.51 -5.87
C PRO C 394 2.24 -40.47 -5.49
N GLU C 395 3.37 -40.40 -6.21
CA GLU C 395 4.55 -41.21 -5.93
C GLU C 395 5.18 -40.73 -4.62
N ALA C 396 5.85 -41.63 -3.90
CA ALA C 396 6.53 -41.25 -2.65
C ALA C 396 7.71 -40.33 -2.94
N ILE C 397 8.45 -40.56 -4.03
CA ILE C 397 9.56 -39.70 -4.41
C ILE C 397 9.02 -38.62 -5.35
N TRP C 398 9.09 -37.36 -4.94
CA TRP C 398 8.53 -36.26 -5.69
C TRP C 398 9.05 -36.18 -7.14
N ALA C 399 10.37 -36.31 -7.35
CA ALA C 399 10.92 -36.24 -8.71
C ALA C 399 10.33 -37.32 -9.61
N ASP C 400 10.02 -38.50 -9.05
CA ASP C 400 9.39 -39.57 -9.83
C ASP C 400 7.95 -39.17 -10.19
N ASP C 401 7.22 -38.51 -9.27
CA ASP C 401 5.84 -38.09 -9.53
C ASP C 401 5.82 -37.03 -10.68
N VAL C 402 6.83 -36.14 -10.69
CA VAL C 402 6.96 -35.12 -11.72
C VAL C 402 7.24 -35.82 -13.06
N ASP C 403 8.23 -36.73 -13.08
CA ASP C 403 8.58 -37.45 -14.31
C ASP C 403 7.40 -38.25 -14.86
N ARG C 404 6.62 -38.89 -13.98
CA ARG C 404 5.44 -39.63 -14.42
C ARG C 404 4.43 -38.73 -15.11
N ARG C 405 4.24 -37.51 -14.61
CA ARG C 405 3.28 -36.57 -15.22
C ARG C 405 3.79 -36.02 -16.54
N VAL C 406 5.10 -35.78 -16.64
CA VAL C 406 5.71 -35.33 -17.89
C VAL C 406 5.53 -36.41 -18.96
N GLN C 407 5.78 -37.68 -18.59
CA GLN C 407 5.57 -38.77 -19.54
C GLN C 407 4.10 -38.96 -19.90
N PHE C 408 3.20 -38.72 -18.96
CA PHE C 408 1.75 -38.78 -19.20
C PHE C 408 1.36 -37.73 -20.28
N GLY C 409 1.97 -36.53 -20.21
CA GLY C 409 1.73 -35.50 -21.19
C GLY C 409 2.28 -35.90 -22.57
N ILE C 410 3.44 -36.57 -22.59
CA ILE C 410 4.07 -37.04 -23.83
C ILE C 410 3.23 -38.15 -24.46
N GLU C 411 2.82 -39.14 -23.66
CA GLU C 411 2.03 -40.26 -24.19
C GLU C 411 0.67 -39.80 -24.67
N SER C 412 0.04 -38.84 -23.97
CA SER C 412 -1.24 -38.27 -24.42
C SER C 412 -1.07 -37.49 -25.73
N GLY C 413 0.04 -36.74 -25.83
CA GLY C 413 0.39 -36.01 -27.04
C GLY C 413 0.62 -36.93 -28.22
N LYS C 414 1.23 -38.11 -27.99
CA LYS C 414 1.43 -39.09 -29.06
C LYS C 414 0.10 -39.66 -29.50
N LEU C 415 -0.76 -40.02 -28.53
CA LEU C 415 -2.07 -40.61 -28.81
C LEU C 415 -2.97 -39.61 -29.57
N ARG C 416 -2.91 -38.33 -29.19
CA ARG C 416 -3.74 -37.30 -29.81
C ARG C 416 -3.19 -36.72 -31.12
N GLY C 417 -1.97 -37.10 -31.51
CA GLY C 417 -1.40 -36.61 -32.75
C GLY C 417 -0.56 -35.34 -32.66
N PHE C 418 -0.33 -34.79 -31.44
CA PHE C 418 0.55 -33.60 -31.33
C PHE C 418 2.03 -34.06 -31.50
N LEU C 419 2.38 -35.27 -31.03
CA LEU C 419 3.77 -35.72 -30.95
C LEU C 419 4.11 -37.03 -31.64
N ARG C 420 5.35 -37.13 -32.09
CA ARG C 420 5.92 -38.34 -32.70
C ARG C 420 7.35 -38.50 -32.18
N VAL C 421 7.90 -39.73 -32.25
CA VAL C 421 9.29 -40.00 -31.88
C VAL C 421 10.22 -39.12 -32.73
N GLY C 422 11.18 -38.47 -32.09
CA GLY C 422 12.08 -37.56 -32.78
C GLY C 422 11.70 -36.09 -32.65
N ASP C 423 10.45 -35.79 -32.28
CA ASP C 423 10.00 -34.40 -32.09
C ASP C 423 10.70 -33.79 -30.86
N LEU C 424 10.75 -32.46 -30.81
CA LEU C 424 11.26 -31.76 -29.64
C LEU C 424 10.05 -31.17 -28.93
N VAL C 425 10.06 -31.18 -27.60
CA VAL C 425 9.04 -30.54 -26.78
C VAL C 425 9.73 -29.73 -25.70
N ILE C 426 9.09 -28.66 -25.24
CA ILE C 426 9.62 -27.86 -24.15
C ILE C 426 8.84 -28.28 -22.91
N VAL C 427 9.50 -28.48 -21.78
CA VAL C 427 8.81 -28.96 -20.57
C VAL C 427 9.03 -27.95 -19.47
N VAL C 428 7.97 -27.54 -18.83
CA VAL C 428 8.02 -26.53 -17.79
C VAL C 428 7.53 -27.13 -16.46
N THR C 429 8.38 -27.05 -15.43
CA THR C 429 8.14 -27.57 -14.08
C THR C 429 8.73 -26.57 -13.05
N GLY C 430 8.57 -26.90 -11.77
CA GLY C 430 9.14 -26.12 -10.67
C GLY C 430 10.10 -26.95 -9.86
N TRP C 431 10.76 -26.31 -8.90
CA TRP C 431 11.81 -26.94 -8.11
C TRP C 431 11.34 -27.67 -6.85
N ARG C 432 10.06 -27.47 -6.48
CA ARG C 432 9.49 -28.11 -5.30
C ARG C 432 7.96 -28.24 -5.48
N PRO C 433 7.30 -29.13 -4.72
CA PRO C 433 5.84 -29.27 -4.88
C PRO C 433 5.06 -28.07 -4.37
N GLY C 434 3.83 -27.99 -4.82
CA GLY C 434 2.93 -26.90 -4.50
C GLY C 434 2.95 -25.82 -5.56
N SER C 435 1.85 -25.10 -5.67
CA SER C 435 1.70 -24.01 -6.61
C SER C 435 2.67 -22.83 -6.30
N GLY C 436 3.09 -22.11 -7.34
CA GLY C 436 3.92 -20.91 -7.20
C GLY C 436 5.41 -21.04 -7.33
N TYR C 437 5.93 -22.25 -7.60
CA TYR C 437 7.38 -22.48 -7.69
C TYR C 437 7.91 -22.82 -9.08
N THR C 438 7.11 -22.58 -10.15
CA THR C 438 7.61 -22.84 -11.51
C THR C 438 8.88 -22.04 -11.80
N ASN C 439 9.94 -22.74 -12.19
CA ASN C 439 11.22 -22.08 -12.43
C ASN C 439 12.15 -22.87 -13.37
N ILE C 440 11.64 -23.93 -14.02
CA ILE C 440 12.51 -24.78 -14.86
C ILE C 440 11.93 -24.94 -16.25
N MET C 441 12.80 -24.87 -17.27
CA MET C 441 12.43 -25.12 -18.65
C MET C 441 13.43 -26.15 -19.19
N ARG C 442 12.95 -27.24 -19.76
CA ARG C 442 13.83 -28.26 -20.35
C ARG C 442 13.45 -28.50 -21.79
N VAL C 443 14.43 -28.88 -22.61
CA VAL C 443 14.21 -29.21 -24.00
C VAL C 443 14.33 -30.73 -24.05
N LEU C 444 13.26 -31.41 -24.44
CA LEU C 444 13.27 -32.88 -24.48
C LEU C 444 13.01 -33.42 -25.86
N SER C 445 13.74 -34.48 -26.22
CA SER C 445 13.55 -35.18 -27.48
CA SER C 445 13.53 -35.16 -27.49
C SER C 445 12.61 -36.35 -27.20
N ILE C 446 11.53 -36.49 -27.96
CA ILE C 446 10.54 -37.53 -27.74
C ILE C 446 11.07 -38.90 -28.15
N SER C 447 10.97 -39.88 -27.25
CA SER C 447 11.37 -41.25 -27.54
C SER C 447 10.21 -42.26 -27.33
N GLY D 23 14.98 -0.58 -7.14
CA GLY D 23 15.33 0.78 -6.80
C GLY D 23 15.64 1.67 -7.99
N THR D 24 15.47 2.97 -7.82
CA THR D 24 15.75 3.93 -8.89
C THR D 24 17.25 4.03 -9.19
N ALA D 25 18.10 3.84 -8.17
CA ALA D 25 19.56 3.90 -8.34
C ALA D 25 20.03 2.83 -9.32
N PHE D 26 19.44 1.62 -9.26
CA PHE D 26 19.79 0.51 -10.14
C PHE D 26 19.55 0.91 -11.61
N PHE D 27 18.42 1.55 -11.89
CA PHE D 27 18.05 1.92 -13.25
C PHE D 27 18.76 3.18 -13.80
N GLN D 28 19.59 3.84 -12.98
CA GLN D 28 20.37 4.99 -13.46
C GLN D 28 21.81 4.55 -13.88
N GLN D 29 22.30 3.41 -13.35
CA GLN D 29 23.62 2.86 -13.61
C GLN D 29 23.67 2.11 -14.95
N GLN D 30 24.90 1.70 -15.36
CA GLN D 30 25.21 0.90 -16.54
C GLN D 30 24.44 1.32 -17.81
N GLN D 31 24.27 2.64 -18.00
CA GLN D 31 23.59 3.22 -19.16
C GLN D 31 22.19 2.65 -19.38
N LEU D 32 21.50 2.24 -18.29
CA LEU D 32 20.15 1.68 -18.43
C LEU D 32 19.14 2.67 -19.05
N PRO D 33 19.16 4.00 -18.78
CA PRO D 33 18.25 4.91 -19.51
C PRO D 33 18.47 4.85 -21.03
N ALA D 34 19.74 4.79 -21.49
CA ALA D 34 20.05 4.68 -22.93
C ALA D 34 19.65 3.29 -23.48
N ALA D 35 19.69 2.26 -22.63
CA ALA D 35 19.33 0.89 -23.03
C ALA D 35 17.82 0.77 -23.30
N MET D 36 16.98 1.56 -22.61
CA MET D 36 15.54 1.50 -22.82
C MET D 36 15.03 2.37 -23.98
N ALA D 37 15.92 3.06 -24.70
CA ALA D 37 15.50 3.95 -25.80
C ALA D 37 14.85 3.22 -26.99
N ASP D 38 13.90 3.88 -27.63
CA ASP D 38 13.15 3.32 -28.75
C ASP D 38 13.85 3.42 -30.11
N THR D 39 14.84 4.30 -30.24
CA THR D 39 15.61 4.45 -31.47
C THR D 39 17.11 4.52 -31.11
N PHE D 40 17.98 4.24 -32.07
CA PHE D 40 19.42 4.34 -31.84
C PHE D 40 19.79 5.81 -31.60
N LEU D 41 19.13 6.76 -32.30
CA LEU D 41 19.38 8.19 -32.09
C LEU D 41 19.09 8.58 -30.63
N GLU D 42 17.93 8.13 -30.10
CA GLU D 42 17.58 8.44 -28.71
C GLU D 42 18.55 7.75 -27.74
N HIS D 43 19.01 6.54 -28.09
CA HIS D 43 20.00 5.79 -27.31
C HIS D 43 21.28 6.65 -27.16
N LEU D 44 21.79 7.20 -28.27
CA LEU D 44 22.99 8.06 -28.25
C LEU D 44 22.75 9.29 -27.38
N CYS D 45 21.60 9.96 -27.57
CA CYS D 45 21.25 11.17 -26.81
C CYS D 45 21.19 10.93 -25.31
N LEU D 46 20.89 9.70 -24.86
CA LEU D 46 20.76 9.38 -23.44
C LEU D 46 22.03 8.84 -22.77
N LEU D 47 23.12 8.65 -23.52
CA LEU D 47 24.39 8.17 -22.94
C LEU D 47 24.87 9.20 -21.91
N ASP D 48 25.27 8.72 -20.73
CA ASP D 48 25.59 9.59 -19.61
C ASP D 48 26.97 9.26 -19.00
N ILE D 49 27.86 10.23 -18.97
CA ILE D 49 29.19 10.06 -18.37
C ILE D 49 29.14 9.80 -16.85
N ASP D 50 28.03 10.15 -16.19
CA ASP D 50 27.85 9.92 -14.75
C ASP D 50 27.20 8.56 -14.44
N SER D 51 26.80 7.79 -15.47
CA SER D 51 26.18 6.47 -15.28
C SER D 51 27.32 5.46 -15.20
N GLU D 52 27.60 4.97 -13.99
CA GLU D 52 28.75 4.09 -13.77
C GLU D 52 28.51 2.64 -14.16
N PRO D 53 29.54 2.01 -14.78
CA PRO D 53 29.39 0.59 -15.12
C PRO D 53 29.30 -0.26 -13.85
N VAL D 54 28.51 -1.33 -13.90
CA VAL D 54 28.35 -2.22 -12.74
C VAL D 54 28.76 -3.64 -13.08
N ALA D 55 28.50 -4.08 -14.33
CA ALA D 55 28.82 -5.43 -14.77
C ALA D 55 30.32 -5.65 -14.87
N ALA D 56 30.74 -6.91 -14.75
CA ALA D 56 32.14 -7.27 -14.93
C ALA D 56 32.52 -7.04 -16.42
N ARG D 57 33.77 -6.66 -16.66
CA ARG D 57 34.25 -6.40 -18.03
C ARG D 57 34.21 -7.69 -18.83
N SER D 58 33.48 -7.69 -19.95
CA SER D 58 33.21 -8.88 -20.76
C SER D 58 34.15 -9.11 -21.95
N THR D 59 34.74 -8.06 -22.54
CA THR D 59 35.63 -8.22 -23.69
C THR D 59 37.02 -8.62 -23.17
N SER D 60 37.54 -9.80 -23.58
CA SER D 60 38.85 -10.23 -23.10
CA SER D 60 38.85 -10.27 -23.14
C SER D 60 40.00 -9.41 -23.64
N ILE D 61 41.07 -9.35 -22.86
CA ILE D 61 42.29 -8.64 -23.23
C ILE D 61 43.41 -9.64 -23.53
N ILE D 62 44.00 -9.54 -24.71
CA ILE D 62 45.13 -10.36 -25.12
C ILE D 62 46.37 -9.45 -24.98
N ALA D 63 47.37 -9.87 -24.20
CA ALA D 63 48.59 -9.09 -24.03
C ALA D 63 49.74 -9.88 -24.65
N THR D 64 50.49 -9.26 -25.55
CA THR D 64 51.67 -9.91 -26.13
C THR D 64 52.83 -9.90 -25.12
N ILE D 65 53.49 -11.06 -24.95
CA ILE D 65 54.60 -11.25 -24.03
C ILE D 65 55.92 -10.88 -24.69
N GLY D 66 56.78 -10.23 -23.92
CA GLY D 66 58.09 -9.80 -24.42
C GLY D 66 58.97 -9.36 -23.27
N PRO D 67 60.08 -8.68 -23.58
CA PRO D 67 60.97 -8.21 -22.49
C PRO D 67 60.30 -7.34 -21.42
N ALA D 68 59.26 -6.59 -21.78
CA ALA D 68 58.56 -5.75 -20.81
C ALA D 68 57.60 -6.51 -19.89
N SER D 69 57.28 -7.77 -20.23
CA SER D 69 56.26 -8.51 -19.52
C SER D 69 56.60 -9.96 -19.27
N ARG D 70 57.88 -10.32 -19.27
CA ARG D 70 58.28 -11.71 -19.05
C ARG D 70 58.58 -12.02 -17.60
N SER D 71 58.87 -11.00 -16.78
CA SER D 71 59.14 -11.18 -15.35
C SER D 71 57.93 -11.83 -14.69
N VAL D 72 58.16 -12.86 -13.84
CA VAL D 72 57.05 -13.52 -13.14
C VAL D 72 56.28 -12.53 -12.26
N GLU D 73 57.00 -11.61 -11.59
CA GLU D 73 56.35 -10.60 -10.77
C GLU D 73 55.49 -9.61 -11.59
N ARG D 74 55.99 -9.21 -12.75
CA ARG D 74 55.27 -8.31 -13.66
C ARG D 74 54.02 -9.07 -14.21
N LEU D 75 54.18 -10.35 -14.52
CA LEU D 75 53.05 -11.16 -15.01
C LEU D 75 51.91 -11.25 -14.00
N LYS D 76 52.23 -11.33 -12.69
CA LYS D 76 51.21 -11.33 -11.62
C LYS D 76 50.40 -10.04 -11.64
N GLU D 77 51.10 -8.90 -11.83
CA GLU D 77 50.40 -7.61 -11.89
C GLU D 77 49.52 -7.50 -13.14
N MET D 78 49.96 -8.09 -14.26
CA MET D 78 49.17 -8.06 -15.50
CA MET D 78 49.17 -8.05 -15.50
C MET D 78 47.91 -8.90 -15.38
N ILE D 79 47.98 -10.03 -14.66
CA ILE D 79 46.82 -10.88 -14.43
C ILE D 79 45.82 -10.10 -13.56
N LYS D 80 46.32 -9.45 -12.49
CA LYS D 80 45.49 -8.64 -11.64
C LYS D 80 44.84 -7.45 -12.39
N ALA D 81 45.58 -6.85 -13.34
CA ALA D 81 45.09 -5.71 -14.15
C ALA D 81 43.98 -6.13 -15.15
N GLY D 82 43.95 -7.40 -15.54
CA GLY D 82 42.91 -7.90 -16.42
C GLY D 82 43.33 -8.73 -17.62
N MET D 83 44.63 -9.07 -17.76
CA MET D 83 45.08 -9.88 -18.90
C MET D 83 44.40 -11.26 -18.86
N ASN D 84 43.77 -11.67 -19.97
CA ASN D 84 43.08 -12.98 -20.01
C ASN D 84 43.81 -13.98 -20.89
N ILE D 85 44.49 -13.50 -21.93
CA ILE D 85 45.19 -14.33 -22.90
C ILE D 85 46.60 -13.77 -23.07
N ALA D 86 47.61 -14.62 -22.98
CA ALA D 86 49.01 -14.23 -23.20
C ALA D 86 49.40 -14.66 -24.62
N ARG D 87 49.81 -13.70 -25.46
CA ARG D 87 50.17 -13.99 -26.84
C ARG D 87 51.70 -14.12 -26.99
N LEU D 88 52.15 -15.22 -27.60
CA LEU D 88 53.57 -15.46 -27.88
C LEU D 88 53.76 -15.22 -29.36
N ASN D 89 54.50 -14.18 -29.71
CA ASN D 89 54.70 -13.86 -31.11
C ASN D 89 55.91 -14.62 -31.64
N PHE D 90 55.68 -15.69 -32.43
CA PHE D 90 56.78 -16.50 -32.98
C PHE D 90 57.53 -15.85 -34.15
N SER D 91 57.20 -14.59 -34.50
CA SER D 91 57.98 -13.86 -35.50
C SER D 91 59.36 -13.48 -34.90
N HIS D 92 59.51 -13.45 -33.55
CA HIS D 92 60.75 -13.13 -32.85
C HIS D 92 61.02 -14.16 -31.76
N GLY D 93 62.30 -14.42 -31.47
CA GLY D 93 62.67 -15.32 -30.40
C GLY D 93 62.75 -16.78 -30.78
N SER D 94 63.61 -17.51 -30.10
CA SER D 94 63.79 -18.94 -30.35
C SER D 94 62.75 -19.78 -29.59
N HIS D 95 62.74 -21.12 -29.80
CA HIS D 95 61.87 -22.01 -29.04
C HIS D 95 62.22 -21.95 -27.56
N GLU D 96 63.53 -21.82 -27.22
CA GLU D 96 63.95 -21.75 -25.83
C GLU D 96 63.39 -20.50 -25.15
N TYR D 97 63.36 -19.38 -25.89
CA TYR D 97 62.80 -18.14 -25.37
C TYR D 97 61.30 -18.32 -25.08
N HIS D 98 60.57 -18.86 -26.04
CA HIS D 98 59.12 -19.04 -25.88
C HIS D 98 58.76 -20.05 -24.81
N ALA D 99 59.59 -21.10 -24.62
CA ALA D 99 59.37 -22.08 -23.55
C ALA D 99 59.51 -21.40 -22.20
N GLU D 100 60.49 -20.47 -22.05
CA GLU D 100 60.66 -19.72 -20.81
C GLU D 100 59.49 -18.79 -20.58
N SER D 101 58.98 -18.13 -21.64
CA SER D 101 57.79 -17.25 -21.50
C SER D 101 56.59 -18.07 -20.98
N ILE D 102 56.40 -19.26 -21.54
CA ILE D 102 55.30 -20.14 -21.13
C ILE D 102 55.44 -20.54 -19.67
N ALA D 103 56.65 -20.94 -19.25
CA ALA D 103 56.92 -21.31 -17.86
C ALA D 103 56.65 -20.14 -16.93
N ASN D 104 57.05 -18.91 -17.32
CA ASN D 104 56.83 -17.74 -16.49
C ASN D 104 55.36 -17.40 -16.36
N VAL D 105 54.61 -17.50 -17.46
CA VAL D 105 53.17 -17.23 -17.43
C VAL D 105 52.48 -18.22 -16.50
N ARG D 106 52.79 -19.52 -16.67
CA ARG D 106 52.18 -20.55 -15.83
C ARG D 106 52.53 -20.38 -14.37
N GLU D 107 53.78 -19.97 -14.06
CA GLU D 107 54.15 -19.76 -12.66
C GLU D 107 53.33 -18.62 -12.06
N ALA D 108 53.18 -17.51 -12.80
CA ALA D 108 52.40 -16.39 -12.33
C ALA D 108 50.92 -16.78 -12.15
N VAL D 109 50.33 -17.48 -13.14
CA VAL D 109 48.93 -17.88 -13.08
C VAL D 109 48.67 -18.81 -11.90
N GLU D 110 49.53 -19.83 -11.75
CA GLU D 110 49.37 -20.81 -10.66
C GLU D 110 49.70 -20.29 -9.29
N SER D 111 50.34 -19.11 -9.17
CA SER D 111 50.58 -18.50 -7.86
C SER D 111 49.28 -18.12 -7.16
N PHE D 112 48.16 -18.01 -7.91
CA PHE D 112 46.84 -17.69 -7.36
C PHE D 112 45.94 -18.95 -7.19
N ALA D 113 46.44 -20.15 -7.50
CA ALA D 113 45.66 -21.39 -7.40
C ALA D 113 45.31 -21.82 -5.98
N GLY D 114 46.02 -21.30 -4.98
CA GLY D 114 45.74 -21.59 -3.58
C GLY D 114 44.42 -21.05 -3.08
N SER D 115 43.78 -20.15 -3.85
CA SER D 115 42.46 -19.63 -3.51
C SER D 115 41.53 -19.93 -4.70
N PRO D 116 40.94 -21.13 -4.74
CA PRO D 116 40.12 -21.52 -5.90
C PRO D 116 38.96 -20.62 -6.26
N LEU D 117 38.35 -19.94 -5.29
CA LEU D 117 37.21 -19.06 -5.56
C LEU D 117 37.58 -17.80 -6.33
N SER D 118 38.86 -17.41 -6.35
CA SER D 118 39.27 -16.20 -7.06
C SER D 118 40.28 -16.49 -8.18
N TYR D 119 40.71 -17.75 -8.37
CA TYR D 119 41.67 -18.12 -9.40
C TYR D 119 41.17 -17.74 -10.81
N ARG D 120 42.03 -17.05 -11.56
CA ARG D 120 41.73 -16.65 -12.93
C ARG D 120 42.55 -17.41 -13.94
N PRO D 121 41.89 -18.26 -14.74
CA PRO D 121 42.63 -18.92 -15.82
C PRO D 121 43.15 -17.91 -16.85
N VAL D 122 44.31 -18.22 -17.47
CA VAL D 122 44.91 -17.36 -18.50
C VAL D 122 45.32 -18.25 -19.66
N ALA D 123 44.80 -17.98 -20.87
CA ALA D 123 45.11 -18.78 -22.04
C ALA D 123 46.48 -18.44 -22.61
N ILE D 124 47.09 -19.39 -23.31
CA ILE D 124 48.34 -19.17 -23.98
C ILE D 124 48.12 -19.34 -25.47
N ALA D 125 48.38 -18.27 -26.24
CA ALA D 125 48.17 -18.28 -27.67
C ALA D 125 49.48 -18.16 -28.42
N LEU D 126 49.66 -18.96 -29.47
CA LEU D 126 50.87 -18.96 -30.29
C LEU D 126 50.55 -18.26 -31.59
N ASP D 127 51.22 -17.16 -31.87
CA ASP D 127 51.00 -16.41 -33.09
C ASP D 127 52.12 -16.75 -34.06
N THR D 128 51.78 -17.36 -35.20
CA THR D 128 52.81 -17.84 -36.14
C THR D 128 53.53 -16.76 -36.93
N LYS D 129 54.76 -17.09 -37.39
CA LYS D 129 55.57 -16.17 -38.20
C LYS D 129 54.89 -15.93 -39.54
N GLY D 130 54.32 -16.97 -40.13
CA GLY D 130 53.60 -16.85 -41.39
C GLY D 130 54.30 -17.47 -42.58
N PRO D 131 53.63 -17.38 -43.75
CA PRO D 131 54.16 -18.02 -44.96
C PRO D 131 55.31 -17.30 -45.64
N GLY D 132 55.44 -15.99 -45.38
CA GLY D 132 56.46 -15.17 -46.02
C GLY D 132 56.18 -15.06 -47.51
N SER D 133 57.19 -15.35 -48.35
CA SER D 133 57.01 -15.34 -49.80
C SER D 133 56.37 -16.62 -50.37
N GLY D 134 56.23 -17.65 -49.54
CA GLY D 134 55.67 -18.93 -49.96
C GLY D 134 54.18 -18.92 -50.20
N PRO D 135 53.67 -19.99 -50.83
CA PRO D 135 52.22 -20.04 -51.12
C PRO D 135 51.32 -20.61 -50.01
N GLY D 136 51.93 -21.25 -49.01
CA GLY D 136 51.19 -21.88 -47.92
C GLY D 136 52.02 -22.06 -46.67
N LEU D 137 51.77 -23.15 -45.91
CA LEU D 137 52.44 -23.41 -44.65
C LEU D 137 53.96 -23.58 -44.75
N SER D 138 54.71 -22.65 -44.15
CA SER D 138 56.18 -22.68 -44.16
C SER D 138 56.75 -23.78 -43.25
N GLU D 139 58.02 -24.16 -43.47
CA GLU D 139 58.67 -25.18 -42.66
C GLU D 139 58.89 -24.71 -41.22
N GLN D 140 59.16 -23.41 -41.02
CA GLN D 140 59.32 -22.88 -39.67
C GLN D 140 57.97 -22.96 -38.93
N ASP D 141 56.85 -22.67 -39.63
CA ASP D 141 55.53 -22.76 -39.00
C ASP D 141 55.21 -24.19 -38.60
N VAL D 142 55.61 -25.19 -39.39
CA VAL D 142 55.39 -26.60 -39.03
C VAL D 142 56.12 -26.93 -37.72
N ARG D 143 57.37 -26.48 -37.58
CA ARG D 143 58.14 -26.72 -36.36
C ARG D 143 57.57 -25.94 -35.17
N ASP D 144 57.11 -24.70 -35.40
CA ASP D 144 56.53 -23.89 -34.32
C ASP D 144 55.20 -24.46 -33.84
N LEU D 145 54.37 -24.95 -34.76
CA LEU D 145 53.10 -25.56 -34.39
C LEU D 145 53.33 -26.84 -33.60
N ARG D 146 54.38 -27.63 -33.95
CA ARG D 146 54.68 -28.85 -33.19
CA ARG D 146 54.68 -28.85 -33.20
C ARG D 146 55.14 -28.48 -31.79
N PHE D 147 55.93 -27.39 -31.65
CA PHE D 147 56.37 -26.88 -30.34
C PHE D 147 55.11 -26.49 -29.52
N GLY D 148 54.15 -25.83 -30.15
CA GLY D 148 52.92 -25.42 -29.50
C GLY D 148 52.15 -26.58 -28.92
N VAL D 149 52.01 -27.67 -29.69
CA VAL D 149 51.33 -28.88 -29.21
C VAL D 149 52.10 -29.51 -28.05
N GLU D 150 53.43 -29.61 -28.19
CA GLU D 150 54.29 -30.19 -27.14
C GLU D 150 54.25 -29.39 -25.86
N HIS D 151 54.07 -28.05 -25.94
CA HIS D 151 54.00 -27.22 -24.76
C HIS D 151 52.56 -26.90 -24.29
N GLY D 152 51.56 -27.53 -24.89
CA GLY D 152 50.18 -27.39 -24.47
C GLY D 152 49.55 -26.02 -24.66
N VAL D 153 49.86 -25.31 -25.76
CA VAL D 153 49.22 -24.01 -26.01
C VAL D 153 47.72 -24.21 -26.27
N ASP D 154 46.93 -23.17 -25.95
CA ASP D 154 45.47 -23.29 -26.08
C ASP D 154 44.92 -22.85 -27.42
N ILE D 155 45.58 -21.87 -28.02
CA ILE D 155 45.12 -21.20 -29.23
C ILE D 155 46.27 -20.96 -30.17
N VAL D 156 45.99 -20.98 -31.46
CA VAL D 156 46.93 -20.60 -32.48
C VAL D 156 46.33 -19.39 -33.23
N PHE D 157 47.08 -18.30 -33.36
CA PHE D 157 46.70 -17.16 -34.17
C PHE D 157 47.50 -17.38 -35.46
N ALA D 158 46.85 -17.88 -36.51
CA ALA D 158 47.52 -18.23 -37.76
C ALA D 158 47.71 -17.05 -38.68
N SER D 159 48.97 -16.63 -38.91
CA SER D 159 49.26 -15.47 -39.74
C SER D 159 48.99 -15.63 -41.24
N PHE D 160 48.54 -14.53 -41.86
CA PHE D 160 48.28 -14.43 -43.29
C PHE D 160 47.44 -15.57 -43.87
N VAL D 161 46.28 -15.85 -43.25
CA VAL D 161 45.38 -16.87 -43.78
C VAL D 161 44.69 -16.26 -45.00
N ARG D 162 44.84 -16.91 -46.16
CA ARG D 162 44.27 -16.41 -47.40
C ARG D 162 43.16 -17.27 -47.98
N LYS D 163 43.01 -18.51 -47.50
CA LYS D 163 42.02 -19.44 -48.01
C LYS D 163 41.80 -20.61 -47.03
N ALA D 164 40.72 -21.38 -47.22
CA ALA D 164 40.39 -22.50 -46.33
C ALA D 164 41.50 -23.56 -46.24
N SER D 165 42.23 -23.82 -47.35
CA SER D 165 43.29 -24.81 -47.32
C SER D 165 44.45 -24.40 -46.40
N ASP D 166 44.63 -23.08 -46.15
CA ASP D 166 45.65 -22.62 -45.20
C ASP D 166 45.29 -23.09 -43.79
N VAL D 167 44.00 -23.03 -43.43
CA VAL D 167 43.52 -23.47 -42.12
C VAL D 167 43.70 -24.98 -41.97
N ALA D 168 43.36 -25.73 -43.03
CA ALA D 168 43.51 -27.19 -43.03
C ALA D 168 44.97 -27.58 -42.81
N ALA D 169 45.91 -26.84 -43.40
CA ALA D 169 47.34 -27.10 -43.26
C ALA D 169 47.79 -26.87 -41.82
N VAL D 170 47.27 -25.82 -41.16
CA VAL D 170 47.60 -25.53 -39.76
C VAL D 170 47.08 -26.67 -38.88
N ARG D 171 45.84 -27.08 -39.13
CA ARG D 171 45.18 -28.16 -38.38
C ARG D 171 45.99 -29.47 -38.52
N ALA D 172 46.45 -29.79 -39.73
CA ALA D 172 47.24 -31.00 -39.98
C ALA D 172 48.59 -30.94 -39.27
N ALA D 173 49.25 -29.77 -39.26
CA ALA D 173 50.53 -29.59 -38.58
C ALA D 173 50.42 -29.72 -37.05
N LEU D 174 49.24 -29.49 -36.48
CA LEU D 174 49.01 -29.69 -35.05
C LEU D 174 48.92 -31.19 -34.67
N GLY D 175 48.69 -32.05 -35.66
CA GLY D 175 48.64 -33.49 -35.48
C GLY D 175 47.47 -34.03 -34.70
N PRO D 176 47.53 -35.33 -34.37
CA PRO D 176 46.43 -35.94 -33.62
C PRO D 176 46.36 -35.48 -32.16
N GLU D 177 47.48 -35.01 -31.58
CA GLU D 177 47.47 -34.53 -30.20
C GLU D 177 46.96 -33.09 -30.04
N GLY D 178 46.86 -32.34 -31.13
CA GLY D 178 46.42 -30.95 -31.06
C GLY D 178 45.02 -30.67 -31.57
N HIS D 179 44.12 -31.69 -31.54
CA HIS D 179 42.74 -31.54 -32.03
CA HIS D 179 42.75 -31.53 -32.02
C HIS D 179 41.93 -30.52 -31.22
N GLY D 180 42.25 -30.36 -29.94
CA GLY D 180 41.53 -29.45 -29.06
C GLY D 180 42.00 -28.00 -29.12
N ILE D 181 43.11 -27.71 -29.82
CA ILE D 181 43.63 -26.33 -29.92
C ILE D 181 42.75 -25.49 -30.84
N LYS D 182 42.39 -24.27 -30.42
CA LYS D 182 41.55 -23.39 -31.25
C LYS D 182 42.37 -22.68 -32.30
N ILE D 183 41.88 -22.63 -33.54
CA ILE D 183 42.59 -21.93 -34.61
C ILE D 183 41.87 -20.62 -34.93
N ILE D 184 42.53 -19.49 -34.69
CA ILE D 184 42.00 -18.16 -34.98
C ILE D 184 42.76 -17.67 -36.22
N SER D 185 42.06 -17.54 -37.35
CA SER D 185 42.72 -17.13 -38.59
C SER D 185 42.94 -15.62 -38.65
N LYS D 186 44.18 -15.19 -38.92
CA LYS D 186 44.46 -13.76 -39.04
C LYS D 186 44.24 -13.32 -40.47
N ILE D 187 43.36 -12.31 -40.65
CA ILE D 187 43.05 -11.74 -41.97
C ILE D 187 43.92 -10.50 -42.08
N GLU D 188 44.88 -10.54 -43.00
CA GLU D 188 45.92 -9.52 -43.12
C GLU D 188 46.09 -8.95 -44.52
N ASN D 189 45.32 -9.41 -45.50
CA ASN D 189 45.49 -8.91 -46.87
C ASN D 189 44.17 -8.95 -47.66
N HIS D 190 44.20 -8.44 -48.90
CA HIS D 190 43.00 -8.38 -49.74
C HIS D 190 42.40 -9.78 -49.98
N GLU D 191 43.22 -10.78 -50.29
CA GLU D 191 42.70 -12.14 -50.52
C GLU D 191 41.97 -12.71 -49.32
N GLY D 192 42.51 -12.53 -48.12
CA GLY D 192 41.85 -12.99 -46.90
C GLY D 192 40.49 -12.34 -46.70
N VAL D 193 40.37 -11.04 -47.01
CA VAL D 193 39.08 -10.35 -46.89
C VAL D 193 38.09 -10.91 -47.94
N LYS D 194 38.54 -11.09 -49.18
CA LYS D 194 37.67 -11.58 -50.26
C LYS D 194 37.22 -13.02 -50.06
N ARG D 195 38.10 -13.85 -49.50
CA ARG D 195 37.76 -15.24 -49.20
C ARG D 195 37.34 -15.45 -47.74
N PHE D 196 36.90 -14.39 -47.07
CA PHE D 196 36.53 -14.43 -45.66
C PHE D 196 35.54 -15.54 -45.31
N ASP D 197 34.43 -15.67 -46.06
CA ASP D 197 33.42 -16.68 -45.71
C ASP D 197 33.97 -18.10 -45.66
N GLU D 198 34.77 -18.49 -46.66
CA GLU D 198 35.33 -19.85 -46.67
C GLU D 198 36.34 -20.04 -45.53
N ILE D 199 37.06 -18.96 -45.14
CA ILE D 199 38.04 -19.05 -44.05
C ILE D 199 37.31 -19.21 -42.72
N LEU D 200 36.29 -18.35 -42.48
CA LEU D 200 35.53 -18.40 -41.23
C LEU D 200 34.87 -19.77 -41.03
N GLU D 201 34.32 -20.34 -42.10
CA GLU D 201 33.63 -21.64 -42.04
C GLU D 201 34.48 -22.74 -41.40
N VAL D 202 35.79 -22.78 -41.71
CA VAL D 202 36.68 -23.83 -41.17
C VAL D 202 37.52 -23.39 -39.96
N SER D 203 37.44 -22.11 -39.58
CA SER D 203 38.22 -21.61 -38.44
C SER D 203 37.38 -21.59 -37.17
N ASP D 204 38.03 -21.54 -36.00
CA ASP D 204 37.31 -21.36 -34.74
C ASP D 204 36.94 -19.87 -34.53
N GLY D 205 37.68 -18.97 -35.17
CA GLY D 205 37.47 -17.54 -35.05
C GLY D 205 38.42 -16.77 -35.95
N ILE D 206 38.41 -15.44 -35.83
CA ILE D 206 39.17 -14.57 -36.69
C ILE D 206 39.90 -13.48 -35.91
N MET D 207 41.05 -13.04 -36.43
CA MET D 207 41.71 -11.86 -35.89
C MET D 207 41.78 -10.85 -37.03
N VAL D 208 41.31 -9.60 -36.78
CA VAL D 208 41.43 -8.51 -37.74
C VAL D 208 42.84 -7.95 -37.47
N ALA D 209 43.82 -8.41 -38.25
CA ALA D 209 45.24 -8.06 -38.02
C ALA D 209 45.52 -6.78 -38.76
N ARG D 210 45.20 -5.64 -38.12
CA ARG D 210 45.22 -4.33 -38.76
C ARG D 210 46.58 -3.81 -39.21
N GLY D 211 47.67 -4.27 -38.60
CA GLY D 211 49.02 -3.85 -38.97
C GLY D 211 49.31 -4.13 -40.44
N ASP D 212 49.34 -5.43 -40.79
CA ASP D 212 49.54 -5.83 -42.17
C ASP D 212 48.36 -5.45 -43.05
N LEU D 213 47.12 -5.54 -42.52
CA LEU D 213 45.95 -5.19 -43.33
C LEU D 213 46.02 -3.73 -43.84
N GLY D 214 46.48 -2.83 -42.97
CA GLY D 214 46.62 -1.41 -43.26
C GLY D 214 47.73 -1.03 -44.23
N ILE D 215 48.60 -2.00 -44.58
CA ILE D 215 49.67 -1.83 -45.58
C ILE D 215 49.30 -2.60 -46.87
N GLU D 216 48.52 -3.70 -46.75
CA GLU D 216 48.08 -4.52 -47.87
C GLU D 216 46.92 -3.89 -48.63
N ILE D 217 46.01 -3.20 -47.92
CA ILE D 217 44.90 -2.49 -48.53
C ILE D 217 45.01 -1.00 -48.11
N PRO D 218 44.34 -0.06 -48.81
CA PRO D 218 44.43 1.35 -48.40
C PRO D 218 44.08 1.56 -46.93
N ALA D 219 44.87 2.35 -46.22
CA ALA D 219 44.66 2.61 -44.79
C ALA D 219 43.25 3.08 -44.47
N GLU D 220 42.67 3.91 -45.36
CA GLU D 220 41.33 4.46 -45.18
C GLU D 220 40.20 3.42 -45.36
N LYS D 221 40.51 2.19 -45.79
CA LYS D 221 39.51 1.14 -45.94
C LYS D 221 39.54 0.11 -44.80
N VAL D 222 40.54 0.14 -43.92
CA VAL D 222 40.64 -0.85 -42.83
C VAL D 222 39.39 -0.89 -41.96
N PHE D 223 38.82 0.26 -41.61
CA PHE D 223 37.62 0.27 -40.76
C PHE D 223 36.45 -0.52 -41.40
N LEU D 224 36.33 -0.53 -42.74
CA LEU D 224 35.25 -1.24 -43.44
C LEU D 224 35.49 -2.75 -43.27
N ALA D 225 36.73 -3.19 -43.45
CA ALA D 225 37.08 -4.61 -43.30
C ALA D 225 36.86 -5.04 -41.86
N GLN D 226 37.26 -4.19 -40.89
CA GLN D 226 37.07 -4.52 -39.47
C GLN D 226 35.58 -4.68 -39.14
N LYS D 227 34.75 -3.70 -39.52
CA LYS D 227 33.32 -3.73 -39.17
C LYS D 227 32.60 -4.90 -39.86
N MET D 228 32.98 -5.20 -41.09
CA MET D 228 32.39 -6.30 -41.83
C MET D 228 32.76 -7.65 -41.18
N MET D 229 34.04 -7.84 -40.85
CA MET D 229 34.48 -9.11 -40.27
C MET D 229 33.92 -9.33 -38.89
N ILE D 230 33.81 -8.26 -38.09
CA ILE D 230 33.20 -8.39 -36.77
C ILE D 230 31.72 -8.76 -36.91
N GLY D 231 31.01 -8.10 -37.83
CA GLY D 231 29.59 -8.40 -38.06
C GLY D 231 29.37 -9.83 -38.49
N ARG D 232 30.20 -10.32 -39.43
CA ARG D 232 30.06 -11.69 -39.91
C ARG D 232 30.40 -12.73 -38.83
N CYS D 233 31.42 -12.44 -37.99
CA CYS D 233 31.75 -13.34 -36.88
C CYS D 233 30.63 -13.35 -35.86
N ASN D 234 30.03 -12.19 -35.56
CA ASN D 234 28.92 -12.11 -34.61
C ASN D 234 27.73 -12.92 -35.16
N LEU D 235 27.46 -12.82 -36.46
CA LEU D 235 26.36 -13.57 -37.11
C LEU D 235 26.62 -15.09 -36.98
N ALA D 236 27.88 -15.50 -37.17
CA ALA D 236 28.26 -16.92 -37.08
C ALA D 236 28.41 -17.44 -35.63
N GLY D 237 28.43 -16.54 -34.64
CA GLY D 237 28.65 -16.93 -33.25
C GLY D 237 30.06 -17.44 -32.99
N LYS D 238 31.05 -16.89 -33.74
CA LYS D 238 32.44 -17.29 -33.58
C LYS D 238 33.28 -16.09 -33.11
N PRO D 239 34.28 -16.34 -32.24
CA PRO D 239 35.07 -15.21 -31.71
C PRO D 239 35.81 -14.39 -32.74
N VAL D 240 35.89 -13.06 -32.50
CA VAL D 240 36.62 -12.17 -33.35
C VAL D 240 37.48 -11.24 -32.49
N VAL D 241 38.74 -11.08 -32.88
CA VAL D 241 39.70 -10.26 -32.16
C VAL D 241 40.03 -9.00 -32.96
N CYS D 242 40.05 -7.83 -32.31
CA CYS D 242 40.53 -6.60 -32.97
C CYS D 242 41.95 -6.40 -32.48
N ALA D 243 42.88 -6.19 -33.40
CA ALA D 243 44.29 -6.09 -33.03
C ALA D 243 45.04 -4.94 -33.68
N THR D 244 46.14 -4.50 -33.02
CA THR D 244 47.25 -3.69 -33.50
C THR D 244 47.04 -2.18 -33.44
N GLN D 245 47.98 -1.52 -32.73
CA GLN D 245 48.07 -0.07 -32.52
C GLN D 245 46.87 0.52 -31.78
N MET D 246 46.13 -0.30 -31.01
CA MET D 246 44.96 0.21 -30.28
C MET D 246 45.34 1.28 -29.27
N LEU D 247 46.47 1.10 -28.55
CA LEU D 247 46.94 2.09 -27.57
C LEU D 247 48.43 2.36 -27.84
N GLU D 248 48.82 2.44 -29.11
CA GLU D 248 50.21 2.55 -29.54
C GLU D 248 51.08 3.56 -28.79
N SER D 249 50.58 4.78 -28.56
CA SER D 249 51.36 5.80 -27.87
C SER D 249 51.77 5.39 -26.45
N MET D 250 51.05 4.43 -25.82
CA MET D 250 51.38 3.96 -24.48
C MET D 250 52.63 3.08 -24.42
N ILE D 251 53.29 2.81 -25.57
CA ILE D 251 54.58 2.15 -25.58
C ILE D 251 55.60 3.07 -24.84
N THR D 252 55.46 4.42 -25.01
CA THR D 252 56.36 5.38 -24.37
C THR D 252 55.68 6.39 -23.45
N LYS D 253 54.34 6.54 -23.55
CA LYS D 253 53.63 7.53 -22.74
C LYS D 253 52.67 6.91 -21.73
N PRO D 254 52.50 7.55 -20.54
CA PRO D 254 51.65 6.95 -19.51
C PRO D 254 50.15 6.99 -19.79
N ARG D 255 49.71 7.89 -20.70
CA ARG D 255 48.29 8.04 -21.05
C ARG D 255 48.16 7.97 -22.57
N PRO D 256 47.05 7.40 -23.07
CA PRO D 256 46.89 7.27 -24.52
C PRO D 256 46.31 8.55 -25.17
N THR D 257 46.29 8.59 -26.51
CA THR D 257 45.69 9.73 -27.22
C THR D 257 44.14 9.58 -27.24
N ARG D 258 43.45 10.65 -27.65
CA ARG D 258 41.98 10.63 -27.77
C ARG D 258 41.54 9.64 -28.86
N ALA D 259 42.34 9.48 -29.93
CA ALA D 259 42.00 8.54 -31.00
C ALA D 259 42.11 7.08 -30.52
N GLU D 260 43.09 6.82 -29.66
CA GLU D 260 43.33 5.48 -29.13
C GLU D 260 42.21 5.03 -28.20
N THR D 261 41.76 5.89 -27.27
CA THR D 261 40.63 5.49 -26.39
C THR D 261 39.38 5.28 -27.24
N SER D 262 39.15 6.14 -28.23
CA SER D 262 38.03 6.03 -29.16
C SER D 262 38.11 4.67 -29.91
N ASP D 263 39.29 4.30 -30.40
CA ASP D 263 39.48 3.05 -31.14
C ASP D 263 39.10 1.84 -30.30
N VAL D 264 39.58 1.78 -29.05
CA VAL D 264 39.24 0.66 -28.14
C VAL D 264 37.72 0.63 -27.89
N ALA D 265 37.12 1.80 -27.58
CA ALA D 265 35.68 1.84 -27.34
C ALA D 265 34.87 1.37 -28.56
N ASN D 266 35.27 1.83 -29.76
CA ASN D 266 34.56 1.48 -30.99
C ASN D 266 34.76 0.03 -31.41
N ALA D 267 35.89 -0.60 -31.07
CA ALA D 267 36.08 -2.03 -31.36
C ALA D 267 35.09 -2.84 -30.51
N VAL D 268 34.89 -2.44 -29.24
CA VAL D 268 33.94 -3.12 -28.37
C VAL D 268 32.51 -2.88 -28.88
N LEU D 269 32.15 -1.64 -29.20
CA LEU D 269 30.84 -1.33 -29.73
C LEU D 269 30.57 -2.07 -31.05
N ASP D 270 31.59 -2.23 -31.89
CA ASP D 270 31.45 -2.95 -33.18
C ASP D 270 31.01 -4.41 -32.95
N GLY D 271 31.47 -5.00 -31.86
CA GLY D 271 31.16 -6.39 -31.48
C GLY D 271 32.35 -7.30 -31.25
N ALA D 272 33.57 -6.72 -31.11
CA ALA D 272 34.77 -7.57 -30.91
C ALA D 272 34.66 -8.38 -29.62
N ASP D 273 34.97 -9.69 -29.68
CA ASP D 273 35.01 -10.51 -28.48
C ASP D 273 36.27 -10.22 -27.67
N CYS D 274 37.38 -9.96 -28.37
CA CYS D 274 38.68 -9.68 -27.71
C CYS D 274 39.29 -8.43 -28.31
N ILE D 275 40.13 -7.78 -27.50
CA ILE D 275 40.94 -6.65 -27.92
C ILE D 275 42.41 -7.00 -27.57
N MET D 276 43.36 -6.48 -28.34
CA MET D 276 44.75 -6.91 -28.18
C MET D 276 45.72 -5.76 -27.95
N LEU D 277 46.84 -6.10 -27.30
CA LEU D 277 47.98 -5.22 -27.07
C LEU D 277 49.18 -5.98 -27.64
N SER D 278 50.03 -5.28 -28.40
CA SER D 278 51.21 -5.88 -29.01
C SER D 278 52.46 -5.24 -28.40
N GLY D 279 53.04 -4.21 -29.04
CA GLY D 279 54.19 -3.50 -28.49
C GLY D 279 53.90 -2.89 -27.13
N GLU D 280 52.62 -2.50 -26.90
CA GLU D 280 52.21 -1.90 -25.62
C GLU D 280 52.53 -2.77 -24.42
N THR D 281 52.44 -4.12 -24.54
CA THR D 281 52.80 -5.00 -23.44
C THR D 281 54.09 -5.78 -23.69
N ALA D 282 54.50 -5.98 -24.95
CA ALA D 282 55.71 -6.77 -25.22
C ALA D 282 57.00 -6.00 -24.99
N LYS D 283 57.03 -4.71 -25.36
CA LYS D 283 58.28 -3.95 -25.26
C LYS D 283 58.18 -2.56 -24.65
N GLY D 284 56.97 -2.08 -24.40
CA GLY D 284 56.79 -0.73 -23.87
C GLY D 284 57.13 -0.52 -22.41
N ASN D 285 57.07 0.74 -21.97
CA ASN D 285 57.37 1.06 -20.56
C ASN D 285 56.13 1.09 -19.66
N PHE D 286 54.92 0.82 -20.21
CA PHE D 286 53.67 0.85 -19.44
C PHE D 286 52.78 -0.40 -19.68
N PRO D 287 53.35 -1.63 -19.66
CA PRO D 287 52.50 -2.80 -19.94
C PRO D 287 51.31 -2.96 -19.02
N VAL D 288 51.47 -2.76 -17.71
CA VAL D 288 50.35 -2.91 -16.76
C VAL D 288 49.30 -1.83 -16.98
N GLU D 289 49.75 -0.58 -17.19
CA GLU D 289 48.85 0.54 -17.41
C GLU D 289 48.07 0.37 -18.72
N ALA D 290 48.69 -0.24 -19.75
CA ALA D 290 47.99 -0.45 -21.03
C ALA D 290 46.86 -1.47 -20.84
N VAL D 291 47.10 -2.52 -20.05
CA VAL D 291 46.06 -3.51 -19.72
C VAL D 291 44.94 -2.84 -18.91
N LYS D 292 45.31 -2.03 -17.91
CA LYS D 292 44.32 -1.31 -17.10
C LYS D 292 43.47 -0.34 -17.94
N MET D 293 44.09 0.30 -18.94
CA MET D 293 43.35 1.24 -19.80
C MET D 293 42.35 0.50 -20.66
N GLN D 294 42.76 -0.64 -21.28
CA GLN D 294 41.81 -1.44 -22.10
C GLN D 294 40.65 -1.93 -21.24
N HIS D 295 40.94 -2.35 -20.00
CA HIS D 295 39.90 -2.79 -19.06
C HIS D 295 38.89 -1.66 -18.80
N ALA D 296 39.39 -0.46 -18.45
CA ALA D 296 38.51 0.67 -18.15
C ALA D 296 37.62 1.10 -19.31
N ILE D 297 38.18 1.18 -20.52
CA ILE D 297 37.41 1.58 -21.69
C ILE D 297 36.40 0.49 -22.06
N ALA D 298 36.84 -0.79 -22.08
CA ALA D 298 35.92 -1.89 -22.43
C ALA D 298 34.70 -1.92 -21.54
N ARG D 299 34.88 -1.73 -20.21
CA ARG D 299 33.73 -1.72 -19.30
C ARG D 299 32.73 -0.62 -19.62
N GLU D 300 33.23 0.59 -19.95
CA GLU D 300 32.34 1.70 -20.28
C GLU D 300 31.59 1.42 -21.58
N ALA D 301 32.30 0.90 -22.59
CA ALA D 301 31.72 0.62 -23.90
C ALA D 301 30.68 -0.50 -23.85
N GLU D 302 30.93 -1.53 -23.03
CA GLU D 302 29.98 -2.64 -22.93
C GLU D 302 28.62 -2.19 -22.38
N ALA D 303 28.65 -1.27 -21.42
CA ALA D 303 27.40 -0.72 -20.87
C ALA D 303 26.65 0.14 -21.92
N ALA D 304 27.36 0.74 -22.87
CA ALA D 304 26.78 1.58 -23.91
C ALA D 304 26.23 0.79 -25.12
N VAL D 305 26.33 -0.55 -25.10
CA VAL D 305 25.79 -1.38 -26.18
C VAL D 305 24.25 -1.26 -26.16
N TYR D 306 23.63 -1.08 -27.33
CA TYR D 306 22.19 -0.92 -27.45
C TYR D 306 21.56 -2.31 -27.58
N HIS D 307 21.48 -3.04 -26.45
CA HIS D 307 20.95 -4.42 -26.41
C HIS D 307 19.56 -4.58 -27.01
N ARG D 308 18.70 -3.53 -26.92
CA ARG D 308 17.34 -3.62 -27.47
C ARG D 308 17.33 -4.03 -28.94
N GLN D 309 18.08 -3.32 -29.79
CA GLN D 309 18.13 -3.68 -31.20
C GLN D 309 19.08 -4.87 -31.45
N LEU D 310 20.22 -4.89 -30.76
CA LEU D 310 21.22 -5.95 -30.93
C LEU D 310 20.61 -7.36 -30.71
N PHE D 311 19.93 -7.57 -29.58
CA PHE D 311 19.34 -8.88 -29.28
C PHE D 311 18.30 -9.26 -30.30
N GLU D 312 17.45 -8.29 -30.72
CA GLU D 312 16.42 -8.57 -31.71
C GLU D 312 17.05 -9.02 -33.02
N GLU D 313 18.13 -8.35 -33.46
CA GLU D 313 18.79 -8.71 -34.71
C GLU D 313 19.53 -10.04 -34.64
N LEU D 314 20.19 -10.32 -33.51
CA LEU D 314 20.91 -11.59 -33.35
C LEU D 314 19.93 -12.76 -33.34
N ARG D 315 18.80 -12.61 -32.65
CA ARG D 315 17.76 -13.63 -32.57
C ARG D 315 17.21 -13.93 -33.96
N ARG D 316 16.84 -12.87 -34.69
CA ARG D 316 16.24 -12.96 -36.01
C ARG D 316 17.18 -13.57 -37.03
N ALA D 317 18.49 -13.25 -36.95
CA ALA D 317 19.46 -13.76 -37.91
C ALA D 317 19.92 -15.20 -37.60
N ALA D 318 19.86 -15.60 -36.33
CA ALA D 318 20.25 -16.95 -35.95
C ALA D 318 19.23 -17.93 -36.50
N PRO D 319 19.70 -18.97 -37.21
CA PRO D 319 18.76 -19.91 -37.82
C PRO D 319 17.98 -20.73 -36.80
N LEU D 320 16.85 -21.30 -37.24
CA LEU D 320 16.09 -22.23 -36.40
C LEU D 320 16.97 -23.46 -36.13
N SER D 321 16.81 -24.07 -34.96
CA SER D 321 17.66 -25.18 -34.60
C SER D 321 16.93 -26.25 -33.84
N ARG D 322 17.29 -27.50 -34.09
CA ARG D 322 16.80 -28.64 -33.31
C ARG D 322 17.86 -29.16 -32.32
N ASP D 323 18.96 -28.41 -32.13
CA ASP D 323 20.00 -28.79 -31.19
C ASP D 323 19.57 -28.28 -29.82
N PRO D 324 19.41 -29.16 -28.81
CA PRO D 324 18.93 -28.68 -27.50
C PRO D 324 19.82 -27.66 -26.80
N THR D 325 21.15 -27.69 -27.04
CA THR D 325 22.04 -26.70 -26.43
C THR D 325 21.71 -25.30 -27.00
N GLU D 326 21.52 -25.23 -28.31
CA GLU D 326 21.18 -23.97 -28.99
C GLU D 326 19.81 -23.45 -28.54
N VAL D 327 18.84 -24.37 -28.42
CA VAL D 327 17.48 -23.98 -28.00
C VAL D 327 17.50 -23.49 -26.55
N THR D 328 18.21 -24.20 -25.66
CA THR D 328 18.32 -23.80 -24.26
C THR D 328 19.02 -22.45 -24.15
N ALA D 329 20.07 -22.22 -24.95
CA ALA D 329 20.85 -20.97 -24.87
C ALA D 329 19.98 -19.74 -25.15
N ILE D 330 19.17 -19.77 -26.21
CA ILE D 330 18.35 -18.59 -26.53
C ILE D 330 17.26 -18.40 -25.46
N GLY D 331 16.70 -19.51 -24.94
CA GLY D 331 15.71 -19.41 -23.87
C GLY D 331 16.30 -18.79 -22.61
N ALA D 332 17.53 -19.20 -22.26
CA ALA D 332 18.24 -18.69 -21.07
C ALA D 332 18.57 -17.21 -21.21
N VAL D 333 19.01 -16.76 -22.41
CA VAL D 333 19.33 -15.34 -22.64
C VAL D 333 18.07 -14.48 -22.55
N GLU D 334 16.97 -14.97 -23.12
CA GLU D 334 15.69 -14.27 -23.09
CA GLU D 334 15.69 -14.28 -23.08
C GLU D 334 15.24 -14.14 -21.62
N ALA D 335 15.34 -15.24 -20.84
CA ALA D 335 14.97 -15.25 -19.43
C ALA D 335 15.84 -14.28 -18.62
N ALA D 336 17.15 -14.23 -18.93
CA ALA D 336 18.06 -13.34 -18.21
C ALA D 336 17.66 -11.86 -18.44
N PHE D 337 17.30 -11.51 -19.67
CA PHE D 337 16.87 -10.13 -19.96
C PHE D 337 15.56 -9.79 -19.24
N LYS D 338 14.64 -10.74 -19.15
CA LYS D 338 13.33 -10.53 -18.51
C LYS D 338 13.43 -10.14 -17.03
N CYS D 339 14.38 -10.74 -16.30
CA CYS D 339 14.51 -10.48 -14.87
C CYS D 339 15.72 -9.63 -14.49
N CYS D 340 16.48 -9.11 -15.46
CA CYS D 340 17.73 -8.37 -15.19
C CYS D 340 18.68 -9.26 -14.39
N ALA D 341 18.79 -10.55 -14.78
CA ALA D 341 19.63 -11.50 -14.06
C ALA D 341 21.07 -11.00 -13.94
N ALA D 342 21.68 -11.15 -12.77
CA ALA D 342 23.07 -10.76 -12.55
C ALA D 342 24.02 -11.67 -13.33
N ALA D 343 23.63 -12.96 -13.55
CA ALA D 343 24.49 -13.89 -14.25
C ALA D 343 23.69 -15.08 -14.81
N ILE D 344 24.28 -15.78 -15.77
CA ILE D 344 23.82 -17.06 -16.28
C ILE D 344 24.97 -18.01 -15.89
N ILE D 345 24.73 -18.95 -14.98
CA ILE D 345 25.77 -19.89 -14.57
C ILE D 345 25.60 -21.14 -15.42
N VAL D 346 26.65 -21.53 -16.15
CA VAL D 346 26.57 -22.66 -17.06
C VAL D 346 27.66 -23.69 -16.76
N LEU D 347 27.30 -24.97 -16.77
CA LEU D 347 28.29 -26.04 -16.63
C LEU D 347 28.70 -26.41 -18.06
N THR D 348 30.01 -26.54 -18.31
CA THR D 348 30.49 -26.87 -19.65
C THR D 348 31.77 -27.71 -19.60
N THR D 349 31.90 -28.69 -20.50
CA THR D 349 33.08 -29.54 -20.58
C THR D 349 34.05 -28.98 -21.60
N THR D 350 33.54 -28.59 -22.77
CA THR D 350 34.33 -28.08 -23.89
C THR D 350 34.29 -26.55 -24.06
N GLY D 351 33.36 -25.89 -23.40
CA GLY D 351 33.10 -24.47 -23.55
C GLY D 351 31.94 -24.15 -24.48
N ARG D 352 31.48 -25.15 -25.28
CA ARG D 352 30.42 -24.94 -26.27
C ARG D 352 29.12 -24.34 -25.71
N SER D 353 28.61 -24.84 -24.57
CA SER D 353 27.37 -24.30 -24.00
C SER D 353 27.52 -22.82 -23.64
N ALA D 354 28.72 -22.42 -23.16
CA ALA D 354 28.98 -21.01 -22.83
C ALA D 354 29.09 -20.18 -24.12
N GLN D 355 29.73 -20.72 -25.17
CA GLN D 355 29.84 -20.02 -26.44
C GLN D 355 28.45 -19.73 -27.04
N LEU D 356 27.52 -20.69 -26.96
CA LEU D 356 26.19 -20.49 -27.51
C LEU D 356 25.37 -19.46 -26.74
N LEU D 357 25.65 -19.28 -25.44
CA LEU D 357 24.99 -18.24 -24.67
C LEU D 357 25.60 -16.88 -25.09
N SER D 358 26.93 -16.81 -25.18
CA SER D 358 27.69 -15.61 -25.56
C SER D 358 27.27 -15.01 -26.91
N ARG D 359 26.93 -15.87 -27.88
CA ARG D 359 26.58 -15.39 -29.22
C ARG D 359 25.33 -14.48 -29.24
N TYR D 360 24.46 -14.58 -28.22
CA TYR D 360 23.27 -13.72 -28.11
C TYR D 360 23.53 -12.42 -27.36
N ARG D 361 24.80 -12.16 -26.97
CA ARG D 361 25.23 -10.97 -26.27
C ARG D 361 24.35 -10.57 -25.07
N PRO D 362 24.18 -11.49 -24.10
CA PRO D 362 23.41 -11.12 -22.91
C PRO D 362 24.13 -10.01 -22.13
N ARG D 363 23.37 -9.18 -21.41
CA ARG D 363 23.98 -8.20 -20.51
C ARG D 363 24.49 -8.98 -19.27
N ALA D 364 23.80 -10.07 -18.85
CA ALA D 364 24.19 -10.91 -17.72
C ALA D 364 25.51 -11.60 -18.00
N ALA D 365 26.41 -11.64 -17.00
CA ALA D 365 27.70 -12.33 -17.11
C ALA D 365 27.43 -13.84 -17.32
N VAL D 366 28.17 -14.49 -18.20
CA VAL D 366 28.05 -15.94 -18.37
C VAL D 366 29.17 -16.56 -17.52
N ILE D 367 28.84 -17.08 -16.36
CA ILE D 367 29.83 -17.70 -15.46
C ILE D 367 29.92 -19.17 -15.85
N ALA D 368 31.05 -19.57 -16.44
CA ALA D 368 31.20 -20.93 -16.92
C ALA D 368 32.03 -21.78 -15.98
N VAL D 369 31.39 -22.81 -15.39
CA VAL D 369 32.08 -23.71 -14.46
C VAL D 369 32.51 -24.96 -15.22
N THR D 370 33.80 -25.26 -15.18
CA THR D 370 34.32 -26.41 -15.89
C THR D 370 35.43 -27.12 -15.11
N ARG D 371 35.61 -28.41 -15.34
CA ARG D 371 36.73 -29.15 -14.79
C ARG D 371 37.91 -29.13 -15.80
N SER D 372 37.66 -28.79 -17.09
CA SER D 372 38.71 -28.77 -18.08
C SER D 372 39.53 -27.48 -17.97
N ALA D 373 40.80 -27.60 -17.57
CA ALA D 373 41.68 -26.45 -17.49
C ALA D 373 41.83 -25.79 -18.88
N GLN D 374 41.93 -26.59 -19.93
CA GLN D 374 42.05 -26.03 -21.28
C GLN D 374 40.78 -25.29 -21.74
N ALA D 375 39.59 -25.85 -21.46
CA ALA D 375 38.34 -25.16 -21.80
C ALA D 375 38.21 -23.85 -21.03
N ALA D 376 38.62 -23.86 -19.75
CA ALA D 376 38.58 -22.64 -18.92
C ALA D 376 39.44 -21.54 -19.55
N ARG D 377 40.61 -21.91 -20.09
CA ARG D 377 41.48 -20.94 -20.74
C ARG D 377 40.87 -20.46 -22.09
N GLN D 378 40.42 -21.40 -22.91
CA GLN D 378 39.89 -21.09 -24.23
C GLN D 378 38.61 -20.25 -24.26
N VAL D 379 37.72 -20.38 -23.26
CA VAL D 379 36.45 -19.62 -23.31
C VAL D 379 36.64 -18.11 -23.16
N HIS D 380 37.87 -17.66 -22.79
CA HIS D 380 38.14 -16.22 -22.79
C HIS D 380 37.98 -15.63 -24.21
N LEU D 381 38.00 -16.46 -25.27
CA LEU D 381 37.80 -15.97 -26.63
C LEU D 381 36.37 -15.43 -26.85
N CYS D 382 35.38 -15.88 -26.05
CA CYS D 382 33.96 -15.50 -26.21
C CYS D 382 33.56 -14.40 -25.28
N ARG D 383 33.05 -13.28 -25.82
CA ARG D 383 32.65 -12.16 -24.96
C ARG D 383 31.69 -12.52 -23.84
N GLY D 384 32.00 -12.05 -22.66
CA GLY D 384 31.11 -12.20 -21.51
C GLY D 384 31.15 -13.55 -20.83
N VAL D 385 32.12 -14.39 -21.16
CA VAL D 385 32.25 -15.69 -20.49
C VAL D 385 33.37 -15.56 -19.45
N PHE D 386 33.03 -15.81 -18.19
CA PHE D 386 33.95 -15.74 -17.06
C PHE D 386 34.21 -17.17 -16.59
N PRO D 387 35.37 -17.73 -16.94
CA PRO D 387 35.62 -19.14 -16.60
C PRO D 387 36.04 -19.36 -15.17
N LEU D 388 35.50 -20.44 -14.58
CA LEU D 388 35.86 -20.85 -13.23
C LEU D 388 36.32 -22.31 -13.31
N LEU D 389 37.54 -22.58 -12.89
CA LEU D 389 38.08 -23.93 -12.94
C LEU D 389 37.74 -24.66 -11.64
N TYR D 390 36.94 -25.72 -11.76
CA TYR D 390 36.52 -26.53 -10.62
C TYR D 390 37.50 -27.69 -10.46
N ARG D 391 38.09 -27.83 -9.28
CA ARG D 391 39.13 -28.82 -9.05
C ARG D 391 38.74 -30.03 -8.21
N GLU D 392 37.57 -29.99 -7.57
CA GLU D 392 37.13 -31.08 -6.69
C GLU D 392 36.80 -32.37 -7.43
N PRO D 393 37.18 -33.53 -6.87
CA PRO D 393 36.81 -34.80 -7.49
C PRO D 393 35.29 -35.03 -7.44
N PRO D 394 34.78 -35.86 -8.35
CA PRO D 394 33.33 -36.05 -8.42
C PRO D 394 32.64 -36.64 -7.20
N GLU D 395 31.44 -36.12 -6.90
CA GLU D 395 30.54 -36.72 -5.91
C GLU D 395 30.00 -38.02 -6.54
N ALA D 396 29.66 -39.02 -5.71
CA ALA D 396 29.12 -40.29 -6.23
C ALA D 396 27.76 -40.09 -6.90
N ILE D 397 26.92 -39.19 -6.37
CA ILE D 397 25.61 -38.93 -6.98
C ILE D 397 25.79 -37.76 -7.95
N TRP D 398 25.56 -38.02 -9.25
CA TRP D 398 25.77 -37.01 -10.30
C TRP D 398 24.99 -35.72 -10.05
N ALA D 399 23.71 -35.79 -9.64
CA ALA D 399 22.93 -34.58 -9.36
C ALA D 399 23.56 -33.74 -8.25
N ASP D 400 24.20 -34.38 -7.24
CA ASP D 400 24.88 -33.64 -6.16
C ASP D 400 26.16 -32.98 -6.69
N ASP D 401 26.87 -33.65 -7.61
CA ASP D 401 28.08 -33.10 -8.21
C ASP D 401 27.75 -31.85 -9.03
N VAL D 402 26.62 -31.90 -9.75
CA VAL D 402 26.11 -30.77 -10.54
C VAL D 402 25.80 -29.61 -9.60
N ASP D 403 25.04 -29.86 -8.52
CA ASP D 403 24.69 -28.86 -7.53
C ASP D 403 25.92 -28.24 -6.87
N ARG D 404 26.96 -29.04 -6.56
CA ARG D 404 28.17 -28.51 -5.95
C ARG D 404 28.89 -27.54 -6.90
N ARG D 405 28.87 -27.83 -8.21
CA ARG D 405 29.50 -26.94 -9.18
C ARG D 405 28.72 -25.66 -9.35
N VAL D 406 27.38 -25.73 -9.30
CA VAL D 406 26.54 -24.53 -9.37
C VAL D 406 26.81 -23.67 -8.13
N GLN D 407 26.90 -24.30 -6.95
CA GLN D 407 27.22 -23.57 -5.70
C GLN D 407 28.61 -22.94 -5.76
N PHE D 408 29.58 -23.61 -6.40
CA PHE D 408 30.91 -23.07 -6.58
C PHE D 408 30.86 -21.80 -7.46
N GLY D 409 30.01 -21.80 -8.49
CA GLY D 409 29.80 -20.66 -9.37
C GLY D 409 29.23 -19.48 -8.60
N ILE D 410 28.24 -19.77 -7.75
CA ILE D 410 27.61 -18.76 -6.90
C ILE D 410 28.61 -18.15 -5.88
N GLU D 411 29.33 -19.00 -5.16
CA GLU D 411 30.30 -18.54 -4.14
C GLU D 411 31.44 -17.77 -4.78
N SER D 412 31.90 -18.21 -5.97
CA SER D 412 32.94 -17.48 -6.71
C SER D 412 32.40 -16.12 -7.15
N GLY D 413 31.16 -16.10 -7.63
CA GLY D 413 30.50 -14.88 -8.08
C GLY D 413 30.30 -13.89 -6.96
N LYS D 414 29.97 -14.37 -5.76
CA LYS D 414 29.77 -13.48 -4.60
C LYS D 414 31.10 -12.85 -4.18
N LEU D 415 32.16 -13.66 -4.09
CA LEU D 415 33.48 -13.18 -3.69
C LEU D 415 34.01 -12.16 -4.69
N ARG D 416 33.79 -12.42 -5.99
CA ARG D 416 34.29 -11.54 -7.04
C ARG D 416 33.45 -10.27 -7.29
N GLY D 417 32.25 -10.19 -6.71
CA GLY D 417 31.39 -9.03 -6.90
C GLY D 417 30.35 -9.14 -8.00
N PHE D 418 30.26 -10.32 -8.65
CA PHE D 418 29.26 -10.54 -9.71
C PHE D 418 27.86 -10.67 -9.12
N LEU D 419 27.76 -11.28 -7.92
CA LEU D 419 26.49 -11.63 -7.29
C LEU D 419 26.37 -11.16 -5.87
N ARG D 420 25.12 -10.89 -5.48
CA ARG D 420 24.75 -10.52 -4.12
C ARG D 420 23.48 -11.27 -3.74
N VAL D 421 23.21 -11.39 -2.42
CA VAL D 421 21.98 -11.99 -1.91
C VAL D 421 20.76 -11.23 -2.48
N GLY D 422 19.79 -11.94 -3.02
CA GLY D 422 18.63 -11.31 -3.62
C GLY D 422 18.67 -11.24 -5.13
N ASP D 423 19.86 -11.39 -5.73
CA ASP D 423 19.97 -11.39 -7.20
C ASP D 423 19.28 -12.63 -7.78
N LEU D 424 18.86 -12.55 -9.03
CA LEU D 424 18.34 -13.71 -9.74
C LEU D 424 19.45 -14.15 -10.69
N VAL D 425 19.62 -15.45 -10.84
CA VAL D 425 20.57 -16.03 -11.78
C VAL D 425 19.80 -17.07 -12.63
N ILE D 426 20.27 -17.31 -13.85
CA ILE D 426 19.71 -18.36 -14.71
C ILE D 426 20.78 -19.47 -14.69
N VAL D 427 20.40 -20.71 -14.37
CA VAL D 427 21.37 -21.82 -14.29
C VAL D 427 21.14 -22.78 -15.46
N VAL D 428 22.20 -23.04 -16.26
CA VAL D 428 22.10 -23.86 -17.45
C VAL D 428 22.91 -25.15 -17.27
N THR D 429 22.24 -26.31 -17.32
CA THR D 429 22.88 -27.62 -17.11
C THR D 429 22.31 -28.63 -18.15
N GLY D 430 22.71 -29.91 -18.06
CA GLY D 430 22.24 -30.93 -18.97
C GLY D 430 21.66 -32.14 -18.26
N TRP D 431 21.12 -33.07 -19.02
CA TRP D 431 20.40 -34.22 -18.44
C TRP D 431 21.27 -35.43 -18.12
N ARG D 432 22.49 -35.48 -18.67
CA ARG D 432 23.42 -36.56 -18.39
C ARG D 432 24.86 -36.00 -18.42
N PRO D 433 25.84 -36.72 -17.83
CA PRO D 433 27.23 -36.27 -17.92
C PRO D 433 27.79 -36.37 -19.34
N GLY D 434 28.88 -35.65 -19.58
CA GLY D 434 29.52 -35.65 -20.89
C GLY D 434 29.07 -34.45 -21.69
N SER D 435 29.90 -34.02 -22.64
CA SER D 435 29.63 -32.87 -23.49
CA SER D 435 29.61 -32.86 -23.49
C SER D 435 28.47 -33.13 -24.45
N GLY D 436 27.74 -32.08 -24.81
CA GLY D 436 26.68 -32.16 -25.81
C GLY D 436 25.24 -32.37 -25.36
N TYR D 437 25.01 -32.45 -24.05
CA TYR D 437 23.68 -32.73 -23.53
C TYR D 437 23.01 -31.61 -22.73
N THR D 438 23.47 -30.34 -22.89
CA THR D 438 22.80 -29.21 -22.22
C THR D 438 21.34 -29.11 -22.71
N ASN D 439 20.40 -29.00 -21.78
CA ASN D 439 18.98 -28.94 -22.13
C ASN D 439 18.11 -28.33 -21.02
N ILE D 440 18.69 -27.78 -19.96
CA ILE D 440 17.90 -27.29 -18.83
C ILE D 440 18.28 -25.88 -18.48
N MET D 441 17.27 -25.04 -18.24
CA MET D 441 17.43 -23.66 -17.83
C MET D 441 16.60 -23.52 -16.50
N ARG D 442 17.18 -22.96 -15.44
CA ARG D 442 16.51 -22.82 -14.16
C ARG D 442 16.66 -21.40 -13.56
N VAL D 443 15.57 -20.81 -13.07
CA VAL D 443 15.63 -19.46 -12.48
C VAL D 443 15.87 -19.61 -10.98
N LEU D 444 16.99 -19.07 -10.49
CA LEU D 444 17.36 -19.25 -9.09
C LEU D 444 17.58 -17.92 -8.37
N SER D 445 17.11 -17.82 -7.13
CA SER D 445 17.32 -16.63 -6.32
C SER D 445 18.57 -16.87 -5.47
N ILE D 446 19.49 -15.90 -5.42
CA ILE D 446 20.71 -16.04 -4.64
C ILE D 446 20.44 -15.84 -3.15
N SER D 447 20.75 -16.85 -2.33
CA SER D 447 20.58 -16.74 -0.88
C SER D 447 21.95 -16.61 -0.19
N ALA E 25 17.92 -4.38 29.80
CA ALA E 25 17.48 -3.25 30.61
C ALA E 25 16.64 -3.67 31.82
N PHE E 26 16.67 -2.85 32.87
CA PHE E 26 15.92 -3.06 34.11
C PHE E 26 14.42 -3.14 33.81
N PHE E 27 13.92 -2.22 32.97
CA PHE E 27 12.51 -2.14 32.65
C PHE E 27 12.02 -3.17 31.63
N GLN E 28 12.92 -4.01 31.10
CA GLN E 28 12.51 -5.09 30.19
C GLN E 28 12.35 -6.45 30.94
N GLN E 29 13.00 -6.58 32.10
CA GLN E 29 12.97 -7.77 32.95
C GLN E 29 11.71 -7.84 33.82
N GLN E 30 11.50 -8.99 34.50
CA GLN E 30 10.42 -9.28 35.44
C GLN E 30 9.03 -8.82 34.96
N GLN E 31 8.76 -8.98 33.64
CA GLN E 31 7.49 -8.59 33.02
C GLN E 31 7.09 -7.15 33.31
N LEU E 32 8.08 -6.24 33.47
CA LEU E 32 7.77 -4.84 33.75
C LEU E 32 6.97 -4.17 32.62
N PRO E 33 7.17 -4.44 31.30
CA PRO E 33 6.28 -3.85 30.29
C PRO E 33 4.82 -4.25 30.51
N ALA E 34 4.55 -5.54 30.84
CA ALA E 34 3.19 -5.99 31.13
C ALA E 34 2.64 -5.39 32.45
N ALA E 35 3.53 -5.10 33.40
CA ALA E 35 3.14 -4.50 34.69
C ALA E 35 2.66 -3.05 34.50
N MET E 36 3.22 -2.32 33.52
CA MET E 36 2.81 -0.93 33.28
C MET E 36 1.57 -0.76 32.41
N ALA E 37 0.93 -1.86 31.97
CA ALA E 37 -0.22 -1.79 31.07
C ALA E 37 -1.45 -1.15 31.70
N ASP E 38 -2.25 -0.44 30.90
CA ASP E 38 -3.44 0.26 31.38
C ASP E 38 -4.68 -0.63 31.53
N THR E 39 -4.71 -1.79 30.87
CA THR E 39 -5.84 -2.73 30.99
C THR E 39 -5.29 -4.16 31.21
N PHE E 40 -6.13 -5.07 31.72
CA PHE E 40 -5.72 -6.46 31.89
C PHE E 40 -5.48 -7.10 30.51
N LEU E 41 -6.29 -6.75 29.50
CA LEU E 41 -6.08 -7.25 28.14
C LEU E 41 -4.69 -6.86 27.62
N GLU E 42 -4.30 -5.58 27.76
CA GLU E 42 -2.98 -5.13 27.32
CA GLU E 42 -2.98 -5.13 27.32
C GLU E 42 -1.88 -5.82 28.14
N HIS E 43 -2.12 -6.05 29.44
CA HIS E 43 -1.19 -6.75 30.33
C HIS E 43 -0.90 -8.15 29.75
N LEU E 44 -1.95 -8.90 29.37
CA LEU E 44 -1.79 -10.23 28.78
C LEU E 44 -1.01 -10.17 27.47
N CYS E 45 -1.37 -9.20 26.59
CA CYS E 45 -0.71 -9.03 25.29
C CYS E 45 0.78 -8.74 25.43
N LEU E 46 1.21 -8.13 26.54
CA LEU E 46 2.61 -7.75 26.74
C LEU E 46 3.45 -8.78 27.48
N LEU E 47 2.86 -9.90 27.93
CA LEU E 47 3.64 -10.96 28.62
C LEU E 47 4.69 -11.51 27.66
N ASP E 48 5.92 -11.64 28.13
CA ASP E 48 7.05 -11.95 27.27
C ASP E 48 7.87 -13.11 27.82
N ILE E 49 7.99 -14.19 27.04
CA ILE E 49 8.78 -15.36 27.48
C ILE E 49 10.28 -15.05 27.59
N ASP E 50 10.76 -13.98 26.97
CA ASP E 50 12.17 -13.57 27.07
C ASP E 50 12.44 -12.61 28.23
N SER E 51 11.41 -12.18 28.98
CA SER E 51 11.56 -11.28 30.11
C SER E 51 11.84 -12.15 31.34
N GLU E 52 13.09 -12.15 31.79
CA GLU E 52 13.49 -13.03 32.88
C GLU E 52 13.14 -12.53 34.27
N PRO E 53 12.70 -13.46 35.15
CA PRO E 53 12.39 -13.05 36.53
C PRO E 53 13.67 -12.62 37.25
N VAL E 54 13.57 -11.63 38.13
CA VAL E 54 14.72 -11.15 38.86
C VAL E 54 14.52 -11.26 40.37
N ALA E 55 13.27 -11.09 40.84
CA ALA E 55 12.97 -11.15 42.26
C ALA E 55 13.07 -12.57 42.82
N ALA E 56 13.28 -12.69 44.14
CA ALA E 56 13.31 -13.99 44.79
C ALA E 56 11.90 -14.60 44.73
N ARG E 57 11.81 -15.93 44.65
CA ARG E 57 10.53 -16.62 44.60
C ARG E 57 9.77 -16.40 45.91
N SER E 58 8.57 -15.85 45.83
CA SER E 58 7.78 -15.45 46.98
C SER E 58 6.73 -16.45 47.48
N THR E 59 6.20 -17.33 46.62
CA THR E 59 5.19 -18.30 47.04
C THR E 59 5.92 -19.49 47.66
N SER E 60 5.64 -19.79 48.94
CA SER E 60 6.33 -20.89 49.61
C SER E 60 5.91 -22.25 49.07
N ILE E 61 6.83 -23.20 49.17
CA ILE E 61 6.59 -24.58 48.75
C ILE E 61 6.50 -25.47 49.97
N ILE E 62 5.41 -26.24 50.06
CA ILE E 62 5.21 -27.22 51.12
C ILE E 62 5.48 -28.58 50.48
N ALA E 63 6.41 -29.36 51.04
CA ALA E 63 6.69 -30.69 50.51
C ALA E 63 6.32 -31.73 51.56
N THR E 64 5.57 -32.78 51.17
CA THR E 64 5.18 -33.83 52.10
C THR E 64 6.34 -34.82 52.25
N ILE E 65 6.71 -35.13 53.50
CA ILE E 65 7.82 -36.03 53.78
C ILE E 65 7.36 -37.48 53.85
N GLY E 66 8.07 -38.35 53.16
CA GLY E 66 7.78 -39.78 53.14
C GLY E 66 9.02 -40.58 52.79
N PRO E 67 8.86 -41.85 52.38
CA PRO E 67 10.06 -42.66 52.04
C PRO E 67 10.95 -42.09 50.95
N ALA E 68 10.36 -41.34 49.99
CA ALA E 68 11.15 -40.75 48.92
C ALA E 68 11.91 -39.49 49.37
N SER E 69 11.57 -38.88 50.50
CA SER E 69 12.18 -37.62 50.90
C SER E 69 12.57 -37.54 52.38
N ARG E 70 12.78 -38.66 53.02
CA ARG E 70 13.05 -38.75 54.45
C ARG E 70 14.51 -38.70 54.88
N SER E 71 15.44 -39.14 54.03
CA SER E 71 16.85 -39.15 54.42
C SER E 71 17.41 -37.74 54.57
N VAL E 72 18.40 -37.58 55.46
CA VAL E 72 19.03 -36.29 55.71
C VAL E 72 19.66 -35.72 54.43
N GLU E 73 20.33 -36.58 53.66
CA GLU E 73 20.96 -36.14 52.41
C GLU E 73 19.92 -35.64 51.39
N ARG E 74 18.78 -36.36 51.26
CA ARG E 74 17.71 -35.98 50.35
C ARG E 74 17.07 -34.67 50.84
N LEU E 75 16.85 -34.53 52.15
CA LEU E 75 16.28 -33.32 52.73
C LEU E 75 17.15 -32.08 52.53
N LYS E 76 18.50 -32.24 52.53
CA LYS E 76 19.38 -31.11 52.26
C LYS E 76 19.18 -30.64 50.81
N GLU E 77 19.02 -31.59 49.86
CA GLU E 77 18.79 -31.23 48.47
C GLU E 77 17.42 -30.57 48.30
N MET E 78 16.41 -31.01 49.07
CA MET E 78 15.08 -30.41 48.98
CA MET E 78 15.08 -30.41 48.98
C MET E 78 15.06 -28.99 49.52
N ILE E 79 15.86 -28.71 50.58
CA ILE E 79 15.95 -27.37 51.14
C ILE E 79 16.63 -26.48 50.10
N LYS E 80 17.72 -26.96 49.48
CA LYS E 80 18.42 -26.21 48.45
C LYS E 80 17.53 -25.96 47.21
N ALA E 81 16.67 -26.93 46.86
CA ALA E 81 15.74 -26.82 45.73
C ALA E 81 14.61 -25.80 45.99
N GLY E 82 14.30 -25.52 47.27
CA GLY E 82 13.30 -24.52 47.59
C GLY E 82 12.23 -24.87 48.61
N MET E 83 12.27 -26.08 49.21
CA MET E 83 11.27 -26.45 50.21
C MET E 83 11.30 -25.49 51.41
N ASN E 84 10.15 -24.92 51.78
CA ASN E 84 10.07 -23.99 52.91
C ASN E 84 9.36 -24.59 54.11
N ILE E 85 8.41 -25.51 53.85
CA ILE E 85 7.60 -26.13 54.88
C ILE E 85 7.58 -27.64 54.63
N ALA E 86 7.86 -28.43 55.66
CA ALA E 86 7.83 -29.88 55.56
C ALA E 86 6.51 -30.38 56.15
N ARG E 87 5.70 -31.08 55.37
CA ARG E 87 4.41 -31.58 55.82
C ARG E 87 4.48 -33.06 56.22
N LEU E 88 3.95 -33.39 57.40
CA LEU E 88 3.91 -34.76 57.88
C LEU E 88 2.47 -35.19 57.79
N ASN E 89 2.16 -36.15 56.91
CA ASN E 89 0.81 -36.61 56.74
C ASN E 89 0.50 -37.73 57.72
N PHE E 90 -0.26 -37.42 58.77
CA PHE E 90 -0.59 -38.40 59.80
C PHE E 90 -1.68 -39.40 59.38
N SER E 91 -2.14 -39.37 58.11
CA SER E 91 -3.04 -40.41 57.59
C SER E 91 -2.29 -41.76 57.46
N HIS E 92 -0.95 -41.73 57.38
CA HIS E 92 -0.09 -42.92 57.29
C HIS E 92 1.09 -42.79 58.25
N GLY E 93 1.64 -43.92 58.68
CA GLY E 93 2.83 -43.92 59.52
C GLY E 93 2.56 -43.79 61.01
N SER E 94 3.44 -44.37 61.81
CA SER E 94 3.34 -44.35 63.26
C SER E 94 3.95 -43.06 63.84
N HIS E 95 3.77 -42.82 65.14
CA HIS E 95 4.39 -41.68 65.80
C HIS E 95 5.92 -41.81 65.75
N GLU E 96 6.45 -43.03 65.88
CA GLU E 96 7.89 -43.26 65.82
C GLU E 96 8.45 -42.88 64.45
N TYR E 97 7.73 -43.24 63.40
CA TYR E 97 8.12 -42.92 62.03
C TYR E 97 8.17 -41.38 61.83
N HIS E 98 7.10 -40.68 62.25
CA HIS E 98 7.03 -39.22 62.12
C HIS E 98 8.06 -38.49 62.98
N ALA E 99 8.38 -39.03 64.18
CA ALA E 99 9.41 -38.43 65.03
C ALA E 99 10.77 -38.49 64.33
N GLU E 100 11.06 -39.60 63.65
CA GLU E 100 12.31 -39.74 62.94
C GLU E 100 12.36 -38.81 61.73
N SER E 101 11.22 -38.63 61.04
CA SER E 101 11.14 -37.70 59.92
C SER E 101 11.46 -36.27 60.40
N ILE E 102 10.87 -35.85 61.55
CA ILE E 102 11.10 -34.54 62.16
C ILE E 102 12.57 -34.35 62.52
N ALA E 103 13.19 -35.37 63.14
CA ALA E 103 14.61 -35.32 63.50
C ALA E 103 15.48 -35.15 62.26
N ASN E 104 15.17 -35.88 61.17
CA ASN E 104 15.93 -35.77 59.93
C ASN E 104 15.79 -34.40 59.28
N VAL E 105 14.57 -33.81 59.32
CA VAL E 105 14.35 -32.47 58.77
C VAL E 105 15.20 -31.46 59.55
N ARG E 106 15.12 -31.51 60.89
CA ARG E 106 15.89 -30.59 61.74
C ARG E 106 17.39 -30.77 61.57
N GLU E 107 17.88 -32.01 61.38
CA GLU E 107 19.31 -32.22 61.15
C GLU E 107 19.73 -31.58 59.81
N ALA E 108 18.91 -31.75 58.77
CA ALA E 108 19.21 -31.16 57.47
C ALA E 108 19.18 -29.62 57.54
N VAL E 109 18.15 -29.06 58.20
CA VAL E 109 18.01 -27.60 58.32
C VAL E 109 19.17 -27.00 59.10
N GLU E 110 19.51 -27.61 60.25
CA GLU E 110 20.58 -27.09 61.10
C GLU E 110 21.98 -27.30 60.52
N SER E 111 22.14 -28.15 59.49
CA SER E 111 23.44 -28.31 58.83
C SER E 111 23.89 -27.00 58.14
N PHE E 112 22.96 -26.05 57.89
CA PHE E 112 23.27 -24.76 57.27
C PHE E 112 23.33 -23.59 58.30
N ALA E 113 23.06 -23.85 59.60
CA ALA E 113 23.06 -22.82 60.66
C ALA E 113 24.40 -22.16 60.98
N GLY E 114 25.49 -22.81 60.56
CA GLY E 114 26.84 -22.28 60.76
C GLY E 114 27.12 -20.99 60.00
N SER E 115 26.26 -20.65 59.03
CA SER E 115 26.38 -19.41 58.28
C SER E 115 25.07 -18.64 58.45
N PRO E 116 24.96 -17.85 59.53
CA PRO E 116 23.70 -17.12 59.80
C PRO E 116 23.17 -16.21 58.70
N LEU E 117 24.05 -15.64 57.87
CA LEU E 117 23.68 -14.72 56.78
C LEU E 117 22.94 -15.43 55.62
N SER E 118 23.02 -16.77 55.54
CA SER E 118 22.36 -17.54 54.49
C SER E 118 21.40 -18.63 55.01
N TYR E 119 21.32 -18.81 56.34
CA TYR E 119 20.48 -19.80 56.99
C TYR E 119 19.01 -19.68 56.59
N ARG E 120 18.41 -20.80 56.16
CA ARG E 120 17.00 -20.81 55.79
C ARG E 120 16.16 -21.59 56.78
N PRO E 121 15.28 -20.89 57.52
CA PRO E 121 14.36 -21.61 58.40
C PRO E 121 13.38 -22.49 57.58
N VAL E 122 12.97 -23.66 58.12
CA VAL E 122 12.01 -24.57 57.47
C VAL E 122 10.95 -24.94 58.51
N ALA E 123 9.67 -24.65 58.22
CA ALA E 123 8.60 -24.96 59.16
C ALA E 123 8.22 -26.44 59.13
N ILE E 124 7.67 -26.93 60.23
CA ILE E 124 7.20 -28.30 60.30
C ILE E 124 5.70 -28.28 60.51
N ALA E 125 4.95 -28.90 59.59
CA ALA E 125 3.49 -28.90 59.66
C ALA E 125 2.94 -30.31 59.83
N LEU E 126 1.95 -30.46 60.70
CA LEU E 126 1.32 -31.74 60.97
C LEU E 126 -0.04 -31.75 60.31
N ASP E 127 -0.28 -32.68 59.40
CA ASP E 127 -1.57 -32.78 58.72
C ASP E 127 -2.34 -33.94 59.34
N THR E 128 -3.50 -33.65 59.94
CA THR E 128 -4.26 -34.67 60.65
C THR E 128 -4.98 -35.69 59.76
N LYS E 129 -5.24 -36.89 60.31
CA LYS E 129 -5.95 -37.96 59.61
C LYS E 129 -7.40 -37.52 59.35
N GLY E 130 -8.02 -36.86 60.32
CA GLY E 130 -9.39 -36.37 60.16
C GLY E 130 -10.43 -37.07 60.99
N PRO E 131 -11.68 -36.59 60.89
CA PRO E 131 -12.77 -37.16 61.70
C PRO E 131 -13.28 -38.52 61.21
N GLY E 136 -16.96 -34.86 64.74
CA GLY E 136 -15.95 -33.91 65.19
C GLY E 136 -14.59 -34.53 65.41
N LEU E 137 -13.81 -33.98 66.35
CA LEU E 137 -12.44 -34.43 66.64
C LEU E 137 -12.32 -35.88 67.08
N SER E 138 -11.65 -36.70 66.26
CA SER E 138 -11.44 -38.12 66.54
C SER E 138 -10.41 -38.35 67.66
N GLU E 139 -10.41 -39.55 68.26
CA GLU E 139 -9.46 -39.88 69.31
C GLU E 139 -8.03 -39.98 68.79
N GLN E 140 -7.86 -40.46 67.55
CA GLN E 140 -6.52 -40.51 66.95
C GLN E 140 -5.99 -39.10 66.74
N ASP E 141 -6.85 -38.16 66.30
CA ASP E 141 -6.43 -36.77 66.12
C ASP E 141 -6.01 -36.12 67.43
N VAL E 142 -6.68 -36.44 68.54
CA VAL E 142 -6.29 -35.91 69.86
C VAL E 142 -4.87 -36.36 70.21
N ARG E 143 -4.56 -37.66 69.98
CA ARG E 143 -3.23 -38.18 70.24
C ARG E 143 -2.18 -37.61 69.29
N ASP E 144 -2.53 -37.43 68.01
CA ASP E 144 -1.59 -36.89 67.03
C ASP E 144 -1.32 -35.41 67.28
N LEU E 145 -2.33 -34.64 67.69
CA LEU E 145 -2.14 -33.23 68.02
C LEU E 145 -1.26 -33.08 69.26
N ARG E 146 -1.41 -34.02 70.23
CA ARG E 146 -0.57 -34.02 71.43
C ARG E 146 0.88 -34.28 71.04
N PHE E 147 1.10 -35.23 70.12
CA PHE E 147 2.43 -35.54 69.58
C PHE E 147 3.03 -34.29 68.94
N GLY E 148 2.22 -33.56 68.16
CA GLY E 148 2.66 -32.33 67.51
C GLY E 148 3.17 -31.29 68.47
N VAL E 149 2.44 -31.07 69.57
CA VAL E 149 2.85 -30.12 70.60
C VAL E 149 4.13 -30.58 71.28
N GLU E 150 4.22 -31.87 71.63
CA GLU E 150 5.40 -32.44 72.27
C GLU E 150 6.64 -32.37 71.38
N HIS E 151 6.46 -32.45 70.04
CA HIS E 151 7.59 -32.38 69.12
C HIS E 151 7.82 -30.98 68.53
N GLY E 152 7.12 -29.96 69.03
CA GLY E 152 7.32 -28.57 68.63
C GLY E 152 7.00 -28.22 67.19
N VAL E 153 5.90 -28.79 66.65
CA VAL E 153 5.50 -28.46 65.28
C VAL E 153 5.04 -27.00 65.20
N ASP E 154 5.18 -26.37 64.03
CA ASP E 154 4.84 -24.96 63.86
C ASP E 154 3.42 -24.73 63.41
N ILE E 155 2.89 -25.67 62.61
CA ILE E 155 1.60 -25.54 61.97
C ILE E 155 0.83 -26.84 62.02
N VAL E 156 -0.49 -26.73 62.08
CA VAL E 156 -1.38 -27.88 61.97
C VAL E 156 -2.26 -27.64 60.74
N PHE E 157 -2.32 -28.62 59.83
CA PHE E 157 -3.24 -28.58 58.70
C PHE E 157 -4.38 -29.49 59.18
N ALA E 158 -5.50 -28.89 59.64
CA ALA E 158 -6.62 -29.64 60.19
C ALA E 158 -7.55 -30.17 59.14
N SER E 159 -7.64 -31.50 59.00
CA SER E 159 -8.47 -32.14 57.99
C SER E 159 -9.97 -32.03 58.20
N PHE E 160 -10.71 -31.91 57.09
CA PHE E 160 -12.16 -31.88 57.03
C PHE E 160 -12.81 -30.90 58.02
N VAL E 161 -12.35 -29.63 58.02
CA VAL E 161 -12.96 -28.61 58.87
C VAL E 161 -14.29 -28.23 58.22
N ARG E 162 -15.39 -28.38 58.95
CA ARG E 162 -16.73 -28.12 58.45
C ARG E 162 -17.42 -26.92 59.10
N LYS E 163 -16.92 -26.48 60.25
CA LYS E 163 -17.54 -25.39 61.02
C LYS E 163 -16.54 -24.82 62.03
N ALA E 164 -16.84 -23.63 62.58
CA ALA E 164 -15.97 -22.97 63.55
C ALA E 164 -15.67 -23.83 64.80
N SER E 165 -16.65 -24.64 65.26
CA SER E 165 -16.43 -25.48 66.44
C SER E 165 -15.38 -26.56 66.20
N ASP E 166 -15.14 -26.96 64.93
CA ASP E 166 -14.09 -27.92 64.60
C ASP E 166 -12.73 -27.30 64.88
N VAL E 167 -12.55 -26.01 64.57
CA VAL E 167 -11.30 -25.29 64.81
C VAL E 167 -11.07 -25.17 66.32
N ALA E 168 -12.13 -24.85 67.07
CA ALA E 168 -12.05 -24.73 68.53
C ALA E 168 -11.60 -26.04 69.15
N ALA E 169 -12.10 -27.18 68.64
CA ALA E 169 -11.73 -28.50 69.15
C ALA E 169 -10.25 -28.80 68.90
N VAL E 170 -9.72 -28.41 67.72
CA VAL E 170 -8.31 -28.60 67.41
C VAL E 170 -7.46 -27.74 68.35
N ARG E 171 -7.87 -26.49 68.56
CA ARG E 171 -7.18 -25.56 69.45
C ARG E 171 -7.13 -26.12 70.89
N ALA E 172 -8.25 -26.67 71.37
CA ALA E 172 -8.34 -27.26 72.71
C ALA E 172 -7.42 -28.49 72.84
N ALA E 173 -7.35 -29.34 71.80
CA ALA E 173 -6.49 -30.51 71.81
C ALA E 173 -4.98 -30.17 71.81
N LEU E 174 -4.62 -28.96 71.34
CA LEU E 174 -3.24 -28.51 71.38
C LEU E 174 -2.80 -28.09 72.83
N GLY E 175 -3.77 -27.85 73.71
CA GLY E 175 -3.52 -27.50 75.10
C GLY E 175 -2.91 -26.14 75.34
N PRO E 176 -2.53 -25.87 76.59
CA PRO E 176 -1.93 -24.56 76.90
C PRO E 176 -0.53 -24.37 76.33
N GLU E 177 0.20 -25.47 76.06
CA GLU E 177 1.54 -25.36 75.50
C GLU E 177 1.58 -25.17 73.97
N GLY E 178 0.44 -25.36 73.29
CA GLY E 178 0.38 -25.22 71.84
C GLY E 178 -0.35 -23.98 71.35
N HIS E 179 -0.38 -22.92 72.16
CA HIS E 179 -1.05 -21.65 71.84
C HIS E 179 -0.44 -20.92 70.64
N GLY E 180 0.86 -21.11 70.43
CA GLY E 180 1.57 -20.45 69.34
C GLY E 180 1.52 -21.16 68.00
N ILE E 181 0.99 -22.39 67.97
CA ILE E 181 0.90 -23.18 66.73
C ILE E 181 -0.20 -22.61 65.81
N LYS E 182 0.11 -22.44 64.51
CA LYS E 182 -0.86 -21.90 63.56
C LYS E 182 -1.81 -23.00 63.10
N ILE E 183 -3.11 -22.71 63.06
CA ILE E 183 -4.09 -23.67 62.59
C ILE E 183 -4.57 -23.26 61.20
N ILE E 184 -4.26 -24.10 60.21
CA ILE E 184 -4.67 -23.91 58.82
C ILE E 184 -5.80 -24.90 58.60
N SER E 185 -7.01 -24.40 58.40
CA SER E 185 -8.16 -25.29 58.21
C SER E 185 -8.27 -25.82 56.79
N LYS E 186 -8.37 -27.14 56.64
CA LYS E 186 -8.51 -27.75 55.32
C LYS E 186 -9.98 -27.81 54.94
N ILE E 187 -10.34 -27.20 53.80
CA ILE E 187 -11.70 -27.21 53.27
C ILE E 187 -11.74 -28.32 52.26
N GLU E 188 -12.52 -29.37 52.55
CA GLU E 188 -12.54 -30.60 51.77
C GLU E 188 -13.91 -31.08 51.35
N ASN E 189 -14.98 -30.36 51.72
CA ASN E 189 -16.33 -30.82 51.36
C ASN E 189 -17.32 -29.65 51.19
N HIS E 190 -18.56 -29.94 50.80
CA HIS E 190 -19.58 -28.91 50.57
C HIS E 190 -19.82 -28.05 51.80
N GLU E 191 -19.95 -28.68 52.99
CA GLU E 191 -20.20 -27.92 54.21
C GLU E 191 -19.11 -26.92 54.52
N GLY E 192 -17.85 -27.33 54.38
CA GLY E 192 -16.71 -26.44 54.59
C GLY E 192 -16.73 -25.23 53.67
N VAL E 193 -17.14 -25.42 52.40
CA VAL E 193 -17.23 -24.31 51.46
C VAL E 193 -18.37 -23.37 51.86
N LYS E 194 -19.53 -23.93 52.20
CA LYS E 194 -20.69 -23.12 52.59
C LYS E 194 -20.49 -22.35 53.89
N ARG E 195 -19.78 -22.96 54.84
CA ARG E 195 -19.49 -22.30 56.12
C ARG E 195 -18.07 -21.68 56.14
N PHE E 196 -17.51 -21.39 54.96
CA PHE E 196 -16.18 -20.82 54.82
C PHE E 196 -15.93 -19.58 55.68
N ASP E 197 -16.83 -18.59 55.64
CA ASP E 197 -16.60 -17.35 56.39
C ASP E 197 -16.41 -17.56 57.89
N GLU E 198 -17.27 -18.42 58.50
CA GLU E 198 -17.13 -18.69 59.93
C GLU E 198 -15.86 -19.46 60.26
N ILE E 199 -15.40 -20.32 59.34
CA ILE E 199 -14.17 -21.09 59.53
C ILE E 199 -12.95 -20.18 59.42
N LEU E 200 -12.91 -19.33 58.38
CA LEU E 200 -11.78 -18.41 58.18
C LEU E 200 -11.62 -17.46 59.37
N GLU E 201 -12.74 -16.95 59.89
CA GLU E 201 -12.73 -16.01 61.02
C GLU E 201 -11.93 -16.52 62.23
N VAL E 202 -12.06 -17.82 62.55
CA VAL E 202 -11.35 -18.40 63.70
C VAL E 202 -10.05 -19.15 63.36
N SER E 203 -9.72 -19.27 62.07
CA SER E 203 -8.50 -19.97 61.66
C SER E 203 -7.38 -19.00 61.37
N ASP E 204 -6.13 -19.48 61.39
CA ASP E 204 -4.99 -18.65 61.00
C ASP E 204 -4.88 -18.57 59.45
N GLY E 205 -5.42 -19.56 58.76
CA GLY E 205 -5.41 -19.64 57.31
C GLY E 205 -6.20 -20.83 56.80
N ILE E 206 -6.12 -21.08 55.48
CA ILE E 206 -6.92 -22.13 54.85
C ILE E 206 -6.09 -22.95 53.88
N MET E 207 -6.46 -24.23 53.72
CA MET E 207 -5.88 -25.06 52.68
C MET E 207 -7.04 -25.51 51.79
N VAL E 208 -6.91 -25.30 50.47
CA VAL E 208 -7.88 -25.77 49.50
C VAL E 208 -7.42 -27.21 49.24
N ALA E 209 -8.03 -28.18 49.92
CA ALA E 209 -7.63 -29.59 49.85
C ALA E 209 -8.40 -30.23 48.71
N ARG E 210 -7.87 -30.08 47.50
CA ARG E 210 -8.57 -30.45 46.28
C ARG E 210 -8.84 -31.92 46.06
N GLY E 211 -8.06 -32.82 46.69
CA GLY E 211 -8.26 -34.25 46.54
C GLY E 211 -9.65 -34.68 46.98
N ASP E 212 -9.94 -34.50 48.27
CA ASP E 212 -11.26 -34.80 48.82
C ASP E 212 -12.31 -33.84 48.29
N LEU E 213 -11.98 -32.54 48.11
CA LEU E 213 -12.96 -31.57 47.59
C LEU E 213 -13.50 -32.01 46.22
N GLY E 214 -12.62 -32.53 45.37
CA GLY E 214 -12.93 -33.00 44.03
C GLY E 214 -13.76 -34.26 43.95
N ILE E 215 -13.95 -34.96 45.07
CA ILE E 215 -14.79 -36.14 45.18
C ILE E 215 -16.09 -35.82 45.98
N GLU E 216 -16.04 -34.82 46.87
CA GLU E 216 -17.17 -34.37 47.69
C GLU E 216 -18.11 -33.46 46.90
N ILE E 217 -17.57 -32.64 46.00
CA ILE E 217 -18.36 -31.79 45.11
C ILE E 217 -18.01 -32.18 43.66
N PRO E 218 -18.83 -31.82 42.66
CA PRO E 218 -18.48 -32.17 41.27
C PRO E 218 -17.09 -31.67 40.89
N ALA E 219 -16.28 -32.53 40.25
CA ALA E 219 -14.91 -32.20 39.86
C ALA E 219 -14.82 -30.88 39.07
N GLU E 220 -15.80 -30.61 38.23
CA GLU E 220 -15.84 -29.41 37.39
C GLU E 220 -16.14 -28.13 38.17
N LYS E 221 -16.47 -28.22 39.48
CA LYS E 221 -16.72 -27.04 40.30
C LYS E 221 -15.55 -26.67 41.22
N VAL E 222 -14.53 -27.56 41.35
CA VAL E 222 -13.41 -27.29 42.26
C VAL E 222 -12.71 -25.96 41.98
N PHE E 223 -12.50 -25.61 40.70
CA PHE E 223 -11.81 -24.35 40.39
C PHE E 223 -12.57 -23.12 40.97
N LEU E 224 -13.91 -23.18 41.02
CA LEU E 224 -14.72 -22.08 41.55
C LEU E 224 -14.46 -21.96 43.05
N ALA E 225 -14.45 -23.10 43.77
CA ALA E 225 -14.19 -23.12 45.21
C ALA E 225 -12.78 -22.62 45.48
N GLN E 226 -11.78 -23.05 44.67
CA GLN E 226 -10.41 -22.62 44.83
C GLN E 226 -10.27 -21.10 44.67
N LYS E 227 -10.80 -20.55 43.57
CA LYS E 227 -10.67 -19.12 43.29
C LYS E 227 -11.40 -18.26 44.31
N MET E 228 -12.58 -18.72 44.77
CA MET E 228 -13.35 -18.00 45.79
C MET E 228 -12.58 -17.99 47.13
N MET E 229 -12.06 -19.16 47.55
CA MET E 229 -11.36 -19.23 48.83
C MET E 229 -10.08 -18.45 48.84
N ILE E 230 -9.34 -18.48 47.70
CA ILE E 230 -8.12 -17.68 47.60
C ILE E 230 -8.46 -16.18 47.66
N GLY E 231 -9.49 -15.76 46.94
CA GLY E 231 -9.92 -14.37 46.95
C GLY E 231 -10.33 -13.89 48.35
N ARG E 232 -11.12 -14.70 49.06
CA ARG E 232 -11.56 -14.34 50.41
C ARG E 232 -10.40 -14.32 51.41
N CYS E 233 -9.41 -15.24 51.27
CA CYS E 233 -8.23 -15.22 52.14
C CYS E 233 -7.38 -13.99 51.85
N ASN E 234 -7.22 -13.63 50.56
CA ASN E 234 -6.46 -12.44 50.17
C ASN E 234 -7.14 -11.19 50.74
N LEU E 235 -8.48 -11.13 50.69
CA LEU E 235 -9.24 -9.99 51.22
C LEU E 235 -9.01 -9.90 52.75
N ALA E 236 -9.00 -11.05 53.44
CA ALA E 236 -8.78 -11.08 54.89
C ALA E 236 -7.31 -10.92 55.33
N GLY E 237 -6.37 -11.01 54.39
CA GLY E 237 -4.96 -10.93 54.71
C GLY E 237 -4.47 -12.15 55.48
N LYS E 238 -5.10 -13.33 55.24
CA LYS E 238 -4.72 -14.59 55.91
C LYS E 238 -4.18 -15.58 54.88
N PRO E 239 -3.15 -16.36 55.25
CA PRO E 239 -2.56 -17.31 54.29
C PRO E 239 -3.50 -18.38 53.71
N VAL E 240 -3.30 -18.68 52.43
CA VAL E 240 -4.10 -19.71 51.76
C VAL E 240 -3.15 -20.62 50.97
N VAL E 241 -3.37 -21.93 51.09
CA VAL E 241 -2.55 -22.94 50.44
C VAL E 241 -3.34 -23.63 49.35
N CYS E 242 -2.74 -23.81 48.16
CA CYS E 242 -3.37 -24.62 47.13
C CYS E 242 -2.69 -25.99 47.19
N ALA E 243 -3.49 -27.06 47.20
CA ALA E 243 -2.93 -28.39 47.38
C ALA E 243 -3.53 -29.45 46.48
N THR E 244 -2.74 -30.53 46.26
CA THR E 244 -3.10 -31.84 45.72
C THR E 244 -3.14 -31.93 44.21
N GLN E 245 -2.32 -32.90 43.71
CA GLN E 245 -2.21 -33.28 42.29
C GLN E 245 -1.71 -32.15 41.40
N MET E 246 -0.99 -31.16 41.97
CA MET E 246 -0.44 -30.05 41.19
C MET E 246 0.56 -30.52 40.15
N LEU E 247 1.45 -31.47 40.51
CA LEU E 247 2.43 -32.03 39.56
C LEU E 247 2.33 -33.57 39.62
N GLU E 248 1.11 -34.11 39.71
CA GLU E 248 0.86 -35.55 39.92
C GLU E 248 1.67 -36.51 39.04
N SER E 249 1.77 -36.25 37.73
CA SER E 249 2.50 -37.14 36.83
C SER E 249 3.99 -37.29 37.19
N MET E 250 4.55 -36.32 37.93
CA MET E 250 5.94 -36.39 38.36
C MET E 250 6.21 -37.44 39.46
N ILE E 251 5.17 -38.15 39.91
CA ILE E 251 5.37 -39.29 40.83
C ILE E 251 6.16 -40.38 40.05
N THR E 252 5.93 -40.53 38.73
CA THR E 252 6.67 -41.50 37.92
C THR E 252 7.43 -40.91 36.74
N LYS E 253 7.15 -39.65 36.36
CA LYS E 253 7.82 -39.04 35.20
C LYS E 253 8.73 -37.88 35.58
N PRO E 254 9.87 -37.73 34.89
CA PRO E 254 10.82 -36.66 35.26
C PRO E 254 10.36 -35.24 34.92
N ARG E 255 9.36 -35.12 34.04
CA ARG E 255 8.83 -33.82 33.61
C ARG E 255 7.30 -33.85 33.74
N PRO E 256 6.69 -32.73 34.14
CA PRO E 256 5.23 -32.71 34.31
C PRO E 256 4.46 -32.51 32.99
N THR E 257 3.13 -32.65 33.05
CA THR E 257 2.31 -32.39 31.87
C THR E 257 2.09 -30.88 31.68
N ARG E 258 1.55 -30.48 30.54
CA ARG E 258 1.24 -29.07 30.27
C ARG E 258 0.14 -28.57 31.20
N ALA E 259 -0.81 -29.44 31.59
CA ALA E 259 -1.89 -29.03 32.53
C ALA E 259 -1.34 -28.78 33.92
N GLU E 260 -0.32 -29.55 34.33
CA GLU E 260 0.28 -29.43 35.66
C GLU E 260 1.08 -28.14 35.81
N THR E 261 1.90 -27.76 34.79
CA THR E 261 2.64 -26.49 34.89
C THR E 261 1.64 -25.32 34.88
N SER E 262 0.57 -25.43 34.08
CA SER E 262 -0.49 -24.43 34.03
C SER E 262 -1.17 -24.31 35.41
N ASP E 263 -1.48 -25.42 36.06
CA ASP E 263 -2.14 -25.44 37.36
C ASP E 263 -1.31 -24.72 38.41
N VAL E 264 0.01 -25.00 38.48
CA VAL E 264 0.88 -24.33 39.42
C VAL E 264 0.93 -22.82 39.14
N ALA E 265 1.10 -22.44 37.86
CA ALA E 265 1.14 -21.01 37.50
C ALA E 265 -0.15 -20.30 37.86
N ASN E 266 -1.31 -20.94 37.59
CA ASN E 266 -2.62 -20.35 37.86
C ASN E 266 -2.92 -20.27 39.36
N ALA E 267 -2.39 -21.20 40.19
CA ALA E 267 -2.61 -21.11 41.63
C ALA E 267 -1.86 -19.86 42.16
N VAL E 268 -0.66 -19.58 41.64
CA VAL E 268 0.10 -18.40 42.03
C VAL E 268 -0.62 -17.13 41.54
N LEU E 269 -1.05 -17.11 40.26
CA LEU E 269 -1.77 -15.95 39.74
C LEU E 269 -3.09 -15.72 40.49
N ASP E 270 -3.79 -16.79 40.90
CA ASP E 270 -5.03 -16.67 41.68
C ASP E 270 -4.82 -15.90 43.00
N GLY E 271 -3.63 -16.06 43.60
CA GLY E 271 -3.25 -15.41 44.85
C GLY E 271 -2.82 -16.34 45.97
N ALA E 272 -2.53 -17.63 45.67
CA ALA E 272 -2.12 -18.57 46.72
C ALA E 272 -0.83 -18.13 47.40
N ASP E 273 -0.80 -18.15 48.73
CA ASP E 273 0.43 -17.83 49.47
C ASP E 273 1.41 -19.01 49.40
N CYS E 274 0.89 -20.25 49.41
CA CYS E 274 1.68 -21.47 49.36
C CYS E 274 1.13 -22.42 48.33
N ILE E 275 2.03 -23.24 47.77
CA ILE E 275 1.67 -24.34 46.86
C ILE E 275 2.25 -25.62 47.48
N MET E 276 1.62 -26.76 47.22
CA MET E 276 2.00 -28.00 47.90
C MET E 276 2.29 -29.16 46.97
N LEU E 277 3.11 -30.10 47.48
CA LEU E 277 3.44 -31.37 46.86
C LEU E 277 3.10 -32.46 47.89
N SER E 278 2.40 -33.50 47.45
CA SER E 278 1.98 -34.59 48.34
C SER E 278 2.69 -35.89 47.90
N GLY E 279 2.06 -36.74 47.09
CA GLY E 279 2.68 -37.96 46.60
C GLY E 279 3.94 -37.68 45.80
N GLU E 280 4.01 -36.51 45.12
CA GLU E 280 5.17 -36.11 44.32
C GLU E 280 6.46 -36.13 45.14
N THR E 281 6.38 -35.78 46.43
CA THR E 281 7.58 -35.78 47.27
C THR E 281 7.57 -36.88 48.31
N ALA E 282 6.38 -37.37 48.73
CA ALA E 282 6.34 -38.42 49.76
C ALA E 282 6.76 -39.79 49.24
N LYS E 283 6.27 -40.17 48.06
CA LYS E 283 6.53 -41.51 47.54
C LYS E 283 7.02 -41.57 46.09
N GLY E 284 7.05 -40.43 45.39
CA GLY E 284 7.45 -40.41 43.98
C GLY E 284 8.93 -40.61 43.68
N ASN E 285 9.25 -40.84 42.42
CA ASN E 285 10.64 -41.06 41.99
C ASN E 285 11.43 -39.78 41.73
N PHE E 286 10.77 -38.60 41.74
CA PHE E 286 11.47 -37.34 41.47
C PHE E 286 11.12 -36.22 42.49
N PRO E 287 11.30 -36.45 43.80
CA PRO E 287 10.92 -35.42 44.79
C PRO E 287 11.66 -34.09 44.65
N VAL E 288 12.99 -34.11 44.43
CA VAL E 288 13.77 -32.89 44.30
C VAL E 288 13.38 -32.13 43.03
N GLU E 289 13.18 -32.86 41.93
CA GLU E 289 12.80 -32.27 40.65
C GLU E 289 11.40 -31.62 40.75
N ALA E 290 10.49 -32.21 41.53
CA ALA E 290 9.14 -31.65 41.72
C ALA E 290 9.24 -30.30 42.45
N VAL E 291 10.11 -30.22 43.47
CA VAL E 291 10.32 -28.96 44.20
C VAL E 291 10.94 -27.93 43.26
N LYS E 292 11.95 -28.33 42.46
CA LYS E 292 12.58 -27.43 41.51
C LYS E 292 11.59 -26.90 40.47
N MET E 293 10.67 -27.75 40.02
CA MET E 293 9.65 -27.36 39.03
C MET E 293 8.69 -26.32 39.63
N GLN E 294 8.22 -26.56 40.87
CA GLN E 294 7.34 -25.57 41.52
C GLN E 294 8.05 -24.24 41.71
N HIS E 295 9.33 -24.28 42.09
CA HIS E 295 10.12 -23.06 42.25
C HIS E 295 10.20 -22.26 40.92
N ALA E 296 10.56 -22.95 39.83
CA ALA E 296 10.71 -22.32 38.52
C ALA E 296 9.40 -21.69 38.02
N ILE E 297 8.27 -22.42 38.16
CA ILE E 297 6.98 -21.90 37.70
C ILE E 297 6.53 -20.74 38.58
N ALA E 298 6.64 -20.88 39.92
CA ALA E 298 6.21 -19.81 40.83
C ALA E 298 6.93 -18.50 40.55
N ARG E 299 8.24 -18.54 40.28
CA ARG E 299 8.99 -17.32 39.98
C ARG E 299 8.47 -16.63 38.72
N GLU E 300 8.18 -17.42 37.68
CA GLU E 300 7.67 -16.85 36.43
C GLU E 300 6.28 -16.24 36.66
N ALA E 301 5.41 -16.95 37.38
CA ALA E 301 4.05 -16.49 37.63
C ALA E 301 3.99 -15.24 38.50
N GLU E 302 4.88 -15.14 39.50
CA GLU E 302 4.91 -13.96 40.37
C GLU E 302 5.24 -12.70 39.59
N ALA E 303 6.16 -12.79 38.61
CA ALA E 303 6.50 -11.64 37.78
C ALA E 303 5.33 -11.23 36.86
N ALA E 304 4.47 -12.19 36.49
CA ALA E 304 3.32 -11.95 35.62
C ALA E 304 2.07 -11.41 36.35
N VAL E 305 2.16 -11.18 37.67
CA VAL E 305 1.05 -10.64 38.43
C VAL E 305 0.82 -9.19 37.98
N TYR E 306 -0.43 -8.81 37.74
CA TYR E 306 -0.77 -7.47 37.28
C TYR E 306 -0.92 -6.55 38.49
N HIS E 307 0.22 -6.14 39.10
CA HIS E 307 0.24 -5.33 40.32
C HIS E 307 -0.56 -4.03 40.23
N ARG E 308 -0.63 -3.42 39.04
CA ARG E 308 -1.37 -2.16 38.87
C ARG E 308 -2.82 -2.26 39.35
N GLN E 309 -3.57 -3.27 38.89
CA GLN E 309 -4.95 -3.42 39.33
C GLN E 309 -5.02 -4.12 40.68
N LEU E 310 -4.15 -5.12 40.90
CA LEU E 310 -4.15 -5.86 42.16
C LEU E 310 -3.96 -4.95 43.38
N PHE E 311 -2.93 -4.10 43.37
CA PHE E 311 -2.68 -3.19 44.50
C PHE E 311 -3.84 -2.24 44.69
N GLU E 312 -4.38 -1.69 43.60
CA GLU E 312 -5.51 -0.79 43.71
C GLU E 312 -6.72 -1.45 44.34
N GLU E 313 -7.01 -2.71 43.98
CA GLU E 313 -8.13 -3.43 44.57
C GLU E 313 -7.90 -3.83 46.02
N LEU E 314 -6.67 -4.27 46.35
CA LEU E 314 -6.37 -4.66 47.73
C LEU E 314 -6.40 -3.46 48.66
N ARG E 315 -5.87 -2.33 48.19
CA ARG E 315 -5.83 -1.07 48.92
C ARG E 315 -7.27 -0.53 49.16
N ARG E 316 -8.17 -0.65 48.18
CA ARG E 316 -9.55 -0.19 48.28
C ARG E 316 -10.36 -1.11 49.21
N ALA E 317 -10.14 -2.44 49.11
CA ALA E 317 -10.92 -3.40 49.92
C ALA E 317 -10.48 -3.49 51.37
N ALA E 318 -9.20 -3.18 51.67
CA ALA E 318 -8.70 -3.25 53.05
C ALA E 318 -9.36 -2.13 53.85
N PRO E 319 -10.03 -2.44 54.96
CA PRO E 319 -10.75 -1.40 55.69
C PRO E 319 -9.85 -0.32 56.25
N LEU E 320 -10.43 0.87 56.47
CA LEU E 320 -9.69 1.97 57.10
C LEU E 320 -9.32 1.54 58.53
N SER E 321 -8.19 2.01 59.02
CA SER E 321 -7.71 1.56 60.32
C SER E 321 -6.98 2.63 61.07
N ARG E 322 -7.12 2.61 62.39
CA ARG E 322 -6.34 3.47 63.26
C ARG E 322 -5.20 2.69 63.97
N ASP E 323 -4.92 1.46 63.53
CA ASP E 323 -3.82 0.66 64.08
C ASP E 323 -2.55 1.13 63.37
N PRO E 324 -1.54 1.62 64.12
CA PRO E 324 -0.34 2.13 63.46
C PRO E 324 0.43 1.11 62.62
N THR E 325 0.38 -0.20 62.97
CA THR E 325 1.09 -1.21 62.16
C THR E 325 0.43 -1.30 60.78
N GLU E 326 -0.91 -1.30 60.76
CA GLU E 326 -1.70 -1.36 59.52
C GLU E 326 -1.44 -0.11 58.66
N VAL E 327 -1.42 1.06 59.29
CA VAL E 327 -1.19 2.34 58.60
C VAL E 327 0.23 2.38 58.02
N THR E 328 1.23 1.99 58.82
CA THR E 328 2.61 1.96 58.37
C THR E 328 2.78 0.97 57.22
N ALA E 329 2.13 -0.21 57.29
CA ALA E 329 2.26 -1.24 56.25
C ALA E 329 1.82 -0.72 54.87
N ILE E 330 0.65 -0.07 54.78
CA ILE E 330 0.19 0.41 53.48
C ILE E 330 1.07 1.57 52.98
N GLY E 331 1.55 2.42 53.88
CA GLY E 331 2.46 3.50 53.51
C GLY E 331 3.78 2.96 52.96
N ALA E 332 4.31 1.90 53.59
CA ALA E 332 5.55 1.27 53.18
C ALA E 332 5.42 0.58 51.82
N VAL E 333 4.29 -0.10 51.56
CA VAL E 333 4.08 -0.78 50.27
C VAL E 333 3.93 0.26 49.15
N GLU E 334 3.21 1.35 49.43
CA GLU E 334 3.05 2.45 48.46
C GLU E 334 4.44 3.04 48.13
N ALA E 335 5.26 3.29 49.18
CA ALA E 335 6.61 3.84 49.01
C ALA E 335 7.49 2.89 48.20
N ALA E 336 7.40 1.57 48.46
CA ALA E 336 8.17 0.57 47.72
C ALA E 336 7.84 0.59 46.22
N PHE E 337 6.55 0.71 45.89
CA PHE E 337 6.14 0.77 44.48
C PHE E 337 6.65 2.05 43.80
N LYS E 338 6.65 3.17 44.52
CA LYS E 338 7.09 4.46 43.98
C LYS E 338 8.55 4.47 43.51
N CYS E 339 9.43 3.75 44.22
CA CYS E 339 10.85 3.75 43.89
C CYS E 339 11.36 2.44 43.34
N CYS E 340 10.47 1.44 43.09
CA CYS E 340 10.89 0.11 42.64
C CYS E 340 11.88 -0.48 43.67
N ALA E 341 11.57 -0.32 44.96
CA ALA E 341 12.43 -0.79 46.04
C ALA E 341 12.77 -2.27 45.90
N ALA E 342 14.03 -2.62 46.14
CA ALA E 342 14.46 -4.03 46.05
C ALA E 342 13.83 -4.85 47.19
N ALA E 343 13.61 -4.23 48.36
CA ALA E 343 13.06 -4.94 49.51
C ALA E 343 12.43 -3.98 50.52
N ILE E 344 11.59 -4.52 51.40
CA ILE E 344 11.06 -3.86 52.57
C ILE E 344 11.64 -4.69 53.72
N ILE E 345 12.53 -4.10 54.53
CA ILE E 345 13.11 -4.81 55.68
C ILE E 345 12.26 -4.48 56.90
N VAL E 346 11.73 -5.49 57.57
CA VAL E 346 10.86 -5.27 58.71
C VAL E 346 11.33 -6.06 59.95
N LEU E 347 11.28 -5.43 61.13
CA LEU E 347 11.61 -6.12 62.36
C LEU E 347 10.30 -6.64 62.91
N THR E 348 10.24 -7.92 63.30
CA THR E 348 9.00 -8.49 63.82
C THR E 348 9.25 -9.53 64.89
N THR E 349 8.39 -9.56 65.91
CA THR E 349 8.50 -10.52 67.03
C THR E 349 7.62 -11.74 66.76
N THR E 350 6.38 -11.49 66.33
CA THR E 350 5.39 -12.53 66.06
C THR E 350 5.18 -12.86 64.57
N GLY E 351 5.68 -11.99 63.69
CA GLY E 351 5.46 -12.08 62.26
C GLY E 351 4.37 -11.14 61.77
N ARG E 352 3.56 -10.57 62.69
CA ARG E 352 2.40 -9.72 62.32
C ARG E 352 2.75 -8.53 61.42
N SER E 353 3.83 -7.77 61.71
CA SER E 353 4.19 -6.61 60.89
C SER E 353 4.53 -7.06 59.46
N ALA E 354 5.15 -8.25 59.30
CA ALA E 354 5.47 -8.78 57.97
C ALA E 354 4.18 -9.26 57.27
N GLN E 355 3.26 -9.89 58.00
CA GLN E 355 1.99 -10.35 57.44
C GLN E 355 1.16 -9.17 56.90
N LEU E 356 1.16 -8.03 57.62
CA LEU E 356 0.40 -6.86 57.16
C LEU E 356 1.02 -6.19 55.93
N LEU E 357 2.33 -6.34 55.72
CA LEU E 357 2.97 -5.84 54.51
C LEU E 357 2.62 -6.81 53.35
N SER E 358 2.74 -8.12 53.60
CA SER E 358 2.45 -9.16 52.62
CA SER E 358 2.45 -9.14 52.59
C SER E 358 1.03 -9.09 52.03
N ARG E 359 0.03 -8.73 52.86
CA ARG E 359 -1.36 -8.67 52.42
C ARG E 359 -1.59 -7.68 51.24
N TYR E 360 -0.71 -6.67 51.09
CA TYR E 360 -0.82 -5.72 49.97
C TYR E 360 -0.08 -6.17 48.71
N ARG E 361 0.50 -7.39 48.73
CA ARG E 361 1.21 -7.99 47.61
C ARG E 361 2.24 -7.07 46.97
N PRO E 362 3.22 -6.56 47.75
CA PRO E 362 4.28 -5.74 47.14
C PRO E 362 5.13 -6.58 46.18
N ARG E 363 5.69 -5.93 45.16
CA ARG E 363 6.64 -6.60 44.27
C ARG E 363 7.98 -6.76 45.04
N ALA E 364 8.30 -5.80 45.93
CA ALA E 364 9.50 -5.83 46.77
C ALA E 364 9.43 -6.99 47.76
N ALA E 365 10.55 -7.69 47.96
CA ALA E 365 10.64 -8.78 48.92
C ALA E 365 10.46 -8.21 50.34
N VAL E 366 9.73 -8.91 51.20
CA VAL E 366 9.58 -8.47 52.59
C VAL E 366 10.59 -9.29 53.40
N ILE E 367 11.71 -8.69 53.76
CA ILE E 367 12.75 -9.36 54.53
C ILE E 367 12.44 -9.16 56.01
N ALA E 368 12.00 -10.23 56.69
CA ALA E 368 11.58 -10.14 58.07
C ALA E 368 12.68 -10.61 59.05
N VAL E 369 13.21 -9.69 59.84
CA VAL E 369 14.25 -10.01 60.82
C VAL E 369 13.61 -10.26 62.17
N THR E 370 13.83 -11.46 62.73
CA THR E 370 13.22 -11.82 64.00
C THR E 370 14.17 -12.64 64.88
N ARG E 371 14.00 -12.55 66.20
CA ARG E 371 14.73 -13.39 67.15
C ARG E 371 13.93 -14.69 67.42
N SER E 372 12.61 -14.72 67.12
CA SER E 372 11.79 -15.89 67.33
C SER E 372 12.00 -16.94 66.25
N ALA E 373 12.59 -18.10 66.62
CA ALA E 373 12.79 -19.19 65.68
C ALA E 373 11.46 -19.70 65.14
N GLN E 374 10.45 -19.79 66.00
CA GLN E 374 9.13 -20.25 65.57
C GLN E 374 8.46 -19.25 64.61
N ALA E 375 8.55 -17.91 64.89
CA ALA E 375 7.97 -16.90 63.98
C ALA E 375 8.68 -16.97 62.63
N ALA E 376 10.01 -17.17 62.63
CA ALA E 376 10.78 -17.27 61.39
C ALA E 376 10.29 -18.45 60.53
N ARG E 377 9.94 -19.57 61.16
CA ARG E 377 9.42 -20.73 60.44
C ARG E 377 7.98 -20.45 59.94
N GLN E 378 7.13 -19.92 60.82
CA GLN E 378 5.73 -19.69 60.49
C GLN E 378 5.47 -18.62 59.42
N VAL E 379 6.32 -17.58 59.29
CA VAL E 379 6.06 -16.52 58.29
C VAL E 379 6.19 -17.02 56.84
N HIS E 380 6.71 -18.25 56.62
CA HIS E 380 6.72 -18.85 55.30
C HIS E 380 5.28 -19.01 54.77
N LEU E 381 4.26 -18.98 55.64
CA LEU E 381 2.87 -19.07 55.21
C LEU E 381 2.42 -17.84 54.42
N CYS E 382 3.09 -16.69 54.59
CA CYS E 382 2.71 -15.41 53.97
C CYS E 382 3.54 -15.14 52.73
N ARG E 383 2.89 -14.96 51.56
CA ARG E 383 3.64 -14.72 50.33
C ARG E 383 4.61 -13.55 50.39
N GLY E 384 5.82 -13.77 49.92
CA GLY E 384 6.81 -12.71 49.82
C GLY E 384 7.53 -12.35 51.10
N VAL E 385 7.37 -13.15 52.16
CA VAL E 385 8.08 -12.90 53.41
C VAL E 385 9.29 -13.85 53.46
N PHE E 386 10.49 -13.27 53.57
CA PHE E 386 11.75 -13.99 53.64
C PHE E 386 12.29 -13.85 55.05
N PRO E 387 12.14 -14.89 55.87
CA PRO E 387 12.56 -14.79 57.27
C PRO E 387 14.05 -14.92 57.51
N LEU E 388 14.58 -14.06 58.37
CA LEU E 388 15.98 -14.09 58.76
C LEU E 388 16.00 -14.24 60.27
N LEU E 389 16.60 -15.33 60.77
CA LEU E 389 16.67 -15.56 62.21
C LEU E 389 17.91 -14.88 62.79
N TYR E 390 17.71 -13.90 63.67
CA TYR E 390 18.77 -13.14 64.31
C TYR E 390 19.13 -13.83 65.63
N ARG E 391 20.40 -14.19 65.81
CA ARG E 391 20.82 -14.95 66.99
C ARG E 391 21.62 -14.15 68.02
N GLU E 392 22.07 -12.94 67.69
CA GLU E 392 22.89 -12.14 68.59
C GLU E 392 22.17 -11.65 69.83
N PRO E 393 22.83 -11.68 71.00
CA PRO E 393 22.20 -11.17 72.23
C PRO E 393 21.95 -9.66 72.15
N PRO E 394 20.95 -9.17 72.88
CA PRO E 394 20.61 -7.74 72.79
C PRO E 394 21.70 -6.76 73.17
N GLU E 395 21.82 -5.67 72.39
CA GLU E 395 22.71 -4.56 72.68
C GLU E 395 22.16 -3.82 73.91
N ALA E 396 23.03 -3.13 74.66
CA ALA E 396 22.61 -2.39 75.85
C ALA E 396 21.64 -1.26 75.49
N ILE E 397 21.92 -0.54 74.41
CA ILE E 397 21.05 0.53 73.94
C ILE E 397 20.08 -0.05 72.89
N TRP E 398 18.78 0.02 73.16
CA TRP E 398 17.76 -0.53 72.27
C TRP E 398 17.85 0.00 70.83
N ALA E 399 18.08 1.30 70.64
CA ALA E 399 18.21 1.86 69.28
C ALA E 399 19.39 1.24 68.51
N ASP E 400 20.48 0.89 69.21
CA ASP E 400 21.63 0.24 68.57
C ASP E 400 21.27 -1.20 68.18
N ASP E 401 20.48 -1.88 69.01
CA ASP E 401 20.04 -3.25 68.74
C ASP E 401 19.15 -3.28 67.49
N VAL E 402 18.28 -2.26 67.34
CA VAL E 402 17.40 -2.12 66.19
C VAL E 402 18.25 -1.93 64.94
N ASP E 403 19.22 -1.00 65.00
CA ASP E 403 20.14 -0.73 63.89
C ASP E 403 20.94 -1.95 63.47
N ARG E 404 21.40 -2.75 64.45
CA ARG E 404 22.16 -3.95 64.14
C ARG E 404 21.31 -4.98 63.40
N ARG E 405 20.02 -5.09 63.76
CA ARG E 405 19.12 -6.02 63.09
C ARG E 405 18.79 -5.56 61.67
N VAL E 406 18.66 -4.24 61.46
CA VAL E 406 18.44 -3.68 60.12
C VAL E 406 19.68 -3.96 59.26
N GLN E 407 20.89 -3.76 59.83
CA GLN E 407 22.14 -4.05 59.11
C GLN E 407 22.26 -5.55 58.80
N PHE E 408 21.80 -6.42 59.70
CA PHE E 408 21.80 -7.86 59.47
C PHE E 408 20.88 -8.21 58.28
N GLY E 409 19.73 -7.52 58.20
CA GLY E 409 18.78 -7.70 57.10
C GLY E 409 19.42 -7.32 55.78
N ILE E 410 20.16 -6.18 55.76
CA ILE E 410 20.86 -5.67 54.57
C ILE E 410 22.00 -6.60 54.14
N GLU E 411 22.85 -7.01 55.10
CA GLU E 411 23.98 -7.90 54.80
C GLU E 411 23.53 -9.27 54.33
N SER E 412 22.45 -9.82 54.92
CA SER E 412 21.91 -11.10 54.47
C SER E 412 21.33 -10.95 53.05
N GLY E 413 20.64 -9.84 52.81
CA GLY E 413 20.06 -9.55 51.51
C GLY E 413 21.11 -9.42 50.42
N LYS E 414 22.24 -8.80 50.74
CA LYS E 414 23.34 -8.66 49.77
C LYS E 414 23.94 -10.03 49.47
N LEU E 415 24.18 -10.86 50.49
CA LEU E 415 24.77 -12.18 50.31
C LEU E 415 23.87 -13.07 49.46
N ARG E 416 22.55 -13.00 49.71
CA ARG E 416 21.58 -13.83 49.00
C ARG E 416 21.17 -13.33 47.62
N GLY E 417 21.60 -12.13 47.24
CA GLY E 417 21.25 -11.58 45.92
C GLY E 417 19.99 -10.73 45.87
N PHE E 418 19.36 -10.47 47.03
CA PHE E 418 18.17 -9.61 47.08
C PHE E 418 18.55 -8.14 46.85
N LEU E 419 19.72 -7.74 47.38
CA LEU E 419 20.16 -6.34 47.37
C LEU E 419 21.54 -6.14 46.81
N ARG E 420 21.76 -4.98 46.25
CA ARG E 420 23.05 -4.56 45.74
C ARG E 420 23.25 -3.08 46.08
N VAL E 421 24.50 -2.59 46.02
CA VAL E 421 24.81 -1.18 46.30
C VAL E 421 24.05 -0.28 45.31
N GLY E 422 23.42 0.76 45.83
CA GLY E 422 22.63 1.66 45.00
C GLY E 422 21.15 1.41 45.07
N ASP E 423 20.72 0.20 45.51
CA ASP E 423 19.30 -0.10 45.63
C ASP E 423 18.65 0.76 46.71
N LEU E 424 17.33 0.97 46.60
CA LEU E 424 16.59 1.64 47.65
C LEU E 424 15.81 0.57 48.40
N VAL E 425 15.77 0.66 49.72
CA VAL E 425 14.99 -0.25 50.54
C VAL E 425 14.08 0.57 51.44
N ILE E 426 12.97 -0.01 51.83
CA ILE E 426 12.05 0.61 52.78
C ILE E 426 12.28 -0.14 54.10
N VAL E 427 12.49 0.56 55.21
CA VAL E 427 12.75 -0.09 56.49
C VAL E 427 11.60 0.21 57.46
N VAL E 428 10.99 -0.83 57.99
CA VAL E 428 9.84 -0.72 58.88
C VAL E 428 10.20 -1.19 60.30
N THR E 429 10.11 -0.26 61.26
CA THR E 429 10.45 -0.52 62.66
C THR E 429 9.36 0.10 63.59
N GLY E 430 9.54 -0.01 64.90
CA GLY E 430 8.62 0.54 65.89
C GLY E 430 9.31 1.50 66.86
N TRP E 431 8.51 2.14 67.71
CA TRP E 431 9.02 3.17 68.62
C TRP E 431 9.49 2.65 69.99
N ARG E 432 9.14 1.41 70.33
CA ARG E 432 9.54 0.81 71.60
C ARG E 432 9.61 -0.72 71.47
N PRO E 433 10.33 -1.42 72.39
CA PRO E 433 10.41 -2.89 72.28
C PRO E 433 9.09 -3.61 72.50
N GLY E 434 9.02 -4.85 72.07
CA GLY E 434 7.82 -5.66 72.22
C GLY E 434 6.95 -5.57 70.98
N SER E 435 6.12 -6.59 70.79
CA SER E 435 5.21 -6.69 69.65
C SER E 435 4.10 -5.64 69.70
N GLY E 436 3.64 -5.19 68.53
CA GLY E 436 2.49 -4.28 68.45
C GLY E 436 2.75 -2.79 68.32
N TYR E 437 4.01 -2.38 68.27
CA TYR E 437 4.37 -0.96 68.22
C TYR E 437 5.03 -0.49 66.93
N THR E 438 4.89 -1.25 65.82
CA THR E 438 5.44 -0.80 64.53
C THR E 438 4.74 0.52 64.12
N ASN E 439 5.52 1.55 63.80
CA ASN E 439 4.95 2.84 63.41
C ASN E 439 5.88 3.70 62.56
N ILE E 440 7.02 3.15 62.11
CA ILE E 440 7.99 3.94 61.36
C ILE E 440 8.36 3.31 60.06
N MET E 441 8.43 4.14 59.02
CA MET E 441 8.89 3.71 57.72
CA MET E 441 8.85 3.74 57.68
C MET E 441 9.99 4.67 57.25
N ARG E 442 11.12 4.13 56.83
CA ARG E 442 12.26 4.93 56.39
C ARG E 442 12.71 4.51 55.01
N VAL E 443 13.14 5.46 54.18
CA VAL E 443 13.67 5.14 52.86
C VAL E 443 15.20 5.19 52.95
N LEU E 444 15.85 4.08 52.64
CA LEU E 444 17.31 3.97 52.78
C LEU E 444 18.00 3.53 51.49
N SER E 445 19.15 4.15 51.18
CA SER E 445 19.94 3.78 50.02
CA SER E 445 19.94 3.78 50.02
C SER E 445 20.99 2.76 50.49
N ILE E 446 21.14 1.65 49.78
CA ILE E 446 22.10 0.62 50.15
C ILE E 446 23.52 1.04 49.79
N SER E 447 24.42 1.09 50.77
CA SER E 447 25.82 1.44 50.52
C SER E 447 26.74 0.22 50.59
N ALA F 13 -18.21 -2.66 54.97
CA ALA F 13 -17.14 -3.40 55.64
C ALA F 13 -15.81 -2.64 55.64
N ASP F 14 -15.56 -1.83 54.61
CA ASP F 14 -14.33 -1.04 54.51
C ASP F 14 -14.28 0.12 55.51
N VAL F 15 -15.43 0.57 56.03
CA VAL F 15 -15.48 1.65 57.00
C VAL F 15 -16.17 1.23 58.32
N ALA F 16 -16.62 -0.03 58.47
CA ALA F 16 -17.37 -0.47 59.64
C ALA F 16 -16.65 -0.28 61.00
N GLN F 17 -15.40 -0.74 61.14
CA GLN F 17 -14.69 -0.62 62.42
C GLN F 17 -14.41 0.83 62.76
N LEU F 18 -13.99 1.62 61.78
CA LEU F 18 -13.73 3.04 62.00
C LEU F 18 -14.99 3.82 62.29
N THR F 19 -16.14 3.41 61.72
CA THR F 19 -17.41 4.05 62.01
C THR F 19 -17.80 3.76 63.47
N GLN F 20 -17.53 2.55 63.97
CA GLN F 20 -17.83 2.20 65.35
C GLN F 20 -16.96 3.04 66.32
N GLU F 21 -15.68 3.21 66.00
CA GLU F 21 -14.72 3.93 66.83
C GLU F 21 -14.91 5.45 66.80
N LEU F 22 -15.01 6.03 65.59
CA LEU F 22 -15.15 7.48 65.45
C LEU F 22 -16.59 7.99 65.50
N GLY F 23 -17.54 7.09 65.28
CA GLY F 23 -18.96 7.45 65.33
C GLY F 23 -19.56 7.75 63.98
N THR F 24 -20.89 7.59 63.89
CA THR F 24 -21.59 7.88 62.64
C THR F 24 -21.57 9.36 62.32
N ALA F 25 -21.56 10.25 63.35
CA ALA F 25 -21.56 11.69 63.10
C ALA F 25 -20.31 12.11 62.35
N PHE F 26 -19.14 11.51 62.68
CA PHE F 26 -17.89 11.81 62.00
C PHE F 26 -18.00 11.52 60.50
N PHE F 27 -18.58 10.37 60.15
CA PHE F 27 -18.69 9.94 58.76
C PHE F 27 -19.81 10.61 57.97
N GLN F 28 -20.62 11.46 58.59
CA GLN F 28 -21.64 12.22 57.88
C GLN F 28 -21.13 13.64 57.50
N GLN F 29 -20.08 14.14 58.19
CA GLN F 29 -19.49 15.45 57.97
C GLN F 29 -18.52 15.45 56.79
N GLN F 30 -18.03 16.65 56.41
CA GLN F 30 -17.03 16.92 55.38
C GLN F 30 -17.24 16.11 54.10
N GLN F 31 -18.51 15.93 53.70
CA GLN F 31 -18.87 15.16 52.49
C GLN F 31 -18.25 13.76 52.45
N LEU F 32 -18.03 13.14 53.63
CA LEU F 32 -17.45 11.80 53.67
C LEU F 32 -18.31 10.75 52.95
N PRO F 33 -19.66 10.76 52.98
CA PRO F 33 -20.41 9.76 52.19
C PRO F 33 -20.10 9.92 50.70
N ALA F 34 -20.01 11.15 50.18
CA ALA F 34 -19.68 11.37 48.77
C ALA F 34 -18.22 10.99 48.46
N ALA F 35 -17.31 11.11 49.46
CA ALA F 35 -15.91 10.74 49.30
C ALA F 35 -15.75 9.22 49.16
N MET F 36 -16.59 8.42 49.79
CA MET F 36 -16.49 6.95 49.72
C MET F 36 -17.19 6.35 48.49
N ALA F 37 -17.78 7.18 47.61
CA ALA F 37 -18.52 6.64 46.46
C ALA F 37 -17.63 5.93 45.44
N ASP F 38 -18.19 4.91 44.78
CA ASP F 38 -17.46 4.08 43.82
C ASP F 38 -17.36 4.69 42.42
N THR F 39 -18.24 5.66 42.08
CA THR F 39 -18.21 6.31 40.77
C THR F 39 -18.36 7.84 40.98
N PHE F 40 -17.96 8.63 39.99
CA PHE F 40 -18.12 10.09 40.07
C PHE F 40 -19.62 10.44 40.09
N LEU F 41 -20.45 9.71 39.33
CA LEU F 41 -21.90 9.94 39.34
C LEU F 41 -22.48 9.74 40.75
N GLU F 42 -22.08 8.65 41.43
CA GLU F 42 -22.55 8.40 42.79
C GLU F 42 -22.02 9.46 43.76
N HIS F 43 -20.78 9.93 43.53
CA HIS F 43 -20.16 11.00 44.32
C HIS F 43 -21.05 12.27 44.25
N LEU F 44 -21.46 12.65 43.03
CA LEU F 44 -22.33 13.84 42.86
C LEU F 44 -23.66 13.63 43.57
N CYS F 45 -24.28 12.44 43.38
CA CYS F 45 -25.58 12.12 43.98
C CYS F 45 -25.55 12.17 45.51
N LEU F 46 -24.37 11.94 46.13
CA LEU F 46 -24.27 11.92 47.58
C LEU F 46 -23.85 13.25 48.22
N LEU F 47 -23.55 14.30 47.41
CA LEU F 47 -23.19 15.62 47.97
C LEU F 47 -24.35 16.13 48.80
N ASP F 48 -24.07 16.61 50.01
CA ASP F 48 -25.10 16.94 50.99
C ASP F 48 -24.90 18.34 51.55
N ILE F 49 -25.90 19.22 51.40
CA ILE F 49 -25.82 20.57 51.96
C ILE F 49 -25.79 20.58 53.50
N ASP F 50 -26.23 19.50 54.15
CA ASP F 50 -26.22 19.39 55.61
C ASP F 50 -24.92 18.79 56.16
N SER F 51 -24.00 18.33 55.30
CA SER F 51 -22.73 17.75 55.71
C SER F 51 -21.72 18.89 55.83
N GLU F 52 -21.46 19.32 57.06
CA GLU F 52 -20.62 20.48 57.32
C GLU F 52 -19.12 20.27 57.18
N PRO F 53 -18.42 21.27 56.61
CA PRO F 53 -16.95 21.14 56.50
C PRO F 53 -16.29 21.16 57.87
N VAL F 54 -15.22 20.40 58.03
CA VAL F 54 -14.53 20.26 59.30
C VAL F 54 -13.11 20.80 59.21
N ALA F 55 -12.42 20.46 58.11
CA ALA F 55 -11.03 20.81 57.91
C ALA F 55 -10.77 22.30 57.74
N ALA F 56 -9.55 22.74 58.08
CA ALA F 56 -9.14 24.12 57.87
C ALA F 56 -9.13 24.40 56.35
N ARG F 57 -9.43 25.63 55.94
CA ARG F 57 -9.47 26.00 54.54
C ARG F 57 -8.09 25.87 53.92
N SER F 58 -7.97 25.07 52.88
CA SER F 58 -6.69 24.76 52.26
C SER F 58 -6.29 25.62 51.03
N THR F 59 -7.25 26.16 50.26
CA THR F 59 -6.94 26.99 49.10
C THR F 59 -6.64 28.41 49.59
N SER F 60 -5.43 28.92 49.33
CA SER F 60 -5.06 30.26 49.78
C SER F 60 -5.80 31.36 49.06
N ILE F 61 -5.99 32.48 49.76
CA ILE F 61 -6.65 33.65 49.20
C ILE F 61 -5.62 34.75 48.97
N ILE F 62 -5.58 35.28 47.75
CA ILE F 62 -4.72 36.40 47.39
C ILE F 62 -5.64 37.62 47.33
N ALA F 63 -5.33 38.67 48.08
CA ALA F 63 -6.13 39.90 48.05
C ALA F 63 -5.28 41.03 47.51
N THR F 64 -5.83 41.79 46.54
CA THR F 64 -5.10 42.91 45.97
C THR F 64 -5.24 44.11 46.90
N ILE F 65 -4.11 44.74 47.24
CA ILE F 65 -4.10 45.89 48.14
C ILE F 65 -4.30 47.18 47.37
N GLY F 66 -5.19 48.01 47.86
CA GLY F 66 -5.49 49.30 47.27
C GLY F 66 -6.08 50.25 48.28
N PRO F 67 -6.70 51.33 47.82
CA PRO F 67 -7.30 52.30 48.76
C PRO F 67 -8.31 51.70 49.75
N ALA F 68 -9.07 50.66 49.35
CA ALA F 68 -10.04 50.03 50.24
C ALA F 68 -9.44 49.08 51.25
N SER F 69 -8.17 48.70 51.10
CA SER F 69 -7.56 47.69 51.95
C SER F 69 -6.12 48.03 52.36
N ARG F 70 -5.78 49.31 52.41
CA ARG F 70 -4.41 49.74 52.69
C ARG F 70 -4.09 50.08 54.14
N SER F 71 -5.09 50.53 54.92
CA SER F 71 -4.82 50.89 56.31
C SER F 71 -4.46 49.68 57.16
N VAL F 72 -3.65 49.89 58.20
CA VAL F 72 -3.22 48.82 59.10
C VAL F 72 -4.43 48.15 59.76
N GLU F 73 -5.42 48.95 60.20
CA GLU F 73 -6.59 48.39 60.83
C GLU F 73 -7.42 47.53 59.87
N ARG F 74 -7.57 47.97 58.62
CA ARG F 74 -8.31 47.19 57.62
C ARG F 74 -7.53 45.91 57.28
N LEU F 75 -6.21 45.99 57.16
CA LEU F 75 -5.36 44.84 56.89
C LEU F 75 -5.43 43.79 58.01
N LYS F 76 -5.56 44.22 59.29
CA LYS F 76 -5.70 43.26 60.39
C LYS F 76 -7.01 42.47 60.23
N GLU F 77 -8.10 43.16 59.82
CA GLU F 77 -9.40 42.50 59.59
CA GLU F 77 -9.38 42.46 59.62
C GLU F 77 -9.30 41.51 58.43
N MET F 78 -8.55 41.87 57.38
CA MET F 78 -8.38 41.01 56.22
CA MET F 78 -8.39 41.00 56.22
C MET F 78 -7.57 39.76 56.54
N ILE F 79 -6.55 39.90 57.41
CA ILE F 79 -5.75 38.76 57.84
C ILE F 79 -6.65 37.82 58.66
N LYS F 80 -7.46 38.39 59.58
CA LYS F 80 -8.39 37.61 60.39
C LYS F 80 -9.43 36.89 59.53
N ALA F 81 -9.90 37.56 58.45
CA ALA F 81 -10.88 36.98 57.53
C ALA F 81 -10.33 35.82 56.68
N GLY F 82 -9.02 35.77 56.50
CA GLY F 82 -8.39 34.70 55.75
C GLY F 82 -7.38 35.04 54.66
N MET F 83 -7.04 36.33 54.46
CA MET F 83 -6.05 36.71 53.45
C MET F 83 -4.69 36.05 53.74
N ASN F 84 -4.11 35.34 52.76
CA ASN F 84 -2.83 34.68 52.95
C ASN F 84 -1.70 35.35 52.17
N ILE F 85 -2.04 35.97 51.02
CA ILE F 85 -1.09 36.62 50.13
C ILE F 85 -1.61 38.01 49.77
N ALA F 86 -0.77 39.03 49.92
CA ALA F 86 -1.15 40.40 49.57
C ALA F 86 -0.54 40.73 48.21
N ARG F 87 -1.38 41.11 47.24
CA ARG F 87 -0.91 41.42 45.89
C ARG F 87 -0.80 42.93 45.69
N LEU F 88 0.37 43.37 45.21
CA LEU F 88 0.62 44.78 44.89
C LEU F 88 0.61 44.88 43.39
N ASN F 89 -0.37 45.59 42.83
CA ASN F 89 -0.48 45.73 41.40
C ASN F 89 0.35 46.91 40.90
N PHE F 90 1.51 46.64 40.31
CA PHE F 90 2.40 47.71 39.82
C PHE F 90 1.95 48.34 38.49
N SER F 91 0.74 48.00 38.00
CA SER F 91 0.19 48.69 36.84
C SER F 91 -0.23 50.13 37.24
N HIS F 92 -0.48 50.38 38.53
CA HIS F 92 -0.86 51.68 39.06
C HIS F 92 -0.07 51.97 40.33
N GLY F 93 0.10 53.25 40.64
CA GLY F 93 0.79 53.65 41.86
C GLY F 93 2.30 53.75 41.73
N SER F 94 2.87 54.67 42.48
CA SER F 94 4.31 54.90 42.50
C SER F 94 5.03 53.91 43.41
N HIS F 95 6.37 53.90 43.38
CA HIS F 95 7.17 53.08 44.29
C HIS F 95 6.90 53.49 45.74
N GLU F 96 6.72 54.79 46.00
CA GLU F 96 6.46 55.30 47.35
C GLU F 96 5.13 54.77 47.86
N TYR F 97 4.10 54.72 46.99
CA TYR F 97 2.78 54.22 47.36
C TYR F 97 2.89 52.73 47.74
N HIS F 98 3.55 51.92 46.90
CA HIS F 98 3.71 50.49 47.15
C HIS F 98 4.57 50.19 48.36
N ALA F 99 5.61 51.00 48.63
CA ALA F 99 6.44 50.81 49.82
C ALA F 99 5.61 51.02 51.09
N GLU F 100 4.69 52.00 51.07
CA GLU F 100 3.82 52.24 52.22
C GLU F 100 2.82 51.10 52.39
N SER F 101 2.29 50.55 51.29
CA SER F 101 1.38 49.40 51.33
C SER F 101 2.09 48.20 51.99
N ILE F 102 3.36 47.93 51.59
CA ILE F 102 4.19 46.86 52.13
C ILE F 102 4.40 47.05 53.64
N ALA F 103 4.76 48.27 54.05
CA ALA F 103 4.99 48.58 55.46
C ALA F 103 3.72 48.34 56.28
N ASN F 104 2.55 48.75 55.74
CA ASN F 104 1.27 48.56 56.43
C ASN F 104 0.91 47.08 56.56
N VAL F 105 1.16 46.28 55.51
CA VAL F 105 0.91 44.82 55.56
C VAL F 105 1.80 44.20 56.65
N ARG F 106 3.10 44.51 56.65
CA ARG F 106 4.03 43.97 57.64
C ARG F 106 3.67 44.39 59.07
N GLU F 107 3.20 45.63 59.25
CA GLU F 107 2.80 46.10 60.59
C GLU F 107 1.57 45.31 61.06
N ALA F 108 0.60 45.09 60.16
CA ALA F 108 -0.59 44.31 60.49
C ALA F 108 -0.22 42.85 60.81
N VAL F 109 0.68 42.26 60.02
CA VAL F 109 1.14 40.88 60.19
C VAL F 109 1.84 40.71 61.55
N GLU F 110 2.79 41.60 61.86
CA GLU F 110 3.55 41.53 63.09
C GLU F 110 2.73 41.86 64.33
N SER F 111 1.56 42.49 64.19
CA SER F 111 0.68 42.73 65.34
C SER F 111 0.15 41.41 65.98
N PHE F 112 0.22 40.28 65.23
CA PHE F 112 -0.19 38.96 65.72
C PHE F 112 1.00 38.05 66.11
N ALA F 113 2.23 38.59 66.10
CA ALA F 113 3.45 37.83 66.37
C ALA F 113 3.71 37.46 67.83
N GLY F 114 2.88 37.94 68.75
CA GLY F 114 3.07 37.64 70.16
C GLY F 114 3.01 36.16 70.50
N SER F 115 2.14 35.43 69.82
CA SER F 115 1.98 34.00 70.06
C SER F 115 2.43 33.27 68.81
N PRO F 116 3.68 32.76 68.81
CA PRO F 116 4.18 32.05 67.63
C PRO F 116 3.32 30.83 67.24
N LEU F 117 2.58 30.26 68.22
CA LEU F 117 1.69 29.14 67.95
C LEU F 117 0.36 29.60 67.25
N SER F 118 0.18 30.91 67.01
CA SER F 118 -1.01 31.51 66.41
C SER F 118 -0.67 32.30 65.10
N TYR F 119 0.11 33.43 65.19
CA TYR F 119 0.66 34.29 64.12
C TYR F 119 0.27 33.84 62.69
N ARG F 120 0.02 34.77 61.76
CA ARG F 120 -0.31 34.37 60.39
C ARG F 120 0.68 34.92 59.39
N PRO F 121 1.62 34.10 58.89
CA PRO F 121 2.54 34.60 57.85
C PRO F 121 1.74 34.99 56.60
N VAL F 122 2.02 36.15 56.06
CA VAL F 122 1.32 36.65 54.88
C VAL F 122 2.37 36.96 53.84
N ALA F 123 2.28 36.33 52.67
CA ALA F 123 3.25 36.57 51.61
C ALA F 123 2.98 37.89 50.89
N ILE F 124 4.01 38.51 50.35
CA ILE F 124 3.85 39.76 49.60
C ILE F 124 4.22 39.47 48.17
N ALA F 125 3.27 39.71 47.24
CA ALA F 125 3.47 39.42 45.83
C ALA F 125 3.44 40.71 45.00
N LEU F 126 4.39 40.83 44.08
CA LEU F 126 4.48 42.00 43.21
C LEU F 126 3.97 41.59 41.84
N ASP F 127 2.92 42.23 41.36
CA ASP F 127 2.35 41.92 40.05
C ASP F 127 2.85 43.00 39.07
N THR F 128 3.61 42.60 38.06
CA THR F 128 4.21 43.56 37.13
C THR F 128 3.23 44.21 36.15
N LYS F 129 3.60 45.40 35.66
CA LYS F 129 2.83 46.14 34.68
C LYS F 129 2.78 45.37 33.36
N GLY F 130 3.92 44.79 32.96
CA GLY F 130 3.99 44.00 31.75
C GLY F 130 4.77 44.63 30.62
N PRO F 131 4.87 43.89 29.50
CA PRO F 131 5.65 44.38 28.36
C PRO F 131 4.99 45.48 27.56
N PRO F 135 8.35 43.56 22.89
CA PRO F 135 8.54 42.11 22.68
C PRO F 135 8.95 41.32 23.91
N GLY F 136 9.44 42.00 24.94
CA GLY F 136 9.90 41.36 26.16
C GLY F 136 9.89 42.28 27.37
N LEU F 137 10.84 42.07 28.30
CA LEU F 137 10.93 42.83 29.55
C LEU F 137 11.10 44.34 29.37
N SER F 138 10.09 45.11 29.80
CA SER F 138 10.09 46.56 29.71
C SER F 138 11.05 47.21 30.73
N GLU F 139 11.42 48.48 30.50
CA GLU F 139 12.31 49.23 31.39
C GLU F 139 11.64 49.48 32.75
N GLN F 140 10.32 49.73 32.74
CA GLN F 140 9.59 49.93 34.00
C GLN F 140 9.59 48.64 34.82
N ASP F 141 9.42 47.49 34.16
CA ASP F 141 9.46 46.20 34.86
C ASP F 141 10.81 45.93 35.49
N VAL F 142 11.91 46.33 34.82
CA VAL F 142 13.25 46.16 35.39
C VAL F 142 13.38 46.95 36.70
N ARG F 143 12.89 48.20 36.70
CA ARG F 143 12.92 49.04 37.90
C ARG F 143 12.00 48.52 39.00
N ASP F 144 10.80 48.02 38.63
CA ASP F 144 9.84 47.50 39.60
C ASP F 144 10.34 46.20 40.22
N LEU F 145 10.99 45.34 39.42
CA LEU F 145 11.55 44.09 39.94
C LEU F 145 12.71 44.37 40.89
N ARG F 146 13.51 45.42 40.61
CA ARG F 146 14.59 45.84 41.49
C ARG F 146 14.02 46.32 42.81
N PHE F 147 12.92 47.10 42.77
CA PHE F 147 12.21 47.57 43.96
C PHE F 147 11.73 46.35 44.77
N GLY F 148 11.20 45.34 44.11
CA GLY F 148 10.73 44.11 44.75
C GLY F 148 11.80 43.42 45.55
N VAL F 149 12.99 43.27 44.95
CA VAL F 149 14.13 42.64 45.62
C VAL F 149 14.58 43.48 46.81
N GLU F 150 14.66 44.80 46.62
CA GLU F 150 15.08 45.71 47.69
C GLU F 150 14.09 45.73 48.86
N HIS F 151 12.79 45.53 48.59
CA HIS F 151 11.79 45.50 49.64
C HIS F 151 11.44 44.08 50.14
N GLY F 152 12.18 43.07 49.70
CA GLY F 152 12.00 41.70 50.17
C GLY F 152 10.69 41.02 49.86
N VAL F 153 10.15 41.26 48.65
CA VAL F 153 8.90 40.59 48.26
C VAL F 153 9.15 39.07 48.14
N ASP F 154 8.10 38.27 48.36
CA ASP F 154 8.24 36.81 48.32
C ASP F 154 7.97 36.21 46.95
N ILE F 155 7.09 36.84 46.18
CA ILE F 155 6.61 36.33 44.92
C ILE F 155 6.49 37.43 43.89
N VAL F 156 6.69 37.08 42.62
CA VAL F 156 6.45 37.97 41.51
C VAL F 156 5.37 37.30 40.64
N PHE F 157 4.29 38.03 40.31
CA PHE F 157 3.28 37.58 39.36
C PHE F 157 3.71 38.30 38.07
N ALA F 158 4.37 37.59 37.15
CA ALA F 158 4.91 38.21 35.93
C ALA F 158 3.85 38.31 34.83
N SER F 159 3.46 39.53 34.47
CA SER F 159 2.41 39.77 33.46
C SER F 159 2.81 39.40 32.03
N PHE F 160 1.82 38.90 31.27
CA PHE F 160 1.94 38.56 29.86
C PHE F 160 3.15 37.71 29.52
N VAL F 161 3.34 36.58 30.22
CA VAL F 161 4.42 35.66 29.90
C VAL F 161 4.01 34.89 28.65
N ARG F 162 4.81 34.97 27.59
CA ARG F 162 4.52 34.33 26.31
C ARG F 162 5.46 33.19 25.94
N LYS F 163 6.62 33.10 26.60
CA LYS F 163 7.63 32.11 26.28
C LYS F 163 8.64 31.97 27.43
N ALA F 164 9.44 30.90 27.42
CA ALA F 164 10.43 30.64 28.46
C ALA F 164 11.45 31.76 28.64
N SER F 165 11.84 32.44 27.54
CA SER F 165 12.80 33.55 27.64
C SER F 165 12.24 34.74 28.43
N ASP F 166 10.91 34.90 28.48
CA ASP F 166 10.31 35.96 29.29
C ASP F 166 10.58 35.69 30.77
N VAL F 167 10.47 34.43 31.20
CA VAL F 167 10.73 34.05 32.58
C VAL F 167 12.21 34.26 32.92
N ALA F 168 13.11 33.88 31.99
CA ALA F 168 14.55 34.07 32.18
C ALA F 168 14.90 35.54 32.37
N ALA F 169 14.22 36.43 31.62
CA ALA F 169 14.45 37.87 31.73
C ALA F 169 14.00 38.39 33.09
N VAL F 170 12.87 37.89 33.62
CA VAL F 170 12.37 38.29 34.94
C VAL F 170 13.37 37.83 36.01
N ARG F 171 13.85 36.58 35.89
CA ARG F 171 14.80 36.00 36.81
CA ARG F 171 14.81 36.01 36.82
C ARG F 171 16.10 36.83 36.84
N ALA F 172 16.59 37.23 35.65
CA ALA F 172 17.81 38.04 35.53
C ALA F 172 17.64 39.41 36.16
N ALA F 173 16.46 40.04 35.97
CA ALA F 173 16.18 41.35 36.55
C ALA F 173 16.09 41.32 38.08
N LEU F 174 15.80 40.15 38.67
CA LEU F 174 15.80 40.00 40.13
C LEU F 174 17.25 39.94 40.72
N GLY F 175 18.24 39.68 39.88
CA GLY F 175 19.64 39.65 40.27
C GLY F 175 20.05 38.51 41.18
N PRO F 176 21.29 38.55 41.68
CA PRO F 176 21.77 37.48 42.56
C PRO F 176 21.10 37.48 43.94
N GLU F 177 20.57 38.64 44.39
CA GLU F 177 19.91 38.70 45.69
C GLU F 177 18.43 38.24 45.67
N GLY F 178 17.85 38.06 44.49
CA GLY F 178 16.46 37.64 44.38
C GLY F 178 16.25 36.22 43.91
N HIS F 179 17.24 35.34 44.14
CA HIS F 179 17.19 33.94 43.73
C HIS F 179 16.09 33.13 44.44
N GLY F 180 15.74 33.55 45.65
CA GLY F 180 14.72 32.87 46.43
C GLY F 180 13.30 33.29 46.15
N ILE F 181 13.10 34.36 45.37
CA ILE F 181 11.77 34.87 45.04
C ILE F 181 11.07 33.92 44.06
N LYS F 182 9.80 33.57 44.33
CA LYS F 182 9.07 32.67 43.44
C LYS F 182 8.51 33.44 42.24
N ILE F 183 8.65 32.89 41.03
CA ILE F 183 8.11 33.51 39.84
C ILE F 183 6.86 32.75 39.38
N ILE F 184 5.72 33.42 39.43
CA ILE F 184 4.44 32.86 38.99
C ILE F 184 4.14 33.53 37.66
N SER F 185 4.19 32.78 36.56
CA SER F 185 3.96 33.33 35.24
C SER F 185 2.46 33.52 34.94
N LYS F 186 2.06 34.73 34.56
CA LYS F 186 0.66 35.00 34.21
C LYS F 186 0.44 34.68 32.74
N ILE F 187 -0.51 33.76 32.46
CA ILE F 187 -0.87 33.37 31.10
C ILE F 187 -2.09 34.22 30.75
N GLU F 188 -1.92 35.12 29.77
CA GLU F 188 -2.92 36.13 29.43
C GLU F 188 -3.27 36.22 27.95
N ASN F 189 -2.66 35.39 27.10
CA ASN F 189 -2.95 35.47 25.66
C ASN F 189 -2.77 34.11 24.96
N HIS F 190 -3.11 34.05 23.65
CA HIS F 190 -3.02 32.81 22.88
C HIS F 190 -1.62 32.21 22.90
N GLU F 191 -0.57 33.03 22.71
CA GLU F 191 0.79 32.51 22.71
C GLU F 191 1.19 31.86 24.03
N GLY F 192 0.82 32.48 25.15
CA GLY F 192 1.10 31.91 26.47
C GLY F 192 0.45 30.55 26.66
N VAL F 193 -0.79 30.38 26.15
CA VAL F 193 -1.48 29.10 26.25
C VAL F 193 -0.78 28.05 25.36
N LYS F 194 -0.44 28.42 24.13
CA LYS F 194 0.22 27.50 23.21
C LYS F 194 1.63 27.10 23.65
N ARG F 195 2.38 28.02 24.26
CA ARG F 195 3.73 27.74 24.78
C ARG F 195 3.72 27.38 26.27
N PHE F 196 2.55 26.99 26.81
CA PHE F 196 2.38 26.68 28.23
C PHE F 196 3.43 25.74 28.81
N ASP F 197 3.68 24.59 28.15
CA ASP F 197 4.63 23.62 28.69
C ASP F 197 6.03 24.19 28.90
N GLU F 198 6.55 24.96 27.93
CA GLU F 198 7.88 25.53 28.09
C GLU F 198 7.91 26.61 29.18
N ILE F 199 6.80 27.35 29.36
CA ILE F 199 6.71 28.37 30.40
C ILE F 199 6.65 27.73 31.77
N LEU F 200 5.79 26.70 31.95
CA LEU F 200 5.66 26.03 33.24
C LEU F 200 6.98 25.39 33.68
N GLU F 201 7.71 24.80 32.74
CA GLU F 201 8.98 24.13 33.03
C GLU F 201 9.98 25.04 33.76
N VAL F 202 10.05 26.31 33.38
CA VAL F 202 10.99 27.26 33.99
C VAL F 202 10.38 28.17 35.06
N SER F 203 9.06 28.08 35.29
CA SER F 203 8.40 28.92 36.29
C SER F 203 8.19 28.15 37.59
N ASP F 204 7.98 28.88 38.70
CA ASP F 204 7.62 28.22 39.97
C ASP F 204 6.11 27.85 39.99
N GLY F 205 5.31 28.54 39.20
CA GLY F 205 3.88 28.30 39.11
C GLY F 205 3.25 29.18 38.06
N ILE F 206 1.91 29.15 37.98
CA ILE F 206 1.16 29.86 36.95
C ILE F 206 -0.03 30.61 37.52
N MET F 207 -0.41 31.72 36.87
CA MET F 207 -1.65 32.39 37.20
C MET F 207 -2.50 32.39 35.92
N VAL F 208 -3.75 31.93 36.01
CA VAL F 208 -4.69 31.98 34.90
C VAL F 208 -5.29 33.38 35.01
N ALA F 209 -4.72 34.34 34.25
CA ALA F 209 -5.13 35.75 34.33
C ALA F 209 -6.28 35.96 33.36
N ARG F 210 -7.50 35.66 33.85
CA ARG F 210 -8.69 35.60 33.02
C ARG F 210 -9.16 36.92 32.40
N GLY F 211 -8.83 38.05 33.00
CA GLY F 211 -9.22 39.36 32.47
C GLY F 211 -8.69 39.58 31.06
N ASP F 212 -7.37 39.61 30.92
CA ASP F 212 -6.74 39.75 29.60
C ASP F 212 -6.95 38.52 28.75
N LEU F 213 -6.92 37.30 29.35
CA LEU F 213 -7.14 36.08 28.57
C LEU F 213 -8.50 36.10 27.86
N GLY F 214 -9.53 36.60 28.54
CA GLY F 214 -10.88 36.70 28.02
C GLY F 214 -11.13 37.74 26.94
N ILE F 215 -10.13 38.60 26.70
CA ILE F 215 -10.16 39.60 25.62
C ILE F 215 -9.20 39.17 24.48
N GLU F 216 -8.14 38.40 24.81
CA GLU F 216 -7.14 37.91 23.86
C GLU F 216 -7.63 36.68 23.09
N ILE F 217 -8.41 35.83 23.76
CA ILE F 217 -9.03 34.66 23.11
C ILE F 217 -10.56 34.80 23.26
N PRO F 218 -11.39 34.06 22.50
CA PRO F 218 -12.84 34.15 22.68
C PRO F 218 -13.25 33.88 24.12
N ALA F 219 -14.13 34.72 24.68
CA ALA F 219 -14.59 34.62 26.06
C ALA F 219 -15.11 33.21 26.40
N GLU F 220 -15.79 32.56 25.45
CA GLU F 220 -16.36 31.23 25.64
C GLU F 220 -15.31 30.11 25.69
N LYS F 221 -14.03 30.41 25.45
CA LYS F 221 -12.97 29.41 25.49
C LYS F 221 -12.11 29.51 26.77
N VAL F 222 -12.27 30.57 27.57
CA VAL F 222 -11.44 30.76 28.77
C VAL F 222 -11.52 29.56 29.72
N PHE F 223 -12.72 28.98 29.92
CA PHE F 223 -12.85 27.83 30.84
C PHE F 223 -11.99 26.64 30.42
N LEU F 224 -11.79 26.45 29.09
CA LEU F 224 -10.97 25.35 28.56
C LEU F 224 -9.52 25.61 28.93
N ALA F 225 -9.05 26.84 28.74
CA ALA F 225 -7.68 27.22 29.08
C ALA F 225 -7.46 27.08 30.58
N GLN F 226 -8.43 27.53 31.40
CA GLN F 226 -8.33 27.44 32.85
C GLN F 226 -8.21 25.98 33.32
N LYS F 227 -9.11 25.11 32.86
CA LYS F 227 -9.12 23.71 33.27
C LYS F 227 -7.89 22.95 32.80
N MET F 228 -7.41 23.25 31.58
CA MET F 228 -6.19 22.64 31.06
C MET F 228 -4.97 23.07 31.89
N MET F 229 -4.83 24.37 32.15
CA MET F 229 -3.67 24.86 32.90
C MET F 229 -3.65 24.39 34.33
N ILE F 230 -4.83 24.32 34.97
CA ILE F 230 -4.90 23.79 36.33
C ILE F 230 -4.50 22.32 36.33
N GLY F 231 -5.04 21.54 35.39
CA GLY F 231 -4.69 20.12 35.28
C GLY F 231 -3.20 19.89 35.06
N ARG F 232 -2.59 20.66 34.15
CA ARG F 232 -1.15 20.52 33.90
C ARG F 232 -0.29 20.94 35.08
N CYS F 233 -0.70 21.98 35.82
CA CYS F 233 0.03 22.40 37.02
C CYS F 233 -0.10 21.34 38.11
N ASN F 234 -1.30 20.75 38.26
CA ASN F 234 -1.52 19.69 39.25
C ASN F 234 -0.65 18.48 38.91
N LEU F 235 -0.54 18.13 37.62
CA LEU F 235 0.28 17.02 37.16
C LEU F 235 1.76 17.29 37.48
N ALA F 236 2.20 18.54 37.27
CA ALA F 236 3.59 18.96 37.55
C ALA F 236 3.90 19.18 39.04
N GLY F 237 2.88 19.28 39.87
CA GLY F 237 3.05 19.54 41.30
C GLY F 237 3.50 20.97 41.55
N LYS F 238 3.09 21.92 40.68
CA LYS F 238 3.44 23.34 40.81
C LYS F 238 2.19 24.18 41.08
N PRO F 239 2.30 25.22 41.92
CA PRO F 239 1.11 26.04 42.23
C PRO F 239 0.45 26.74 41.06
N VAL F 240 -0.89 26.78 41.08
CA VAL F 240 -1.67 27.47 40.05
C VAL F 240 -2.70 28.36 40.73
N VAL F 241 -2.84 29.59 40.24
CA VAL F 241 -3.75 30.58 40.78
C VAL F 241 -4.89 30.85 39.78
N CYS F 242 -6.13 30.90 40.26
CA CYS F 242 -7.23 31.32 39.39
C CYS F 242 -7.52 32.77 39.76
N ALA F 243 -7.63 33.65 38.75
CA ALA F 243 -7.80 35.07 39.02
C ALA F 243 -8.85 35.76 38.15
N THR F 244 -9.39 36.89 38.67
CA THR F 244 -10.16 37.96 38.01
C THR F 244 -11.65 37.72 37.85
N GLN F 245 -12.41 38.69 38.42
CA GLN F 245 -13.86 38.77 38.42
C GLN F 245 -14.55 37.59 39.12
N MET F 246 -13.85 36.90 40.04
CA MET F 246 -14.43 35.78 40.75
C MET F 246 -15.66 36.18 41.59
N LEU F 247 -15.61 37.36 42.26
CA LEU F 247 -16.72 37.86 43.07
C LEU F 247 -16.97 39.34 42.70
N GLU F 248 -16.84 39.67 41.40
CA GLU F 248 -16.91 41.04 40.90
C GLU F 248 -18.04 41.91 41.46
N SER F 249 -19.27 41.41 41.52
CA SER F 249 -20.40 42.20 42.00
C SER F 249 -20.25 42.67 43.46
N MET F 250 -19.39 42.00 44.25
CA MET F 250 -19.12 42.41 45.63
C MET F 250 -18.30 43.71 45.75
N ILE F 251 -17.91 44.32 44.62
CA ILE F 251 -17.26 45.63 44.63
C ILE F 251 -18.32 46.65 45.15
N THR F 252 -19.62 46.47 44.83
CA THR F 252 -20.67 47.37 45.33
C THR F 252 -21.78 46.67 46.13
N LYS F 253 -21.87 45.32 46.07
CA LYS F 253 -22.92 44.60 46.77
C LYS F 253 -22.40 43.74 47.91
N PRO F 254 -23.15 43.62 49.02
CA PRO F 254 -22.65 42.84 50.15
C PRO F 254 -22.67 41.32 49.94
N ARG F 255 -23.43 40.84 48.91
CA ARG F 255 -23.54 39.43 48.59
C ARG F 255 -23.26 39.22 47.09
N PRO F 256 -22.60 38.11 46.73
CA PRO F 256 -22.28 37.88 45.31
C PRO F 256 -23.45 37.28 44.51
N THR F 257 -23.28 37.17 43.16
CA THR F 257 -24.30 36.53 42.34
C THR F 257 -24.15 34.99 42.43
N ARG F 258 -25.15 34.25 41.90
CA ARG F 258 -25.08 32.79 41.87
C ARG F 258 -23.95 32.30 40.97
N ALA F 259 -23.64 33.03 39.88
CA ALA F 259 -22.55 32.64 38.98
C ALA F 259 -21.19 32.81 39.67
N GLU F 260 -21.05 33.85 40.48
CA GLU F 260 -19.80 34.14 41.20
C GLU F 260 -19.47 33.09 42.26
N THR F 261 -20.47 32.67 43.08
CA THR F 261 -20.20 31.61 44.07
C THR F 261 -19.83 30.32 43.35
N SER F 262 -20.54 30.02 42.25
CA SER F 262 -20.30 28.85 41.43
C SER F 262 -18.85 28.88 40.86
N ASP F 263 -18.41 30.04 40.36
CA ASP F 263 -17.07 30.21 39.80
C ASP F 263 -15.99 29.92 40.83
N VAL F 264 -16.12 30.45 42.06
CA VAL F 264 -15.14 30.21 43.12
C VAL F 264 -15.12 28.71 43.46
N ALA F 265 -16.31 28.11 43.65
CA ALA F 265 -16.38 26.69 43.98
C ALA F 265 -15.73 25.82 42.89
N ASN F 266 -16.04 26.11 41.62
CA ASN F 266 -15.50 25.35 40.49
C ASN F 266 -14.00 25.55 40.30
N ALA F 267 -13.44 26.72 40.63
CA ALA F 267 -11.98 26.91 40.55
C ALA F 267 -11.29 25.98 41.57
N VAL F 268 -11.87 25.86 42.78
CA VAL F 268 -11.32 24.98 43.80
C VAL F 268 -11.45 23.52 43.37
N LEU F 269 -12.64 23.14 42.89
CA LEU F 269 -12.86 21.76 42.40
C LEU F 269 -11.92 21.43 41.24
N ASP F 270 -11.67 22.38 40.33
CA ASP F 270 -10.77 22.19 39.18
C ASP F 270 -9.36 21.80 39.64
N GLY F 271 -8.93 22.33 40.80
CA GLY F 271 -7.62 22.06 41.38
C GLY F 271 -6.77 23.28 41.67
N ALA F 272 -7.35 24.50 41.65
CA ALA F 272 -6.56 25.70 41.92
C ALA F 272 -5.94 25.69 43.32
N ASP F 273 -4.65 26.02 43.43
CA ASP F 273 -4.00 26.13 44.74
C ASP F 273 -4.40 27.43 45.42
N CYS F 274 -4.59 28.51 44.64
CA CYS F 274 -4.94 29.82 45.15
C CYS F 274 -6.09 30.39 44.34
N ILE F 275 -6.88 31.25 44.99
CA ILE F 275 -7.94 32.03 44.35
C ILE F 275 -7.65 33.50 44.67
N MET F 276 -8.08 34.40 43.79
CA MET F 276 -7.70 35.80 43.92
C MET F 276 -8.87 36.77 43.91
N LEU F 277 -8.64 37.93 44.52
CA LEU F 277 -9.56 39.06 44.55
C LEU F 277 -8.76 40.26 44.04
N SER F 278 -9.35 41.02 43.12
CA SER F 278 -8.71 42.20 42.55
C SER F 278 -9.46 43.46 42.99
N GLY F 279 -10.37 43.99 42.18
CA GLY F 279 -11.16 45.16 42.56
C GLY F 279 -12.00 44.94 43.81
N GLU F 280 -12.40 43.67 44.07
CA GLU F 280 -13.18 43.32 45.25
C GLU F 280 -12.50 43.76 46.55
N THR F 281 -11.17 43.70 46.59
CA THR F 281 -10.43 44.13 47.79
C THR F 281 -9.64 45.43 47.58
N ALA F 282 -9.23 45.74 46.35
CA ALA F 282 -8.44 46.94 46.11
C ALA F 282 -9.26 48.23 46.21
N LYS F 283 -10.49 48.23 45.68
CA LYS F 283 -11.29 49.45 45.64
C LYS F 283 -12.75 49.33 46.08
N GLY F 284 -13.23 48.11 46.28
CA GLY F 284 -14.64 47.89 46.61
C GLY F 284 -15.12 48.34 47.98
N ASN F 285 -16.43 48.30 48.19
CA ASN F 285 -17.04 48.69 49.46
C ASN F 285 -17.11 47.56 50.49
N PHE F 286 -16.77 46.32 50.09
CA PHE F 286 -16.83 45.17 50.99
C PHE F 286 -15.57 44.28 50.91
N PRO F 287 -14.35 44.82 51.07
CA PRO F 287 -13.14 43.98 50.96
C PRO F 287 -13.07 42.82 51.93
N VAL F 288 -13.41 43.05 53.22
CA VAL F 288 -13.35 41.98 54.23
C VAL F 288 -14.41 40.91 53.93
N GLU F 289 -15.61 41.32 53.54
CA GLU F 289 -16.70 40.39 53.23
C GLU F 289 -16.36 39.54 52.00
N ALA F 290 -15.61 40.10 51.02
CA ALA F 290 -15.20 39.35 49.84
C ALA F 290 -14.22 38.24 50.25
N VAL F 291 -13.27 38.55 51.17
CA VAL F 291 -12.32 37.54 51.66
C VAL F 291 -13.10 36.47 52.43
N LYS F 292 -14.05 36.88 53.28
CA LYS F 292 -14.86 35.93 54.05
C LYS F 292 -15.68 35.00 53.15
N MET F 293 -16.21 35.54 52.04
CA MET F 293 -16.99 34.74 51.09
C MET F 293 -16.12 33.73 50.38
N GLN F 294 -14.90 34.11 49.94
CA GLN F 294 -13.99 33.14 49.30
C GLN F 294 -13.61 32.05 50.29
N HIS F 295 -13.37 32.43 51.55
CA HIS F 295 -13.04 31.45 52.59
C HIS F 295 -14.18 30.41 52.75
N ALA F 296 -15.42 30.89 52.90
CA ALA F 296 -16.58 30.03 53.09
C ALA F 296 -16.81 29.08 51.91
N ILE F 297 -16.73 29.59 50.67
CA ILE F 297 -16.94 28.75 49.50
C ILE F 297 -15.81 27.74 49.35
N ALA F 298 -14.55 28.18 49.53
CA ALA F 298 -13.40 27.28 49.38
C ALA F 298 -13.49 26.09 50.34
N ARG F 299 -13.90 26.32 51.60
CA ARG F 299 -14.02 25.23 52.58
C ARG F 299 -15.06 24.20 52.14
N GLU F 300 -16.21 24.68 51.60
CA GLU F 300 -17.26 23.77 51.13
C GLU F 300 -16.76 22.97 49.94
N ALA F 301 -16.08 23.65 48.99
CA ALA F 301 -15.60 22.98 47.77
C ALA F 301 -14.49 21.98 48.04
N GLU F 302 -13.59 22.28 48.98
CA GLU F 302 -12.51 21.36 49.33
C GLU F 302 -13.05 20.03 49.86
N ALA F 303 -14.10 20.09 50.68
CA ALA F 303 -14.71 18.86 51.21
C ALA F 303 -15.38 18.04 50.11
N ALA F 304 -15.86 18.71 49.03
CA ALA F 304 -16.55 18.05 47.91
C ALA F 304 -15.61 17.46 46.86
N VAL F 305 -14.29 17.60 47.03
CA VAL F 305 -13.33 16.99 46.11
C VAL F 305 -13.47 15.45 46.18
N TYR F 306 -13.47 14.77 45.03
CA TYR F 306 -13.60 13.32 44.97
C TYR F 306 -12.22 12.67 45.11
N HIS F 307 -11.68 12.68 46.34
CA HIS F 307 -10.33 12.17 46.61
C HIS F 307 -10.08 10.75 46.14
N ARG F 308 -11.09 9.87 46.15
CA ARG F 308 -10.92 8.49 45.71
C ARG F 308 -10.32 8.38 44.31
N GLN F 309 -10.91 9.08 43.32
CA GLN F 309 -10.36 9.02 41.96
C GLN F 309 -9.17 9.98 41.81
N LEU F 310 -9.24 11.15 42.43
CA LEU F 310 -8.15 12.14 42.33
C LEU F 310 -6.80 11.56 42.79
N PHE F 311 -6.76 10.94 43.98
CA PHE F 311 -5.52 10.36 44.49
C PHE F 311 -5.02 9.24 43.59
N GLU F 312 -5.93 8.38 43.10
CA GLU F 312 -5.55 7.28 42.21
C GLU F 312 -4.92 7.83 40.92
N GLU F 313 -5.50 8.90 40.36
CA GLU F 313 -4.96 9.49 39.15
C GLU F 313 -3.65 10.22 39.36
N LEU F 314 -3.51 10.94 40.47
CA LEU F 314 -2.27 11.67 40.76
C LEU F 314 -1.12 10.68 40.98
N ARG F 315 -1.38 9.57 41.68
CA ARG F 315 -0.36 8.54 41.92
C ARG F 315 0.05 7.87 40.60
N ARG F 316 -0.93 7.52 39.77
CA ARG F 316 -0.68 6.86 38.50
C ARG F 316 0.07 7.73 37.52
N ALA F 317 -0.23 9.04 37.49
CA ALA F 317 0.41 9.95 36.55
C ALA F 317 1.79 10.41 37.02
N ALA F 318 2.02 10.46 38.33
CA ALA F 318 3.31 10.89 38.86
C ALA F 318 4.33 9.81 38.54
N PRO F 319 5.45 10.18 37.91
CA PRO F 319 6.44 9.16 37.53
C PRO F 319 7.07 8.47 38.72
N LEU F 320 7.68 7.29 38.48
CA LEU F 320 8.43 6.60 39.52
C LEU F 320 9.62 7.48 39.92
N SER F 321 10.00 7.45 41.19
CA SER F 321 11.06 8.31 41.66
C SER F 321 11.99 7.63 42.61
N ARG F 322 13.26 7.96 42.52
CA ARG F 322 14.26 7.48 43.46
C ARG F 322 14.66 8.57 44.47
N ASP F 323 13.93 9.71 44.49
CA ASP F 323 14.17 10.79 45.41
C ASP F 323 13.46 10.43 46.71
N PRO F 324 14.20 10.31 47.82
CA PRO F 324 13.54 9.91 49.08
C PRO F 324 12.45 10.85 49.57
N THR F 325 12.54 12.17 49.28
CA THR F 325 11.49 13.11 49.71
C THR F 325 10.18 12.77 48.99
N GLU F 326 10.27 12.50 47.69
CA GLU F 326 9.12 12.15 46.86
C GLU F 326 8.52 10.80 47.30
N VAL F 327 9.37 9.82 47.59
CA VAL F 327 8.94 8.50 48.04
C VAL F 327 8.23 8.60 49.40
N THR F 328 8.83 9.36 50.33
CA THR F 328 8.25 9.54 51.64
C THR F 328 6.91 10.28 51.55
N ALA F 329 6.83 11.30 50.68
CA ALA F 329 5.59 12.07 50.53
C ALA F 329 4.38 11.20 50.12
N ILE F 330 4.56 10.33 49.11
CA ILE F 330 3.44 9.49 48.68
C ILE F 330 3.08 8.45 49.75
N GLY F 331 4.07 7.94 50.47
CA GLY F 331 3.82 7.00 51.56
C GLY F 331 3.04 7.65 52.68
N ALA F 332 3.39 8.91 53.00
CA ALA F 332 2.73 9.67 54.07
C ALA F 332 1.28 10.01 53.71
N VAL F 333 1.02 10.39 52.45
CA VAL F 333 -0.34 10.73 52.02
C VAL F 333 -1.21 9.45 52.04
N GLU F 334 -0.65 8.32 51.57
CA GLU F 334 -1.36 7.03 51.59
CA GLU F 334 -1.36 7.03 51.59
C GLU F 334 -1.72 6.65 53.04
N ALA F 335 -0.76 6.79 53.96
CA ALA F 335 -0.96 6.50 55.38
C ALA F 335 -2.04 7.42 55.98
N ALA F 336 -2.02 8.72 55.61
CA ALA F 336 -3.02 9.66 56.12
C ALA F 336 -4.43 9.24 55.68
N PHE F 337 -4.60 8.80 54.42
CA PHE F 337 -5.92 8.37 53.95
C PHE F 337 -6.40 7.09 54.68
N LYS F 338 -5.47 6.17 54.97
CA LYS F 338 -5.79 4.91 55.63
C LYS F 338 -6.43 5.09 57.02
N CYS F 339 -5.98 6.09 57.78
CA CYS F 339 -6.48 6.32 59.14
C CYS F 339 -7.32 7.57 59.30
N CYS F 340 -7.66 8.27 58.21
CA CYS F 340 -8.38 9.56 58.26
C CYS F 340 -7.60 10.56 59.14
N ALA F 341 -6.26 10.58 59.01
CA ALA F 341 -5.38 11.44 59.83
C ALA F 341 -5.82 12.88 59.83
N ALA F 342 -5.78 13.51 60.99
CA ALA F 342 -6.17 14.90 61.11
C ALA F 342 -5.14 15.82 60.42
N ALA F 343 -3.86 15.43 60.44
CA ALA F 343 -2.80 16.25 59.86
C ALA F 343 -1.56 15.42 59.52
N ILE F 344 -0.70 15.99 58.66
CA ILE F 344 0.61 15.49 58.33
C ILE F 344 1.53 16.62 58.79
N ILE F 345 2.38 16.38 59.80
CA ILE F 345 3.30 17.40 60.29
C ILE F 345 4.63 17.17 59.59
N VAL F 346 5.17 18.20 58.93
CA VAL F 346 6.42 18.05 58.19
C VAL F 346 7.43 19.14 58.55
N LEU F 347 8.72 18.76 58.70
CA LEU F 347 9.77 19.74 58.93
C LEU F 347 10.33 20.12 57.57
N THR F 348 10.48 21.41 57.30
CA THR F 348 10.99 21.84 56.00
C THR F 348 11.81 23.14 56.09
N THR F 349 12.89 23.23 55.32
CA THR F 349 13.77 24.40 55.29
C THR F 349 13.32 25.36 54.17
N THR F 350 13.08 24.81 52.98
CA THR F 350 12.70 25.58 51.79
C THR F 350 11.20 25.52 51.44
N GLY F 351 10.48 24.60 52.05
CA GLY F 351 9.08 24.35 51.73
C GLY F 351 8.89 23.13 50.83
N ARG F 352 9.98 22.63 50.20
CA ARG F 352 9.90 21.53 49.23
C ARG F 352 9.23 20.25 49.76
N SER F 353 9.58 19.79 50.98
CA SER F 353 8.95 18.58 51.52
C SER F 353 7.42 18.76 51.69
N ALA F 354 6.97 19.98 52.03
CA ALA F 354 5.55 20.27 52.17
C ALA F 354 4.89 20.33 50.78
N GLN F 355 5.58 20.92 49.80
CA GLN F 355 5.06 20.99 48.42
C GLN F 355 4.84 19.60 47.83
N LEU F 356 5.77 18.66 48.10
CA LEU F 356 5.61 17.29 47.58
C LEU F 356 4.48 16.52 48.25
N LEU F 357 4.12 16.87 49.48
CA LEU F 357 2.97 16.27 50.15
C LEU F 357 1.69 16.88 49.51
N SER F 358 1.67 18.21 49.35
CA SER F 358 0.56 18.95 48.77
C SER F 358 0.16 18.47 47.37
N ARG F 359 1.13 18.10 46.53
CA ARG F 359 0.86 17.65 45.15
C ARG F 359 -0.04 16.40 45.07
N TYR F 360 -0.08 15.59 46.14
CA TYR F 360 -0.96 14.41 46.18
C TYR F 360 -2.35 14.70 46.72
N ARG F 361 -2.65 15.98 47.02
CA ARG F 361 -3.94 16.47 47.50
C ARG F 361 -4.51 15.67 48.67
N PRO F 362 -3.75 15.55 49.79
CA PRO F 362 -4.32 14.87 50.96
C PRO F 362 -5.50 15.64 51.52
N ARG F 363 -6.44 14.91 52.14
CA ARG F 363 -7.53 15.57 52.87
C ARG F 363 -6.95 16.15 54.20
N ALA F 364 -5.93 15.49 54.77
CA ALA F 364 -5.25 15.92 55.99
C ALA F 364 -4.50 17.23 55.75
N ALA F 365 -4.55 18.14 56.72
CA ALA F 365 -3.82 19.40 56.68
C ALA F 365 -2.33 19.11 56.71
N VAL F 366 -1.54 19.84 55.93
CA VAL F 366 -0.08 19.68 55.95
C VAL F 366 0.46 20.82 56.83
N ILE F 367 0.86 20.50 58.06
CA ILE F 367 1.36 21.49 59.00
C ILE F 367 2.88 21.55 58.80
N ALA F 368 3.38 22.64 58.23
CA ALA F 368 4.80 22.75 57.90
C ALA F 368 5.55 23.59 58.94
N VAL F 369 6.47 22.94 59.67
CA VAL F 369 7.27 23.62 60.68
C VAL F 369 8.60 24.06 60.07
N THR F 370 8.86 25.36 60.07
CA THR F 370 10.07 25.90 59.45
C THR F 370 10.66 27.06 60.25
N ARG F 371 11.99 27.22 60.17
CA ARG F 371 12.66 28.38 60.77
C ARG F 371 12.74 29.55 59.73
N SER F 372 12.54 29.26 58.42
CA SER F 372 12.59 30.27 57.39
C SER F 372 11.31 31.09 57.31
N ALA F 373 11.37 32.38 57.66
CA ALA F 373 10.22 33.28 57.56
C ALA F 373 9.75 33.39 56.09
N GLN F 374 10.70 33.44 55.13
CA GLN F 374 10.33 33.52 53.72
C GLN F 374 9.65 32.24 53.23
N ALA F 375 10.16 31.05 53.62
CA ALA F 375 9.54 29.79 53.24
C ALA F 375 8.13 29.70 53.84
N ALA F 376 7.95 30.16 55.09
CA ALA F 376 6.63 30.16 55.74
C ALA F 376 5.64 31.02 54.93
N ARG F 377 6.09 32.16 54.38
CA ARG F 377 5.21 33.00 53.56
C ARG F 377 4.94 32.34 52.20
N GLN F 378 5.98 31.83 51.54
CA GLN F 378 5.85 31.26 50.21
C GLN F 378 5.03 29.96 50.12
N VAL F 379 5.02 29.12 51.18
CA VAL F 379 4.26 27.85 51.11
C VAL F 379 2.74 28.07 51.04
N HIS F 380 2.25 29.30 51.24
CA HIS F 380 0.83 29.60 51.04
C HIS F 380 0.44 29.35 49.56
N LEU F 381 1.42 29.29 48.63
CA LEU F 381 1.12 29.01 47.23
C LEU F 381 0.62 27.57 47.01
N CYS F 382 0.94 26.64 47.93
CA CYS F 382 0.62 25.21 47.81
C CYS F 382 -0.60 24.86 48.59
N ARG F 383 -1.64 24.31 47.92
CA ARG F 383 -2.87 23.96 48.62
C ARG F 383 -2.66 23.06 49.86
N GLY F 384 -3.27 23.45 50.95
CA GLY F 384 -3.30 22.64 52.17
C GLY F 384 -2.07 22.70 53.03
N VAL F 385 -1.17 23.65 52.78
CA VAL F 385 0.03 23.80 53.60
C VAL F 385 -0.19 24.95 54.58
N PHE F 386 -0.07 24.65 55.89
CA PHE F 386 -0.28 25.58 56.98
C PHE F 386 1.07 25.84 57.64
N PRO F 387 1.67 27.00 57.35
CA PRO F 387 3.01 27.26 57.89
C PRO F 387 3.08 27.63 59.36
N LEU F 388 4.03 27.06 60.09
CA LEU F 388 4.26 27.39 61.50
C LEU F 388 5.70 27.86 61.59
N LEU F 389 5.90 29.13 61.91
CA LEU F 389 7.24 29.68 62.01
C LEU F 389 7.81 29.38 63.40
N TYR F 390 8.87 28.57 63.43
CA TYR F 390 9.54 28.16 64.67
C TYR F 390 10.66 29.17 64.94
N ARG F 391 10.67 29.77 66.14
CA ARG F 391 11.66 30.81 66.44
C ARG F 391 12.76 30.42 67.44
N GLU F 392 12.62 29.26 68.10
CA GLU F 392 13.58 28.83 69.12
C GLU F 392 14.96 28.49 68.57
N PRO F 393 16.03 28.92 69.29
CA PRO F 393 17.41 28.59 68.85
C PRO F 393 17.66 27.09 68.87
N PRO F 394 18.58 26.61 68.02
CA PRO F 394 18.82 25.16 67.95
C PRO F 394 19.32 24.51 69.21
N GLU F 395 18.78 23.31 69.50
CA GLU F 395 19.21 22.47 70.62
C GLU F 395 20.61 21.95 70.28
N ALA F 396 21.40 21.62 71.30
CA ALA F 396 22.76 21.10 71.12
C ALA F 396 22.73 19.76 70.39
N ILE F 397 21.78 18.88 70.76
CA ILE F 397 21.65 17.58 70.11
C ILE F 397 20.60 17.72 68.99
N TRP F 398 21.00 17.46 67.73
CA TRP F 398 20.12 17.62 66.57
C TRP F 398 18.82 16.82 66.69
N ALA F 399 18.87 15.57 67.17
CA ALA F 399 17.67 14.75 67.34
C ALA F 399 16.68 15.38 68.32
N ASP F 400 17.18 16.07 69.35
CA ASP F 400 16.31 16.76 70.30
C ASP F 400 15.66 17.98 69.64
N ASP F 401 16.40 18.68 68.78
CA ASP F 401 15.89 19.85 68.07
C ASP F 401 14.75 19.44 67.12
N VAL F 402 14.89 18.28 66.47
CA VAL F 402 13.89 17.73 65.57
C VAL F 402 12.64 17.41 66.37
N ASP F 403 12.81 16.71 67.51
CA ASP F 403 11.70 16.35 68.39
C ASP F 403 10.96 17.57 68.93
N ARG F 404 11.70 18.63 69.30
CA ARG F 404 11.07 19.84 69.81
C ARG F 404 10.19 20.50 68.73
N ARG F 405 10.65 20.49 67.48
CA ARG F 405 9.87 21.08 66.38
C ARG F 405 8.63 20.27 66.08
N VAL F 406 8.73 18.92 66.16
CA VAL F 406 7.57 18.05 65.95
C VAL F 406 6.56 18.30 67.06
N GLN F 407 7.04 18.38 68.33
CA GLN F 407 6.17 18.67 69.46
C GLN F 407 5.53 20.04 69.36
N PHE F 408 6.24 21.05 68.82
CA PHE F 408 5.72 22.41 68.59
C PHE F 408 4.54 22.34 67.60
N GLY F 409 4.69 21.53 66.54
CA GLY F 409 3.64 21.34 65.54
C GLY F 409 2.41 20.72 66.16
N ILE F 410 2.62 19.69 67.02
CA ILE F 410 1.53 18.98 67.70
C ILE F 410 0.81 19.88 68.68
N GLU F 411 1.55 20.56 69.56
CA GLU F 411 0.95 21.44 70.56
C GLU F 411 0.23 22.62 69.93
N SER F 412 0.83 23.24 68.91
CA SER F 412 0.18 24.35 68.21
C SER F 412 -1.10 23.84 67.51
N GLY F 413 -1.02 22.65 66.90
CA GLY F 413 -2.16 22.03 66.23
C GLY F 413 -3.31 21.75 67.17
N LYS F 414 -3.01 21.22 68.38
CA LYS F 414 -4.02 20.93 69.40
C LYS F 414 -4.71 22.21 69.85
N LEU F 415 -3.90 23.25 70.13
CA LEU F 415 -4.41 24.55 70.60
C LEU F 415 -5.19 25.33 69.53
N ARG F 416 -5.08 24.93 68.26
CA ARG F 416 -5.81 25.54 67.15
C ARG F 416 -6.98 24.70 66.64
N GLY F 417 -7.21 23.52 67.22
CA GLY F 417 -8.30 22.66 66.78
C GLY F 417 -8.01 21.81 65.56
N PHE F 418 -6.78 21.86 65.03
CA PHE F 418 -6.38 21.01 63.91
C PHE F 418 -6.26 19.56 64.37
N LEU F 419 -5.82 19.36 65.62
CA LEU F 419 -5.58 18.08 66.27
C LEU F 419 -6.37 18.03 67.56
N ARG F 420 -6.87 16.85 67.87
CA ARG F 420 -7.65 16.55 69.06
C ARG F 420 -7.02 15.28 69.69
N VAL F 421 -7.07 15.14 71.03
CA VAL F 421 -6.55 13.92 71.69
C VAL F 421 -7.23 12.67 71.11
N GLY F 422 -6.45 11.66 70.77
CA GLY F 422 -7.00 10.46 70.14
C GLY F 422 -6.78 10.43 68.63
N ASP F 423 -6.52 11.59 68.02
CA ASP F 423 -6.28 11.65 66.58
C ASP F 423 -4.97 10.97 66.21
N LEU F 424 -4.87 10.56 64.96
CA LEU F 424 -3.62 10.06 64.44
C LEU F 424 -3.06 11.15 63.54
N VAL F 425 -1.75 11.34 63.62
CA VAL F 425 -1.04 12.29 62.77
C VAL F 425 0.11 11.53 62.12
N ILE F 426 0.44 11.95 60.90
CA ILE F 426 1.59 11.40 60.19
C ILE F 426 2.70 12.44 60.35
N VAL F 427 3.92 12.01 60.71
CA VAL F 427 5.04 12.94 60.91
C VAL F 427 6.13 12.66 59.91
N VAL F 428 6.55 13.68 59.15
CA VAL F 428 7.55 13.54 58.12
C VAL F 428 8.81 14.33 58.47
N THR F 429 9.94 13.61 58.61
CA THR F 429 11.23 14.20 58.98
C THR F 429 12.37 13.61 58.08
N GLY F 430 13.63 14.04 58.32
CA GLY F 430 14.78 13.54 57.59
C GLY F 430 15.87 12.96 58.47
N TRP F 431 16.90 12.36 57.87
CA TRP F 431 17.95 11.66 58.62
C TRP F 431 19.15 12.54 59.02
N ARG F 432 19.27 13.73 58.45
CA ARG F 432 20.37 14.66 58.77
C ARG F 432 19.94 16.11 58.53
N PRO F 433 20.63 17.11 59.13
CA PRO F 433 20.23 18.50 58.92
C PRO F 433 20.43 18.99 57.49
N GLY F 434 19.78 20.09 57.16
CA GLY F 434 19.87 20.66 55.82
C GLY F 434 18.77 20.16 54.92
N SER F 435 18.45 20.96 53.90
CA SER F 435 17.40 20.64 52.92
C SER F 435 17.77 19.42 52.09
N GLY F 436 16.76 18.66 51.65
CA GLY F 436 16.96 17.56 50.72
C GLY F 436 17.07 16.15 51.29
N TYR F 437 16.98 15.99 52.61
CA TYR F 437 17.17 14.68 53.23
C TYR F 437 15.94 14.09 53.90
N THR F 438 14.72 14.57 53.59
CA THR F 438 13.50 13.99 54.15
C THR F 438 13.42 12.51 53.71
N ASN F 439 13.24 11.59 54.66
CA ASN F 439 13.18 10.16 54.33
C ASN F 439 12.42 9.32 55.34
N ILE F 440 11.76 9.94 56.33
CA ILE F 440 11.08 9.20 57.38
C ILE F 440 9.63 9.62 57.54
N MET F 441 8.75 8.63 57.71
CA MET F 441 7.35 8.86 57.98
CA MET F 441 7.33 8.81 57.95
C MET F 441 6.99 8.04 59.23
N ARG F 442 6.36 8.69 60.21
CA ARG F 442 5.96 8.04 61.45
C ARG F 442 4.48 8.24 61.72
N VAL F 443 3.84 7.23 62.30
CA VAL F 443 2.44 7.32 62.67
C VAL F 443 2.39 7.58 64.17
N LEU F 444 1.82 8.70 64.59
CA LEU F 444 1.76 9.04 66.01
CA LEU F 444 1.77 9.06 66.00
C LEU F 444 0.33 9.28 66.49
N SER F 445 0.03 8.82 67.71
CA SER F 445 -1.27 9.00 68.33
C SER F 445 -1.18 10.25 69.22
N ILE F 446 -2.11 11.18 69.11
CA ILE F 446 -2.08 12.40 69.90
CA ILE F 446 -2.09 12.40 69.88
C ILE F 446 -2.58 12.15 71.32
N SER F 447 -1.74 12.40 72.33
CA SER F 447 -2.12 12.17 73.72
C SER F 447 -2.53 13.45 74.46
N ALA G 25 -34.48 -16.09 41.95
CA ALA G 25 -33.85 -17.34 41.50
C ALA G 25 -33.01 -17.14 40.25
N PHE G 26 -33.51 -16.32 39.31
CA PHE G 26 -32.80 -16.00 38.07
C PHE G 26 -31.45 -15.36 38.37
N PHE G 27 -31.43 -14.40 39.31
CA PHE G 27 -30.21 -13.66 39.63
C PHE G 27 -29.24 -14.42 40.55
N GLN G 28 -29.58 -15.63 40.99
CA GLN G 28 -28.64 -16.45 41.78
C GLN G 28 -27.89 -17.47 40.88
N GLN G 29 -28.44 -17.79 39.69
CA GLN G 29 -27.86 -18.73 38.73
C GLN G 29 -26.75 -18.09 37.88
N GLN G 30 -26.04 -18.93 37.09
CA GLN G 30 -24.97 -18.57 36.15
C GLN G 30 -23.97 -17.53 36.69
N GLN G 31 -23.62 -17.64 37.99
CA GLN G 31 -22.69 -16.73 38.65
C GLN G 31 -23.07 -15.25 38.51
N LEU G 32 -24.38 -14.96 38.42
CA LEU G 32 -24.81 -13.56 38.26
C LEU G 32 -24.41 -12.68 39.45
N PRO G 33 -24.41 -13.12 40.74
CA PRO G 33 -23.89 -12.23 41.81
C PRO G 33 -22.43 -11.85 41.56
N ALA G 34 -21.57 -12.80 41.12
CA ALA G 34 -20.16 -12.50 40.82
C ALA G 34 -20.02 -11.61 39.57
N ALA G 35 -20.97 -11.73 38.63
CA ALA G 35 -20.97 -10.92 37.41
C ALA G 35 -21.26 -9.45 37.71
N MET G 36 -22.08 -9.16 38.73
CA MET G 36 -22.41 -7.76 39.07
C MET G 36 -21.38 -7.07 39.98
N ALA G 37 -20.27 -7.76 40.34
CA ALA G 37 -19.28 -7.18 41.23
C ALA G 37 -18.54 -5.97 40.65
N ASP G 38 -18.16 -5.03 41.51
CA ASP G 38 -17.48 -3.80 41.11
C ASP G 38 -15.97 -3.95 40.94
N THR G 39 -15.36 -5.00 41.50
CA THR G 39 -13.92 -5.25 41.35
C THR G 39 -13.69 -6.73 41.02
N PHE G 40 -12.53 -7.06 40.46
CA PHE G 40 -12.20 -8.46 40.17
C PHE G 40 -12.06 -9.24 41.49
N LEU G 41 -11.52 -8.61 42.55
CA LEU G 41 -11.41 -9.27 43.87
C LEU G 41 -12.82 -9.66 44.38
N GLU G 42 -13.79 -8.73 44.33
CA GLU G 42 -15.16 -9.02 44.77
CA GLU G 42 -15.16 -9.01 44.76
C GLU G 42 -15.77 -10.10 43.89
N HIS G 43 -15.49 -10.07 42.58
CA HIS G 43 -15.97 -11.07 41.62
C HIS G 43 -15.53 -12.48 42.08
N LEU G 44 -14.23 -12.63 42.41
CA LEU G 44 -13.71 -13.93 42.90
C LEU G 44 -14.39 -14.35 44.19
N CYS G 45 -14.52 -13.41 45.14
CA CYS G 45 -15.15 -13.67 46.44
C CYS G 45 -16.58 -14.14 46.34
N LEU G 46 -17.30 -13.76 45.25
CA LEU G 46 -18.71 -14.11 45.07
C LEU G 46 -18.96 -15.36 44.23
N LEU G 47 -17.90 -15.99 43.69
CA LEU G 47 -18.08 -17.23 42.91
C LEU G 47 -18.70 -18.31 43.82
N ASP G 48 -19.73 -18.99 43.32
CA ASP G 48 -20.51 -19.91 44.13
C ASP G 48 -20.67 -21.26 43.47
N ILE G 49 -20.24 -22.33 44.13
CA ILE G 49 -20.37 -23.69 43.60
C ILE G 49 -21.83 -24.16 43.48
N ASP G 50 -22.75 -23.50 44.20
CA ASP G 50 -24.18 -23.83 44.10
C ASP G 50 -24.91 -23.04 43.01
N SER G 51 -24.24 -22.09 42.34
CA SER G 51 -24.84 -21.30 41.28
C SER G 51 -24.71 -22.09 39.98
N GLU G 52 -25.81 -22.67 39.51
CA GLU G 52 -25.76 -23.54 38.35
C GLU G 52 -25.72 -22.82 37.02
N PRO G 53 -24.91 -23.35 36.07
CA PRO G 53 -24.87 -22.74 34.75
C PRO G 53 -26.21 -22.94 34.04
N VAL G 54 -26.62 -21.95 33.26
CA VAL G 54 -27.90 -22.04 32.53
C VAL G 54 -27.67 -21.92 31.03
N ALA G 55 -26.70 -21.10 30.62
CA ALA G 55 -26.38 -20.90 29.21
C ALA G 55 -25.78 -22.15 28.57
N ALA G 56 -25.94 -22.28 27.25
CA ALA G 56 -25.35 -23.38 26.52
C ALA G 56 -23.83 -23.22 26.54
N ARG G 57 -23.09 -24.33 26.51
CA ARG G 57 -21.64 -24.31 26.52
C ARG G 57 -21.10 -23.66 25.24
N SER G 58 -20.33 -22.59 25.39
CA SER G 58 -19.86 -21.76 24.29
C SER G 58 -18.47 -22.09 23.71
N THR G 59 -17.56 -22.64 24.51
CA THR G 59 -16.22 -22.97 24.03
C THR G 59 -16.27 -24.31 23.30
N SER G 60 -15.93 -24.33 22.01
CA SER G 60 -16.01 -25.55 21.22
C SER G 60 -14.98 -26.59 21.63
N ILE G 61 -15.33 -27.85 21.45
CA ILE G 61 -14.45 -28.96 21.78
C ILE G 61 -13.96 -29.61 20.50
N ILE G 62 -12.62 -29.73 20.37
CA ILE G 62 -12.01 -30.39 19.24
C ILE G 62 -11.56 -31.77 19.75
N ALA G 63 -12.03 -32.85 19.13
CA ALA G 63 -11.62 -34.19 19.54
C ALA G 63 -10.81 -34.83 18.41
N THR G 64 -9.66 -35.41 18.73
CA THR G 64 -8.83 -36.05 17.71
C THR G 64 -9.36 -37.45 17.46
N ILE G 65 -9.58 -37.80 16.19
CA ILE G 65 -10.11 -39.09 15.79
C ILE G 65 -8.99 -40.10 15.58
N GLY G 66 -9.14 -41.26 16.17
CA GLY G 66 -8.15 -42.32 16.04
C GLY G 66 -8.79 -43.66 16.31
N PRO G 67 -7.97 -44.69 16.59
CA PRO G 67 -8.54 -46.03 16.84
C PRO G 67 -9.60 -46.10 17.94
N ALA G 68 -9.48 -45.26 18.99
CA ALA G 68 -10.46 -45.25 20.08
C ALA G 68 -11.76 -44.52 19.76
N SER G 69 -11.80 -43.75 18.67
CA SER G 69 -12.96 -42.91 18.38
C SER G 69 -13.35 -42.88 16.91
N ARG G 70 -13.04 -43.93 16.17
CA ARG G 70 -13.25 -43.97 14.74
C ARG G 70 -14.57 -44.59 14.28
N SER G 71 -15.14 -45.50 15.09
CA SER G 71 -16.38 -46.17 14.69
C SER G 71 -17.58 -45.21 14.65
N VAL G 72 -18.55 -45.50 13.80
CA VAL G 72 -19.74 -44.67 13.65
C VAL G 72 -20.52 -44.58 14.96
N GLU G 73 -20.68 -45.72 15.65
CA GLU G 73 -21.40 -45.73 16.92
C GLU G 73 -20.70 -44.92 18.00
N ARG G 74 -19.37 -45.01 18.09
CA ARG G 74 -18.59 -44.22 19.04
C ARG G 74 -18.68 -42.71 18.68
N LEU G 75 -18.58 -42.37 17.40
CA LEU G 75 -18.71 -40.98 16.94
C LEU G 75 -20.08 -40.37 17.24
N LYS G 76 -21.17 -41.16 17.19
CA LYS G 76 -22.49 -40.65 17.55
C LYS G 76 -22.53 -40.27 19.04
N GLU G 77 -21.89 -41.08 19.89
CA GLU G 77 -21.82 -40.77 21.32
C GLU G 77 -20.94 -39.54 21.58
N MET G 78 -19.87 -39.35 20.79
CA MET G 78 -19.01 -38.19 20.95
CA MET G 78 -19.02 -38.19 20.96
C MET G 78 -19.71 -36.90 20.54
N ILE G 79 -20.55 -36.97 19.49
CA ILE G 79 -21.32 -35.80 19.04
C ILE G 79 -22.32 -35.44 20.15
N LYS G 80 -23.01 -36.45 20.70
CA LYS G 80 -23.97 -36.23 21.79
C LYS G 80 -23.29 -35.69 23.04
N ALA G 81 -22.06 -36.11 23.33
CA ALA G 81 -21.28 -35.64 24.47
C ALA G 81 -20.80 -34.17 24.31
N GLY G 82 -20.72 -33.68 23.08
CA GLY G 82 -20.34 -32.29 22.85
C GLY G 82 -19.25 -32.00 21.83
N MET G 83 -18.71 -33.02 21.15
CA MET G 83 -17.66 -32.78 20.13
C MET G 83 -18.19 -31.85 19.02
N ASN G 84 -17.48 -30.76 18.74
CA ASN G 84 -17.89 -29.82 17.68
C ASN G 84 -17.00 -29.89 16.44
N ILE G 85 -15.71 -30.25 16.64
CA ILE G 85 -14.73 -30.30 15.56
C ILE G 85 -13.97 -31.62 15.68
N ALA G 86 -13.86 -32.35 14.57
CA ALA G 86 -13.13 -33.63 14.57
C ALA G 86 -11.75 -33.37 13.95
N ARG G 87 -10.67 -33.65 14.69
CA ARG G 87 -9.31 -33.41 14.23
C ARG G 87 -8.69 -34.69 13.68
N LEU G 88 -8.10 -34.61 12.48
CA LEU G 88 -7.42 -35.73 11.86
C LEU G 88 -5.94 -35.41 11.93
N ASN G 89 -5.17 -36.19 12.67
CA ASN G 89 -3.74 -35.91 12.82
C ASN G 89 -2.96 -36.63 11.73
N PHE G 90 -2.49 -35.86 10.73
CA PHE G 90 -1.77 -36.45 9.61
C PHE G 90 -0.29 -36.81 9.93
N SER G 91 0.13 -36.68 11.19
CA SER G 91 1.46 -37.18 11.60
C SER G 91 1.48 -38.73 11.54
N HIS G 92 0.31 -39.39 11.61
CA HIS G 92 0.20 -40.85 11.54
C HIS G 92 -0.95 -41.23 10.62
N GLY G 93 -0.90 -42.43 10.06
CA GLY G 93 -1.99 -42.94 9.23
C GLY G 93 -1.91 -42.54 7.77
N SER G 94 -2.40 -43.42 6.90
CA SER G 94 -2.41 -43.20 5.46
C SER G 94 -3.61 -42.33 5.03
N HIS G 95 -3.63 -41.91 3.75
CA HIS G 95 -4.75 -41.17 3.21
C HIS G 95 -6.02 -42.04 3.24
N GLU G 96 -5.88 -43.35 2.98
CA GLU G 96 -7.02 -44.26 3.00
C GLU G 96 -7.62 -44.35 4.42
N TYR G 97 -6.77 -44.37 5.44
CA TYR G 97 -7.20 -44.45 6.83
C TYR G 97 -7.98 -43.17 7.19
N HIS G 98 -7.41 -41.99 6.86
CA HIS G 98 -8.08 -40.72 7.16
C HIS G 98 -9.36 -40.52 6.36
N ALA G 99 -9.43 -41.00 5.11
CA ALA G 99 -10.65 -40.90 4.31
C ALA G 99 -11.78 -41.71 4.98
N GLU G 100 -11.45 -42.89 5.53
CA GLU G 100 -12.44 -43.73 6.22
CA GLU G 100 -12.46 -43.70 6.20
C GLU G 100 -12.91 -43.04 7.50
N SER G 101 -11.98 -42.40 8.24
CA SER G 101 -12.35 -41.68 9.47
C SER G 101 -13.32 -40.54 9.12
N ILE G 102 -13.04 -39.79 8.03
CA ILE G 102 -13.90 -38.68 7.56
C ILE G 102 -15.28 -39.20 7.18
N ALA G 103 -15.35 -40.32 6.45
CA ALA G 103 -16.61 -40.94 6.04
C ALA G 103 -17.43 -41.34 7.27
N ASN G 104 -16.75 -41.92 8.30
CA ASN G 104 -17.43 -42.32 9.54
C ASN G 104 -17.96 -41.12 10.33
N VAL G 105 -17.19 -40.02 10.40
CA VAL G 105 -17.64 -38.79 11.06
C VAL G 105 -18.90 -38.26 10.34
N ARG G 106 -18.84 -38.14 9.00
CA ARG G 106 -19.98 -37.64 8.24
C ARG G 106 -21.21 -38.54 8.36
N GLU G 107 -21.02 -39.87 8.40
CA GLU G 107 -22.15 -40.78 8.58
C GLU G 107 -22.79 -40.56 9.97
N ALA G 108 -21.96 -40.40 11.01
CA ALA G 108 -22.46 -40.16 12.36
C ALA G 108 -23.20 -38.81 12.43
N VAL G 109 -22.61 -37.74 11.87
CA VAL G 109 -23.21 -36.41 11.88
C VAL G 109 -24.55 -36.40 11.15
N GLU G 110 -24.59 -36.99 9.95
CA GLU G 110 -25.81 -36.99 9.14
C GLU G 110 -26.90 -37.93 9.66
N SER G 111 -26.57 -38.83 10.61
CA SER G 111 -27.58 -39.69 11.22
C SER G 111 -28.61 -38.85 12.05
N PHE G 112 -28.27 -37.59 12.40
CA PHE G 112 -29.17 -36.70 13.14
C PHE G 112 -29.87 -35.66 12.24
N ALA G 113 -29.62 -35.68 10.90
CA ALA G 113 -30.17 -34.69 9.97
C ALA G 113 -31.68 -34.75 9.75
N GLY G 114 -32.29 -35.87 10.11
CA GLY G 114 -33.73 -36.09 10.00
C GLY G 114 -34.56 -35.19 10.90
N SER G 115 -33.92 -34.54 11.89
CA SER G 115 -34.58 -33.60 12.78
C SER G 115 -33.84 -32.26 12.65
N PRO G 116 -34.24 -31.43 11.67
CA PRO G 116 -33.52 -30.15 11.44
C PRO G 116 -33.47 -29.16 12.59
N LEU G 117 -34.46 -29.16 13.52
CA LEU G 117 -34.40 -28.22 14.65
C LEU G 117 -33.34 -28.55 15.69
N SER G 118 -32.81 -29.79 15.68
CA SER G 118 -31.81 -30.20 16.65
C SER G 118 -30.46 -30.64 15.99
N TYR G 119 -30.39 -30.67 14.64
CA TYR G 119 -29.17 -31.07 13.92
C TYR G 119 -27.95 -30.23 14.31
N ARG G 120 -26.85 -30.91 14.64
CA ARG G 120 -25.59 -30.25 15.01
C ARG G 120 -24.51 -30.45 13.96
N PRO G 121 -24.10 -29.37 13.30
CA PRO G 121 -22.97 -29.46 12.37
C PRO G 121 -21.68 -29.82 13.13
N VAL G 122 -20.74 -30.55 12.47
CA VAL G 122 -19.43 -30.91 13.06
C VAL G 122 -18.37 -30.62 12.01
N ALA G 123 -17.38 -29.77 12.34
CA ALA G 123 -16.34 -29.41 11.40
C ALA G 123 -15.28 -30.51 11.31
N ILE G 124 -14.59 -30.58 10.18
CA ILE G 124 -13.50 -31.53 10.01
C ILE G 124 -12.20 -30.73 9.83
N ALA G 125 -11.23 -30.97 10.70
CA ALA G 125 -9.97 -30.26 10.68
C ALA G 125 -8.80 -31.20 10.37
N LEU G 126 -7.91 -30.76 9.50
CA LEU G 126 -6.73 -31.55 9.13
C LEU G 126 -5.52 -30.94 9.80
N ASP G 127 -4.82 -31.72 10.62
CA ASP G 127 -3.64 -31.23 11.32
C ASP G 127 -2.41 -31.80 10.59
N THR G 128 -1.56 -30.92 10.05
CA THR G 128 -0.43 -31.35 9.24
C THR G 128 0.74 -31.97 10.04
N LYS G 129 1.54 -32.80 9.36
CA LYS G 129 2.70 -33.44 9.97
C LYS G 129 3.75 -32.37 10.31
N GLY G 130 3.94 -31.41 9.43
CA GLY G 130 4.89 -30.33 9.68
C GLY G 130 6.14 -30.35 8.82
N PRO G 131 7.00 -29.34 8.99
CA PRO G 131 8.21 -29.25 8.14
C PRO G 131 9.31 -30.24 8.50
N GLY G 134 13.24 -29.53 8.13
CA GLY G 134 13.25 -29.03 6.76
C GLY G 134 12.93 -27.56 6.65
N PRO G 135 13.21 -26.99 5.46
CA PRO G 135 12.93 -25.56 5.25
C PRO G 135 11.56 -25.30 4.63
N GLY G 136 10.61 -24.89 5.46
CA GLY G 136 9.29 -24.54 4.99
C GLY G 136 8.38 -25.72 4.71
N LEU G 137 7.39 -25.52 3.83
CA LEU G 137 6.38 -26.53 3.50
C LEU G 137 6.95 -27.84 2.93
N SER G 138 6.77 -28.93 3.67
CA SER G 138 7.29 -30.24 3.24
C SER G 138 6.49 -30.84 2.08
N GLU G 139 7.07 -31.85 1.39
CA GLU G 139 6.40 -32.51 0.27
C GLU G 139 5.17 -33.29 0.76
N GLN G 140 5.27 -33.93 1.94
CA GLN G 140 4.14 -34.67 2.48
C GLN G 140 3.01 -33.71 2.84
N ASP G 141 3.32 -32.52 3.37
CA ASP G 141 2.29 -31.53 3.69
C ASP G 141 1.57 -31.04 2.45
N VAL G 142 2.27 -30.89 1.31
CA VAL G 142 1.62 -30.49 0.07
C VAL G 142 0.59 -31.55 -0.34
N ARG G 143 0.97 -32.83 -0.26
CA ARG G 143 0.06 -33.92 -0.61
C ARG G 143 -1.11 -34.04 0.36
N ASP G 144 -0.85 -33.82 1.67
CA ASP G 144 -1.91 -33.94 2.67
C ASP G 144 -2.89 -32.76 2.56
N LEU G 145 -2.39 -31.55 2.27
CA LEU G 145 -3.26 -30.39 2.07
C LEU G 145 -4.12 -30.60 0.83
N ARG G 146 -3.57 -31.24 -0.24
CA ARG G 146 -4.34 -31.56 -1.45
C ARG G 146 -5.46 -32.55 -1.11
N PHE G 147 -5.15 -33.55 -0.28
CA PHE G 147 -6.14 -34.52 0.20
C PHE G 147 -7.27 -33.78 0.95
N GLY G 148 -6.89 -32.83 1.79
CA GLY G 148 -7.85 -32.01 2.55
C GLY G 148 -8.83 -31.27 1.66
N VAL G 149 -8.32 -30.63 0.60
CA VAL G 149 -9.16 -29.93 -0.37
C VAL G 149 -10.09 -30.91 -1.09
N GLU G 150 -9.54 -32.04 -1.55
CA GLU G 150 -10.32 -33.05 -2.26
C GLU G 150 -11.41 -33.66 -1.39
N HIS G 151 -11.17 -33.77 -0.07
CA HIS G 151 -12.16 -34.34 0.84
C HIS G 151 -13.04 -33.29 1.54
N GLY G 152 -12.93 -32.02 1.15
CA GLY G 152 -13.76 -30.94 1.66
C GLY G 152 -13.62 -30.64 3.13
N VAL G 153 -12.38 -30.66 3.66
CA VAL G 153 -12.16 -30.34 5.06
C VAL G 153 -12.45 -28.84 5.28
N ASP G 154 -12.83 -28.48 6.51
CA ASP G 154 -13.20 -27.12 6.82
C ASP G 154 -12.06 -26.26 7.32
N ILE G 155 -11.10 -26.89 8.01
CA ILE G 155 -10.03 -26.21 8.70
C ILE G 155 -8.73 -26.96 8.55
N VAL G 156 -7.62 -26.22 8.54
CA VAL G 156 -6.28 -26.79 8.56
C VAL G 156 -5.60 -26.27 9.81
N PHE G 157 -5.05 -27.17 10.64
CA PHE G 157 -4.22 -26.79 11.76
C PHE G 157 -2.79 -26.97 11.23
N ALA G 158 -2.11 -25.87 10.88
CA ALA G 158 -0.78 -25.92 10.25
C ALA G 158 0.33 -26.02 11.27
N SER G 159 1.05 -27.16 11.29
CA SER G 159 2.11 -27.39 12.27
C SER G 159 3.36 -26.54 12.09
N PHE G 160 3.97 -26.16 13.22
CA PHE G 160 5.23 -25.44 13.30
C PHE G 160 5.30 -24.19 12.42
N VAL G 161 4.30 -23.30 12.53
CA VAL G 161 4.32 -22.06 11.77
C VAL G 161 5.30 -21.14 12.50
N ARG G 162 6.32 -20.68 11.77
CA ARG G 162 7.37 -19.86 12.38
C ARG G 162 7.41 -18.40 11.86
N LYS G 163 6.75 -18.13 10.73
CA LYS G 163 6.75 -16.80 10.09
C LYS G 163 5.59 -16.68 9.10
N ALA G 164 5.27 -15.44 8.66
CA ALA G 164 4.17 -15.20 7.72
C ALA G 164 4.30 -15.96 6.42
N SER G 165 5.55 -16.14 5.90
CA SER G 165 5.71 -16.88 4.65
C SER G 165 5.32 -18.35 4.77
N ASP G 166 5.34 -18.93 5.98
CA ASP G 166 4.89 -20.31 6.18
C ASP G 166 3.37 -20.38 5.93
N VAL G 167 2.62 -19.37 6.38
CA VAL G 167 1.17 -19.32 6.18
C VAL G 167 0.84 -19.14 4.71
N ALA G 168 1.61 -18.26 4.01
CA ALA G 168 1.43 -18.04 2.58
C ALA G 168 1.64 -19.32 1.79
N ALA G 169 2.62 -20.15 2.21
CA ALA G 169 2.88 -21.43 1.55
C ALA G 169 1.70 -22.40 1.74
N VAL G 170 1.11 -22.43 2.96
CA VAL G 170 -0.06 -23.28 3.22
C VAL G 170 -1.25 -22.80 2.35
N ARG G 171 -1.47 -21.46 2.28
CA ARG G 171 -2.55 -20.84 1.49
C ARG G 171 -2.45 -21.23 0.03
N ALA G 172 -1.23 -21.10 -0.54
CA ALA G 172 -0.98 -21.41 -1.94
C ALA G 172 -1.29 -22.88 -2.22
N ALA G 173 -0.90 -23.78 -1.29
CA ALA G 173 -1.13 -25.22 -1.40
C ALA G 173 -2.61 -25.66 -1.32
N LEU G 174 -3.51 -24.75 -0.91
CA LEU G 174 -4.93 -25.13 -0.87
C LEU G 174 -5.59 -25.02 -2.30
N GLY G 175 -4.73 -25.21 -3.34
CA GLY G 175 -5.01 -25.25 -4.79
C GLY G 175 -6.00 -24.21 -5.19
N PRO G 176 -6.67 -24.38 -6.34
CA PRO G 176 -7.67 -23.37 -6.71
C PRO G 176 -9.00 -23.56 -5.98
N GLU G 177 -9.31 -24.79 -5.46
CA GLU G 177 -10.64 -25.02 -4.90
C GLU G 177 -10.78 -24.95 -3.35
N GLY G 178 -9.71 -24.68 -2.61
CA GLY G 178 -9.77 -24.65 -1.15
C GLY G 178 -9.46 -23.32 -0.49
N HIS G 179 -9.70 -22.20 -1.20
CA HIS G 179 -9.44 -20.87 -0.61
C HIS G 179 -10.38 -20.54 0.58
N GLY G 180 -11.49 -21.24 0.70
CA GLY G 180 -12.45 -21.01 1.79
C GLY G 180 -12.12 -21.76 3.08
N ILE G 181 -11.09 -22.62 3.04
CA ILE G 181 -10.64 -23.39 4.20
C ILE G 181 -9.96 -22.46 5.21
N LYS G 182 -10.30 -22.58 6.50
CA LYS G 182 -9.70 -21.74 7.53
C LYS G 182 -8.31 -22.25 7.90
N ILE G 183 -7.32 -21.37 7.98
CA ILE G 183 -5.97 -21.78 8.38
C ILE G 183 -5.70 -21.31 9.81
N ILE G 184 -5.55 -22.28 10.70
CA ILE G 184 -5.24 -22.02 12.10
C ILE G 184 -3.75 -22.37 12.26
N SER G 185 -2.92 -21.35 12.49
CA SER G 185 -1.47 -21.56 12.61
C SER G 185 -1.08 -22.08 13.99
N LYS G 186 -0.35 -23.21 14.03
CA LYS G 186 0.10 -23.77 15.30
C LYS G 186 1.43 -23.14 15.70
N ILE G 187 1.47 -22.51 16.89
CA ILE G 187 2.67 -21.89 17.43
C ILE G 187 3.29 -22.93 18.36
N GLU G 188 4.47 -23.44 17.98
CA GLU G 188 5.09 -24.57 18.66
C GLU G 188 6.55 -24.35 19.07
N ASN G 189 7.12 -23.18 18.80
CA ASN G 189 8.53 -22.93 19.13
C ASN G 189 8.81 -21.46 19.41
N HIS G 190 10.06 -21.14 19.81
CA HIS G 190 10.45 -19.77 20.14
C HIS G 190 10.23 -18.79 18.99
N GLU G 191 10.62 -19.17 17.76
CA GLU G 191 10.44 -18.28 16.62
C GLU G 191 8.97 -17.93 16.36
N GLY G 192 8.09 -18.91 16.45
CA GLY G 192 6.65 -18.68 16.29
C GLY G 192 6.10 -17.69 17.30
N VAL G 193 6.57 -17.79 18.56
CA VAL G 193 6.14 -16.85 19.60
C VAL G 193 6.66 -15.44 19.30
N LYS G 194 7.94 -15.32 18.94
CA LYS G 194 8.54 -14.03 18.65
C LYS G 194 7.96 -13.34 17.42
N ARG G 195 7.62 -14.13 16.40
CA ARG G 195 7.01 -13.59 15.18
C ARG G 195 5.48 -13.74 15.18
N PHE G 196 4.87 -13.86 16.37
CA PHE G 196 3.44 -14.04 16.52
C PHE G 196 2.59 -13.01 15.78
N ASP G 197 2.91 -11.71 15.91
CA ASP G 197 2.09 -10.67 15.27
C ASP G 197 1.98 -10.82 13.76
N GLU G 198 3.12 -11.09 13.10
CA GLU G 198 3.10 -11.26 11.65
C GLU G 198 2.37 -12.53 11.22
N ILE G 199 2.42 -13.58 12.05
CA ILE G 199 1.72 -14.84 11.76
C ILE G 199 0.21 -14.65 11.92
N LEU G 200 -0.22 -14.03 13.04
CA LEU G 200 -1.65 -13.81 13.28
C LEU G 200 -2.28 -12.95 12.19
N GLU G 201 -1.58 -11.92 11.74
CA GLU G 201 -2.08 -11.00 10.71
C GLU G 201 -2.53 -11.74 9.42
N VAL G 202 -1.79 -12.78 9.01
CA VAL G 202 -2.13 -13.51 7.79
C VAL G 202 -2.90 -14.83 8.04
N SER G 203 -3.12 -15.21 9.30
CA SER G 203 -3.83 -16.46 9.61
C SER G 203 -5.30 -16.20 9.95
N ASP G 204 -6.15 -17.23 9.87
CA ASP G 204 -7.54 -17.11 10.34
C ASP G 204 -7.62 -17.23 11.88
N GLY G 205 -6.62 -17.86 12.48
CA GLY G 205 -6.59 -18.05 13.92
C GLY G 205 -5.30 -18.76 14.33
N ILE G 206 -5.21 -19.10 15.61
CA ILE G 206 -4.00 -19.70 16.19
C ILE G 206 -4.30 -20.89 17.08
N MET G 207 -3.37 -21.85 17.14
CA MET G 207 -3.44 -22.93 18.10
C MET G 207 -2.19 -22.82 18.98
N VAL G 208 -2.36 -22.79 20.30
CA VAL G 208 -1.26 -22.81 21.26
C VAL G 208 -0.94 -24.31 21.40
N ALA G 209 0.04 -24.79 20.63
CA ALA G 209 0.37 -26.21 20.58
C ALA G 209 1.38 -26.50 21.68
N ARG G 210 0.87 -26.75 22.90
CA ARG G 210 1.69 -26.82 24.10
C ARG G 210 2.65 -27.99 24.18
N GLY G 211 2.40 -29.08 23.47
CA GLY G 211 3.27 -30.26 23.49
C GLY G 211 4.66 -29.91 23.02
N ASP G 212 4.80 -29.50 21.75
CA ASP G 212 6.08 -29.07 21.22
C ASP G 212 6.55 -27.77 21.84
N LEU G 213 5.62 -26.84 22.14
CA LEU G 213 6.03 -25.56 22.76
C LEU G 213 6.77 -25.80 24.11
N GLY G 214 6.26 -26.75 24.89
CA GLY G 214 6.81 -27.10 26.19
C GLY G 214 8.15 -27.83 26.18
N ILE G 215 8.61 -28.25 25.00
CA ILE G 215 9.93 -28.87 24.78
C ILE G 215 10.88 -27.88 24.06
N GLU G 216 10.32 -26.96 23.25
CA GLU G 216 11.08 -25.95 22.50
C GLU G 216 11.47 -24.76 23.38
N ILE G 217 10.63 -24.40 24.34
CA ILE G 217 10.92 -23.34 25.30
C ILE G 217 10.83 -23.95 26.72
N PRO G 218 11.39 -23.32 27.77
CA PRO G 218 11.27 -23.89 29.12
C PRO G 218 9.82 -24.16 29.52
N ALA G 219 9.56 -25.34 30.08
CA ALA G 219 8.21 -25.77 30.47
C ALA G 219 7.50 -24.74 31.36
N GLU G 220 8.27 -24.07 32.24
CA GLU G 220 7.72 -23.07 33.16
C GLU G 220 7.32 -21.76 32.48
N LYS G 221 7.62 -21.58 31.19
CA LYS G 221 7.25 -20.37 30.46
C LYS G 221 6.03 -20.58 29.54
N VAL G 222 5.56 -21.82 29.34
CA VAL G 222 4.44 -22.08 28.43
C VAL G 222 3.18 -21.29 28.79
N PHE G 223 2.84 -21.18 30.08
CA PHE G 223 1.64 -20.43 30.48
C PHE G 223 1.71 -18.95 30.04
N LEU G 224 2.92 -18.33 30.00
CA LEU G 224 3.08 -16.94 29.57
C LEU G 224 2.76 -16.83 28.08
N ALA G 225 3.30 -17.78 27.27
CA ALA G 225 3.06 -17.79 25.84
C ALA G 225 1.56 -18.03 25.58
N GLN G 226 0.93 -18.96 26.32
CA GLN G 226 -0.49 -19.23 26.16
C GLN G 226 -1.35 -17.99 26.47
N LYS G 227 -1.13 -17.36 27.62
CA LYS G 227 -1.93 -16.20 28.01
C LYS G 227 -1.73 -15.00 27.08
N MET G 228 -0.50 -14.80 26.60
CA MET G 228 -0.19 -13.72 25.66
C MET G 228 -0.90 -13.97 24.33
N MET G 229 -0.77 -15.19 23.77
CA MET G 229 -1.39 -15.50 22.49
C MET G 229 -2.90 -15.44 22.53
N ILE G 230 -3.50 -15.92 23.63
CA ILE G 230 -4.96 -15.85 23.77
C ILE G 230 -5.40 -14.36 23.85
N GLY G 231 -4.68 -13.56 24.65
CA GLY G 231 -4.99 -12.13 24.74
C GLY G 231 -4.91 -11.43 23.39
N ARG G 232 -3.82 -11.69 22.62
CA ARG G 232 -3.66 -11.05 21.31
C ARG G 232 -4.71 -11.50 20.30
N CYS G 233 -5.11 -12.79 20.35
CA CYS G 233 -6.16 -13.28 19.46
C CYS G 233 -7.50 -12.67 19.83
N ASN G 234 -7.79 -12.53 21.12
CA ASN G 234 -9.03 -11.90 21.58
C ASN G 234 -9.06 -10.43 21.11
N LEU G 235 -7.93 -9.73 21.20
CA LEU G 235 -7.84 -8.33 20.76
C LEU G 235 -8.10 -8.24 19.23
N ALA G 236 -7.58 -9.20 18.48
CA ALA G 236 -7.76 -9.23 17.02
C ALA G 236 -9.12 -9.77 16.56
N GLY G 237 -9.88 -10.39 17.46
CA GLY G 237 -11.16 -10.99 17.09
C GLY G 237 -11.01 -12.23 16.23
N LYS G 238 -9.90 -12.97 16.43
CA LYS G 238 -9.62 -14.18 15.67
C LYS G 238 -9.59 -15.40 16.60
N PRO G 239 -10.10 -16.55 16.15
CA PRO G 239 -10.14 -17.72 17.04
C PRO G 239 -8.79 -18.22 17.56
N VAL G 240 -8.78 -18.69 18.81
CA VAL G 240 -7.57 -19.24 19.41
C VAL G 240 -7.92 -20.57 20.10
N VAL G 241 -7.11 -21.59 19.87
CA VAL G 241 -7.33 -22.92 20.42
C VAL G 241 -6.26 -23.23 21.48
N CYS G 242 -6.67 -23.77 22.64
CA CYS G 242 -5.70 -24.25 23.62
C CYS G 242 -5.62 -25.76 23.43
N ALA G 243 -4.39 -26.30 23.33
CA ALA G 243 -4.25 -27.72 23.03
C ALA G 243 -3.20 -28.40 23.87
N THR G 244 -3.35 -29.75 23.98
CA THR G 244 -2.39 -30.76 24.43
C THR G 244 -2.27 -30.96 25.93
N GLN G 245 -2.51 -32.23 26.33
CA GLN G 245 -2.41 -32.73 27.71
C GLN G 245 -3.41 -32.09 28.68
N MET G 246 -4.51 -31.53 28.16
CA MET G 246 -5.51 -30.89 29.02
C MET G 246 -6.14 -31.88 30.01
N LEU G 247 -6.44 -33.11 29.56
CA LEU G 247 -7.01 -34.16 30.42
C LEU G 247 -6.19 -35.46 30.24
N GLU G 248 -4.87 -35.33 30.11
CA GLU G 248 -3.95 -36.43 29.81
C GLU G 248 -4.16 -37.73 30.59
N SER G 249 -4.35 -37.64 31.94
CA SER G 249 -4.54 -38.85 32.75
C SER G 249 -5.77 -39.65 32.35
N MET G 250 -6.76 -39.01 31.65
CA MET G 250 -7.95 -39.71 31.19
C MET G 250 -7.71 -40.68 30.04
N ILE G 251 -6.47 -40.79 29.55
CA ILE G 251 -6.11 -41.79 28.55
C ILE G 251 -6.27 -43.20 29.24
N THR G 252 -5.94 -43.31 30.56
CA THR G 252 -6.07 -44.58 31.29
C THR G 252 -7.05 -44.54 32.48
N LYS G 253 -7.53 -43.36 32.89
CA LYS G 253 -8.47 -43.24 34.02
C LYS G 253 -9.77 -42.56 33.64
N PRO G 254 -10.93 -43.02 34.16
CA PRO G 254 -12.21 -42.38 33.79
C PRO G 254 -12.45 -41.02 34.46
N ARG G 255 -11.58 -40.60 35.39
CA ARG G 255 -11.66 -39.29 36.05
C ARG G 255 -10.31 -38.57 35.95
N PRO G 256 -10.33 -37.25 35.73
CA PRO G 256 -9.06 -36.51 35.59
C PRO G 256 -8.46 -36.08 36.92
N THR G 257 -7.23 -35.51 36.87
CA THR G 257 -6.62 -34.99 38.08
C THR G 257 -7.14 -33.57 38.39
N ARG G 258 -6.82 -33.05 39.59
CA ARG G 258 -7.21 -31.69 39.98
C ARG G 258 -6.52 -30.64 39.11
N ALA G 259 -5.27 -30.92 38.65
CA ALA G 259 -4.56 -29.97 37.78
C ALA G 259 -5.20 -29.91 36.39
N GLU G 260 -5.71 -31.05 35.91
CA GLU G 260 -6.34 -31.13 34.60
C GLU G 260 -7.67 -30.39 34.52
N THR G 261 -8.54 -30.54 35.55
CA THR G 261 -9.79 -29.76 35.54
C THR G 261 -9.48 -28.26 35.64
N SER G 262 -8.48 -27.90 36.46
CA SER G 262 -8.03 -26.53 36.62
C SER G 262 -7.53 -25.98 35.26
N ASP G 263 -6.73 -26.78 34.53
CA ASP G 263 -6.18 -26.37 33.24
C ASP G 263 -7.28 -26.05 32.24
N VAL G 264 -8.28 -26.92 32.12
CA VAL G 264 -9.41 -26.68 31.22
C VAL G 264 -10.15 -25.41 31.62
N ALA G 265 -10.47 -25.26 32.91
CA ALA G 265 -11.18 -24.07 33.39
C ALA G 265 -10.40 -22.79 33.09
N ASN G 266 -9.08 -22.80 33.36
CA ASN G 266 -8.24 -21.64 33.15
C ASN G 266 -8.03 -21.31 31.68
N ALA G 267 -8.05 -22.30 30.79
CA ALA G 267 -7.93 -22.00 29.34
C ALA G 267 -9.20 -21.22 28.91
N VAL G 268 -10.39 -21.63 29.41
CA VAL G 268 -11.63 -20.94 29.09
C VAL G 268 -11.60 -19.53 29.70
N LEU G 269 -11.23 -19.41 30.98
CA LEU G 269 -11.14 -18.09 31.62
C LEU G 269 -10.15 -17.17 30.92
N ASP G 270 -9.02 -17.73 30.42
CA ASP G 270 -8.00 -16.95 29.70
C ASP G 270 -8.59 -16.27 28.44
N GLY G 271 -9.55 -16.95 27.81
CA GLY G 271 -10.22 -16.47 26.60
C GLY G 271 -10.17 -17.41 25.40
N ALA G 272 -9.78 -18.70 25.60
CA ALA G 272 -9.71 -19.64 24.47
C ALA G 272 -11.08 -19.84 23.81
N ASP G 273 -11.11 -19.79 22.47
CA ASP G 273 -12.36 -20.04 21.75
C ASP G 273 -12.64 -21.54 21.69
N CYS G 274 -11.57 -22.36 21.59
CA CYS G 274 -11.70 -23.81 21.52
C CYS G 274 -10.73 -24.45 22.50
N ILE G 275 -11.09 -25.66 22.94
CA ILE G 275 -10.22 -26.50 23.77
C ILE G 275 -10.11 -27.86 23.03
N MET G 276 -8.99 -28.56 23.24
CA MET G 276 -8.73 -29.76 22.44
C MET G 276 -8.40 -30.99 23.26
N LEU G 277 -8.69 -32.15 22.68
CA LEU G 277 -8.34 -33.48 23.19
C LEU G 277 -7.54 -34.16 22.08
N SER G 278 -6.41 -34.76 22.44
CA SER G 278 -5.57 -35.45 21.48
CA SER G 278 -5.55 -35.44 21.48
C SER G 278 -5.54 -36.96 21.80
N GLY G 279 -4.55 -37.45 22.56
CA GLY G 279 -4.50 -38.87 22.94
C GLY G 279 -5.73 -39.30 23.72
N GLU G 280 -6.34 -38.36 24.50
CA GLU G 280 -7.54 -38.64 25.28
C GLU G 280 -8.67 -39.22 24.45
N THR G 281 -8.81 -38.77 23.18
CA THR G 281 -9.86 -39.29 22.32
C THR G 281 -9.32 -40.17 21.20
N ALA G 282 -8.07 -39.96 20.76
CA ALA G 282 -7.52 -40.74 19.63
C ALA G 282 -7.20 -42.17 20.01
N LYS G 283 -6.59 -42.37 21.16
CA LYS G 283 -6.13 -43.71 21.56
C LYS G 283 -6.51 -44.16 22.97
N GLY G 284 -7.07 -43.27 23.75
CA GLY G 284 -7.41 -43.55 25.14
C GLY G 284 -8.57 -44.48 25.38
N ASN G 285 -8.71 -44.90 26.64
CA ASN G 285 -9.76 -45.83 27.07
C ASN G 285 -11.08 -45.15 27.39
N PHE G 286 -11.12 -43.81 27.49
CA PHE G 286 -12.33 -43.10 27.87
C PHE G 286 -12.61 -41.86 26.98
N PRO G 287 -12.66 -42.02 25.65
CA PRO G 287 -12.85 -40.84 24.78
C PRO G 287 -14.14 -40.06 25.04
N VAL G 288 -15.29 -40.76 25.23
CA VAL G 288 -16.57 -40.08 25.46
C VAL G 288 -16.56 -39.33 26.79
N GLU G 289 -15.99 -39.96 27.84
CA GLU G 289 -15.88 -39.34 29.18
C GLU G 289 -15.03 -38.07 29.12
N ALA G 290 -13.97 -38.08 28.30
CA ALA G 290 -13.07 -36.92 28.18
C ALA G 290 -13.83 -35.74 27.54
N VAL G 291 -14.63 -36.01 26.52
CA VAL G 291 -15.44 -34.97 25.87
C VAL G 291 -16.47 -34.43 26.88
N LYS G 292 -17.14 -35.35 27.63
CA LYS G 292 -18.13 -34.95 28.65
C LYS G 292 -17.51 -34.09 29.73
N MET G 293 -16.27 -34.41 30.14
CA MET G 293 -15.57 -33.65 31.17
C MET G 293 -15.23 -32.23 30.67
N GLN G 294 -14.72 -32.11 29.43
CA GLN G 294 -14.45 -30.77 28.89
C GLN G 294 -15.72 -29.94 28.79
N HIS G 295 -16.83 -30.57 28.40
CA HIS G 295 -18.12 -29.88 28.32
C HIS G 295 -18.53 -29.34 29.70
N ALA G 296 -18.50 -30.21 30.72
CA ALA G 296 -18.92 -29.82 32.07
C ALA G 296 -18.07 -28.66 32.64
N ILE G 297 -16.74 -28.73 32.50
CA ILE G 297 -15.86 -27.68 33.01
C ILE G 297 -16.05 -26.39 32.24
N ALA G 298 -16.10 -26.47 30.90
CA ALA G 298 -16.24 -25.26 30.08
C ALA G 298 -17.52 -24.47 30.44
N ARG G 299 -18.62 -25.18 30.66
CA ARG G 299 -19.89 -24.52 31.05
C ARG G 299 -19.76 -23.75 32.36
N GLU G 300 -19.09 -24.37 33.36
CA GLU G 300 -18.90 -23.72 34.64
C GLU G 300 -17.99 -22.49 34.50
N ALA G 301 -16.89 -22.63 33.72
CA ALA G 301 -15.92 -21.56 33.55
C ALA G 301 -16.51 -20.37 32.79
N GLU G 302 -17.34 -20.64 31.78
CA GLU G 302 -17.95 -19.55 31.01
C GLU G 302 -18.83 -18.67 31.86
N ALA G 303 -19.56 -19.26 32.80
CA ALA G 303 -20.41 -18.49 33.71
C ALA G 303 -19.57 -17.63 34.68
N ALA G 304 -18.33 -18.07 34.99
CA ALA G 304 -17.42 -17.38 35.89
C ALA G 304 -16.61 -16.26 35.22
N VAL G 305 -16.78 -16.03 33.91
CA VAL G 305 -16.09 -14.93 33.23
C VAL G 305 -16.61 -13.59 33.80
N TYR G 306 -15.71 -12.63 34.05
CA TYR G 306 -16.07 -11.34 34.61
C TYR G 306 -16.40 -10.37 33.46
N HIS G 307 -17.58 -10.56 32.85
CA HIS G 307 -18.02 -9.76 31.72
C HIS G 307 -17.97 -8.25 31.91
N ARG G 308 -18.23 -7.77 33.13
CA ARG G 308 -18.23 -6.32 33.40
C ARG G 308 -16.92 -5.65 32.96
N GLN G 309 -15.76 -6.19 33.37
CA GLN G 309 -14.49 -5.60 32.96
C GLN G 309 -14.09 -6.06 31.55
N LEU G 310 -14.35 -7.34 31.22
CA LEU G 310 -13.99 -7.88 29.90
C LEU G 310 -14.62 -7.07 28.75
N PHE G 311 -15.93 -6.82 28.81
CA PHE G 311 -16.62 -6.06 27.76
C PHE G 311 -16.09 -4.65 27.67
N GLU G 312 -15.84 -3.98 28.82
CA GLU G 312 -15.29 -2.62 28.82
C GLU G 312 -13.93 -2.60 28.13
N GLU G 313 -13.08 -3.59 28.42
CA GLU G 313 -11.74 -3.63 27.82
C GLU G 313 -11.77 -3.96 26.34
N LEU G 314 -12.64 -4.88 25.91
CA LEU G 314 -12.74 -5.24 24.50
C LEU G 314 -13.27 -4.05 23.68
N ARG G 315 -14.24 -3.33 24.24
CA ARG G 315 -14.83 -2.12 23.67
C ARG G 315 -13.75 -1.04 23.50
N ARG G 316 -12.97 -0.79 24.54
CA ARG G 316 -11.93 0.24 24.55
C ARG G 316 -10.76 -0.08 23.63
N ALA G 317 -10.40 -1.35 23.50
CA ALA G 317 -9.27 -1.74 22.66
C ALA G 317 -9.65 -1.85 21.18
N ALA G 318 -10.92 -2.18 20.89
CA ALA G 318 -11.34 -2.32 19.50
C ALA G 318 -11.40 -0.93 18.87
N PRO G 319 -10.78 -0.77 17.71
CA PRO G 319 -10.75 0.56 17.08
C PRO G 319 -12.12 1.01 16.60
N LEU G 320 -12.27 2.32 16.36
CA LEU G 320 -13.50 2.86 15.78
C LEU G 320 -13.67 2.29 14.37
N SER G 321 -14.91 2.10 13.94
CA SER G 321 -15.15 1.47 12.66
C SER G 321 -16.30 2.08 11.94
N ARG G 322 -16.17 2.19 10.62
CA ARG G 322 -17.27 2.63 9.77
C ARG G 322 -17.93 1.42 9.06
N ASP G 323 -17.54 0.18 9.39
CA ASP G 323 -18.12 -1.01 8.78
C ASP G 323 -19.44 -1.28 9.50
N PRO G 324 -20.58 -1.27 8.79
CA PRO G 324 -21.86 -1.48 9.48
C PRO G 324 -22.00 -2.81 10.22
N THR G 325 -21.33 -3.88 9.75
CA THR G 325 -21.42 -5.17 10.45
C THR G 325 -20.78 -5.04 11.84
N GLU G 326 -19.60 -4.37 11.90
CA GLU G 326 -18.88 -4.15 13.15
CA GLU G 326 -18.88 -4.15 13.15
C GLU G 326 -19.69 -3.23 14.10
N VAL G 327 -20.28 -2.18 13.55
CA VAL G 327 -21.08 -1.23 14.33
C VAL G 327 -22.31 -1.93 14.90
N THR G 328 -22.99 -2.72 14.07
CA THR G 328 -24.19 -3.44 14.50
C THR G 328 -23.82 -4.46 15.58
N ALA G 329 -22.69 -5.16 15.40
CA ALA G 329 -22.26 -6.17 16.36
C ALA G 329 -22.09 -5.62 17.78
N ILE G 330 -21.37 -4.48 17.92
CA ILE G 330 -21.16 -3.92 19.26
C ILE G 330 -22.46 -3.39 19.85
N GLY G 331 -23.33 -2.82 19.02
CA GLY G 331 -24.64 -2.35 19.49
C GLY G 331 -25.50 -3.51 19.98
N ALA G 332 -25.47 -4.63 19.26
CA ALA G 332 -26.24 -5.84 19.61
C ALA G 332 -25.74 -6.46 20.91
N VAL G 333 -24.43 -6.53 21.10
CA VAL G 333 -23.84 -7.09 22.33
C VAL G 333 -24.20 -6.19 23.53
N GLU G 334 -24.12 -4.86 23.37
CA GLU G 334 -24.49 -3.91 24.42
CA GLU G 334 -24.49 -3.91 24.42
C GLU G 334 -25.97 -4.10 24.79
N ALA G 335 -26.84 -4.23 23.78
CA ALA G 335 -28.28 -4.43 23.98
C ALA G 335 -28.53 -5.74 24.71
N ALA G 336 -27.82 -6.81 24.33
CA ALA G 336 -27.97 -8.11 25.00
C ALA G 336 -27.61 -8.04 26.49
N PHE G 337 -26.54 -7.31 26.84
CA PHE G 337 -26.17 -7.15 28.25
C PHE G 337 -27.23 -6.35 29.03
N LYS G 338 -27.82 -5.34 28.41
CA LYS G 338 -28.82 -4.49 29.06
C LYS G 338 -30.06 -5.26 29.53
N CYS G 339 -30.51 -6.26 28.75
CA CYS G 339 -31.72 -7.00 29.08
C CYS G 339 -31.47 -8.43 29.52
N CYS G 340 -30.21 -8.85 29.71
CA CYS G 340 -29.83 -10.24 29.98
C CYS G 340 -30.45 -11.18 28.93
N ALA G 341 -30.34 -10.77 27.65
CA ALA G 341 -30.91 -11.52 26.54
C ALA G 341 -30.50 -12.97 26.55
N ALA G 342 -31.44 -13.85 26.26
CA ALA G 342 -31.17 -15.28 26.23
C ALA G 342 -30.26 -15.63 25.01
N ALA G 343 -30.40 -14.88 23.91
CA ALA G 343 -29.62 -15.13 22.70
C ALA G 343 -29.58 -13.92 21.79
N ILE G 344 -28.62 -13.91 20.86
CA ILE G 344 -28.53 -12.98 19.75
C ILE G 344 -28.66 -13.89 18.52
N ILE G 345 -29.74 -13.76 17.76
CA ILE G 345 -29.95 -14.56 16.56
C ILE G 345 -29.42 -13.77 15.39
N VAL G 346 -28.51 -14.35 14.61
CA VAL G 346 -27.89 -13.64 13.49
C VAL G 346 -27.97 -14.45 12.20
N LEU G 347 -28.30 -13.79 11.09
CA LEU G 347 -28.31 -14.45 9.79
C LEU G 347 -26.92 -14.21 9.21
N THR G 348 -26.30 -15.26 8.66
CA THR G 348 -24.96 -15.10 8.09
C THR G 348 -24.75 -16.09 6.94
N THR G 349 -24.07 -15.66 5.87
CA THR G 349 -23.75 -16.57 4.78
C THR G 349 -22.33 -17.10 4.92
N THR G 350 -21.39 -16.24 5.31
CA THR G 350 -19.97 -16.62 5.45
C THR G 350 -19.53 -16.92 6.91
N GLY G 351 -20.35 -16.50 7.87
CA GLY G 351 -20.03 -16.60 9.28
C GLY G 351 -19.51 -15.29 9.87
N ARG G 352 -19.12 -14.33 9.01
CA ARG G 352 -18.51 -13.07 9.46
C ARG G 352 -19.34 -12.28 10.48
N SER G 353 -20.66 -12.13 10.25
CA SER G 353 -21.50 -11.37 11.18
C SER G 353 -21.51 -12.04 12.57
N ALA G 354 -21.47 -13.40 12.61
CA ALA G 354 -21.43 -14.11 13.90
C ALA G 354 -20.05 -13.94 14.56
N GLN G 355 -18.98 -14.00 13.77
CA GLN G 355 -17.63 -13.80 14.30
C GLN G 355 -17.46 -12.43 14.94
N LEU G 356 -18.05 -11.37 14.33
CA LEU G 356 -17.93 -10.02 14.88
C LEU G 356 -18.73 -9.85 16.17
N LEU G 357 -19.81 -10.62 16.35
CA LEU G 357 -20.57 -10.59 17.61
C LEU G 357 -19.73 -11.33 18.68
N SER G 358 -19.19 -12.51 18.31
CA SER G 358 -18.38 -13.33 19.21
C SER G 358 -17.16 -12.59 19.80
N ARG G 359 -16.53 -11.72 19.01
CA ARG G 359 -15.32 -11.00 19.46
C ARG G 359 -15.56 -10.10 20.70
N TYR G 360 -16.84 -9.68 20.92
CA TYR G 360 -17.16 -8.87 22.10
C TYR G 360 -17.57 -9.69 23.32
N ARG G 361 -17.48 -11.03 23.21
CA ARG G 361 -17.74 -11.97 24.29
C ARG G 361 -19.08 -11.73 25.02
N PRO G 362 -20.20 -11.76 24.28
CA PRO G 362 -21.50 -11.64 24.96
C PRO G 362 -21.76 -12.84 25.85
N ARG G 363 -22.54 -12.64 26.92
CA ARG G 363 -22.99 -13.76 27.73
C ARG G 363 -24.08 -14.52 26.95
N ALA G 364 -24.90 -13.78 26.15
CA ALA G 364 -25.96 -14.37 25.35
C ALA G 364 -25.37 -15.27 24.28
N ALA G 365 -26.02 -16.41 24.03
CA ALA G 365 -25.60 -17.31 22.96
C ALA G 365 -25.77 -16.61 21.60
N VAL G 366 -24.84 -16.80 20.67
CA VAL G 366 -24.97 -16.25 19.32
C VAL G 366 -25.50 -17.39 18.45
N ILE G 367 -26.80 -17.38 18.14
CA ILE G 367 -27.41 -18.42 17.32
C ILE G 367 -27.30 -17.99 15.86
N ALA G 368 -26.44 -18.66 15.09
CA ALA G 368 -26.18 -18.27 13.70
C ALA G 368 -26.92 -19.13 12.71
N VAL G 369 -27.87 -18.54 12.00
CA VAL G 369 -28.67 -19.25 11.01
C VAL G 369 -28.05 -19.05 9.64
N THR G 370 -27.71 -20.15 8.98
CA THR G 370 -27.06 -20.08 7.67
C THR G 370 -27.52 -21.17 6.74
N ARG G 371 -27.49 -20.91 5.42
CA ARG G 371 -27.76 -21.92 4.38
C ARG G 371 -26.41 -22.56 3.92
N SER G 372 -25.24 -22.04 4.36
CA SER G 372 -23.96 -22.61 3.99
C SER G 372 -23.54 -23.69 4.99
N ALA G 373 -23.51 -24.96 4.53
CA ALA G 373 -23.05 -26.06 5.37
C ALA G 373 -21.60 -25.84 5.85
N GLN G 374 -20.73 -25.33 4.96
CA GLN G 374 -19.35 -25.04 5.33
C GLN G 374 -19.28 -23.95 6.42
N ALA G 375 -20.00 -22.83 6.26
CA ALA G 375 -19.97 -21.76 7.26
C ALA G 375 -20.49 -22.28 8.61
N ALA G 376 -21.55 -23.14 8.58
CA ALA G 376 -22.10 -23.72 9.82
C ALA G 376 -21.05 -24.54 10.57
N ARG G 377 -20.21 -25.28 9.83
CA ARG G 377 -19.15 -26.06 10.47
C ARG G 377 -18.01 -25.15 10.97
N GLN G 378 -17.58 -24.18 10.14
CA GLN G 378 -16.45 -23.31 10.48
C GLN G 378 -16.70 -22.36 11.66
N VAL G 379 -17.96 -21.91 11.87
CA VAL G 379 -18.20 -20.96 12.98
C VAL G 379 -18.02 -21.59 14.35
N HIS G 380 -17.88 -22.92 14.45
CA HIS G 380 -17.54 -23.55 15.73
C HIS G 380 -16.17 -23.03 16.26
N LEU G 381 -15.34 -22.41 15.39
CA LEU G 381 -14.07 -21.85 15.84
C LEU G 381 -14.25 -20.64 16.76
N CYS G 382 -15.41 -19.95 16.68
CA CYS G 382 -15.66 -18.71 17.42
C CYS G 382 -16.48 -18.98 18.66
N ARG G 383 -15.97 -18.58 19.84
CA ARG G 383 -16.69 -18.84 21.08
C ARG G 383 -18.12 -18.31 21.08
N GLY G 384 -19.03 -19.17 21.50
CA GLY G 384 -20.43 -18.79 21.70
C GLY G 384 -21.27 -18.74 20.46
N VAL G 385 -20.77 -19.25 19.33
CA VAL G 385 -21.57 -19.28 18.11
C VAL G 385 -22.15 -20.68 17.97
N PHE G 386 -23.49 -20.78 17.90
CA PHE G 386 -24.23 -22.03 17.79
C PHE G 386 -24.83 -22.06 16.40
N PRO G 387 -24.22 -22.82 15.49
CA PRO G 387 -24.69 -22.80 14.10
C PRO G 387 -25.91 -23.65 13.85
N LEU G 388 -26.84 -23.11 13.08
CA LEU G 388 -28.05 -23.83 12.69
C LEU G 388 -28.06 -23.82 11.17
N LEU G 389 -28.08 -25.02 10.57
CA LEU G 389 -28.08 -25.14 9.12
C LEU G 389 -29.52 -25.15 8.61
N TYR G 390 -29.88 -24.16 7.80
CA TYR G 390 -31.25 -24.02 7.29
C TYR G 390 -31.40 -24.69 5.92
N ARG G 391 -32.30 -25.70 5.83
CA ARG G 391 -32.51 -26.52 4.62
C ARG G 391 -33.86 -26.31 3.93
N GLU G 392 -34.68 -25.38 4.41
CA GLU G 392 -36.00 -25.17 3.84
C GLU G 392 -35.96 -24.54 2.46
N PRO G 393 -36.98 -24.82 1.63
CA PRO G 393 -37.05 -24.16 0.33
C PRO G 393 -37.28 -22.66 0.50
N PRO G 394 -36.82 -21.86 -0.48
CA PRO G 394 -36.90 -20.40 -0.34
C PRO G 394 -38.30 -19.80 -0.45
N GLU G 395 -38.53 -18.68 0.25
CA GLU G 395 -39.77 -17.94 0.09
C GLU G 395 -39.57 -17.00 -1.10
N ALA G 396 -40.65 -16.65 -1.82
CA ALA G 396 -40.58 -15.76 -2.97
C ALA G 396 -40.20 -14.33 -2.57
N ILE G 397 -40.72 -13.85 -1.44
CA ILE G 397 -40.44 -12.50 -0.97
C ILE G 397 -39.29 -12.56 0.03
N TRP G 398 -38.22 -11.80 -0.23
CA TRP G 398 -37.01 -11.77 0.60
C TRP G 398 -37.32 -11.55 2.09
N ALA G 399 -38.07 -10.49 2.44
CA ALA G 399 -38.39 -10.24 3.85
C ALA G 399 -39.11 -11.42 4.54
N ASP G 400 -39.95 -12.17 3.80
CA ASP G 400 -40.61 -13.35 4.38
C ASP G 400 -39.59 -14.48 4.61
N ASP G 401 -38.64 -14.62 3.70
CA ASP G 401 -37.59 -15.61 3.81
C ASP G 401 -36.70 -15.33 5.04
N VAL G 402 -36.39 -14.05 5.26
CA VAL G 402 -35.59 -13.60 6.41
C VAL G 402 -36.33 -13.93 7.70
N ASP G 403 -37.64 -13.61 7.75
CA ASP G 403 -38.47 -13.88 8.91
C ASP G 403 -38.58 -15.36 9.20
N ARG G 404 -38.69 -16.20 8.15
CA ARG G 404 -38.72 -17.65 8.36
C ARG G 404 -37.42 -18.17 8.98
N ARG G 405 -36.26 -17.60 8.58
CA ARG G 405 -34.97 -17.99 9.14
C ARG G 405 -34.79 -17.54 10.58
N VAL G 406 -35.24 -16.32 10.91
CA VAL G 406 -35.21 -15.87 12.31
C VAL G 406 -36.10 -16.78 13.18
N GLN G 407 -37.27 -17.13 12.65
CA GLN G 407 -38.18 -18.01 13.37
C GLN G 407 -37.63 -19.40 13.54
N PHE G 408 -36.89 -19.90 12.56
CA PHE G 408 -36.20 -21.18 12.66
C PHE G 408 -35.17 -21.14 13.81
N GLY G 409 -34.48 -20.01 13.96
CA GLY G 409 -33.55 -19.82 15.07
C GLY G 409 -34.27 -19.83 16.41
N ILE G 410 -35.43 -19.19 16.49
CA ILE G 410 -36.23 -19.16 17.73
C ILE G 410 -36.74 -20.57 18.08
N GLU G 411 -37.31 -21.28 17.10
CA GLU G 411 -37.84 -22.63 17.33
C GLU G 411 -36.75 -23.61 17.72
N SER G 412 -35.58 -23.54 17.05
CA SER G 412 -34.44 -24.40 17.40
C SER G 412 -33.98 -24.09 18.82
N GLY G 413 -33.90 -22.80 19.16
CA GLY G 413 -33.50 -22.35 20.48
C GLY G 413 -34.45 -22.82 21.57
N LYS G 414 -35.78 -22.80 21.32
CA LYS G 414 -36.75 -23.27 22.30
C LYS G 414 -36.56 -24.77 22.52
N LEU G 415 -36.44 -25.54 21.42
CA LEU G 415 -36.30 -26.99 21.51
C LEU G 415 -35.03 -27.38 22.26
N ARG G 416 -33.93 -26.66 22.00
CA ARG G 416 -32.65 -26.98 22.61
C ARG G 416 -32.45 -26.44 24.04
N GLY G 417 -33.39 -25.63 24.54
CA GLY G 417 -33.27 -25.06 25.87
C GLY G 417 -32.57 -23.71 25.95
N PHE G 418 -32.24 -23.10 24.81
CA PHE G 418 -31.62 -21.78 24.79
C PHE G 418 -32.63 -20.71 25.16
N LEU G 419 -33.90 -20.87 24.72
CA LEU G 419 -34.96 -19.87 24.82
C LEU G 419 -36.24 -20.38 25.37
N ARG G 420 -37.01 -19.46 25.94
CA ARG G 420 -38.35 -19.74 26.45
C ARG G 420 -39.22 -18.55 26.08
N VAL G 421 -40.55 -18.76 26.03
CA VAL G 421 -41.49 -17.66 25.81
C VAL G 421 -41.33 -16.64 26.96
N GLY G 422 -41.33 -15.35 26.64
CA GLY G 422 -41.08 -14.30 27.60
C GLY G 422 -39.65 -13.79 27.59
N ASP G 423 -38.71 -14.59 27.07
CA ASP G 423 -37.30 -14.14 26.99
C ASP G 423 -37.17 -12.99 25.99
N LEU G 424 -36.13 -12.18 26.14
CA LEU G 424 -35.81 -11.18 25.14
C LEU G 424 -34.64 -11.73 24.30
N VAL G 425 -34.68 -11.51 22.99
CA VAL G 425 -33.59 -11.88 22.10
C VAL G 425 -33.25 -10.66 21.26
N ILE G 426 -32.00 -10.60 20.84
CA ILE G 426 -31.54 -9.56 19.93
C ILE G 426 -31.44 -10.23 18.56
N VAL G 427 -31.93 -9.58 17.49
CA VAL G 427 -31.91 -10.20 16.15
C VAL G 427 -31.09 -9.32 15.23
N VAL G 428 -30.09 -9.90 14.57
CA VAL G 428 -29.18 -9.17 13.70
C VAL G 428 -29.33 -9.63 12.26
N THR G 429 -29.64 -8.71 11.36
CA THR G 429 -29.83 -8.98 9.92
C THR G 429 -29.21 -7.80 9.07
N GLY G 430 -29.31 -7.89 7.74
CA GLY G 430 -28.89 -6.81 6.87
C GLY G 430 -30.07 -6.23 6.09
N TRP G 431 -29.84 -5.13 5.40
CA TRP G 431 -30.92 -4.42 4.66
C TRP G 431 -31.25 -4.99 3.28
N ARG G 432 -30.39 -5.88 2.76
CA ARG G 432 -30.56 -6.47 1.44
C ARG G 432 -29.91 -7.88 1.38
N PRO G 433 -30.28 -8.73 0.40
CA PRO G 433 -29.66 -10.07 0.33
C PRO G 433 -28.19 -10.03 0.01
N GLY G 434 -27.50 -11.11 0.35
CA GLY G 434 -26.08 -11.24 0.10
C GLY G 434 -25.22 -10.92 1.30
N SER G 435 -24.09 -11.60 1.40
CA SER G 435 -23.14 -11.35 2.45
C SER G 435 -22.61 -9.89 2.41
N GLY G 436 -22.24 -9.35 3.56
CA GLY G 436 -21.58 -8.05 3.69
C GLY G 436 -22.45 -6.83 3.98
N TYR G 437 -23.76 -7.04 4.18
CA TYR G 437 -24.69 -5.93 4.40
C TYR G 437 -25.37 -5.90 5.75
N THR G 438 -24.86 -6.67 6.75
CA THR G 438 -25.44 -6.58 8.10
C THR G 438 -25.43 -5.13 8.64
N ASN G 439 -26.60 -4.66 9.07
CA ASN G 439 -26.71 -3.28 9.54
C ASN G 439 -27.93 -3.07 10.46
N ILE G 440 -28.68 -4.13 10.83
CA ILE G 440 -29.89 -3.99 11.65
C ILE G 440 -29.85 -4.81 12.91
N MET G 441 -30.28 -4.21 14.02
CA MET G 441 -30.39 -4.89 15.30
C MET G 441 -31.84 -4.66 15.79
N ARG G 442 -32.55 -5.73 16.15
CA ARG G 442 -33.92 -5.62 16.66
C ARG G 442 -34.05 -6.30 17.99
N VAL G 443 -34.87 -5.77 18.89
CA VAL G 443 -35.12 -6.36 20.18
C VAL G 443 -36.46 -7.05 20.10
N LEU G 444 -36.48 -8.37 20.31
CA LEU G 444 -37.72 -9.12 20.20
C LEU G 444 -38.07 -9.86 21.47
N SER G 445 -39.34 -9.87 21.82
CA SER G 445 -39.84 -10.64 22.95
C SER G 445 -40.29 -12.00 22.37
N ILE G 446 -39.85 -13.12 22.93
CA ILE G 446 -40.19 -14.43 22.41
C ILE G 446 -41.66 -14.77 22.76
N SER G 447 -42.47 -15.01 21.73
CA SER G 447 -43.87 -15.42 21.92
C SER G 447 -44.04 -16.90 21.55
N GLY H 23 -9.67 11.31 8.19
CA GLY H 23 -8.63 12.34 8.17
C GLY H 23 -8.15 12.74 9.55
N THR H 24 -6.91 13.25 9.63
CA THR H 24 -6.33 13.72 10.88
C THR H 24 -7.03 14.99 11.41
N ALA H 25 -7.52 15.84 10.50
CA ALA H 25 -8.21 17.07 10.89
C ALA H 25 -9.47 16.76 11.69
N PHE H 26 -10.20 15.70 11.30
CA PHE H 26 -11.41 15.26 11.99
C PHE H 26 -11.11 14.94 13.46
N PHE H 27 -10.01 14.22 13.71
CA PHE H 27 -9.64 13.79 15.06
C PHE H 27 -8.99 14.88 15.93
N GLN H 28 -8.76 16.08 15.37
CA GLN H 28 -8.24 17.19 16.16
C GLN H 28 -9.38 18.13 16.65
N GLN H 29 -10.55 18.08 15.99
CA GLN H 29 -11.73 18.87 16.32
C GLN H 29 -12.52 18.29 17.50
N GLN H 30 -13.54 19.06 17.99
CA GLN H 30 -14.47 18.70 19.04
C GLN H 30 -13.83 18.01 20.25
N GLN H 31 -12.64 18.49 20.64
CA GLN H 31 -11.88 17.95 21.79
C GLN H 31 -11.69 16.42 21.72
N LEU H 32 -11.58 15.86 20.50
CA LEU H 32 -11.39 14.41 20.36
C LEU H 32 -10.09 13.91 21.01
N PRO H 33 -8.93 14.62 20.98
CA PRO H 33 -7.75 14.14 21.74
C PRO H 33 -8.05 14.00 23.24
N ALA H 34 -8.76 14.98 23.85
CA ALA H 34 -9.13 14.90 25.26
C ALA H 34 -10.19 13.80 25.52
N ALA H 35 -11.02 13.50 24.52
CA ALA H 35 -12.06 12.45 24.63
C ALA H 35 -11.42 11.06 24.70
N MET H 36 -10.28 10.85 24.04
CA MET H 36 -9.62 9.54 24.04
C MET H 36 -8.73 9.29 25.27
N ALA H 37 -8.63 10.26 26.21
CA ALA H 37 -7.74 10.10 27.36
C ALA H 37 -8.13 8.99 28.32
N ASP H 38 -7.13 8.35 28.94
CA ASP H 38 -7.35 7.23 29.86
C ASP H 38 -7.72 7.64 31.28
N THR H 39 -7.43 8.88 31.67
CA THR H 39 -7.78 9.38 32.99
C THR H 39 -8.45 10.76 32.87
N PHE H 40 -9.18 11.19 33.90
CA PHE H 40 -9.79 12.53 33.89
C PHE H 40 -8.68 13.59 33.93
N LEU H 41 -7.59 13.33 34.69
CA LEU H 41 -6.46 14.28 34.72
C LEU H 41 -5.88 14.49 33.31
N GLU H 42 -5.63 13.38 32.57
CA GLU H 42 -5.10 13.50 31.22
C GLU H 42 -6.12 14.19 30.28
N HIS H 43 -7.43 13.93 30.50
CA HIS H 43 -8.50 14.57 29.74
C HIS H 43 -8.39 16.10 29.89
N LEU H 44 -8.22 16.60 31.14
CA LEU H 44 -8.09 18.04 31.39
C LEU H 44 -6.85 18.60 30.70
N CYS H 45 -5.70 17.89 30.83
CA CYS H 45 -4.43 18.31 30.25
C CYS H 45 -4.49 18.42 28.73
N LEU H 46 -5.39 17.67 28.07
CA LEU H 46 -5.48 17.67 26.61
C LEU H 46 -6.53 18.63 26.04
N LEU H 47 -7.30 19.33 26.89
CA LEU H 47 -8.30 20.29 26.40
C LEU H 47 -7.57 21.40 25.62
N ASP H 48 -8.11 21.73 24.45
CA ASP H 48 -7.42 22.62 23.51
C ASP H 48 -8.33 23.75 23.03
N ILE H 49 -7.93 25.01 23.27
CA ILE H 49 -8.70 26.16 22.83
C ILE H 49 -8.76 26.28 21.28
N ASP H 50 -7.85 25.62 20.56
CA ASP H 50 -7.86 25.63 19.10
C ASP H 50 -8.70 24.49 18.49
N SER H 51 -9.24 23.59 19.34
CA SER H 51 -10.06 22.48 18.86
C SER H 51 -11.49 22.97 18.76
N GLU H 52 -11.96 23.20 17.53
CA GLU H 52 -13.28 23.79 17.33
C GLU H 52 -14.44 22.82 17.45
N PRO H 53 -15.55 23.28 18.06
CA PRO H 53 -16.73 22.41 18.16
C PRO H 53 -17.32 22.15 16.77
N VAL H 54 -17.85 20.97 16.55
CA VAL H 54 -18.44 20.62 15.25
C VAL H 54 -19.91 20.21 15.42
N ALA H 55 -20.24 19.54 16.52
CA ALA H 55 -21.60 19.10 16.78
C ALA H 55 -22.56 20.26 17.02
N ALA H 56 -23.85 20.04 16.75
CA ALA H 56 -24.86 21.05 17.03
C ALA H 56 -24.96 21.22 18.56
N ARG H 57 -25.28 22.43 19.02
CA ARG H 57 -25.40 22.71 20.45
C ARG H 57 -26.56 21.92 21.04
N SER H 58 -26.29 21.10 22.05
CA SER H 58 -27.25 20.17 22.62
C SER H 58 -28.02 20.64 23.86
N THR H 59 -27.45 21.53 24.67
CA THR H 59 -28.12 22.01 25.88
C THR H 59 -29.11 23.08 25.49
N SER H 60 -30.40 22.90 25.78
CA SER H 60 -31.42 23.90 25.39
C SER H 60 -31.32 25.17 26.18
N ILE H 61 -31.73 26.27 25.54
CA ILE H 61 -31.77 27.59 26.16
C ILE H 61 -33.21 28.01 26.43
N ILE H 62 -33.48 28.36 27.69
CA ILE H 62 -34.78 28.86 28.10
C ILE H 62 -34.62 30.39 28.25
N ALA H 63 -35.41 31.17 27.53
CA ALA H 63 -35.35 32.62 27.62
C ALA H 63 -36.66 33.12 28.24
N THR H 64 -36.57 33.95 29.28
CA THR H 64 -37.76 34.52 29.91
C THR H 64 -38.25 35.68 29.07
N ILE H 65 -39.55 35.69 28.80
CA ILE H 65 -40.16 36.73 27.98
C ILE H 65 -40.57 37.90 28.83
N GLY H 66 -40.31 39.06 28.31
CA GLY H 66 -40.66 40.30 28.98
C GLY H 66 -40.67 41.46 28.01
N PRO H 67 -40.63 42.69 28.56
CA PRO H 67 -40.62 43.88 27.68
C PRO H 67 -39.49 43.94 26.66
N ALA H 68 -38.32 43.36 26.98
CA ALA H 68 -37.19 43.36 26.06
C ALA H 68 -37.29 42.27 24.98
N SER H 69 -38.24 41.35 25.10
CA SER H 69 -38.33 40.22 24.19
C SER H 69 -39.75 39.87 23.77
N ARG H 70 -40.66 40.84 23.73
CA ARG H 70 -42.05 40.54 23.34
C ARG H 70 -42.34 40.84 21.89
N SER H 71 -41.56 41.73 21.26
CA SER H 71 -41.77 42.10 19.89
C SER H 71 -41.68 40.87 18.98
N VAL H 72 -42.63 40.69 18.06
CA VAL H 72 -42.60 39.53 17.14
C VAL H 72 -41.30 39.48 16.35
N GLU H 73 -40.81 40.66 15.92
CA GLU H 73 -39.55 40.75 15.18
C GLU H 73 -38.33 40.39 16.02
N ARG H 74 -38.31 40.81 17.28
CA ARG H 74 -37.20 40.45 18.14
C ARG H 74 -37.28 38.92 18.47
N LEU H 75 -38.48 38.38 18.62
CA LEU H 75 -38.63 36.95 18.89
C LEU H 75 -38.11 36.10 17.74
N LYS H 76 -38.25 36.59 16.49
CA LYS H 76 -37.67 35.89 15.34
C LYS H 76 -36.14 35.85 15.47
N GLU H 77 -35.53 36.96 15.89
CA GLU H 77 -34.07 36.99 16.09
C GLU H 77 -33.63 36.07 17.24
N MET H 78 -34.43 35.98 18.30
CA MET H 78 -34.10 35.11 19.43
CA MET H 78 -34.10 35.11 19.43
C MET H 78 -34.19 33.63 19.04
N ILE H 79 -35.15 33.29 18.20
CA ILE H 79 -35.30 31.91 17.72
C ILE H 79 -34.07 31.56 16.86
N LYS H 80 -33.67 32.49 15.97
CA LYS H 80 -32.49 32.31 15.13
C LYS H 80 -31.20 32.21 15.96
N ALA H 81 -31.10 32.96 17.07
CA ALA H 81 -29.94 32.96 17.98
C ALA H 81 -29.81 31.64 18.79
N GLY H 82 -30.93 30.94 18.96
CA GLY H 82 -30.91 29.66 19.67
C GLY H 82 -31.93 29.42 20.78
N MET H 83 -32.88 30.36 21.02
CA MET H 83 -33.89 30.14 22.06
C MET H 83 -34.75 28.90 21.72
N ASN H 84 -34.86 27.96 22.68
CA ASN H 84 -35.66 26.76 22.45
C ASN H 84 -36.96 26.75 23.24
N ILE H 85 -36.94 27.37 24.43
CA ILE H 85 -38.10 27.40 25.32
C ILE H 85 -38.33 28.84 25.77
N ALA H 86 -39.59 29.31 25.68
CA ALA H 86 -39.95 30.67 26.10
C ALA H 86 -40.61 30.55 27.48
N ARG H 87 -40.04 31.19 28.47
CA ARG H 87 -40.58 31.12 29.85
C ARG H 87 -41.44 32.35 30.15
N LEU H 88 -42.65 32.12 30.67
CA LEU H 88 -43.58 33.18 31.08
C LEU H 88 -43.56 33.18 32.58
N ASN H 89 -43.04 34.24 33.19
CA ASN H 89 -42.95 34.33 34.64
C ASN H 89 -44.24 34.91 35.22
N PHE H 90 -45.11 34.08 35.78
CA PHE H 90 -46.39 34.55 36.34
C PHE H 90 -46.26 35.27 37.69
N SER H 91 -45.03 35.50 38.18
CA SER H 91 -44.84 36.34 39.37
C SER H 91 -45.14 37.82 39.04
N HIS H 92 -45.06 38.21 37.74
CA HIS H 92 -45.32 39.58 37.29
C HIS H 92 -46.24 39.53 36.06
N GLY H 93 -47.01 40.59 35.85
CA GLY H 93 -47.91 40.67 34.71
C GLY H 93 -49.26 40.01 34.87
N SER H 94 -50.25 40.50 34.18
CA SER H 94 -51.61 39.97 34.24
C SER H 94 -51.81 38.79 33.26
N HIS H 95 -53.01 38.13 33.28
CA HIS H 95 -53.33 37.10 32.31
C HIS H 95 -53.35 37.68 30.89
N GLU H 96 -53.82 38.94 30.74
CA GLU H 96 -53.87 39.58 29.44
C GLU H 96 -52.45 39.79 28.89
N TYR H 97 -51.52 40.17 29.74
CA TYR H 97 -50.15 40.39 29.33
C TYR H 97 -49.53 39.05 28.86
N HIS H 98 -49.70 37.98 29.64
CA HIS H 98 -49.16 36.67 29.28
C HIS H 98 -49.82 36.06 28.04
N ALA H 99 -51.11 36.31 27.83
CA ALA H 99 -51.79 35.84 26.60
C ALA H 99 -51.19 36.52 25.36
N GLU H 100 -50.82 37.80 25.49
CA GLU H 100 -50.16 38.55 24.40
C GLU H 100 -48.76 37.98 24.17
N SER H 101 -48.03 37.64 25.25
CA SER H 101 -46.68 37.05 25.12
C SER H 101 -46.75 35.74 24.34
N ILE H 102 -47.75 34.92 24.66
CA ILE H 102 -47.94 33.63 24.00
C ILE H 102 -48.26 33.82 22.52
N ALA H 103 -49.21 34.74 22.21
CA ALA H 103 -49.59 35.03 20.82
C ALA H 103 -48.38 35.52 20.03
N ASN H 104 -47.54 36.40 20.61
CA ASN H 104 -46.36 36.91 19.92
C ASN H 104 -45.30 35.83 19.67
N VAL H 105 -45.06 34.94 20.68
CA VAL H 105 -44.12 33.84 20.51
C VAL H 105 -44.60 32.93 19.36
N ARG H 106 -45.88 32.54 19.39
CA ARG H 106 -46.44 31.66 18.35
C ARG H 106 -46.39 32.30 16.98
N GLU H 107 -46.62 33.62 16.88
CA GLU H 107 -46.54 34.29 15.58
C GLU H 107 -45.10 34.24 15.06
N ALA H 108 -44.12 34.50 15.94
CA ALA H 108 -42.72 34.46 15.52
C ALA H 108 -42.32 33.02 15.12
N VAL H 109 -42.71 32.03 15.91
CA VAL H 109 -42.36 30.62 15.61
C VAL H 109 -42.98 30.16 14.29
N GLU H 110 -44.27 30.45 14.10
CA GLU H 110 -44.98 30.02 12.90
C GLU H 110 -44.61 30.80 11.65
N SER H 111 -43.89 31.93 11.79
CA SER H 111 -43.41 32.66 10.62
C SER H 111 -42.39 31.85 9.82
N PHE H 112 -41.78 30.80 10.42
CA PHE H 112 -40.83 29.93 9.75
C PHE H 112 -41.47 28.62 9.27
N ALA H 113 -42.78 28.39 9.49
CA ALA H 113 -43.44 27.15 9.11
C ALA H 113 -43.55 26.90 7.58
N GLY H 114 -43.41 27.94 6.78
CA GLY H 114 -43.44 27.82 5.33
C GLY H 114 -42.24 27.08 4.74
N SER H 115 -41.19 26.84 5.56
CA SER H 115 -40.04 26.04 5.14
C SER H 115 -39.89 24.90 6.14
N PRO H 116 -40.64 23.79 5.93
CA PRO H 116 -40.62 22.69 6.91
C PRO H 116 -39.26 22.10 7.28
N LEU H 117 -38.29 22.09 6.33
CA LEU H 117 -36.98 21.51 6.60
C LEU H 117 -36.12 22.30 7.58
N SER H 118 -36.45 23.57 7.83
CA SER H 118 -35.66 24.40 8.74
C SER H 118 -36.49 24.91 9.95
N TYR H 119 -37.81 24.63 9.99
CA TYR H 119 -38.72 25.05 11.06
C TYR H 119 -38.23 24.58 12.43
N ARG H 120 -38.13 25.50 13.38
CA ARG H 120 -37.71 25.12 14.74
C ARG H 120 -38.86 25.26 15.71
N PRO H 121 -39.29 24.14 16.31
CA PRO H 121 -40.31 24.24 17.37
C PRO H 121 -39.74 25.00 18.58
N VAL H 122 -40.61 25.74 19.30
CA VAL H 122 -40.25 26.48 20.52
C VAL H 122 -41.32 26.20 21.57
N ALA H 123 -40.92 25.68 22.73
CA ALA H 123 -41.86 25.34 23.78
C ALA H 123 -42.29 26.57 24.56
N ILE H 124 -43.46 26.52 25.17
CA ILE H 124 -43.95 27.60 26.01
C ILE H 124 -44.08 27.06 27.43
N ALA H 125 -43.35 27.66 28.37
CA ALA H 125 -43.35 27.22 29.76
C ALA H 125 -43.94 28.28 30.68
N LEU H 126 -44.82 27.86 31.59
CA LEU H 126 -45.47 28.75 32.54
C LEU H 126 -44.80 28.57 33.89
N ASP H 127 -44.18 29.63 34.42
CA ASP H 127 -43.50 29.57 35.71
C ASP H 127 -44.44 30.19 36.76
N THR H 128 -44.88 29.41 37.74
CA THR H 128 -45.87 29.89 38.71
C THR H 128 -45.34 30.89 39.74
N LYS H 129 -46.25 31.70 40.29
CA LYS H 129 -45.92 32.68 41.33
C LYS H 129 -45.46 31.96 42.60
N GLY H 130 -46.13 30.88 42.96
CA GLY H 130 -45.77 30.09 44.12
C GLY H 130 -46.73 30.19 45.29
N PRO H 131 -46.44 29.43 46.35
CA PRO H 131 -47.34 29.38 47.51
C PRO H 131 -47.31 30.58 48.43
N GLY H 132 -46.25 31.37 48.37
CA GLY H 132 -46.06 32.51 49.25
C GLY H 132 -45.90 32.05 50.68
N SER H 133 -46.67 32.62 51.60
CA SER H 133 -46.64 32.20 53.00
C SER H 133 -47.53 30.96 53.29
N GLY H 134 -48.33 30.52 52.32
CA GLY H 134 -49.21 29.37 52.47
C GLY H 134 -48.51 28.04 52.51
N PRO H 135 -49.21 26.98 52.91
CA PRO H 135 -48.57 25.65 53.02
C PRO H 135 -48.55 24.80 51.74
N GLY H 136 -49.35 25.19 50.75
CA GLY H 136 -49.46 24.44 49.50
C GLY H 136 -49.91 25.30 48.33
N LEU H 137 -50.67 24.70 47.38
CA LEU H 137 -51.13 25.39 46.18
C LEU H 137 -52.02 26.61 46.45
N SER H 138 -51.54 27.80 46.08
CA SER H 138 -52.29 29.04 46.27
C SER H 138 -53.46 29.17 45.30
N GLU H 139 -54.43 30.06 45.63
CA GLU H 139 -55.58 30.31 44.76
C GLU H 139 -55.16 30.97 43.44
N GLN H 140 -54.15 31.85 43.47
CA GLN H 140 -53.66 32.48 42.24
C GLN H 140 -53.02 31.42 41.34
N ASP H 141 -52.29 30.46 41.92
CA ASP H 141 -51.68 29.39 41.12
C ASP H 141 -52.73 28.52 40.47
N VAL H 142 -53.85 28.25 41.15
CA VAL H 142 -54.95 27.47 40.56
C VAL H 142 -55.49 28.19 39.31
N ARG H 143 -55.70 29.51 39.40
CA ARG H 143 -56.19 30.29 38.27
C ARG H 143 -55.15 30.37 37.15
N ASP H 144 -53.86 30.51 37.50
CA ASP H 144 -52.80 30.61 36.49
C ASP H 144 -52.59 29.28 35.78
N LEU H 145 -52.70 28.16 36.51
CA LEU H 145 -52.56 26.84 35.88
C LEU H 145 -53.74 26.55 34.96
N ARG H 146 -54.95 27.03 35.31
CA ARG H 146 -56.13 26.90 34.44
C ARG H 146 -55.90 27.70 33.16
N PHE H 147 -55.34 28.92 33.28
CA PHE H 147 -55.00 29.76 32.14
C PHE H 147 -54.00 29.01 31.23
N GLY H 148 -53.00 28.37 31.83
CA GLY H 148 -51.98 27.61 31.10
C GLY H 148 -52.57 26.51 30.25
N VAL H 149 -53.51 25.75 30.83
CA VAL H 149 -54.17 24.68 30.08
C VAL H 149 -55.03 25.26 28.95
N GLU H 150 -55.79 26.33 29.25
CA GLU H 150 -56.63 26.98 28.23
C GLU H 150 -55.82 27.57 27.08
N HIS H 151 -54.59 28.02 27.35
CA HIS H 151 -53.74 28.57 26.30
C HIS H 151 -52.72 27.57 25.71
N GLY H 152 -52.83 26.29 26.08
CA GLY H 152 -52.00 25.22 25.53
C GLY H 152 -50.52 25.29 25.82
N VAL H 153 -50.14 25.69 27.05
CA VAL H 153 -48.71 25.70 27.41
C VAL H 153 -48.16 24.28 27.41
N ASP H 154 -46.86 24.13 27.17
CA ASP H 154 -46.24 22.80 27.10
C ASP H 154 -45.70 22.30 28.41
N ILE H 155 -45.23 23.23 29.23
CA ILE H 155 -44.52 22.91 30.46
C ILE H 155 -44.93 23.86 31.57
N VAL H 156 -44.91 23.36 32.80
CA VAL H 156 -45.11 24.19 33.97
C VAL H 156 -43.82 24.11 34.81
N PHE H 157 -43.24 25.24 35.18
CA PHE H 157 -42.13 25.30 36.11
C PHE H 157 -42.83 25.65 37.44
N ALA H 158 -43.03 24.65 38.31
CA ALA H 158 -43.78 24.84 39.57
C ALA H 158 -42.89 25.39 40.68
N SER H 159 -43.16 26.62 41.12
CA SER H 159 -42.36 27.28 42.15
C SER H 159 -42.50 26.69 43.56
N PHE H 160 -41.37 26.70 44.29
CA PHE H 160 -41.27 26.27 45.67
C PHE H 160 -41.90 24.90 45.94
N VAL H 161 -41.51 23.88 45.17
CA VAL H 161 -41.99 22.52 45.41
C VAL H 161 -41.21 21.99 46.62
N ARG H 162 -41.93 21.59 47.67
CA ARG H 162 -41.32 21.11 48.91
C ARG H 162 -41.55 19.64 49.20
N LYS H 163 -42.51 19.01 48.52
CA LYS H 163 -42.86 17.62 48.77
C LYS H 163 -43.70 17.07 47.59
N ALA H 164 -43.83 15.74 47.52
CA ALA H 164 -44.58 15.09 46.45
C ALA H 164 -46.04 15.55 46.34
N SER H 165 -46.71 15.84 47.48
CA SER H 165 -48.09 16.31 47.43
C SER H 165 -48.24 17.67 46.74
N ASP H 166 -47.16 18.49 46.71
CA ASP H 166 -47.20 19.78 45.98
C ASP H 166 -47.33 19.50 44.48
N VAL H 167 -46.61 18.47 43.97
CA VAL H 167 -46.66 18.11 42.56
C VAL H 167 -48.05 17.57 42.22
N ALA H 168 -48.61 16.73 43.10
CA ALA H 168 -49.96 16.17 42.89
C ALA H 168 -51.00 17.28 42.80
N ALA H 169 -50.86 18.34 43.61
CA ALA H 169 -51.78 19.47 43.60
C ALA H 169 -51.69 20.24 42.28
N VAL H 170 -50.47 20.42 41.75
CA VAL H 170 -50.26 21.09 40.46
C VAL H 170 -50.92 20.26 39.36
N ARG H 171 -50.69 18.96 39.37
N ARG H 171 -50.68 18.96 39.36
CA ARG H 171 -51.25 18.03 38.38
CA ARG H 171 -51.26 18.05 38.37
C ARG H 171 -52.79 18.06 38.41
C ARG H 171 -52.80 18.09 38.41
N ALA H 172 -53.38 18.10 39.61
CA ALA H 172 -54.84 18.17 39.77
C ALA H 172 -55.40 19.51 39.26
N ALA H 173 -54.70 20.62 39.52
CA ALA H 173 -55.12 21.94 39.03
C ALA H 173 -55.05 22.05 37.49
N LEU H 174 -54.22 21.23 36.84
CA LEU H 174 -54.16 21.21 35.37
C LEU H 174 -55.41 20.51 34.75
N GLY H 175 -56.08 19.66 35.53
CA GLY H 175 -57.31 19.02 35.11
C GLY H 175 -57.16 17.92 34.11
N PRO H 176 -58.29 17.33 33.66
CA PRO H 176 -58.21 16.23 32.69
C PRO H 176 -57.70 16.66 31.32
N GLU H 177 -57.80 17.95 30.99
CA GLU H 177 -57.31 18.44 29.70
C GLU H 177 -55.78 18.75 29.71
N GLY H 178 -55.15 18.79 30.88
CA GLY H 178 -53.73 19.09 30.98
C GLY H 178 -52.83 17.93 31.31
N HIS H 179 -53.26 16.69 31.03
CA HIS H 179 -52.48 15.47 31.33
CA HIS H 179 -52.47 15.48 31.33
C HIS H 179 -51.14 15.41 30.57
N GLY H 180 -51.08 16.01 29.40
CA GLY H 180 -49.87 15.99 28.57
C GLY H 180 -48.83 17.05 28.91
N ILE H 181 -49.18 18.02 29.79
CA ILE H 181 -48.26 19.09 30.17
C ILE H 181 -47.16 18.54 31.09
N LYS H 182 -45.89 18.91 30.83
CA LYS H 182 -44.79 18.44 31.66
C LYS H 182 -44.65 19.30 32.92
N ILE H 183 -44.47 18.67 34.07
CA ILE H 183 -44.29 19.41 35.31
C ILE H 183 -42.83 19.34 35.75
N ILE H 184 -42.16 20.50 35.74
CA ILE H 184 -40.76 20.62 36.17
C ILE H 184 -40.82 21.28 37.54
N SER H 185 -40.43 20.55 38.59
CA SER H 185 -40.50 21.06 39.95
C SER H 185 -39.30 21.96 40.28
N LYS H 186 -39.56 23.19 40.73
CA LYS H 186 -38.48 24.09 41.12
C LYS H 186 -38.10 23.85 42.57
N ILE H 187 -36.82 23.52 42.79
CA ILE H 187 -36.26 23.31 44.13
C ILE H 187 -35.63 24.62 44.54
N GLU H 188 -36.22 25.26 45.56
CA GLU H 188 -35.85 26.61 45.97
C GLU H 188 -35.57 26.79 47.46
N ASN H 189 -35.66 25.72 48.25
CA ASN H 189 -35.43 25.85 49.70
C ASN H 189 -34.88 24.56 50.31
N HIS H 190 -34.55 24.59 51.61
CA HIS H 190 -33.98 23.43 52.30
C HIS H 190 -34.87 22.20 52.22
N GLU H 191 -36.19 22.37 52.46
CA GLU H 191 -37.10 21.22 52.43
C GLU H 191 -37.12 20.54 51.06
N GLY H 192 -37.16 21.33 49.97
CA GLY H 192 -37.14 20.77 48.63
C GLY H 192 -35.88 19.94 48.36
N VAL H 193 -34.72 20.42 48.87
CA VAL H 193 -33.47 19.67 48.70
C VAL H 193 -33.53 18.35 49.51
N LYS H 194 -34.00 18.42 50.75
CA LYS H 194 -34.08 17.22 51.61
C LYS H 194 -35.09 16.20 51.13
N ARG H 195 -36.21 16.65 50.56
CA ARG H 195 -37.22 15.75 50.03
C ARG H 195 -37.09 15.58 48.50
N PHE H 196 -35.89 15.84 47.95
CA PHE H 196 -35.64 15.74 46.52
C PHE H 196 -36.08 14.43 45.87
N ASP H 197 -35.71 13.28 46.45
CA ASP H 197 -36.05 11.98 45.85
C ASP H 197 -37.54 11.78 45.65
N GLU H 198 -38.35 12.11 46.67
CA GLU H 198 -39.80 11.94 46.53
C GLU H 198 -40.39 12.92 45.51
N ILE H 199 -39.80 14.12 45.39
CA ILE H 199 -40.27 15.11 44.43
C ILE H 199 -39.93 14.68 43.01
N LEU H 200 -38.68 14.24 42.78
CA LEU H 200 -38.25 13.80 41.45
C LEU H 200 -39.09 12.61 40.96
N GLU H 201 -39.39 11.67 41.86
CA GLU H 201 -40.17 10.48 41.51
C GLU H 201 -41.50 10.80 40.83
N VAL H 202 -42.20 11.85 41.30
CA VAL H 202 -43.51 12.22 40.73
C VAL H 202 -43.44 13.38 39.71
N SER H 203 -42.27 13.98 39.50
CA SER H 203 -42.15 15.10 38.57
C SER H 203 -41.61 14.61 37.21
N ASP H 204 -41.81 15.41 36.15
CA ASP H 204 -41.21 15.11 34.87
C ASP H 204 -39.72 15.54 34.83
N GLY H 205 -39.35 16.48 35.70
CA GLY H 205 -37.99 16.99 35.78
C GLY H 205 -37.86 18.01 36.89
N ILE H 206 -36.68 18.66 36.97
CA ILE H 206 -36.37 19.59 38.05
C ILE H 206 -35.73 20.88 37.54
N MET H 207 -35.96 21.99 38.25
CA MET H 207 -35.23 23.22 38.00
C MET H 207 -34.48 23.56 39.28
N VAL H 208 -33.17 23.80 39.16
CA VAL H 208 -32.34 24.26 40.27
C VAL H 208 -32.55 25.78 40.27
N ALA H 209 -33.47 26.25 41.10
CA ALA H 209 -33.85 27.68 41.13
C ALA H 209 -32.94 28.41 42.09
N ARG H 210 -31.76 28.80 41.61
CA ARG H 210 -30.69 29.31 42.45
C ARG H 210 -30.93 30.64 43.14
N GLY H 211 -31.81 31.48 42.60
CA GLY H 211 -32.14 32.77 43.21
C GLY H 211 -32.65 32.61 44.63
N ASP H 212 -33.80 31.97 44.77
CA ASP H 212 -34.39 31.68 46.08
C ASP H 212 -33.57 30.67 46.86
N LEU H 213 -32.99 29.67 46.18
CA LEU H 213 -32.17 28.67 46.88
C LEU H 213 -31.00 29.32 47.63
N GLY H 214 -30.39 30.33 46.98
CA GLY H 214 -29.25 31.09 47.51
C GLY H 214 -29.55 32.01 48.66
N ILE H 215 -30.83 32.24 48.95
CA ILE H 215 -31.28 33.02 50.09
C ILE H 215 -31.88 32.11 51.19
N GLU H 216 -32.42 30.94 50.80
CA GLU H 216 -33.02 29.97 51.71
C GLU H 216 -31.97 29.10 52.40
N ILE H 217 -30.86 28.80 51.70
CA ILE H 217 -29.73 28.07 52.29
C ILE H 217 -28.48 28.97 52.14
N PRO H 218 -27.38 28.71 52.88
CA PRO H 218 -26.18 29.54 52.71
C PRO H 218 -25.72 29.59 51.25
N ALA H 219 -25.41 30.80 50.75
CA ALA H 219 -24.99 31.01 49.36
C ALA H 219 -23.84 30.09 48.95
N GLU H 220 -22.91 29.83 49.86
CA GLU H 220 -21.75 28.99 49.60
C GLU H 220 -22.08 27.49 49.49
N LYS H 221 -23.33 27.09 49.73
CA LYS H 221 -23.74 25.68 49.62
C LYS H 221 -24.56 25.41 48.32
N VAL H 222 -24.96 26.46 47.59
CA VAL H 222 -25.80 26.27 46.39
C VAL H 222 -25.13 25.35 45.36
N PHE H 223 -23.82 25.47 45.15
CA PHE H 223 -23.14 24.60 44.17
C PHE H 223 -23.29 23.10 44.51
N LEU H 224 -23.33 22.75 45.82
CA LEU H 224 -23.48 21.35 46.25
C LEU H 224 -24.88 20.86 45.87
N ALA H 225 -25.90 21.69 46.13
CA ALA H 225 -27.28 21.34 45.80
C ALA H 225 -27.43 21.21 44.28
N GLN H 226 -26.84 22.14 43.53
CA GLN H 226 -26.89 22.08 42.06
C GLN H 226 -26.26 20.78 41.52
N LYS H 227 -25.04 20.46 41.96
CA LYS H 227 -24.34 19.29 41.43
C LYS H 227 -25.02 18.00 41.83
N MET H 228 -25.58 17.94 43.06
CA MET H 228 -26.30 16.76 43.53
C MET H 228 -27.58 16.56 42.71
N MET H 229 -28.37 17.63 42.54
CA MET H 229 -29.64 17.52 41.80
C MET H 229 -29.41 17.16 40.35
N ILE H 230 -28.39 17.74 39.73
CA ILE H 230 -28.08 17.42 38.33
C ILE H 230 -27.67 15.93 38.23
N GLY H 231 -26.80 15.48 39.14
CA GLY H 231 -26.38 14.07 39.15
C GLY H 231 -27.55 13.12 39.31
N ARG H 232 -28.45 13.40 40.27
CA ARG H 232 -29.61 12.53 40.51
C ARG H 232 -30.58 12.54 39.33
N CYS H 233 -30.77 13.70 38.67
CA CYS H 233 -31.64 13.77 37.48
C CYS H 233 -31.02 13.00 36.33
N ASN H 234 -29.69 13.11 36.15
CA ASN H 234 -28.99 12.38 35.09
C ASN H 234 -29.13 10.87 35.34
N LEU H 235 -29.03 10.45 36.60
CA LEU H 235 -29.16 9.03 36.97
C LEU H 235 -30.59 8.54 36.65
N ALA H 236 -31.59 9.37 36.94
CA ALA H 236 -32.99 9.04 36.67
C ALA H 236 -33.42 9.19 35.19
N GLY H 237 -32.60 9.83 34.37
CA GLY H 237 -32.95 10.08 32.97
C GLY H 237 -34.06 11.11 32.81
N LYS H 238 -34.17 12.05 33.78
CA LYS H 238 -35.18 13.10 33.73
C LYS H 238 -34.51 14.46 33.56
N PRO H 239 -35.16 15.37 32.79
CA PRO H 239 -34.53 16.68 32.55
C PRO H 239 -34.26 17.53 33.78
N VAL H 240 -33.12 18.23 33.77
CA VAL H 240 -32.79 19.17 34.84
C VAL H 240 -32.35 20.52 34.24
N VAL H 241 -32.84 21.61 34.81
CA VAL H 241 -32.56 22.97 34.34
C VAL H 241 -31.70 23.70 35.36
N CYS H 242 -30.67 24.42 34.91
CA CYS H 242 -29.89 25.29 35.80
C CYS H 242 -30.38 26.71 35.53
N ALA H 243 -30.74 27.43 36.60
CA ALA H 243 -31.31 28.74 36.43
C ALA H 243 -30.73 29.80 37.34
N THR H 244 -30.86 31.09 36.90
CA THR H 244 -30.72 32.35 37.63
C THR H 244 -29.32 32.88 37.76
N GLN H 245 -29.15 34.12 37.29
CA GLN H 245 -27.94 34.95 37.31
C GLN H 245 -26.77 34.35 36.55
N MET H 246 -27.05 33.47 35.58
CA MET H 246 -25.98 32.85 34.79
C MET H 246 -25.15 33.87 34.01
N LEU H 247 -25.82 34.87 33.40
CA LEU H 247 -25.11 35.93 32.65
C LEU H 247 -25.66 37.30 33.13
N GLU H 248 -25.88 37.44 34.45
CA GLU H 248 -26.51 38.63 35.04
C GLU H 248 -26.00 40.00 34.54
N SER H 249 -24.67 40.17 34.44
CA SER H 249 -24.12 41.46 34.00
C SER H 249 -24.55 41.85 32.58
N MET H 250 -25.02 40.87 31.75
CA MET H 250 -25.48 41.17 30.38
C MET H 250 -26.85 41.87 30.33
N ILE H 251 -27.46 42.13 31.49
CA ILE H 251 -28.66 42.95 31.55
C ILE H 251 -28.29 44.40 31.12
N THR H 252 -27.06 44.85 31.49
CA THR H 252 -26.59 46.21 31.21
C THR H 252 -25.37 46.29 30.30
N LYS H 253 -24.56 45.22 30.24
CA LYS H 253 -23.32 45.24 29.47
C LYS H 253 -23.31 44.27 28.31
N PRO H 254 -22.57 44.62 27.23
CA PRO H 254 -22.56 43.76 26.04
C PRO H 254 -21.84 42.41 26.19
N ARG H 255 -20.90 42.31 27.14
CA ARG H 255 -20.12 41.09 27.37
C ARG H 255 -20.21 40.67 28.83
N PRO H 256 -20.21 39.36 29.10
CA PRO H 256 -20.35 38.90 30.48
C PRO H 256 -19.03 38.91 31.25
N THR H 257 -19.09 38.63 32.57
CA THR H 257 -17.88 38.55 33.36
C THR H 257 -17.22 37.15 33.20
N ARG H 258 -15.98 37.00 33.68
CA ARG H 258 -15.29 35.71 33.62
C ARG H 258 -16.00 34.65 34.48
N ALA H 259 -16.64 35.07 35.59
CA ALA H 259 -17.36 34.13 36.47
C ALA H 259 -18.63 33.61 35.78
N GLU H 260 -19.29 34.49 35.01
CA GLU H 260 -20.52 34.16 34.30
C GLU H 260 -20.29 33.15 33.17
N THR H 261 -19.22 33.33 32.36
CA THR H 261 -18.94 32.34 31.30
C THR H 261 -18.56 31.00 31.94
N SER H 262 -17.80 31.04 33.04
CA SER H 262 -17.42 29.86 33.80
C SER H 262 -18.67 29.14 34.33
N ASP H 263 -19.62 29.88 34.89
CA ASP H 263 -20.86 29.32 35.45
C ASP H 263 -21.66 28.57 34.39
N VAL H 264 -21.84 29.18 33.18
CA VAL H 264 -22.57 28.52 32.10
C VAL H 264 -21.83 27.25 31.68
N ALA H 265 -20.50 27.34 31.48
CA ALA H 265 -19.72 26.18 31.07
C ALA H 265 -19.82 25.04 32.08
N ASN H 266 -19.71 25.37 33.38
CA ASN H 266 -19.76 24.38 34.45
C ASN H 266 -21.15 23.76 34.63
N ALA H 267 -22.23 24.52 34.34
CA ALA H 267 -23.59 23.93 34.42
C ALA H 267 -23.73 22.85 33.34
N VAL H 268 -23.20 23.11 32.14
CA VAL H 268 -23.24 22.14 31.05
C VAL H 268 -22.36 20.93 31.40
N LEU H 269 -21.13 21.16 31.87
CA LEU H 269 -20.26 20.05 32.29
C LEU H 269 -20.88 19.24 33.44
N ASP H 270 -21.59 19.89 34.37
CA ASP H 270 -22.25 19.19 35.49
C ASP H 270 -23.27 18.15 34.98
N GLY H 271 -23.94 18.48 33.86
CA GLY H 271 -24.93 17.62 33.23
C GLY H 271 -26.30 18.25 33.01
N ALA H 272 -26.40 19.60 33.11
CA ALA H 272 -27.70 20.26 32.93
C ALA H 272 -28.26 20.02 31.54
N ASP H 273 -29.54 19.63 31.44
CA ASP H 273 -30.18 19.49 30.14
C ASP H 273 -30.50 20.86 29.54
N CYS H 274 -30.87 21.82 30.40
CA CYS H 274 -31.23 23.19 29.96
C CYS H 274 -30.51 24.20 30.82
N ILE H 275 -30.27 25.39 30.23
CA ILE H 275 -29.72 26.55 30.93
C ILE H 275 -30.73 27.69 30.68
N MET H 276 -30.81 28.63 31.63
CA MET H 276 -31.85 29.66 31.58
C MET H 276 -31.33 31.08 31.66
N LEU H 277 -32.12 32.00 31.08
CA LEU H 277 -31.90 33.43 31.12
C LEU H 277 -33.19 34.02 31.68
N SER H 278 -33.06 34.92 32.65
CA SER H 278 -34.21 35.56 33.28
C SER H 278 -34.21 37.06 32.91
N GLY H 279 -33.66 37.93 33.75
CA GLY H 279 -33.59 39.35 33.44
C GLY H 279 -32.83 39.64 32.17
N GLU H 280 -31.82 38.79 31.86
CA GLU H 280 -30.99 38.92 30.66
C GLU H 280 -31.83 38.99 29.37
N THR H 281 -32.98 38.28 29.32
CA THR H 281 -33.83 38.35 28.14
C THR H 281 -35.17 39.05 28.40
N ALA H 282 -35.65 39.05 29.65
CA ALA H 282 -36.95 39.64 29.93
C ALA H 282 -36.88 41.18 29.93
N LYS H 283 -35.79 41.78 30.46
CA LYS H 283 -35.78 43.23 30.60
C LYS H 283 -34.50 43.95 30.22
N GLY H 284 -33.45 43.22 29.95
CA GLY H 284 -32.16 43.84 29.69
C GLY H 284 -31.98 44.45 28.32
N ASN H 285 -30.82 45.03 28.10
CA ASN H 285 -30.50 45.67 26.83
C ASN H 285 -29.87 44.74 25.78
N PHE H 286 -29.56 43.50 26.13
CA PHE H 286 -28.89 42.56 25.22
C PHE H 286 -29.57 41.16 25.17
N PRO H 287 -30.90 41.07 24.99
CA PRO H 287 -31.52 39.74 25.00
C PRO H 287 -30.98 38.78 23.94
N VAL H 288 -30.82 39.25 22.69
CA VAL H 288 -30.32 38.37 21.61
C VAL H 288 -28.87 37.95 21.88
N GLU H 289 -28.04 38.91 22.32
CA GLU H 289 -26.64 38.61 22.61
C GLU H 289 -26.50 37.63 23.79
N ALA H 290 -27.42 37.70 24.77
CA ALA H 290 -27.35 36.80 25.92
C ALA H 290 -27.63 35.35 25.44
N VAL H 291 -28.60 35.18 24.54
CA VAL H 291 -28.92 33.88 23.95
C VAL H 291 -27.72 33.38 23.15
N LYS H 292 -27.12 34.26 22.32
CA LYS H 292 -25.94 33.91 21.51
C LYS H 292 -24.75 33.51 22.40
N MET H 293 -24.56 34.17 23.54
CA MET H 293 -23.46 33.86 24.45
C MET H 293 -23.67 32.47 25.10
N GLN H 294 -24.90 32.16 25.55
CA GLN H 294 -25.17 30.83 26.11
C GLN H 294 -24.97 29.75 25.06
N HIS H 295 -25.39 30.02 23.82
CA HIS H 295 -25.18 29.09 22.71
C HIS H 295 -23.67 28.80 22.51
N ALA H 296 -22.86 29.84 22.41
CA ALA H 296 -21.42 29.71 22.17
C ALA H 296 -20.70 28.94 23.29
N ILE H 297 -21.00 29.26 24.56
CA ILE H 297 -20.37 28.56 25.69
C ILE H 297 -20.84 27.10 25.74
N ALA H 298 -22.17 26.87 25.61
CA ALA H 298 -22.70 25.50 25.68
C ALA H 298 -22.04 24.58 24.66
N ARG H 299 -21.84 25.06 23.41
CA ARG H 299 -21.20 24.26 22.38
C ARG H 299 -19.79 23.87 22.75
N GLU H 300 -19.02 24.80 23.31
CA GLU H 300 -17.65 24.51 23.71
C GLU H 300 -17.63 23.49 24.86
N ALA H 301 -18.51 23.68 25.85
CA ALA H 301 -18.55 22.81 27.01
C ALA H 301 -19.01 21.39 26.67
N GLU H 302 -19.96 21.25 25.72
CA GLU H 302 -20.44 19.93 25.34
C GLU H 302 -19.33 19.09 24.71
N ALA H 303 -18.45 19.72 23.93
CA ALA H 303 -17.33 19.00 23.32
C ALA H 303 -16.30 18.56 24.37
N ALA H 304 -16.20 19.31 25.49
CA ALA H 304 -15.26 19.03 26.58
C ALA H 304 -15.76 17.96 27.57
N VAL H 305 -16.97 17.42 27.38
CA VAL H 305 -17.49 16.36 28.24
C VAL H 305 -16.60 15.09 28.05
N TYR H 306 -16.23 14.45 29.13
CA TYR H 306 -15.37 13.25 29.10
C TYR H 306 -16.28 12.02 28.90
N HIS H 307 -16.78 11.82 27.66
CA HIS H 307 -17.70 10.73 27.35
C HIS H 307 -17.20 9.35 27.73
N ARG H 308 -15.88 9.12 27.70
CA ARG H 308 -15.34 7.80 28.06
C ARG H 308 -15.78 7.33 29.45
N GLN H 309 -15.62 8.16 30.48
CA GLN H 309 -16.05 7.78 31.82
C GLN H 309 -17.55 8.00 32.00
N LEU H 310 -18.09 9.09 31.45
CA LEU H 310 -19.52 9.38 31.57
C LEU H 310 -20.41 8.23 31.05
N PHE H 311 -20.15 7.74 29.84
CA PHE H 311 -20.95 6.65 29.26
C PHE H 311 -20.82 5.37 30.08
N GLU H 312 -19.60 5.06 30.54
CA GLU H 312 -19.38 3.88 31.39
C GLU H 312 -20.18 3.98 32.69
N GLU H 313 -20.20 5.17 33.31
CA GLU H 313 -20.94 5.35 34.56
C GLU H 313 -22.44 5.34 34.38
N LEU H 314 -22.94 5.94 33.28
CA LEU H 314 -24.38 5.95 33.02
C LEU H 314 -24.88 4.54 32.76
N ARG H 315 -24.14 3.71 31.99
CA ARG H 315 -24.60 2.34 31.73
C ARG H 315 -24.48 1.46 32.97
N ARG H 316 -23.45 1.66 33.79
CA ARG H 316 -23.30 0.88 35.02
C ARG H 316 -24.37 1.21 36.06
N ALA H 317 -24.76 2.49 36.14
CA ALA H 317 -25.77 2.90 37.11
C ALA H 317 -27.19 2.62 36.66
N ALA H 318 -27.44 2.64 35.33
CA ALA H 318 -28.79 2.40 34.82
C ALA H 318 -29.12 0.94 35.05
N PRO H 319 -30.26 0.67 35.67
CA PRO H 319 -30.61 -0.74 35.94
C PRO H 319 -30.85 -1.54 34.67
N LEU H 320 -30.77 -2.88 34.78
CA LEU H 320 -31.09 -3.75 33.65
C LEU H 320 -32.57 -3.54 33.27
N SER H 321 -32.87 -3.66 31.98
CA SER H 321 -34.23 -3.39 31.55
C SER H 321 -34.71 -4.38 30.55
N ARG H 322 -35.99 -4.73 30.66
CA ARG H 322 -36.64 -5.58 29.67
C ARG H 322 -37.56 -4.77 28.75
N ASP H 323 -37.49 -3.42 28.80
CA ASP H 323 -38.30 -2.58 27.94
C ASP H 323 -37.54 -2.45 26.61
N PRO H 324 -38.13 -2.85 25.48
CA PRO H 324 -37.39 -2.78 24.21
C PRO H 324 -36.95 -1.38 23.79
N THR H 325 -37.69 -0.32 24.17
CA THR H 325 -37.27 1.05 23.82
C THR H 325 -35.95 1.37 24.53
N GLU H 326 -35.85 1.00 25.82
CA GLU H 326 -34.66 1.23 26.64
C GLU H 326 -33.48 0.40 26.10
N VAL H 327 -33.74 -0.86 25.74
CA VAL H 327 -32.70 -1.75 25.21
C VAL H 327 -32.19 -1.22 23.87
N THR H 328 -33.11 -0.83 22.97
CA THR H 328 -32.72 -0.29 21.68
C THR H 328 -31.91 1.01 21.85
N ALA H 329 -32.31 1.87 22.79
CA ALA H 329 -31.63 3.15 23.02
C ALA H 329 -30.16 2.96 23.40
N ILE H 330 -29.85 2.04 24.33
CA ILE H 330 -28.45 1.85 24.73
C ILE H 330 -27.64 1.22 23.58
N GLY H 331 -28.26 0.32 22.81
CA GLY H 331 -27.60 -0.27 21.64
C GLY H 331 -27.27 0.78 20.59
N ALA H 332 -28.21 1.71 20.35
CA ALA H 332 -28.06 2.78 19.37
C ALA H 332 -26.96 3.77 19.79
N VAL H 333 -26.90 4.11 21.07
CA VAL H 333 -25.87 5.04 21.57
C VAL H 333 -24.49 4.37 21.46
N GLU H 334 -24.39 3.08 21.80
CA GLU H 334 -23.13 2.33 21.68
C GLU H 334 -22.68 2.31 20.21
N ALA H 335 -23.61 2.04 19.30
CA ALA H 335 -23.35 1.99 17.86
C ALA H 335 -22.88 3.36 17.36
N ALA H 336 -23.54 4.44 17.81
CA ALA H 336 -23.15 5.80 17.41
C ALA H 336 -21.71 6.13 17.85
N PHE H 337 -21.33 5.73 19.07
CA PHE H 337 -19.95 5.97 19.54
C PHE H 337 -18.92 5.18 18.71
N LYS H 338 -19.28 3.95 18.32
CA LYS H 338 -18.37 3.07 17.56
C LYS H 338 -17.96 3.65 16.20
N CYS H 339 -18.90 4.31 15.50
CA CYS H 339 -18.62 4.83 14.18
C CYS H 339 -18.50 6.35 14.12
N CYS H 340 -18.54 7.07 15.26
CA CYS H 340 -18.54 8.55 15.27
C CYS H 340 -19.72 9.06 14.44
N ALA H 341 -20.89 8.43 14.61
CA ALA H 341 -22.09 8.80 13.85
C ALA H 341 -22.42 10.29 13.96
N ALA H 342 -22.78 10.93 12.84
CA ALA H 342 -23.15 12.34 12.84
C ALA H 342 -24.47 12.56 13.63
N ALA H 343 -25.37 11.56 13.62
CA ALA H 343 -26.67 11.71 14.29
C ALA H 343 -27.32 10.34 14.54
N ILE H 344 -28.30 10.31 15.45
CA ILE H 344 -29.19 9.20 15.67
C ILE H 344 -30.56 9.77 15.29
N ILE H 345 -31.20 9.26 14.23
CA ILE H 345 -32.51 9.75 13.81
C ILE H 345 -33.52 8.83 14.44
N VAL H 346 -34.46 9.38 15.21
CA VAL H 346 -35.47 8.56 15.89
C VAL H 346 -36.90 9.05 15.58
N LEU H 347 -37.81 8.11 15.35
CA LEU H 347 -39.22 8.46 15.16
C LEU H 347 -39.85 8.36 16.56
N THR H 348 -40.65 9.37 16.93
CA THR H 348 -41.28 9.34 18.25
C THR H 348 -42.64 10.04 18.24
N THR H 349 -43.62 9.50 18.96
CA THR H 349 -44.96 10.06 19.05
C THR H 349 -45.06 10.98 20.26
N THR H 350 -44.55 10.52 21.41
CA THR H 350 -44.63 11.22 22.70
C THR H 350 -43.33 11.91 23.11
N GLY H 351 -42.21 11.56 22.45
CA GLY H 351 -40.87 12.02 22.81
C GLY H 351 -40.08 10.98 23.60
N ARG H 352 -40.76 9.95 24.14
CA ARG H 352 -40.10 8.97 25.01
C ARG H 352 -38.88 8.26 24.40
N SER H 353 -38.96 7.82 23.13
CA SER H 353 -37.81 7.13 22.52
C SER H 353 -36.60 8.07 22.43
N ALA H 354 -36.83 9.39 22.19
CA ALA H 354 -35.74 10.36 22.12
C ALA H 354 -35.19 10.62 23.52
N GLN H 355 -36.07 10.70 24.53
CA GLN H 355 -35.62 10.89 25.92
C GLN H 355 -34.71 9.76 26.39
N LEU H 356 -35.04 8.51 26.03
CA LEU H 356 -34.23 7.37 26.44
C LEU H 356 -32.87 7.32 25.75
N LEU H 357 -32.76 7.89 24.55
CA LEU H 357 -31.47 7.99 23.86
C LEU H 357 -30.64 9.10 24.57
N SER H 358 -31.29 10.25 24.85
CA SER H 358 -30.67 11.40 25.50
C SER H 358 -30.04 11.05 26.87
N ARG H 359 -30.68 10.18 27.65
CA ARG H 359 -30.19 9.82 28.99
C ARG H 359 -28.80 9.19 28.99
N TYR H 360 -28.37 8.60 27.84
CA TYR H 360 -27.02 8.01 27.73
C TYR H 360 -25.96 8.99 27.24
N ARG H 361 -26.35 10.26 27.04
CA ARG H 361 -25.48 11.35 26.64
C ARG H 361 -24.61 11.03 25.42
N PRO H 362 -25.21 10.66 24.29
CA PRO H 362 -24.40 10.42 23.08
C PRO H 362 -23.76 11.72 22.61
N ARG H 363 -22.62 11.61 21.94
CA ARG H 363 -22.00 12.77 21.32
C ARG H 363 -22.82 13.12 20.03
N ALA H 364 -23.37 12.09 19.33
CA ALA H 364 -24.19 12.26 18.13
C ALA H 364 -25.51 12.98 18.47
N ALA H 365 -25.94 13.88 17.60
CA ALA H 365 -27.19 14.61 17.77
C ALA H 365 -28.37 13.62 17.68
N VAL H 366 -29.38 13.76 18.53
CA VAL H 366 -30.58 12.92 18.45
C VAL H 366 -31.62 13.72 17.66
N ILE H 367 -31.82 13.40 16.40
CA ILE H 367 -32.79 14.11 15.56
C ILE H 367 -34.12 13.39 15.69
N ALA H 368 -35.08 14.04 16.37
CA ALA H 368 -36.36 13.39 16.65
C ALA H 368 -37.46 13.86 15.70
N VAL H 369 -37.97 12.94 14.87
CA VAL H 369 -39.03 13.25 13.93
C VAL H 369 -40.37 12.87 14.53
N THR H 370 -41.28 13.83 14.61
CA THR H 370 -42.60 13.59 15.20
C THR H 370 -43.71 14.35 14.49
N ARG H 371 -44.92 13.82 14.52
CA ARG H 371 -46.12 14.51 14.02
C ARG H 371 -46.76 15.34 15.15
N SER H 372 -46.42 15.07 16.43
CA SER H 372 -46.99 15.80 17.54
C SER H 372 -46.29 17.14 17.74
N ALA H 373 -47.01 18.24 17.51
CA ALA H 373 -46.46 19.57 17.70
C ALA H 373 -46.05 19.76 19.18
N GLN H 374 -46.88 19.25 20.12
CA GLN H 374 -46.55 19.37 21.53
C GLN H 374 -45.30 18.56 21.92
N ALA H 375 -45.18 17.30 21.43
CA ALA H 375 -43.98 16.51 21.73
C ALA H 375 -42.73 17.17 21.16
N ALA H 376 -42.84 17.77 19.95
CA ALA H 376 -41.71 18.46 19.32
C ALA H 376 -41.23 19.61 20.21
N ARG H 377 -42.16 20.33 20.85
CA ARG H 377 -41.82 21.42 21.74
C ARG H 377 -41.21 20.89 23.05
N GLN H 378 -41.86 19.90 23.66
CA GLN H 378 -41.43 19.34 24.95
C GLN H 378 -40.07 18.65 24.95
N VAL H 379 -39.66 18.00 23.83
CA VAL H 379 -38.37 17.29 23.83
C VAL H 379 -37.16 18.20 23.93
N HIS H 380 -37.35 19.55 23.80
CA HIS H 380 -36.25 20.48 24.06
C HIS H 380 -35.76 20.36 25.52
N LEU H 381 -36.56 19.77 26.42
CA LEU H 381 -36.14 19.59 27.81
C LEU H 381 -34.99 18.59 27.94
N CYS H 382 -34.79 17.69 26.94
CA CYS H 382 -33.78 16.62 26.98
C CYS H 382 -32.57 16.99 26.19
N ARG H 383 -31.38 16.98 26.82
CA ARG H 383 -30.17 17.36 26.12
C ARG H 383 -29.92 16.59 24.83
N GLY H 384 -29.59 17.31 23.80
CA GLY H 384 -29.19 16.71 22.53
C GLY H 384 -30.30 16.22 21.64
N VAL H 385 -31.56 16.57 21.97
CA VAL H 385 -32.69 16.20 21.12
C VAL H 385 -33.06 17.40 20.25
N PHE H 386 -33.02 17.24 18.93
CA PHE H 386 -33.31 18.27 17.95
C PHE H 386 -34.64 17.87 17.29
N PRO H 387 -35.73 18.51 17.69
CA PRO H 387 -37.04 18.09 17.17
C PRO H 387 -37.38 18.60 15.79
N LEU H 388 -37.99 17.73 14.99
CA LEU H 388 -38.43 18.09 13.65
C LEU H 388 -39.91 17.77 13.55
N LEU H 389 -40.75 18.75 13.21
CA LEU H 389 -42.18 18.53 13.11
C LEU H 389 -42.52 18.10 11.71
N TYR H 390 -43.04 16.89 11.57
CA TYR H 390 -43.44 16.33 10.27
C TYR H 390 -44.92 16.62 10.06
N ARG H 391 -45.28 17.21 8.92
CA ARG H 391 -46.65 17.67 8.68
C ARG H 391 -47.46 16.84 7.70
N GLU H 392 -46.81 15.98 6.91
CA GLU H 392 -47.52 15.20 5.89
C GLU H 392 -48.46 14.16 6.47
N PRO H 393 -49.68 13.98 5.92
CA PRO H 393 -50.57 12.93 6.44
C PRO H 393 -50.01 11.51 6.20
N PRO H 394 -50.38 10.52 7.03
CA PRO H 394 -49.81 9.16 6.86
C PRO H 394 -49.96 8.51 5.50
N GLU H 395 -48.87 7.90 4.97
CA GLU H 395 -48.85 7.15 3.71
C GLU H 395 -49.74 5.90 3.89
N ALA H 396 -50.27 5.35 2.79
CA ALA H 396 -51.09 4.15 2.83
C ALA H 396 -50.29 2.95 3.34
N ILE H 397 -49.04 2.81 2.91
CA ILE H 397 -48.20 1.70 3.36
C ILE H 397 -47.36 2.22 4.54
N TRP H 398 -47.53 1.61 5.71
CA TRP H 398 -46.85 2.06 6.92
C TRP H 398 -45.32 2.12 6.78
N ALA H 399 -44.69 1.11 6.16
CA ALA H 399 -43.25 1.13 5.95
C ALA H 399 -42.80 2.31 5.07
N ASP H 400 -43.64 2.76 4.12
CA ASP H 400 -43.30 3.94 3.30
C ASP H 400 -43.42 5.21 4.15
N ASP H 401 -44.41 5.27 5.05
CA ASP H 401 -44.59 6.41 5.95
C ASP H 401 -43.38 6.57 6.90
N VAL H 402 -42.83 5.42 7.35
CA VAL H 402 -41.66 5.40 8.22
C VAL H 402 -40.46 5.92 7.42
N ASP H 403 -40.25 5.40 6.19
CA ASP H 403 -39.14 5.79 5.34
C ASP H 403 -39.19 7.27 4.97
N ARG H 404 -40.39 7.80 4.68
CA ARG H 404 -40.52 9.22 4.35
C ARG H 404 -40.11 10.11 5.51
N ARG H 405 -40.42 9.69 6.75
CA ARG H 405 -40.05 10.47 7.93
C ARG H 405 -38.56 10.40 8.19
N VAL H 406 -37.94 9.24 7.96
CA VAL H 406 -36.48 9.11 8.10
C VAL H 406 -35.80 10.00 7.04
N GLN H 407 -36.32 10.00 5.79
CA GLN H 407 -35.77 10.86 4.73
C GLN H 407 -35.96 12.34 5.07
N PHE H 408 -37.05 12.70 5.73
CA PHE H 408 -37.28 14.06 6.19
C PHE H 408 -36.24 14.46 7.23
N GLY H 409 -35.88 13.54 8.13
CA GLY H 409 -34.84 13.76 9.13
C GLY H 409 -33.48 13.99 8.47
N ILE H 410 -33.17 13.19 7.44
CA ILE H 410 -31.92 13.33 6.68
C ILE H 410 -31.85 14.67 5.93
N GLU H 411 -32.92 15.01 5.19
CA GLU H 411 -32.96 16.26 4.40
C GLU H 411 -32.89 17.49 5.28
N SER H 412 -33.58 17.45 6.45
CA SER H 412 -33.51 18.54 7.41
C SER H 412 -32.08 18.65 7.96
N GLY H 413 -31.50 17.51 8.32
CA GLY H 413 -30.13 17.46 8.84
C GLY H 413 -29.12 18.01 7.86
N LYS H 414 -29.25 17.67 6.57
CA LYS H 414 -28.34 18.17 5.53
C LYS H 414 -28.48 19.69 5.41
N LEU H 415 -29.72 20.20 5.36
CA LEU H 415 -29.96 21.63 5.20
C LEU H 415 -29.39 22.42 6.39
N ARG H 416 -29.55 21.89 7.60
CA ARG H 416 -29.11 22.54 8.82
C ARG H 416 -27.62 22.36 9.14
N GLY H 417 -26.89 21.52 8.39
CA GLY H 417 -25.47 21.30 8.64
C GLY H 417 -25.14 20.16 9.60
N PHE H 418 -26.16 19.39 10.03
CA PHE H 418 -25.93 18.23 10.90
C PHE H 418 -25.26 17.09 10.12
N LEU H 419 -25.65 16.92 8.85
CA LEU H 419 -25.25 15.80 8.00
C LEU H 419 -24.70 16.21 6.67
N ARG H 420 -23.86 15.36 6.11
CA ARG H 420 -23.26 15.53 4.80
C ARG H 420 -23.15 14.11 4.17
N VAL H 421 -23.13 14.03 2.82
CA VAL H 421 -22.96 12.77 2.08
C VAL H 421 -21.71 12.02 2.59
N GLY H 422 -21.86 10.74 2.89
CA GLY H 422 -20.76 9.95 3.41
C GLY H 422 -20.82 9.74 4.92
N ASP H 423 -21.60 10.57 5.64
CA ASP H 423 -21.73 10.39 7.09
C ASP H 423 -22.48 9.08 7.40
N LEU H 424 -22.27 8.54 8.59
CA LEU H 424 -23.05 7.40 9.06
C LEU H 424 -24.06 7.93 10.08
N VAL H 425 -25.29 7.41 10.02
CA VAL H 425 -26.30 7.75 11.00
C VAL H 425 -26.87 6.45 11.56
N ILE H 426 -27.39 6.51 12.77
CA ILE H 426 -28.06 5.39 13.41
C ILE H 426 -29.56 5.74 13.31
N VAL H 427 -30.42 4.84 12.84
CA VAL H 427 -31.85 5.12 12.69
C VAL H 427 -32.65 4.23 13.64
N VAL H 428 -33.49 4.83 14.48
CA VAL H 428 -34.23 4.12 15.52
C VAL H 428 -35.72 4.19 15.22
N THR H 429 -36.34 3.03 15.03
CA THR H 429 -37.76 2.93 14.69
C THR H 429 -38.40 1.77 15.49
N GLY H 430 -39.68 1.50 15.24
CA GLY H 430 -40.40 0.42 15.91
C GLY H 430 -41.06 -0.54 14.93
N TRP H 431 -41.65 -1.62 15.45
CA TRP H 431 -42.18 -2.69 14.58
C TRP H 431 -43.65 -2.51 14.16
N ARG H 432 -44.36 -1.59 14.79
CA ARG H 432 -45.76 -1.33 14.44
C ARG H 432 -46.10 0.15 14.75
N PRO H 433 -47.20 0.67 14.17
CA PRO H 433 -47.62 2.04 14.49
C PRO H 433 -48.03 2.19 15.95
N GLY H 434 -48.01 3.43 16.43
CA GLY H 434 -48.42 3.75 17.79
C GLY H 434 -47.21 3.84 18.71
N SER H 435 -47.35 4.64 19.79
CA SER H 435 -46.28 4.84 20.78
C SER H 435 -45.98 3.56 21.55
N GLY H 436 -44.72 3.39 21.99
CA GLY H 436 -44.32 2.29 22.86
C GLY H 436 -43.72 1.05 22.24
N TYR H 437 -43.56 1.03 20.91
CA TYR H 437 -43.06 -0.15 20.21
C TYR H 437 -41.70 0.02 19.56
N THR H 438 -40.89 1.02 19.97
CA THR H 438 -39.53 1.16 19.42
C THR H 438 -38.71 -0.09 19.74
N ASN H 439 -38.06 -0.67 18.72
CA ASN H 439 -37.28 -1.90 18.94
C ASN H 439 -36.24 -2.16 17.85
N ILE H 440 -36.01 -1.23 16.93
CA ILE H 440 -35.07 -1.46 15.84
C ILE H 440 -34.04 -0.35 15.74
N MET H 441 -32.77 -0.74 15.55
CA MET H 441 -31.74 0.23 15.24
C MET H 441 -31.02 -0.21 13.95
N ARG H 442 -30.78 0.73 13.04
CA ARG H 442 -30.14 0.43 11.76
CA ARG H 442 -30.09 0.40 11.79
C ARG H 442 -28.98 1.39 11.49
N VAL H 443 -27.91 0.91 10.85
CA VAL H 443 -26.76 1.75 10.51
C VAL H 443 -26.90 2.15 9.06
N LEU H 444 -26.98 3.46 8.77
CA LEU H 444 -27.22 3.94 7.41
C LEU H 444 -26.15 4.92 6.96
N SER H 445 -25.72 4.79 5.71
CA SER H 445 -24.77 5.71 5.10
C SER H 445 -25.59 6.81 4.39
N ILE H 446 -25.25 8.07 4.61
CA ILE H 446 -25.96 9.18 3.99
C ILE H 446 -25.54 9.33 2.51
N SER H 447 -26.50 9.28 1.59
CA SER H 447 -26.23 9.47 0.16
C SER H 447 -26.78 10.82 -0.35
#